data_8BD6
#
_entry.id   8BD6
#
_cell.length_a   1.00
_cell.length_b   1.00
_cell.length_c   1.00
_cell.angle_alpha   90.00
_cell.angle_beta   90.00
_cell.angle_gamma   90.00
#
_symmetry.space_group_name_H-M   'P 1'
#
loop_
_entity.id
_entity.type
_entity.pdbx_description
1 polymer Cas12k
2 polymer sgRNA
3 polymer 'DNA target strand'
4 polymer 'DNA non-target strand'
5 polymer TnsC
6 polymer DNA
7 non-polymer "ADENOSINE-5'-TRIPHOSPHATE"
8 non-polymer 'MAGNESIUM ION'
#
loop_
_entity_poly.entity_id
_entity_poly.type
_entity_poly.pdbx_seq_one_letter_code
_entity_poly.pdbx_strand_id
1 'polypeptide(L)'
;MGSSHHHHHHSGGGSGGSAWSHPQFEKGGGSGGGSGGSAWSHPQFEKSGGGENLYFQSNASQITIQARLISFESNRQQLW
KLMADLNTPLINELLCQLGQHPDFEKWQQKGKLPSTVVSQLCQPLKTDPRFAGQPSRLYMSAIHIVDYIYKSWLAIQKRL
QQQLDGKTRWLEMLNSDAELVELSGDTLEAIRVKAAEILAIAMPASESDSASPKGKKGKKEKKPSSSSPKRSLSKTLFDA
YQETEDIKSRSAISYLLKNGCKLTDKEEDSEKFAKRRRQVEIQIQRLTEKLISRMPKGRDLTNAKWLETLLTATTTVAED
NAQAKRWQDILLTRSSSLPFPLVFETNEDMVWSKNQKGRLCVHFNGLSDLIFEVYCGNRQLHWFQRFLEDQQTKRKSKNQ
HSSGLFTLRNGHLVWLEGEGKGEPWNLHHLTLYCCVDNRLWTEEGTEIVRQEKADEITKFITNMKKKSDLSDTQQALIQR
KQSTLTRINNSFERPSQPLYQGQSHILVGVSLGLEKPATVAVVDAIANKVLAYRSIKQLLGDNYELLNRQRRQQQYLSHE
RHKAQKNFSPNQFGASELGQHIDRLLAKAIVALARTYKAGSIVLPKLGDMREVVQSEIQAIAEQKFPGYIEGQQKYAKQY
RVNVHRWSYGRLIQSIQSKAAQTGIVIEEGKQPIRGSPHDKAKELALSAYNLRLTRRS
;
A
2 'polyribonucleotide'
;GGAUAUUAAUAGCGCCGCAAUUCAUGCUGCUUGCAGCCUCUGAAUUUUGUUAAAUGAGGGUUAGUUUGACUGUAUAAAUA
CAGUCUUGCUUUCUGACCCUGGUAGCUGCUCACCCUGAUGCUGCUGUCAAUAGACAGGAUAGGUGCGCUCCCAGCAAUAA
GGGCGCGGAUGUACUGCUGUAGUGGCUACUGAAUCACCCCCGAUCAAGGGGGAACCCUAAAUGGGUUGAAAGGAGAAGUC
AUUUAAUAAGGCCACU
;
B
3 'polydeoxyribonucleotide'
;(DA)(DT)(DA)(DT)(DC)(DT)(DA)(DC)(DG)(DT)(DT)(DT)(DA)(DA)(DC)(DA)(DG)(DT)(DG)(DG)
(DC)(DC)(DT)(DT)(DA)(DT)(DT)(DA)(DA)(DA)(DT)(DG)(DA)(DC)(DT)(DT)(DC)(DT)(DC)(DA)
(DA)(DC)(DC)(DT)(DC)(DC)(DT)(DA)(DC)
;
C
4 'polydeoxyribonucleotide'
;(DG)(DT)(DA)(DG)(DG)(DA)(DG)(DG)(DT)(DT)(DC)(DT)(DC)(DT)(DT)(DC)(DA)(DG)(DT)(DA)
(DT)(DT)(DA)(DA)(DT)(DA)(DA)(DG)(DG)(DC)(DC)(DA)(DC)(DT)(DG)(DT)(DT)(DA)(DA)(DA)
(DC)(DG)(DT)(DA)(DC)(DT)(DA)(DT)(DA)
;
D
5 'polypeptide(L)'
;MTEAQAIAKQLGGVKPDDEWLQAEIARLKGKSIVPLQQVKTLHDWLDGKRKARKSCRVVGESRTGKTVACDAYRYRHKPQ
QEAGRPPTVPVVYIRPHQKCGPKDLFKKITEYLKYRVTKGTVSDFRDRTIEVLKGCGVEMLIIDEADRLKPETFADVRDI
AEDLGIAVVLVGTDRLDAVIKRDEQVLERFRAHLRFGKLSGEDFKNTVEMWEQMVLKLPVSSNLKSKEMLRILTSATEGY
IGRLDEILREAAIRSLSRGLKKIDKAVLQEVAKEYK
;
R,S,T,U,V,W,X,Y,Z
6 'polydeoxyribonucleotide'
;(DA)(DT)(DA)(DT)(DA)(DT)(DA)(DT)(DA)(DT)(DA)(DT)(DA)(DT)(DA)(DT)(DA)(DT)(DA)(DT)
(DA)(DT)(DA)(DT)(DA)(DT)(DA)(DT)(DA)(DT)(DA)(DT)(DA)(DT)(DA)(DT)(DA)(DT)(DA)(DT)
;
c,d
#
loop_
_chem_comp.id
_chem_comp.type
_chem_comp.name
_chem_comp.formula
A RNA linking ADENOSINE-5'-MONOPHOSPHATE 'C10 H14 N5 O7 P'
ATP non-polymer ADENOSINE-5'-TRIPHOSPHATE 'C10 H16 N5 O13 P3'
C RNA linking CYTIDINE-5'-MONOPHOSPHATE 'C9 H14 N3 O8 P'
DA DNA linking 2'-DEOXYADENOSINE-5'-MONOPHOSPHATE 'C10 H14 N5 O6 P'
DC DNA linking 2'-DEOXYCYTIDINE-5'-MONOPHOSPHATE 'C9 H14 N3 O7 P'
DG DNA linking 2'-DEOXYGUANOSINE-5'-MONOPHOSPHATE 'C10 H14 N5 O7 P'
DT DNA linking THYMIDINE-5'-MONOPHOSPHATE 'C10 H15 N2 O8 P'
G RNA linking GUANOSINE-5'-MONOPHOSPHATE 'C10 H14 N5 O8 P'
MG non-polymer 'MAGNESIUM ION' 'Mg 2'
U RNA linking URIDINE-5'-MONOPHOSPHATE 'C9 H13 N2 O9 P'
#
# COMPACT_ATOMS: atom_id res chain seq x y z
N ALA A 60 -64.48 14.85 -26.88
CA ALA A 60 -63.57 15.69 -27.66
C ALA A 60 -62.80 14.87 -28.69
N SER A 61 -63.31 14.83 -29.92
CA SER A 61 -62.68 14.12 -31.02
C SER A 61 -62.45 15.03 -32.21
N GLN A 62 -62.12 16.29 -31.96
CA GLN A 62 -61.99 17.26 -33.04
C GLN A 62 -60.86 16.87 -33.98
N ILE A 63 -61.14 16.91 -35.28
CA ILE A 63 -60.15 16.65 -36.31
C ILE A 63 -60.33 17.69 -37.40
N THR A 64 -59.26 17.92 -38.17
CA THR A 64 -59.28 18.93 -39.22
C THR A 64 -59.14 18.27 -40.58
N ILE A 65 -59.99 18.69 -41.50
CA ILE A 65 -59.88 18.34 -42.90
C ILE A 65 -59.43 19.59 -43.66
N GLN A 66 -58.87 19.40 -44.84
CA GLN A 66 -58.39 20.53 -45.61
C GLN A 66 -58.82 20.39 -47.06
N ALA A 67 -58.90 21.54 -47.74
CA ALA A 67 -59.21 21.58 -49.15
C ALA A 67 -58.72 22.90 -49.72
N ARG A 68 -58.07 22.84 -50.87
CA ARG A 68 -57.64 24.06 -51.53
C ARG A 68 -58.86 24.85 -52.00
N LEU A 69 -58.71 26.17 -52.00
CA LEU A 69 -59.76 27.07 -52.47
C LEU A 69 -59.29 27.77 -53.73
N ILE A 70 -60.05 27.59 -54.82
CA ILE A 70 -59.72 28.14 -56.12
C ILE A 70 -60.71 29.25 -56.43
N SER A 71 -60.19 30.37 -56.92
CA SER A 71 -61.04 31.49 -57.30
C SER A 71 -60.26 32.37 -58.29
N PHE A 72 -60.87 33.47 -58.69
CA PHE A 72 -60.25 34.38 -59.64
C PHE A 72 -59.07 35.09 -58.98
N GLU A 73 -58.17 35.59 -59.82
CA GLU A 73 -57.02 36.33 -59.31
C GLU A 73 -57.48 37.57 -58.55
N SER A 74 -58.45 38.29 -59.10
CA SER A 74 -59.00 39.45 -58.39
C SER A 74 -59.68 39.04 -57.10
N ASN A 75 -60.27 37.86 -57.04
CA ASN A 75 -60.85 37.37 -55.80
C ASN A 75 -59.80 37.04 -54.76
N ARG A 76 -58.57 36.73 -55.18
CA ARG A 76 -57.49 36.44 -54.25
C ARG A 76 -56.62 37.64 -53.96
N GLN A 77 -56.53 38.62 -54.87
CA GLN A 77 -55.85 39.87 -54.56
C GLN A 77 -56.56 40.59 -53.42
N GLN A 78 -57.90 40.51 -53.38
CA GLN A 78 -58.63 41.11 -52.26
C GLN A 78 -58.28 40.44 -50.95
N LEU A 79 -58.18 39.11 -50.93
CA LEU A 79 -57.97 38.41 -49.68
C LEU A 79 -56.53 38.58 -49.18
N TRP A 80 -55.56 38.59 -50.10
CA TRP A 80 -54.18 38.79 -49.68
C TRP A 80 -53.96 40.20 -49.14
N LYS A 81 -54.38 41.21 -49.90
CA LYS A 81 -54.20 42.59 -49.46
C LYS A 81 -54.93 42.84 -48.15
N LEU A 82 -56.18 42.37 -48.07
CA LEU A 82 -57.00 42.61 -46.86
C LEU A 82 -56.28 42.00 -45.64
N MET A 83 -55.59 40.88 -45.84
CA MET A 83 -54.95 40.21 -44.71
C MET A 83 -53.50 40.60 -44.51
N ALA A 84 -52.68 40.54 -45.55
CA ALA A 84 -51.25 40.82 -45.42
C ALA A 84 -50.97 42.28 -45.11
N ASP A 85 -51.85 43.18 -45.54
CA ASP A 85 -51.60 44.60 -45.36
C ASP A 85 -52.37 45.21 -44.20
N LEU A 86 -53.46 44.58 -43.76
CA LEU A 86 -54.29 45.21 -42.75
C LEU A 86 -54.64 44.28 -41.58
N ASN A 87 -54.70 42.98 -41.81
CA ASN A 87 -55.13 42.08 -40.74
C ASN A 87 -53.98 41.62 -39.87
N THR A 88 -52.86 41.23 -40.48
CA THR A 88 -51.67 40.91 -39.70
C THR A 88 -51.12 42.12 -38.96
N PRO A 89 -51.00 43.31 -39.55
CA PRO A 89 -50.54 44.46 -38.75
C PRO A 89 -51.43 44.75 -37.56
N LEU A 90 -52.73 44.47 -37.67
CA LEU A 90 -53.59 44.59 -36.51
C LEU A 90 -53.19 43.61 -35.42
N ILE A 91 -52.81 42.40 -35.80
CA ILE A 91 -52.35 41.41 -34.82
C ILE A 91 -51.02 41.84 -34.23
N ASN A 92 -50.12 42.36 -35.06
CA ASN A 92 -48.83 42.83 -34.56
C ASN A 92 -49.01 43.93 -33.53
N GLU A 93 -49.84 44.93 -33.86
CA GLU A 93 -50.08 46.02 -32.91
C GLU A 93 -50.82 45.52 -31.67
N LEU A 94 -51.78 44.61 -31.85
CA LEU A 94 -52.51 44.08 -30.70
C LEU A 94 -51.59 43.29 -29.79
N LEU A 95 -50.58 42.62 -30.35
CA LEU A 95 -49.62 41.88 -29.54
C LEU A 95 -48.75 42.83 -28.72
N CYS A 96 -48.23 43.88 -29.37
CA CYS A 96 -47.38 44.84 -28.67
C CYS A 96 -48.14 45.53 -27.55
N GLN A 97 -49.38 45.96 -27.82
CA GLN A 97 -50.16 46.67 -26.80
C GLN A 97 -50.48 45.77 -25.62
N LEU A 98 -50.85 44.51 -25.88
CA LEU A 98 -51.11 43.59 -24.78
C LEU A 98 -49.87 43.34 -23.94
N GLY A 99 -48.69 43.56 -24.51
CA GLY A 99 -47.47 43.38 -23.75
C GLY A 99 -47.19 44.53 -22.79
N GLN A 100 -47.28 45.75 -23.29
CA GLN A 100 -47.04 46.93 -22.48
C GLN A 100 -48.25 47.33 -21.63
N HIS A 101 -49.26 46.46 -21.54
CA HIS A 101 -50.38 46.73 -20.66
C HIS A 101 -49.90 46.75 -19.21
N PRO A 102 -50.37 47.71 -18.41
CA PRO A 102 -49.92 47.77 -17.01
C PRO A 102 -50.18 46.50 -16.22
N ASP A 103 -51.31 45.83 -16.48
CA ASP A 103 -51.65 44.61 -15.76
C ASP A 103 -50.90 43.39 -16.28
N PHE A 104 -49.90 43.58 -17.14
CA PHE A 104 -49.25 42.43 -17.76
C PHE A 104 -48.60 41.53 -16.72
N GLU A 105 -47.89 42.11 -15.75
CA GLU A 105 -47.26 41.31 -14.71
C GLU A 105 -48.28 40.67 -13.78
N LYS A 106 -49.49 41.23 -13.69
CA LYS A 106 -50.54 40.56 -12.94
C LYS A 106 -51.01 39.32 -13.66
N TRP A 107 -51.10 39.38 -14.99
CA TRP A 107 -51.48 38.21 -15.77
C TRP A 107 -50.44 37.10 -15.65
N GLN A 108 -49.15 37.46 -15.75
CA GLN A 108 -48.09 36.45 -15.71
C GLN A 108 -48.12 35.65 -14.43
N GLN A 109 -48.54 36.27 -13.33
CA GLN A 109 -48.66 35.54 -12.07
C GLN A 109 -49.73 34.47 -12.15
N LYS A 110 -50.78 34.71 -12.92
CA LYS A 110 -51.85 33.75 -13.14
C LYS A 110 -51.67 33.08 -14.49
N GLY A 111 -52.64 32.26 -14.87
CA GLY A 111 -52.64 31.66 -16.18
C GLY A 111 -53.83 32.11 -17.00
N LYS A 112 -54.54 33.12 -16.52
CA LYS A 112 -55.82 33.53 -17.08
C LYS A 112 -55.75 34.98 -17.51
N LEU A 113 -55.46 35.21 -18.78
CA LEU A 113 -55.69 36.53 -19.36
C LEU A 113 -57.18 36.84 -19.33
N PRO A 114 -57.58 38.06 -18.99
CA PRO A 114 -59.01 38.36 -18.84
C PRO A 114 -59.79 38.12 -20.12
N SER A 115 -61.06 37.78 -19.96
CA SER A 115 -61.87 37.33 -21.09
C SER A 115 -61.99 38.41 -22.16
N THR A 116 -62.18 39.66 -21.75
CA THR A 116 -62.53 40.72 -22.69
C THR A 116 -61.39 41.68 -22.99
N VAL A 117 -60.22 41.50 -22.38
CA VAL A 117 -59.18 42.52 -22.48
C VAL A 117 -58.72 42.69 -23.93
N VAL A 118 -58.54 41.59 -24.66
CA VAL A 118 -58.06 41.68 -26.02
C VAL A 118 -59.09 42.39 -26.90
N SER A 119 -60.37 42.16 -26.64
CA SER A 119 -61.41 42.87 -27.37
C SER A 119 -61.40 44.37 -27.06
N GLN A 120 -61.16 44.74 -25.80
CA GLN A 120 -61.20 46.14 -25.41
C GLN A 120 -60.12 46.95 -26.11
N LEU A 121 -58.92 46.39 -26.25
CA LEU A 121 -57.85 47.09 -26.95
C LEU A 121 -58.05 47.13 -28.45
N CYS A 122 -59.07 46.44 -28.98
CA CYS A 122 -59.28 46.41 -30.42
C CYS A 122 -60.36 47.37 -30.87
N GLN A 123 -61.33 47.70 -30.02
CA GLN A 123 -62.39 48.62 -30.42
C GLN A 123 -61.85 50.00 -30.80
N PRO A 124 -60.98 50.64 -30.02
CA PRO A 124 -60.32 51.86 -30.50
C PRO A 124 -59.30 51.64 -31.60
N LEU A 125 -59.11 50.39 -32.02
CA LEU A 125 -58.17 50.06 -33.08
C LEU A 125 -58.86 49.74 -34.41
N LYS A 126 -60.16 49.45 -34.38
CA LYS A 126 -60.87 49.14 -35.61
C LYS A 126 -61.01 50.38 -36.50
N THR A 127 -61.14 51.55 -35.89
CA THR A 127 -61.33 52.80 -36.61
C THR A 127 -60.02 53.50 -36.95
N ASP A 128 -58.88 52.86 -36.69
CA ASP A 128 -57.61 53.48 -36.97
C ASP A 128 -57.41 53.68 -38.46
N PRO A 129 -56.66 54.70 -38.87
CA PRO A 129 -56.45 54.95 -40.31
C PRO A 129 -55.81 53.78 -41.04
N ARG A 130 -54.95 53.03 -40.37
CA ARG A 130 -54.24 51.93 -41.03
C ARG A 130 -54.82 50.56 -40.74
N PHE A 131 -55.80 50.50 -39.83
CA PHE A 131 -56.46 49.22 -39.47
C PHE A 131 -57.98 49.35 -39.68
N ALA A 132 -58.39 49.87 -40.83
CA ALA A 132 -59.83 50.07 -41.11
C ALA A 132 -60.22 49.35 -42.40
N GLY A 133 -61.51 49.02 -42.55
CA GLY A 133 -61.99 48.33 -43.77
C GLY A 133 -61.98 46.83 -43.61
N GLN A 134 -61.61 46.33 -42.43
CA GLN A 134 -61.59 44.87 -42.17
C GLN A 134 -63.01 44.39 -41.87
N PRO A 135 -63.51 43.31 -42.53
CA PRO A 135 -64.83 42.77 -42.22
C PRO A 135 -64.95 42.43 -40.73
N SER A 136 -66.17 42.43 -40.19
CA SER A 136 -66.38 42.13 -38.75
C SER A 136 -65.70 40.80 -38.41
N ARG A 137 -65.85 39.80 -39.27
CA ARG A 137 -65.21 38.47 -39.04
C ARG A 137 -63.69 38.65 -39.07
N LEU A 138 -63.19 39.45 -40.03
CA LEU A 138 -61.73 39.71 -40.11
C LEU A 138 -61.28 40.37 -38.80
N TYR A 139 -62.03 41.38 -38.36
CA TYR A 139 -61.68 42.10 -37.10
C TYR A 139 -61.72 41.12 -35.92
N MET A 140 -62.85 40.41 -35.76
CA MET A 140 -62.99 39.48 -34.61
C MET A 140 -61.93 38.39 -34.71
N SER A 141 -61.65 37.91 -35.93
CA SER A 141 -60.59 36.89 -36.11
C SER A 141 -59.26 37.45 -35.60
N ALA A 142 -58.91 38.68 -36.02
CA ALA A 142 -57.64 39.31 -35.57
C ALA A 142 -57.66 39.44 -34.05
N ILE A 143 -58.76 39.95 -33.47
CA ILE A 143 -58.86 40.02 -31.99
C ILE A 143 -58.60 38.63 -31.43
N HIS A 144 -59.38 37.64 -31.88
CA HIS A 144 -59.18 36.27 -31.43
C HIS A 144 -57.74 35.82 -31.65
N ILE A 145 -57.17 36.18 -32.81
CA ILE A 145 -55.76 35.85 -33.06
C ILE A 145 -54.87 36.46 -31.98
N VAL A 146 -55.13 37.73 -31.64
CA VAL A 146 -54.32 38.40 -30.63
C VAL A 146 -54.49 37.74 -29.27
N ASP A 147 -55.73 37.35 -28.94
CA ASP A 147 -55.95 36.68 -27.66
C ASP A 147 -55.21 35.36 -27.57
N TYR A 148 -55.27 34.56 -28.65
CA TYR A 148 -54.71 33.18 -28.62
C TYR A 148 -53.31 33.08 -29.25
N ILE A 149 -53.06 33.81 -30.35
CA ILE A 149 -51.67 33.82 -30.88
C ILE A 149 -50.86 34.56 -29.82
N TYR A 150 -51.28 35.78 -29.48
CA TYR A 150 -50.59 36.46 -28.35
C TYR A 150 -50.88 35.62 -27.11
N LYS A 151 -51.95 34.84 -27.06
CA LYS A 151 -52.11 33.96 -25.86
C LYS A 151 -50.80 33.18 -25.69
N SER A 152 -50.50 32.30 -26.63
CA SER A 152 -49.27 31.44 -26.49
C SER A 152 -48.05 32.35 -26.34
N TRP A 153 -48.04 33.47 -27.07
CA TRP A 153 -46.85 34.37 -27.03
C TRP A 153 -46.58 34.81 -25.59
N LEU A 154 -47.57 35.39 -24.92
CA LEU A 154 -47.41 35.93 -23.54
C LEU A 154 -47.37 34.78 -22.53
N ALA A 155 -47.83 33.59 -22.92
CA ALA A 155 -47.66 32.44 -22.02
C ALA A 155 -46.15 32.22 -21.93
N ILE A 156 -45.49 32.10 -23.08
CA ILE A 156 -44.00 32.00 -23.03
C ILE A 156 -43.45 33.26 -22.37
N GLN A 157 -44.14 34.40 -22.58
CA GLN A 157 -43.61 35.70 -22.07
C GLN A 157 -43.56 35.65 -20.55
N LYS A 158 -44.61 35.20 -19.88
CA LYS A 158 -44.71 35.18 -18.40
C LYS A 158 -43.86 34.01 -17.88
N ARG A 159 -43.64 33.00 -18.73
CA ARG A 159 -42.69 31.96 -18.29
C ARG A 159 -41.38 32.72 -18.08
N LEU A 160 -40.87 33.32 -19.16
CA LEU A 160 -39.59 34.08 -19.09
C LEU A 160 -39.69 35.22 -18.08
N GLN A 161 -40.60 36.18 -18.28
CA GLN A 161 -40.68 37.38 -17.40
C GLN A 161 -40.89 36.97 -15.94
N GLN A 162 -41.93 36.17 -15.66
CA GLN A 162 -42.22 35.81 -14.25
C GLN A 162 -41.13 34.88 -13.72
N GLN A 163 -40.52 34.04 -14.57
CA GLN A 163 -39.38 33.21 -14.05
C GLN A 163 -38.29 34.15 -13.59
N LEU A 164 -37.94 35.16 -14.40
CA LEU A 164 -36.90 36.15 -14.04
C LEU A 164 -37.32 36.80 -12.72
N ASP A 165 -38.58 37.20 -12.58
CA ASP A 165 -39.02 37.90 -11.35
C ASP A 165 -38.78 36.97 -10.15
N GLY A 166 -39.23 35.71 -10.23
CA GLY A 166 -39.08 34.75 -9.13
C GLY A 166 -37.63 34.48 -8.81
N LYS A 167 -36.78 34.40 -9.84
CA LYS A 167 -35.32 34.13 -9.64
C LYS A 167 -34.72 35.33 -8.89
N THR A 168 -35.06 36.55 -9.31
CA THR A 168 -34.58 37.74 -8.57
C THR A 168 -35.10 37.58 -7.14
N ARG A 169 -36.35 37.15 -7.01
CA ARG A 169 -36.90 37.09 -5.65
C ARG A 169 -36.27 35.96 -4.84
N TRP A 170 -36.22 34.76 -5.41
CA TRP A 170 -35.62 33.64 -4.70
C TRP A 170 -34.15 33.89 -4.41
N LEU A 171 -33.46 34.58 -5.33
CA LEU A 171 -32.09 34.96 -5.08
C LEU A 171 -31.98 35.88 -3.87
N GLU A 172 -32.90 36.83 -3.75
CA GLU A 172 -32.88 37.77 -2.63
C GLU A 172 -33.30 37.13 -1.31
N MET A 173 -34.17 36.13 -1.33
CA MET A 173 -34.71 35.57 -0.10
C MET A 173 -34.16 34.18 0.24
N LEU A 174 -34.22 33.23 -0.69
CA LEU A 174 -33.78 31.87 -0.39
C LEU A 174 -32.28 31.90 -0.13
N ASN A 175 -31.83 30.98 0.71
CA ASN A 175 -30.46 30.99 1.20
C ASN A 175 -29.97 29.56 1.41
N SER A 176 -28.72 29.43 1.79
CA SER A 176 -28.09 28.14 2.05
C SER A 176 -28.38 27.72 3.48
N ASP A 177 -27.97 26.50 3.84
CA ASP A 177 -28.18 26.03 5.21
C ASP A 177 -27.42 26.89 6.21
N ALA A 178 -26.21 27.34 5.85
CA ALA A 178 -25.45 28.20 6.74
C ALA A 178 -26.15 29.55 6.93
N GLU A 179 -26.54 30.19 5.83
CA GLU A 179 -27.24 31.45 5.96
C GLU A 179 -28.64 31.24 6.54
N LEU A 180 -29.23 30.05 6.35
CA LEU A 180 -30.51 29.77 6.98
C LEU A 180 -30.36 29.77 8.50
N VAL A 181 -29.29 29.13 9.00
CA VAL A 181 -29.03 29.12 10.44
C VAL A 181 -28.72 30.53 10.94
N GLU A 182 -27.96 31.28 10.15
CA GLU A 182 -27.57 32.61 10.57
C GLU A 182 -28.79 33.54 10.67
N LEU A 183 -29.68 33.52 9.67
CA LEU A 183 -30.79 34.47 9.66
C LEU A 183 -32.06 33.86 10.28
N SER A 184 -32.54 32.76 9.70
CA SER A 184 -33.75 32.13 10.22
C SER A 184 -33.43 31.21 11.39
N GLY A 185 -32.53 30.27 11.18
CA GLY A 185 -32.06 29.42 12.26
C GLY A 185 -33.11 28.54 12.87
N ASP A 186 -33.90 27.84 12.07
CA ASP A 186 -34.90 26.92 12.56
C ASP A 186 -34.39 25.51 12.30
N THR A 187 -34.76 24.58 13.17
CA THR A 187 -34.39 23.18 12.97
C THR A 187 -35.28 22.58 11.90
N LEU A 188 -34.63 22.06 10.87
CA LEU A 188 -35.35 21.60 9.68
C LEU A 188 -36.11 20.30 9.92
N GLU A 189 -35.60 19.40 10.75
CA GLU A 189 -36.28 18.12 10.97
C GLU A 189 -37.67 18.34 11.56
N ALA A 190 -37.77 19.18 12.57
CA ALA A 190 -39.05 19.36 13.27
C ALA A 190 -40.12 19.93 12.36
N ILE A 191 -39.81 21.05 11.69
CA ILE A 191 -40.80 21.70 10.83
C ILE A 191 -41.08 20.85 9.59
N ARG A 192 -40.05 20.13 9.10
CA ARG A 192 -40.25 19.24 7.97
C ARG A 192 -41.21 18.10 8.32
N VAL A 193 -41.03 17.47 9.48
CA VAL A 193 -41.93 16.41 9.90
C VAL A 193 -43.34 16.96 10.19
N LYS A 194 -43.40 18.18 10.75
CA LYS A 194 -44.70 18.79 11.02
C LYS A 194 -45.48 19.01 9.73
N ALA A 195 -44.83 19.58 8.72
CA ALA A 195 -45.46 19.78 7.42
C ALA A 195 -45.81 18.44 6.79
N ALA A 196 -44.96 17.42 6.98
CA ALA A 196 -45.26 16.09 6.46
C ALA A 196 -46.54 15.52 7.06
N GLU A 197 -46.70 15.64 8.38
CA GLU A 197 -47.92 15.14 9.00
C GLU A 197 -49.10 16.06 8.71
N ILE A 198 -48.83 17.28 8.23
CA ILE A 198 -49.92 18.15 7.81
C ILE A 198 -50.45 17.74 6.43
N LEU A 199 -49.54 17.46 5.49
CA LEU A 199 -49.97 17.20 4.11
C LEU A 199 -50.24 15.72 3.87
N ALA A 200 -49.29 14.84 4.21
CA ALA A 200 -49.46 13.42 3.88
C ALA A 200 -50.49 12.76 4.78
N ILE A 201 -50.68 13.29 5.99
CA ILE A 201 -51.69 12.74 6.87
C ILE A 201 -52.97 13.55 6.77
N LEU A 233 -57.96 15.84 -0.11
CA LEU A 233 -57.52 16.75 -1.16
C LEU A 233 -56.21 17.41 -0.76
N SER A 234 -55.10 16.92 -1.33
CA SER A 234 -53.80 17.50 -1.03
C SER A 234 -53.49 18.65 -1.99
N LYS A 235 -54.39 18.93 -2.92
CA LYS A 235 -54.26 20.09 -3.80
C LYS A 235 -54.18 21.38 -3.01
N THR A 236 -54.93 21.48 -1.89
CA THR A 236 -54.84 22.65 -1.06
C THR A 236 -53.45 22.76 -0.44
N LEU A 237 -52.89 21.64 0.03
CA LEU A 237 -51.55 21.68 0.64
C LEU A 237 -50.49 22.05 -0.38
N PHE A 238 -50.58 21.51 -1.60
CA PHE A 238 -49.57 21.84 -2.62
C PHE A 238 -49.70 23.30 -3.04
N ASP A 239 -50.92 23.82 -3.15
CA ASP A 239 -51.09 25.25 -3.40
C ASP A 239 -50.48 26.09 -2.28
N ALA A 240 -50.66 25.64 -1.02
CA ALA A 240 -50.06 26.35 0.10
C ALA A 240 -48.54 26.35 0.01
N TYR A 241 -47.94 25.22 -0.38
CA TYR A 241 -46.50 25.19 -0.63
C TYR A 241 -46.13 26.15 -1.76
N GLN A 242 -46.94 26.18 -2.82
CA GLN A 242 -46.73 27.13 -3.89
C GLN A 242 -46.83 28.59 -3.42
N GLU A 243 -47.54 28.82 -2.32
CA GLU A 243 -47.80 30.19 -1.86
C GLU A 243 -46.84 30.67 -0.78
N THR A 244 -46.27 29.76 0.03
CA THR A 244 -45.43 30.20 1.13
C THR A 244 -44.06 30.65 0.62
N GLU A 245 -43.71 31.88 0.95
CA GLU A 245 -42.53 32.53 0.39
C GLU A 245 -41.57 33.06 1.45
N ASP A 246 -41.96 33.17 2.70
CA ASP A 246 -41.05 33.64 3.72
C ASP A 246 -39.86 32.70 3.79
N ILE A 247 -38.71 33.25 4.18
CA ILE A 247 -37.47 32.49 4.14
C ILE A 247 -37.57 31.20 4.91
N LYS A 248 -37.92 31.27 6.19
CA LYS A 248 -38.08 30.05 6.98
C LYS A 248 -39.18 29.16 6.44
N SER A 249 -40.36 29.73 6.14
CA SER A 249 -41.47 28.89 5.71
C SER A 249 -41.21 28.25 4.35
N ARG A 250 -40.79 29.05 3.36
CA ARG A 250 -40.53 28.48 2.04
C ARG A 250 -39.38 27.50 2.11
N SER A 251 -38.31 27.83 2.85
CA SER A 251 -37.20 26.90 2.94
C SER A 251 -37.62 25.59 3.57
N ALA A 252 -38.40 25.62 4.66
CA ALA A 252 -38.77 24.38 5.34
C ALA A 252 -39.75 23.56 4.53
N ILE A 253 -40.75 24.21 3.91
CA ILE A 253 -41.74 23.46 3.14
C ILE A 253 -41.11 22.88 1.87
N SER A 254 -40.21 23.62 1.23
CA SER A 254 -39.50 23.06 0.09
C SER A 254 -38.57 21.94 0.50
N TYR A 255 -37.92 22.08 1.67
CA TYR A 255 -37.12 20.99 2.20
C TYR A 255 -37.96 19.73 2.37
N LEU A 256 -39.17 19.91 2.90
CA LEU A 256 -40.04 18.76 3.13
C LEU A 256 -40.49 18.17 1.80
N LEU A 257 -40.75 19.04 0.83
CA LEU A 257 -41.21 18.57 -0.47
C LEU A 257 -40.13 17.82 -1.25
N LYS A 258 -38.88 18.29 -1.16
CA LYS A 258 -37.81 17.72 -1.96
C LYS A 258 -37.09 16.60 -1.20
N ASN A 259 -37.28 16.52 0.11
CA ASN A 259 -36.67 15.47 0.92
C ASN A 259 -37.42 14.14 0.82
N GLY A 260 -38.60 14.13 0.19
CA GLY A 260 -39.37 12.91 0.07
C GLY A 260 -40.75 13.02 0.70
N CYS A 261 -40.92 14.00 1.59
CA CYS A 261 -42.21 14.25 2.27
C CYS A 261 -42.81 12.97 2.83
N LYS A 262 -41.96 12.02 3.23
CA LYS A 262 -42.41 10.71 3.65
C LYS A 262 -41.38 10.12 4.61
N LEU A 263 -41.53 8.82 4.87
CA LEU A 263 -40.71 8.10 5.84
C LEU A 263 -39.36 7.83 5.21
N THR A 264 -38.46 8.79 5.34
CA THR A 264 -37.08 8.65 4.88
C THR A 264 -36.18 8.58 6.09
N ASP A 265 -35.39 7.51 6.17
CA ASP A 265 -34.46 7.30 7.27
C ASP A 265 -33.27 8.25 7.23
N LYS A 266 -33.08 9.01 6.15
CA LYS A 266 -31.99 9.96 6.04
C LYS A 266 -32.53 11.36 6.32
N GLU A 267 -32.60 11.73 7.59
CA GLU A 267 -33.00 13.08 7.98
C GLU A 267 -31.86 14.05 7.74
N GLU A 268 -31.61 14.33 6.47
CA GLU A 268 -30.43 15.06 6.02
C GLU A 268 -30.81 15.89 4.79
N ASP A 269 -29.76 16.24 4.01
CA ASP A 269 -29.91 16.88 2.70
C ASP A 269 -30.52 18.26 2.75
N SER A 270 -29.84 19.19 3.46
CA SER A 270 -30.04 20.61 3.21
C SER A 270 -29.66 20.99 1.79
N GLU A 271 -29.06 20.05 1.06
CA GLU A 271 -28.78 20.22 -0.36
C GLU A 271 -30.04 20.60 -1.14
N LYS A 272 -31.22 20.24 -0.63
CA LYS A 272 -32.43 20.63 -1.34
C LYS A 272 -32.52 22.12 -1.55
N PHE A 273 -32.63 22.91 -0.47
CA PHE A 273 -32.75 24.35 -0.67
C PHE A 273 -31.40 24.98 -0.96
N ALA A 274 -30.29 24.32 -0.61
CA ALA A 274 -28.98 24.80 -1.04
C ALA A 274 -28.88 24.86 -2.56
N LYS A 275 -29.17 23.74 -3.24
CA LYS A 275 -29.19 23.73 -4.69
C LYS A 275 -30.32 24.58 -5.22
N ARG A 276 -31.42 24.69 -4.47
CA ARG A 276 -32.48 25.60 -4.90
C ARG A 276 -31.93 27.02 -5.04
N ARG A 277 -31.29 27.53 -4.00
CA ARG A 277 -30.81 28.91 -4.04
C ARG A 277 -29.66 29.04 -5.04
N ARG A 278 -28.83 28.01 -5.16
CA ARG A 278 -27.71 28.08 -6.08
C ARG A 278 -28.19 28.14 -7.53
N GLN A 279 -29.08 27.22 -7.91
CA GLN A 279 -29.66 27.23 -9.24
C GLN A 279 -30.43 28.53 -9.49
N VAL A 280 -31.05 29.07 -8.45
CA VAL A 280 -31.77 30.35 -8.58
C VAL A 280 -30.79 31.46 -8.88
N GLU A 281 -29.67 31.49 -8.18
CA GLU A 281 -28.68 32.51 -8.44
C GLU A 281 -28.11 32.40 -9.85
N ILE A 282 -27.84 31.18 -10.31
CA ILE A 282 -27.32 31.04 -11.66
C ILE A 282 -28.36 31.52 -12.67
N GLN A 283 -29.61 31.11 -12.48
CA GLN A 283 -30.66 31.49 -13.43
C GLN A 283 -30.94 32.98 -13.39
N ILE A 284 -30.85 33.61 -12.22
CA ILE A 284 -31.06 35.06 -12.15
C ILE A 284 -29.89 35.80 -12.76
N GLN A 285 -28.69 35.23 -12.67
CA GLN A 285 -27.57 35.79 -13.42
C GLN A 285 -27.85 35.75 -14.92
N ARG A 286 -28.36 34.62 -15.39
CA ARG A 286 -28.69 34.50 -16.82
C ARG A 286 -29.79 35.48 -17.22
N LEU A 287 -30.83 35.59 -16.39
CA LEU A 287 -31.96 36.44 -16.73
C LEU A 287 -31.65 37.92 -16.49
N THR A 288 -30.65 38.24 -15.67
CA THR A 288 -30.16 39.61 -15.56
C THR A 288 -29.34 39.99 -16.79
N GLU A 289 -28.54 39.06 -17.31
CA GLU A 289 -27.85 39.30 -18.58
C GLU A 289 -28.83 39.37 -19.75
N LYS A 290 -29.94 38.66 -19.67
CA LYS A 290 -30.90 38.52 -20.76
C LYS A 290 -32.34 38.77 -20.34
N LEU A 291 -32.62 39.88 -19.64
CA LEU A 291 -33.90 40.14 -18.96
C LEU A 291 -35.10 40.06 -19.87
N SER A 337 -43.19 35.65 -44.44
CA SER A 337 -43.90 36.16 -45.61
C SER A 337 -45.29 35.56 -45.75
N LEU A 338 -45.89 35.09 -44.66
CA LEU A 338 -47.23 34.50 -44.72
C LEU A 338 -48.12 35.18 -43.69
N PRO A 339 -49.25 35.73 -44.09
CA PRO A 339 -50.14 36.39 -43.14
C PRO A 339 -50.73 35.42 -42.14
N PHE A 340 -51.26 35.93 -41.04
CA PHE A 340 -51.91 35.10 -40.06
C PHE A 340 -53.15 34.45 -40.65
N PRO A 341 -53.58 33.32 -40.10
CA PRO A 341 -54.82 32.69 -40.56
C PRO A 341 -56.06 33.51 -40.25
N LEU A 342 -57.22 32.99 -40.61
CA LEU A 342 -58.51 33.58 -40.24
C LEU A 342 -59.32 32.52 -39.52
N VAL A 343 -59.23 32.51 -38.19
CA VAL A 343 -60.10 31.64 -37.43
C VAL A 343 -61.53 32.19 -37.47
N PHE A 344 -62.48 31.31 -37.81
CA PHE A 344 -63.90 31.65 -37.89
C PHE A 344 -64.60 30.80 -36.84
N GLU A 345 -64.68 31.31 -35.62
CA GLU A 345 -65.17 30.51 -34.51
C GLU A 345 -66.62 30.09 -34.67
N THR A 346 -67.37 30.73 -35.55
CA THR A 346 -68.74 30.33 -35.85
C THR A 346 -68.75 29.46 -37.10
N ASN A 347 -69.45 28.33 -37.02
CA ASN A 347 -69.55 27.43 -38.16
C ASN A 347 -70.23 28.09 -39.34
N GLU A 348 -71.27 28.87 -39.09
CA GLU A 348 -72.08 29.46 -40.16
C GLU A 348 -71.40 30.64 -40.84
N ASP A 349 -70.28 31.13 -40.33
CA ASP A 349 -69.58 32.21 -41.04
C ASP A 349 -69.10 31.74 -42.40
N MET A 350 -68.94 30.43 -42.59
CA MET A 350 -68.73 29.86 -43.91
C MET A 350 -70.09 29.42 -44.44
N VAL A 351 -70.56 30.08 -45.50
CA VAL A 351 -71.83 29.74 -46.12
C VAL A 351 -71.52 28.91 -47.36
N TRP A 352 -72.11 27.73 -47.45
CA TRP A 352 -71.80 26.79 -48.50
C TRP A 352 -72.85 26.83 -49.60
N SER A 353 -72.41 26.57 -50.82
CA SER A 353 -73.29 26.54 -51.97
C SER A 353 -72.69 25.60 -53.01
N LYS A 354 -73.54 25.13 -53.91
CA LYS A 354 -73.13 24.25 -54.98
C LYS A 354 -73.02 25.04 -56.27
N ASN A 355 -71.87 24.95 -56.93
CA ASN A 355 -71.66 25.63 -58.19
C ASN A 355 -72.59 25.06 -59.25
N GLN A 356 -72.78 25.83 -60.33
CA GLN A 356 -73.61 25.37 -61.44
C GLN A 356 -73.02 24.12 -62.09
N LYS A 357 -71.73 23.87 -61.88
CA LYS A 357 -71.08 22.66 -62.34
C LYS A 357 -71.11 21.56 -61.28
N GLY A 358 -71.79 21.79 -60.16
CA GLY A 358 -71.88 20.81 -59.09
C GLY A 358 -70.79 20.91 -58.04
N ARG A 359 -69.75 21.69 -58.28
CA ARG A 359 -68.68 21.86 -57.32
C ARG A 359 -69.17 22.62 -56.09
N LEU A 360 -68.61 22.27 -54.94
CA LEU A 360 -68.92 22.97 -53.71
C LEU A 360 -68.22 24.32 -53.67
N CYS A 361 -68.89 25.30 -53.07
CA CYS A 361 -68.38 26.67 -53.05
C CYS A 361 -68.53 27.24 -51.64
N VAL A 362 -67.66 28.20 -51.32
CA VAL A 362 -67.65 28.85 -50.02
C VAL A 362 -67.54 30.35 -50.21
N HIS A 363 -68.30 31.09 -49.41
CA HIS A 363 -68.07 32.52 -49.20
C HIS A 363 -68.27 32.80 -47.73
N PHE A 364 -67.39 33.62 -47.16
CA PHE A 364 -67.33 33.82 -45.72
C PHE A 364 -68.10 35.05 -45.29
N ASN A 365 -68.56 35.05 -44.05
CA ASN A 365 -69.25 36.21 -43.49
C ASN A 365 -68.35 37.42 -43.55
N GLY A 366 -68.91 38.55 -43.95
CA GLY A 366 -68.16 39.77 -44.17
C GLY A 366 -67.60 39.92 -45.56
N LEU A 367 -67.30 38.81 -46.24
CA LEU A 367 -66.84 38.82 -47.62
C LEU A 367 -67.71 37.84 -48.40
N SER A 368 -68.88 38.30 -48.85
CA SER A 368 -69.77 37.46 -49.64
C SER A 368 -69.56 37.62 -51.14
N ASP A 369 -68.96 38.73 -51.57
CA ASP A 369 -68.59 38.89 -52.96
C ASP A 369 -67.42 38.00 -53.36
N LEU A 370 -66.76 37.39 -52.39
CA LEU A 370 -65.59 36.52 -52.63
C LEU A 370 -66.06 35.08 -52.53
N ILE A 371 -66.09 34.39 -53.66
CA ILE A 371 -66.58 33.02 -53.74
C ILE A 371 -65.42 32.11 -54.10
N PHE A 372 -65.20 31.08 -53.29
CA PHE A 372 -64.13 30.12 -53.49
C PHE A 372 -64.73 28.74 -53.73
N GLU A 373 -64.09 27.97 -54.61
CA GLU A 373 -64.56 26.63 -54.96
C GLU A 373 -63.68 25.59 -54.29
N VAL A 374 -64.33 24.65 -53.61
CA VAL A 374 -63.64 23.67 -52.78
C VAL A 374 -63.02 22.61 -53.69
N TYR A 375 -61.69 22.58 -53.74
CA TYR A 375 -60.96 21.53 -54.46
C TYR A 375 -60.39 20.56 -53.43
N CYS A 376 -61.22 19.63 -53.00
CA CYS A 376 -60.87 18.67 -51.98
C CYS A 376 -60.40 17.37 -52.61
N GLY A 377 -60.27 16.33 -51.80
CA GLY A 377 -60.02 14.99 -52.28
C GLY A 377 -61.16 14.09 -51.86
N ASN A 378 -61.42 13.02 -52.62
CA ASN A 378 -62.63 12.23 -52.40
C ASN A 378 -62.67 11.67 -50.99
N ARG A 379 -61.53 11.45 -50.36
CA ARG A 379 -61.52 10.98 -48.99
C ARG A 379 -62.13 12.01 -48.04
N GLN A 380 -61.87 13.29 -48.29
CA GLN A 380 -62.39 14.36 -47.46
C GLN A 380 -63.69 14.95 -48.00
N LEU A 381 -64.25 14.37 -49.06
CA LEU A 381 -65.40 15.00 -49.70
C LEU A 381 -66.67 14.83 -48.88
N HIS A 382 -66.85 13.68 -48.24
CA HIS A 382 -68.09 13.43 -47.52
C HIS A 382 -68.28 14.41 -46.37
N TRP A 383 -67.20 15.01 -45.89
CA TRP A 383 -67.33 16.10 -44.92
C TRP A 383 -67.94 17.34 -45.57
N PHE A 384 -67.43 17.71 -46.74
CA PHE A 384 -67.90 18.93 -47.40
C PHE A 384 -69.33 18.78 -47.90
N GLN A 385 -69.67 17.62 -48.46
CA GLN A 385 -71.06 17.39 -48.84
C GLN A 385 -71.95 17.37 -47.60
N ARG A 386 -71.38 17.03 -46.45
CA ARG A 386 -72.14 17.11 -45.21
C ARG A 386 -72.36 18.55 -44.80
N PHE A 387 -71.38 19.41 -45.05
CA PHE A 387 -71.51 20.82 -44.68
C PHE A 387 -72.67 21.47 -45.42
N LEU A 388 -72.69 21.34 -46.74
CA LEU A 388 -73.78 21.92 -47.53
C LEU A 388 -75.11 21.29 -47.15
N GLU A 389 -75.14 19.97 -46.97
CA GLU A 389 -76.37 19.30 -46.58
C GLU A 389 -76.83 19.76 -45.20
N ASP A 390 -75.89 19.93 -44.27
CA ASP A 390 -76.26 20.39 -42.93
C ASP A 390 -76.78 21.82 -42.96
N GLN A 391 -76.13 22.69 -43.74
CA GLN A 391 -76.58 24.08 -43.81
C GLN A 391 -77.94 24.19 -44.48
N GLN A 392 -78.14 23.44 -45.57
CA GLN A 392 -79.44 23.44 -46.22
C GLN A 392 -80.52 22.88 -45.31
N THR A 393 -80.19 21.85 -44.54
CA THR A 393 -81.17 21.26 -43.64
C THR A 393 -81.65 22.27 -42.62
N LYS A 394 -80.74 23.11 -42.12
CA LYS A 394 -81.15 24.18 -41.20
C LYS A 394 -82.00 25.21 -41.93
N ARG A 395 -81.65 25.53 -43.18
CA ARG A 395 -82.43 26.49 -43.95
C ARG A 395 -83.86 25.99 -44.19
N LYS A 396 -83.99 24.71 -44.56
CA LYS A 396 -85.30 24.17 -44.90
C LYS A 396 -86.21 24.02 -43.70
N SER A 397 -85.67 24.14 -42.49
CA SER A 397 -86.48 24.10 -41.28
C SER A 397 -86.71 25.49 -40.70
N LYS A 398 -86.41 26.54 -41.45
CA LYS A 398 -86.59 27.93 -41.00
C LYS A 398 -85.81 28.19 -39.71
N ASN A 399 -84.55 27.75 -39.70
CA ASN A 399 -83.66 27.90 -38.55
C ASN A 399 -84.27 27.30 -37.29
N GLN A 400 -84.98 26.18 -37.44
CA GLN A 400 -85.40 25.40 -36.28
C GLN A 400 -84.33 24.42 -35.83
N HIS A 401 -83.24 24.31 -36.59
CA HIS A 401 -82.15 23.40 -36.27
C HIS A 401 -80.96 24.20 -35.75
N SER A 402 -80.25 23.60 -34.79
CA SER A 402 -79.21 24.29 -34.04
C SER A 402 -77.88 24.11 -34.73
N SER A 403 -77.45 25.13 -35.49
CA SER A 403 -76.05 25.19 -35.88
C SER A 403 -75.21 25.24 -34.62
N GLY A 404 -74.50 24.15 -34.36
CA GLY A 404 -73.96 23.89 -33.04
C GLY A 404 -74.04 22.39 -32.81
N LEU A 405 -74.89 21.75 -33.59
CA LEU A 405 -74.78 20.33 -33.89
C LEU A 405 -74.28 20.11 -35.30
N PHE A 406 -73.84 21.17 -35.97
CA PHE A 406 -73.23 21.06 -37.28
C PHE A 406 -71.98 20.20 -37.20
N THR A 407 -71.74 19.43 -38.25
CA THR A 407 -70.50 18.65 -38.31
C THR A 407 -69.28 19.54 -38.48
N LEU A 408 -69.47 20.82 -38.79
CA LEU A 408 -68.41 21.80 -38.84
C LEU A 408 -68.43 22.63 -37.56
N ARG A 409 -67.27 22.81 -36.93
CA ARG A 409 -67.18 23.59 -35.71
C ARG A 409 -66.56 24.96 -35.96
N ASN A 410 -65.43 25.01 -36.66
CA ASN A 410 -64.83 26.26 -37.08
C ASN A 410 -63.94 25.98 -38.28
N GLY A 411 -63.33 27.01 -38.81
CA GLY A 411 -62.42 26.81 -39.91
C GLY A 411 -61.41 27.91 -40.07
N HIS A 412 -60.14 27.55 -40.12
CA HIS A 412 -59.10 28.51 -40.45
C HIS A 412 -59.06 28.70 -41.95
N LEU A 413 -58.45 29.80 -42.37
CA LEU A 413 -58.31 30.12 -43.79
C LEU A 413 -56.88 30.63 -43.97
N VAL A 414 -55.97 29.72 -44.25
CA VAL A 414 -54.55 30.02 -44.27
C VAL A 414 -54.08 30.13 -45.71
N TRP A 415 -52.87 30.64 -45.87
CA TRP A 415 -52.15 30.58 -47.13
C TRP A 415 -50.98 29.62 -46.97
N LEU A 416 -50.92 28.60 -47.81
CA LEU A 416 -49.76 27.74 -47.84
C LEU A 416 -48.60 28.47 -48.52
N GLU A 417 -47.48 27.80 -48.67
CA GLU A 417 -46.32 28.40 -49.33
C GLU A 417 -46.09 27.70 -50.66
N GLY A 418 -46.00 28.48 -51.73
CA GLY A 418 -45.71 27.93 -53.03
C GLY A 418 -44.25 28.10 -53.41
N GLU A 419 -43.84 27.33 -54.42
CA GLU A 419 -42.48 27.34 -54.91
C GLU A 419 -42.44 28.01 -56.27
N GLY A 420 -41.62 29.04 -56.36
CA GLY A 420 -41.51 29.75 -57.60
C GLY A 420 -41.51 31.21 -57.32
N LYS A 421 -42.10 31.98 -58.21
CA LYS A 421 -42.05 33.41 -58.09
C LYS A 421 -43.42 33.92 -58.42
N GLY A 422 -43.66 35.19 -58.18
CA GLY A 422 -44.90 35.76 -58.61
C GLY A 422 -45.52 36.54 -57.52
N GLU A 423 -46.53 37.30 -57.87
CA GLU A 423 -47.25 37.97 -56.81
C GLU A 423 -47.69 36.94 -55.78
N PRO A 424 -47.78 37.33 -54.50
CA PRO A 424 -48.08 36.33 -53.47
C PRO A 424 -49.40 35.62 -53.64
N TRP A 425 -50.43 36.29 -54.14
CA TRP A 425 -51.72 35.61 -54.29
C TRP A 425 -51.67 34.56 -55.39
N ASN A 426 -50.80 34.73 -56.38
CA ASN A 426 -50.65 33.78 -57.47
C ASN A 426 -49.63 32.67 -57.16
N LEU A 427 -48.96 32.71 -56.02
CA LEU A 427 -47.99 31.70 -55.68
C LEU A 427 -48.51 30.86 -54.60
N HIS A 428 -48.99 31.50 -53.59
CA HIS A 428 -49.39 30.75 -52.41
C HIS A 428 -50.82 30.26 -52.58
N HIS A 429 -51.07 29.04 -52.14
CA HIS A 429 -52.36 28.40 -52.31
C HIS A 429 -53.23 28.65 -51.09
N LEU A 430 -54.34 29.35 -51.28
CA LEU A 430 -55.31 29.53 -50.21
C LEU A 430 -55.85 28.16 -49.83
N THR A 431 -55.98 27.90 -48.53
CA THR A 431 -56.38 26.59 -48.04
C THR A 431 -57.33 26.73 -46.88
N LEU A 432 -58.41 25.97 -46.90
CA LEU A 432 -59.36 25.90 -45.80
C LEU A 432 -58.97 24.76 -44.86
N TYR A 433 -59.11 25.00 -43.56
CA TYR A 433 -58.83 23.99 -42.54
C TYR A 433 -60.04 23.90 -41.63
N CYS A 434 -61.01 23.08 -42.00
CA CYS A 434 -62.24 22.93 -41.25
C CYS A 434 -62.02 21.95 -40.11
N CYS A 435 -62.30 22.39 -38.89
CA CYS A 435 -62.24 21.49 -37.74
C CYS A 435 -63.59 20.83 -37.55
N VAL A 436 -63.63 19.51 -37.71
CA VAL A 436 -64.87 18.75 -37.69
C VAL A 436 -64.86 17.82 -36.50
N ASP A 437 -65.91 17.89 -35.68
CA ASP A 437 -66.08 16.94 -34.59
C ASP A 437 -66.54 15.63 -35.21
N ASN A 438 -65.60 14.69 -35.36
CA ASN A 438 -65.90 13.43 -36.02
C ASN A 438 -67.02 12.67 -35.33
N ARG A 439 -67.21 12.89 -34.03
CA ARG A 439 -68.26 12.21 -33.29
C ARG A 439 -69.66 12.55 -33.80
N LEU A 440 -69.83 13.70 -34.45
CA LEU A 440 -71.14 14.11 -34.94
C LEU A 440 -71.53 13.46 -36.27
N TRP A 441 -70.63 12.72 -36.90
CA TRP A 441 -70.95 12.13 -38.20
C TRP A 441 -72.11 11.16 -38.10
N THR A 442 -72.02 10.20 -37.18
CA THR A 442 -73.11 9.26 -37.00
C THR A 442 -74.26 9.91 -36.24
N GLU A 443 -75.47 9.41 -36.47
CA GLU A 443 -76.62 9.88 -35.70
C GLU A 443 -76.48 9.50 -34.24
N GLU A 444 -75.99 8.29 -33.96
CA GLU A 444 -75.78 7.87 -32.58
C GLU A 444 -74.73 8.72 -31.90
N GLY A 445 -73.65 9.06 -32.63
CA GLY A 445 -72.63 9.92 -32.07
C GLY A 445 -73.13 11.32 -31.80
N THR A 446 -74.06 11.82 -32.62
CA THR A 446 -74.60 13.15 -32.40
C THR A 446 -75.30 13.26 -31.05
N GLU A 447 -76.06 12.23 -30.67
CA GLU A 447 -76.74 12.27 -29.39
C GLU A 447 -75.76 12.43 -28.24
N ILE A 448 -74.55 11.88 -28.37
CA ILE A 448 -73.52 12.09 -27.36
C ILE A 448 -73.13 13.57 -27.32
N VAL A 449 -72.87 14.16 -28.49
CA VAL A 449 -72.62 15.60 -28.54
C VAL A 449 -73.85 16.37 -28.12
N ARG A 450 -75.03 15.93 -28.55
CA ARG A 450 -76.28 16.55 -28.12
C ARG A 450 -76.43 16.51 -26.61
N GLN A 451 -75.85 15.52 -25.95
CA GLN A 451 -75.91 15.45 -24.50
C GLN A 451 -74.81 16.24 -23.83
N GLU A 452 -73.63 16.34 -24.45
CA GLU A 452 -72.56 17.15 -23.89
C GLU A 452 -72.95 18.62 -23.85
N LYS A 453 -73.39 19.16 -25.00
CA LYS A 453 -73.74 20.58 -25.05
C LYS A 453 -74.97 20.87 -24.21
N ALA A 454 -75.97 20.00 -24.23
CA ALA A 454 -77.16 20.23 -23.42
C ALA A 454 -76.89 20.12 -21.94
N ASP A 455 -75.73 19.60 -21.54
CA ASP A 455 -75.34 19.55 -20.13
C ASP A 455 -74.46 20.73 -19.75
N GLU A 456 -73.49 21.07 -20.59
CA GLU A 456 -72.63 22.21 -20.30
C GLU A 456 -73.38 23.53 -20.42
N ILE A 457 -74.44 23.57 -21.23
CA ILE A 457 -75.15 24.83 -21.44
C ILE A 457 -76.21 25.03 -20.37
N THR A 458 -76.93 23.97 -19.99
CA THR A 458 -77.88 24.11 -18.89
C THR A 458 -77.16 24.41 -17.58
N LYS A 459 -75.87 24.08 -17.48
CA LYS A 459 -75.08 24.53 -16.34
C LYS A 459 -74.71 26.00 -16.50
N PHE A 460 -74.42 26.43 -17.73
CA PHE A 460 -74.17 27.84 -18.01
C PHE A 460 -75.36 28.70 -17.61
N ILE A 461 -76.57 28.19 -17.86
CA ILE A 461 -77.78 28.95 -17.50
C ILE A 461 -77.87 29.11 -15.99
N THR A 462 -77.69 28.01 -15.26
CA THR A 462 -77.77 28.07 -13.80
C THR A 462 -76.66 28.94 -13.23
N ASN A 463 -75.47 28.86 -13.81
CA ASN A 463 -74.36 29.69 -13.33
C ASN A 463 -74.70 31.17 -13.50
N MET A 464 -75.34 31.54 -14.61
CA MET A 464 -75.74 32.91 -14.87
C MET A 464 -77.06 33.29 -14.21
N LYS A 465 -77.81 32.30 -13.73
CA LYS A 465 -79.09 32.61 -13.11
C LYS A 465 -78.96 32.96 -11.64
N LYS A 466 -77.82 32.68 -11.02
CA LYS A 466 -77.61 33.06 -9.63
C LYS A 466 -77.30 34.55 -9.48
N LYS A 467 -76.62 35.13 -10.46
CA LYS A 467 -76.31 36.55 -10.42
C LYS A 467 -77.58 37.39 -10.55
N SER A 468 -77.58 38.55 -9.89
CA SER A 468 -78.70 39.48 -9.93
C SER A 468 -78.38 40.75 -10.70
N ASP A 469 -77.24 40.80 -11.39
CA ASP A 469 -76.86 42.00 -12.13
C ASP A 469 -77.87 42.30 -13.23
N LEU A 470 -78.25 41.28 -14.01
CA LEU A 470 -79.26 41.40 -15.05
C LEU A 470 -78.91 42.51 -16.04
N SER A 471 -77.73 42.41 -16.63
CA SER A 471 -77.32 43.38 -17.64
C SER A 471 -78.17 43.21 -18.90
N ASP A 472 -78.19 44.27 -19.71
CA ASP A 472 -79.01 44.25 -20.93
C ASP A 472 -78.54 43.16 -21.88
N THR A 473 -77.30 43.28 -22.37
CA THR A 473 -76.77 42.28 -23.29
C THR A 473 -76.49 40.96 -22.61
N GLN A 474 -76.41 40.95 -21.28
CA GLN A 474 -76.28 39.68 -20.56
C GLN A 474 -77.53 38.83 -20.73
N GLN A 475 -78.71 39.46 -20.66
CA GLN A 475 -79.95 38.73 -20.87
C GLN A 475 -80.07 38.25 -22.31
N ALA A 476 -79.40 38.92 -23.24
CA ALA A 476 -79.29 38.38 -24.59
C ALA A 476 -78.53 37.06 -24.57
N LEU A 477 -77.40 37.02 -23.86
CA LEU A 477 -76.65 35.78 -23.72
C LEU A 477 -77.49 34.70 -23.04
N ILE A 478 -78.24 35.07 -22.01
CA ILE A 478 -79.16 34.12 -21.38
C ILE A 478 -80.18 33.65 -22.40
N GLN A 479 -80.71 34.56 -23.22
CA GLN A 479 -81.71 34.20 -24.20
C GLN A 479 -81.16 33.20 -25.21
N ARG A 480 -79.94 33.42 -25.70
CA ARG A 480 -79.35 32.50 -26.67
C ARG A 480 -79.21 31.09 -26.12
N LYS A 481 -79.05 30.93 -24.81
CA LYS A 481 -78.82 29.62 -24.24
C LYS A 481 -80.06 28.74 -24.34
N GLN A 482 -81.20 29.21 -23.83
CA GLN A 482 -82.41 28.42 -23.91
C GLN A 482 -82.86 28.21 -25.36
N SER A 483 -82.45 29.11 -26.25
CA SER A 483 -82.72 28.90 -27.67
C SER A 483 -82.00 27.66 -28.18
N THR A 484 -80.77 27.43 -27.71
CA THR A 484 -80.01 26.26 -28.16
C THR A 484 -80.60 24.98 -27.60
N LEU A 485 -81.01 24.97 -26.33
CA LEU A 485 -81.59 23.76 -25.74
C LEU A 485 -82.82 23.31 -26.51
N THR A 486 -83.72 24.24 -26.83
CA THR A 486 -84.89 23.90 -27.61
C THR A 486 -84.50 23.44 -29.00
N ARG A 487 -83.50 24.08 -29.60
CA ARG A 487 -83.08 23.74 -30.95
C ARG A 487 -82.20 22.50 -31.01
N ILE A 488 -81.76 21.99 -29.86
CA ILE A 488 -80.84 20.85 -29.86
C ILE A 488 -81.58 19.53 -30.00
N ASN A 489 -82.87 19.48 -29.66
CA ASN A 489 -83.64 18.25 -29.73
C ASN A 489 -84.30 18.05 -31.09
N ASN A 490 -83.80 18.71 -32.12
CA ASN A 490 -84.27 18.53 -33.50
C ASN A 490 -83.12 17.90 -34.28
N SER A 491 -83.26 16.61 -34.58
CA SER A 491 -82.15 15.81 -35.06
C SER A 491 -82.07 15.85 -36.59
N PHE A 492 -80.84 16.03 -37.08
CA PHE A 492 -80.61 15.97 -38.55
C PHE A 492 -80.35 14.50 -38.90
N GLU A 493 -80.34 14.17 -40.20
CA GLU A 493 -80.14 12.76 -40.63
C GLU A 493 -78.64 12.41 -40.58
N ARG A 494 -78.24 11.52 -39.69
CA ARG A 494 -76.81 11.09 -39.66
C ARG A 494 -76.77 9.55 -39.67
N PRO A 495 -75.64 8.91 -40.05
CA PRO A 495 -75.58 7.44 -40.20
C PRO A 495 -75.75 6.69 -38.86
N SER A 496 -76.20 5.43 -38.92
CA SER A 496 -76.46 4.64 -37.69
C SER A 496 -75.30 3.73 -37.32
N GLN A 497 -74.72 3.88 -36.12
CA GLN A 497 -73.52 3.09 -35.76
C GLN A 497 -73.62 2.67 -34.28
N PRO A 498 -73.53 1.37 -33.95
CA PRO A 498 -73.53 0.92 -32.55
C PRO A 498 -72.14 1.17 -31.95
N LEU A 499 -71.91 2.39 -31.45
CA LEU A 499 -70.57 2.74 -30.91
C LEU A 499 -70.06 1.58 -30.03
N TYR A 500 -68.89 1.05 -30.35
CA TYR A 500 -68.33 -0.11 -29.60
C TYR A 500 -68.20 0.24 -28.12
N GLN A 501 -68.54 -0.71 -27.23
CA GLN A 501 -68.39 -0.48 -25.78
C GLN A 501 -67.06 -1.12 -25.39
N GLY A 502 -66.17 -0.37 -24.72
CA GLY A 502 -64.83 -0.90 -24.41
C GLY A 502 -64.64 -1.24 -22.96
N GLN A 503 -64.20 -2.47 -22.67
CA GLN A 503 -63.91 -2.86 -21.27
C GLN A 503 -62.39 -2.79 -21.07
N SER A 504 -61.92 -1.92 -20.19
CA SER A 504 -60.52 -1.43 -20.21
C SER A 504 -59.65 -2.41 -19.42
N HIS A 505 -60.27 -3.49 -18.88
CA HIS A 505 -59.55 -4.50 -18.08
C HIS A 505 -58.39 -5.08 -18.89
N ILE A 506 -58.60 -5.31 -20.18
CA ILE A 506 -57.47 -5.75 -21.07
C ILE A 506 -56.51 -4.56 -21.16
N LEU A 507 -55.21 -4.80 -21.12
CA LEU A 507 -54.26 -3.64 -21.09
C LEU A 507 -53.13 -3.83 -22.10
N VAL A 508 -53.32 -3.34 -23.33
CA VAL A 508 -52.19 -3.36 -24.26
C VAL A 508 -51.09 -2.46 -23.71
N GLY A 509 -49.92 -3.04 -23.47
CA GLY A 509 -48.81 -2.28 -22.95
C GLY A 509 -47.80 -1.99 -24.02
N VAL A 510 -47.44 -0.74 -24.18
CA VAL A 510 -46.50 -0.34 -25.22
C VAL A 510 -45.20 0.11 -24.57
N SER A 511 -44.09 -0.44 -25.04
CA SER A 511 -42.78 -0.16 -24.45
C SER A 511 -41.92 0.55 -25.47
N LEU A 512 -41.36 1.68 -25.07
CA LEU A 512 -40.50 2.49 -25.94
C LEU A 512 -39.05 2.30 -25.53
N GLY A 513 -38.17 2.25 -26.51
CA GLY A 513 -36.76 2.08 -26.24
C GLY A 513 -35.91 2.60 -27.38
N LEU A 514 -34.64 2.23 -27.36
CA LEU A 514 -33.70 2.65 -28.41
C LEU A 514 -33.48 1.52 -29.41
N GLU A 515 -33.05 0.36 -28.92
CA GLU A 515 -32.72 -0.75 -29.82
C GLU A 515 -33.95 -1.18 -30.61
N LYS A 516 -35.05 -1.45 -29.93
CA LYS A 516 -36.35 -1.61 -30.56
C LYS A 516 -37.11 -0.30 -30.36
N PRO A 517 -37.45 0.43 -31.42
CA PRO A 517 -38.15 1.70 -31.24
C PRO A 517 -39.45 1.55 -30.47
N ALA A 518 -40.14 0.43 -30.62
CA ALA A 518 -41.41 0.24 -29.92
C ALA A 518 -41.82 -1.22 -29.99
N THR A 519 -42.27 -1.77 -28.86
CA THR A 519 -42.81 -3.11 -28.76
C THR A 519 -44.08 -3.09 -27.92
N VAL A 520 -44.95 -4.06 -28.15
CA VAL A 520 -46.27 -4.10 -27.51
C VAL A 520 -46.47 -5.47 -26.88
N ALA A 521 -47.43 -5.55 -25.97
CA ALA A 521 -47.73 -6.78 -25.24
C ALA A 521 -49.18 -6.75 -24.78
N VAL A 522 -50.02 -7.55 -25.42
CA VAL A 522 -51.44 -7.65 -25.06
C VAL A 522 -51.52 -8.66 -23.92
N VAL A 523 -51.72 -8.20 -22.69
CA VAL A 523 -51.65 -9.06 -21.51
C VAL A 523 -52.95 -8.93 -20.73
N ASP A 524 -53.44 -10.06 -20.22
CA ASP A 524 -54.55 -10.05 -19.28
C ASP A 524 -54.07 -9.55 -17.92
N ALA A 525 -54.95 -8.86 -17.20
CA ALA A 525 -54.62 -8.39 -15.87
C ALA A 525 -55.22 -9.24 -14.77
N ILE A 526 -56.45 -9.72 -14.94
CA ILE A 526 -57.03 -10.65 -13.98
C ILE A 526 -56.24 -11.95 -13.95
N ALA A 527 -55.92 -12.49 -15.10
CA ALA A 527 -54.91 -13.53 -15.21
C ALA A 527 -53.54 -12.87 -15.30
N ASN A 528 -52.53 -13.66 -15.64
CA ASN A 528 -51.17 -13.14 -15.79
C ASN A 528 -50.54 -13.62 -17.09
N LYS A 529 -51.36 -13.97 -18.07
CA LYS A 529 -50.89 -14.48 -19.35
C LYS A 529 -50.90 -13.37 -20.38
N VAL A 530 -49.88 -13.37 -21.24
CA VAL A 530 -49.80 -12.46 -22.37
C VAL A 530 -50.57 -13.08 -23.53
N LEU A 531 -51.57 -12.38 -24.03
CA LEU A 531 -52.34 -12.91 -25.16
C LEU A 531 -51.49 -12.99 -26.41
N ALA A 532 -50.72 -11.93 -26.71
CA ALA A 532 -49.84 -11.93 -27.87
C ALA A 532 -48.88 -10.75 -27.83
N TYR A 533 -47.60 -11.01 -28.04
CA TYR A 533 -46.62 -9.96 -28.23
C TYR A 533 -46.58 -9.57 -29.71
N ARG A 534 -46.11 -8.35 -29.96
CA ARG A 534 -45.72 -7.93 -31.30
C ARG A 534 -44.52 -7.01 -31.17
N SER A 535 -43.55 -7.20 -32.05
CA SER A 535 -42.34 -6.39 -32.05
C SER A 535 -42.42 -5.34 -33.14
N ILE A 536 -41.39 -4.49 -33.22
CA ILE A 536 -41.39 -3.40 -34.18
C ILE A 536 -41.39 -3.90 -35.62
N LYS A 537 -40.70 -4.99 -35.90
CA LYS A 537 -40.69 -5.58 -37.23
C LYS A 537 -42.06 -6.14 -37.61
N GLN A 538 -42.94 -6.35 -36.63
CA GLN A 538 -44.21 -7.00 -36.87
C GLN A 538 -45.39 -6.05 -36.81
N LEU A 539 -45.22 -4.90 -36.16
CA LEU A 539 -46.29 -3.87 -36.14
C LEU A 539 -46.19 -3.04 -37.42
N LEU A 540 -44.97 -2.71 -37.86
CA LEU A 540 -44.76 -1.94 -39.10
C LEU A 540 -44.72 -2.89 -40.30
N GLY A 541 -45.84 -3.56 -40.58
CA GLY A 541 -45.89 -4.52 -41.70
C GLY A 541 -45.55 -3.86 -43.02
N ASP A 542 -44.45 -4.27 -43.65
CA ASP A 542 -44.01 -3.69 -44.95
C ASP A 542 -43.56 -2.25 -44.73
N ASN A 543 -43.55 -1.79 -43.47
CA ASN A 543 -43.11 -0.41 -43.15
C ASN A 543 -41.75 -0.47 -42.47
N TYR A 544 -41.10 -1.64 -42.49
CA TYR A 544 -39.80 -1.80 -41.78
C TYR A 544 -38.69 -1.11 -42.57
N GLU A 545 -38.61 -1.34 -43.88
CA GLU A 545 -37.60 -0.62 -44.63
C GLU A 545 -37.72 0.88 -44.40
N LEU A 546 -38.95 1.36 -44.16
CA LEU A 546 -39.13 2.76 -43.81
C LEU A 546 -38.42 3.10 -42.51
N LEU A 547 -38.54 2.25 -41.50
CA LEU A 547 -37.85 2.51 -40.24
C LEU A 547 -36.35 2.51 -40.43
N ASN A 548 -35.83 1.54 -41.19
CA ASN A 548 -34.38 1.48 -41.39
C ASN A 548 -33.87 2.72 -42.12
N ARG A 549 -34.53 3.10 -43.22
CA ARG A 549 -34.09 4.27 -43.95
C ARG A 549 -34.33 5.56 -43.17
N GLN A 550 -35.30 5.58 -42.26
CA GLN A 550 -35.48 6.75 -41.42
C GLN A 550 -34.37 6.86 -40.40
N ARG A 551 -33.93 5.73 -39.85
CA ARG A 551 -32.76 5.77 -38.98
C ARG A 551 -31.53 6.27 -39.72
N ARG A 552 -31.33 5.79 -40.95
CA ARG A 552 -30.22 6.28 -41.75
C ARG A 552 -30.33 7.77 -42.05
N GLN A 553 -31.52 8.25 -42.39
CA GLN A 553 -31.74 9.67 -42.61
C GLN A 553 -31.54 10.51 -41.36
N GLN A 554 -31.98 10.02 -40.20
CA GLN A 554 -31.77 10.75 -38.96
C GLN A 554 -30.31 10.80 -38.57
N GLN A 555 -29.53 9.78 -38.91
CA GLN A 555 -28.07 9.84 -38.81
C GLN A 555 -27.48 10.89 -39.75
N TYR A 556 -27.85 10.85 -41.02
CA TYR A 556 -27.32 11.77 -42.00
C TYR A 556 -27.63 13.23 -41.65
N LEU A 557 -28.87 13.52 -41.29
CA LEU A 557 -29.29 14.86 -40.93
C LEU A 557 -28.64 15.37 -39.67
N SER A 558 -28.43 14.51 -38.68
CA SER A 558 -27.71 14.89 -37.47
C SER A 558 -26.24 15.17 -37.74
N HIS A 559 -25.59 14.36 -38.57
CA HIS A 559 -24.22 14.65 -38.94
C HIS A 559 -24.14 15.98 -39.69
N GLU A 560 -25.09 16.23 -40.58
CA GLU A 560 -25.10 17.50 -41.30
C GLU A 560 -25.31 18.68 -40.37
N ARG A 561 -26.22 18.54 -39.39
CA ARG A 561 -26.46 19.63 -38.46
C ARG A 561 -25.23 19.90 -37.60
N HIS A 562 -24.53 18.85 -37.17
CA HIS A 562 -23.29 19.06 -36.44
C HIS A 562 -22.23 19.71 -37.31
N LYS A 563 -22.19 19.31 -38.58
CA LYS A 563 -21.24 19.92 -39.54
C LYS A 563 -21.67 21.36 -39.82
N ALA A 564 -22.96 21.66 -39.64
CA ALA A 564 -23.49 23.03 -39.88
C ALA A 564 -22.83 24.00 -38.90
N GLN A 565 -22.42 23.50 -37.72
CA GLN A 565 -21.79 24.38 -36.70
C GLN A 565 -22.74 25.53 -36.35
N LYS A 566 -22.24 26.77 -36.36
CA LYS A 566 -23.08 27.95 -36.02
C LYS A 566 -23.48 28.66 -37.31
N ASN A 567 -22.53 28.89 -38.22
CA ASN A 567 -22.84 29.55 -39.52
C ASN A 567 -23.15 28.47 -40.55
N PHE A 568 -24.35 28.51 -41.15
CA PHE A 568 -24.74 27.46 -42.11
C PHE A 568 -26.02 27.87 -42.85
N SER A 569 -26.29 27.24 -43.99
CA SER A 569 -27.57 27.53 -44.71
C SER A 569 -28.69 26.80 -43.98
N PRO A 570 -29.99 27.05 -44.27
CA PRO A 570 -31.08 26.30 -43.62
C PRO A 570 -30.85 24.80 -43.67
N ASN A 571 -31.11 24.14 -42.54
CA ASN A 571 -30.72 22.76 -42.32
C ASN A 571 -31.77 21.76 -42.78
N GLN A 572 -32.87 22.22 -43.36
CA GLN A 572 -33.91 21.32 -43.84
C GLN A 572 -33.55 20.64 -45.15
N PHE A 573 -32.32 20.83 -45.64
CA PHE A 573 -31.90 20.23 -46.90
C PHE A 573 -31.88 18.72 -46.79
N GLY A 574 -32.76 18.05 -47.52
CA GLY A 574 -32.88 16.61 -47.49
C GLY A 574 -33.86 16.08 -46.46
N ALA A 575 -34.40 16.95 -45.61
CA ALA A 575 -35.35 16.52 -44.59
C ALA A 575 -36.71 16.20 -45.22
N SER A 576 -37.51 15.44 -44.48
CA SER A 576 -38.84 15.05 -44.92
C SER A 576 -39.69 14.79 -43.69
N GLU A 577 -40.87 14.23 -43.91
CA GLU A 577 -41.74 13.85 -42.79
C GLU A 577 -41.86 12.34 -42.70
N LEU A 578 -40.82 11.62 -43.08
CA LEU A 578 -40.78 10.18 -42.93
C LEU A 578 -40.93 9.75 -41.48
N GLY A 579 -40.33 10.49 -40.55
CA GLY A 579 -40.53 10.20 -39.15
C GLY A 579 -41.98 10.25 -38.74
N GLN A 580 -42.72 11.24 -39.22
CA GLN A 580 -44.13 11.35 -38.92
C GLN A 580 -44.94 10.24 -39.56
N HIS A 581 -44.62 9.86 -40.80
CA HIS A 581 -45.31 8.76 -41.44
C HIS A 581 -45.11 7.47 -40.65
N ILE A 582 -43.89 7.22 -40.17
CA ILE A 582 -43.67 6.03 -39.36
C ILE A 582 -44.35 6.13 -38.00
N ASP A 583 -44.34 7.30 -37.39
CA ASP A 583 -45.01 7.48 -36.10
C ASP A 583 -46.52 7.39 -36.21
N ARG A 584 -47.08 7.51 -37.42
CA ARG A 584 -48.49 7.26 -37.64
C ARG A 584 -48.81 5.83 -38.05
N LEU A 585 -48.00 5.22 -38.92
CA LEU A 585 -48.13 3.80 -39.22
C LEU A 585 -48.06 2.94 -37.98
N LEU A 586 -47.17 3.28 -37.04
CA LEU A 586 -47.02 2.56 -35.80
C LEU A 586 -48.23 2.72 -34.89
N ALA A 587 -48.76 3.93 -34.76
CA ALA A 587 -49.94 4.14 -33.93
C ALA A 587 -51.15 3.43 -34.51
N LYS A 588 -51.33 3.47 -35.84
CA LYS A 588 -52.44 2.76 -36.44
C LYS A 588 -52.38 1.27 -36.14
N ALA A 589 -51.22 0.66 -36.32
CA ALA A 589 -51.05 -0.75 -36.01
C ALA A 589 -51.26 -1.07 -34.55
N ILE A 590 -50.75 -0.24 -33.64
CA ILE A 590 -50.92 -0.51 -32.21
C ILE A 590 -52.39 -0.46 -31.84
N VAL A 591 -53.10 0.59 -32.28
CA VAL A 591 -54.53 0.67 -31.98
C VAL A 591 -55.31 -0.46 -32.62
N ALA A 592 -55.00 -0.83 -33.86
CA ALA A 592 -55.68 -1.95 -34.49
C ALA A 592 -55.45 -3.25 -33.72
N LEU A 593 -54.23 -3.48 -33.24
CA LEU A 593 -53.97 -4.63 -32.41
C LEU A 593 -54.78 -4.59 -31.12
N ALA A 594 -54.87 -3.41 -30.51
CA ALA A 594 -55.69 -3.28 -29.32
C ALA A 594 -57.14 -3.60 -29.60
N ARG A 595 -57.66 -3.12 -30.73
CA ARG A 595 -59.06 -3.34 -31.06
C ARG A 595 -59.34 -4.80 -31.38
N THR A 596 -58.36 -5.50 -31.95
CA THR A 596 -58.55 -6.90 -32.29
C THR A 596 -58.81 -7.74 -31.05
N TYR A 597 -58.06 -7.49 -29.98
CA TYR A 597 -58.17 -8.28 -28.76
C TYR A 597 -59.12 -7.68 -27.75
N LYS A 598 -60.00 -6.77 -28.18
CA LYS A 598 -60.96 -6.09 -27.33
C LYS A 598 -60.30 -5.33 -26.19
N ALA A 599 -59.08 -4.84 -26.38
CA ALA A 599 -58.35 -4.15 -25.31
C ALA A 599 -59.11 -2.93 -24.83
N GLY A 600 -59.14 -2.78 -23.50
CA GLY A 600 -59.84 -1.65 -22.92
C GLY A 600 -59.00 -0.41 -22.78
N SER A 601 -57.67 -0.56 -22.81
CA SER A 601 -56.79 0.59 -22.65
C SER A 601 -55.43 0.27 -23.24
N ILE A 602 -54.77 1.31 -23.75
CA ILE A 602 -53.40 1.24 -24.23
C ILE A 602 -52.53 2.01 -23.26
N VAL A 603 -51.44 1.40 -22.83
CA VAL A 603 -50.58 1.94 -21.79
C VAL A 603 -49.32 2.49 -22.45
N LEU A 604 -48.98 3.69 -22.11
CA LEU A 604 -47.77 4.26 -22.67
C LEU A 604 -46.83 4.75 -21.57
N PRO A 605 -45.52 4.70 -21.80
CA PRO A 605 -44.57 5.22 -20.82
C PRO A 605 -44.71 6.73 -20.70
N LYS A 606 -44.48 7.27 -19.51
CA LYS A 606 -44.46 8.71 -19.33
C LYS A 606 -43.32 9.31 -20.14
N LEU A 607 -43.62 10.37 -20.89
CA LEU A 607 -42.63 10.93 -21.79
C LEU A 607 -41.44 11.50 -21.02
N GLY A 608 -41.68 11.99 -19.80
CA GLY A 608 -40.59 12.51 -19.00
C GLY A 608 -39.51 11.48 -18.75
N ASP A 609 -39.89 10.24 -18.48
CA ASP A 609 -38.93 9.15 -18.31
C ASP A 609 -38.59 8.51 -19.65
N MET A 610 -38.08 9.32 -20.59
CA MET A 610 -37.64 8.81 -21.87
C MET A 610 -36.20 9.18 -22.19
N ARG A 611 -35.55 9.96 -21.32
CA ARG A 611 -34.10 10.14 -21.36
C ARG A 611 -33.39 9.14 -20.47
N GLU A 612 -33.90 8.96 -19.24
CA GLU A 612 -33.34 7.97 -18.35
C GLU A 612 -33.49 6.57 -18.95
N VAL A 613 -34.62 6.28 -19.57
CA VAL A 613 -34.85 4.95 -20.13
C VAL A 613 -33.87 4.67 -21.26
N VAL A 614 -33.67 5.62 -22.16
CA VAL A 614 -32.77 5.38 -23.28
C VAL A 614 -31.32 5.30 -22.80
N GLN A 615 -30.96 6.13 -21.81
CA GLN A 615 -29.61 6.03 -21.26
C GLN A 615 -29.37 4.67 -20.62
N SER A 616 -30.33 4.20 -19.83
CA SER A 616 -30.21 2.88 -19.21
C SER A 616 -30.20 1.77 -20.25
N GLU A 617 -30.95 1.90 -21.33
CA GLU A 617 -30.91 0.88 -22.37
C GLU A 617 -29.55 0.84 -23.06
N ILE A 618 -28.96 2.02 -23.32
CA ILE A 618 -27.62 2.05 -23.89
C ILE A 618 -26.64 1.38 -22.95
N GLN A 619 -26.74 1.67 -21.65
CA GLN A 619 -25.86 1.03 -20.68
C GLN A 619 -26.06 -0.49 -20.69
N ALA A 620 -27.31 -0.94 -20.70
CA ALA A 620 -27.59 -2.36 -20.67
C ALA A 620 -27.00 -3.06 -21.89
N ILE A 621 -27.17 -2.45 -23.07
CA ILE A 621 -26.57 -3.03 -24.27
C ILE A 621 -25.05 -3.06 -24.15
N ALA A 622 -24.47 -2.01 -23.57
CA ALA A 622 -23.02 -1.96 -23.41
C ALA A 622 -22.52 -3.12 -22.55
N GLU A 623 -23.09 -3.30 -21.36
CA GLU A 623 -22.64 -4.42 -20.53
C GLU A 623 -23.04 -5.76 -21.14
N GLN A 624 -24.07 -5.78 -21.98
CA GLN A 624 -24.39 -7.02 -22.68
C GLN A 624 -23.31 -7.41 -23.68
N LYS A 625 -22.76 -6.43 -24.39
CA LYS A 625 -21.70 -6.73 -25.36
C LYS A 625 -20.36 -6.91 -24.66
N PHE A 626 -19.92 -5.90 -23.91
CA PHE A 626 -18.67 -5.98 -23.17
C PHE A 626 -19.00 -6.17 -21.69
N PRO A 627 -18.71 -7.35 -21.11
CA PRO A 627 -19.15 -7.63 -19.74
C PRO A 627 -18.63 -6.65 -18.70
N GLY A 628 -17.30 -6.52 -18.61
CA GLY A 628 -16.72 -5.67 -17.58
C GLY A 628 -15.63 -4.75 -18.12
N TYR A 629 -15.34 -4.85 -19.41
CA TYR A 629 -14.30 -4.04 -20.04
C TYR A 629 -14.87 -2.64 -20.25
N ILE A 630 -14.57 -1.75 -19.29
CA ILE A 630 -15.20 -0.44 -19.27
C ILE A 630 -14.83 0.38 -20.49
N GLU A 631 -13.56 0.29 -20.92
CA GLU A 631 -13.13 1.03 -22.11
C GLU A 631 -13.95 0.61 -23.32
N GLY A 632 -14.10 -0.70 -23.51
CA GLY A 632 -14.91 -1.18 -24.62
C GLY A 632 -16.37 -0.80 -24.47
N GLN A 633 -16.87 -0.76 -23.24
CA GLN A 633 -18.25 -0.36 -23.01
C GLN A 633 -18.49 1.08 -23.44
N GLN A 634 -17.58 1.99 -23.04
CA GLN A 634 -17.71 3.38 -23.44
C GLN A 634 -17.56 3.54 -24.95
N LYS A 635 -16.60 2.83 -25.54
CA LYS A 635 -16.40 2.92 -26.98
C LYS A 635 -17.62 2.44 -27.74
N TYR A 636 -18.21 1.32 -27.29
CA TYR A 636 -19.39 0.80 -27.95
C TYR A 636 -20.59 1.70 -27.73
N ALA A 637 -20.69 2.34 -26.56
CA ALA A 637 -21.77 3.28 -26.34
C ALA A 637 -21.67 4.46 -27.31
N LYS A 638 -20.45 4.97 -27.51
CA LYS A 638 -20.25 6.05 -28.47
C LYS A 638 -20.62 5.60 -29.88
N GLN A 639 -20.14 4.42 -30.29
CA GLN A 639 -20.41 3.94 -31.63
C GLN A 639 -21.89 3.65 -31.84
N TYR A 640 -22.59 3.23 -30.78
CA TYR A 640 -24.01 2.97 -30.87
C TYR A 640 -24.80 4.26 -30.99
N ARG A 641 -24.47 5.26 -30.17
CA ARG A 641 -25.12 6.55 -30.30
C ARG A 641 -24.85 7.19 -31.66
N VAL A 642 -23.72 6.86 -32.27
CA VAL A 642 -23.45 7.34 -33.62
C VAL A 642 -24.49 6.79 -34.60
N ASN A 643 -24.76 5.49 -34.53
CA ASN A 643 -25.61 4.83 -35.52
C ASN A 643 -27.09 4.85 -35.13
N VAL A 644 -27.42 4.24 -33.99
CA VAL A 644 -28.82 4.13 -33.58
C VAL A 644 -29.20 5.39 -32.82
N HIS A 645 -29.70 6.39 -33.54
CA HIS A 645 -30.05 7.65 -32.91
C HIS A 645 -31.31 7.51 -32.07
N ARG A 646 -31.49 8.48 -31.18
CA ARG A 646 -32.69 8.51 -30.36
C ARG A 646 -33.93 8.67 -31.23
N TRP A 647 -34.96 7.89 -30.93
CA TRP A 647 -36.23 7.99 -31.63
C TRP A 647 -36.92 9.30 -31.23
N SER A 648 -38.08 9.58 -31.81
CA SER A 648 -38.86 10.76 -31.48
C SER A 648 -40.05 10.28 -30.66
N TYR A 649 -39.85 10.16 -29.35
CA TYR A 649 -40.85 9.61 -28.45
C TYR A 649 -41.91 10.62 -28.06
N GLY A 650 -41.99 11.75 -28.73
CA GLY A 650 -43.06 12.68 -28.45
C GLY A 650 -44.16 12.57 -29.49
N ARG A 651 -43.75 12.57 -30.76
CA ARG A 651 -44.70 12.39 -31.83
C ARG A 651 -45.37 11.04 -31.80
N LEU A 652 -44.67 9.98 -31.38
CA LEU A 652 -45.30 8.68 -31.23
C LEU A 652 -46.35 8.64 -30.14
N ILE A 653 -46.06 9.18 -28.95
CA ILE A 653 -47.02 9.16 -27.87
C ILE A 653 -48.21 10.03 -28.23
N GLN A 654 -47.96 11.13 -28.96
CA GLN A 654 -49.05 11.98 -29.39
C GLN A 654 -49.91 11.35 -30.47
N SER A 655 -49.30 10.69 -31.45
CA SER A 655 -50.06 10.01 -32.49
C SER A 655 -50.87 8.84 -31.94
N ILE A 656 -50.32 8.06 -31.02
CA ILE A 656 -51.11 7.03 -30.37
C ILE A 656 -52.26 7.63 -29.57
N GLN A 657 -52.03 8.74 -28.87
CA GLN A 657 -53.11 9.38 -28.15
C GLN A 657 -54.22 9.83 -29.08
N SER A 658 -53.86 10.38 -30.24
CA SER A 658 -54.87 10.78 -31.21
C SER A 658 -55.64 9.58 -31.76
N LYS A 659 -54.93 8.54 -32.19
CA LYS A 659 -55.60 7.41 -32.83
C LYS A 659 -56.49 6.65 -31.85
N ALA A 660 -56.00 6.39 -30.64
CA ALA A 660 -56.79 5.68 -29.66
C ALA A 660 -58.03 6.49 -29.27
N ALA A 661 -57.87 7.79 -29.08
CA ALA A 661 -59.02 8.63 -28.76
C ALA A 661 -60.03 8.62 -29.89
N GLN A 662 -59.57 8.63 -31.14
CA GLN A 662 -60.48 8.55 -32.26
C GLN A 662 -61.25 7.23 -32.26
N THR A 663 -60.56 6.12 -31.99
CA THR A 663 -61.24 4.83 -32.01
C THR A 663 -62.10 4.61 -30.77
N GLY A 664 -61.66 5.09 -29.62
CA GLY A 664 -62.44 4.94 -28.41
C GLY A 664 -61.71 4.27 -27.27
N ILE A 665 -60.44 3.91 -27.51
CA ILE A 665 -59.64 3.23 -26.50
C ILE A 665 -59.00 4.28 -25.60
N VAL A 666 -59.36 4.25 -24.31
CA VAL A 666 -58.74 5.16 -23.36
C VAL A 666 -57.27 4.78 -23.18
N ILE A 667 -56.46 5.78 -22.80
CA ILE A 667 -55.03 5.59 -22.61
C ILE A 667 -54.66 5.90 -21.18
N GLU A 668 -53.94 4.99 -20.54
CA GLU A 668 -53.37 5.18 -19.22
C GLU A 668 -51.85 5.21 -19.34
N GLU A 669 -51.19 5.63 -18.26
CA GLU A 669 -49.74 5.76 -18.27
C GLU A 669 -49.17 5.08 -17.05
N GLY A 670 -48.07 4.35 -17.23
CA GLY A 670 -47.43 3.65 -16.14
C GLY A 670 -45.97 4.03 -16.00
N LYS A 671 -45.13 3.07 -15.60
CA LYS A 671 -43.70 3.31 -15.42
C LYS A 671 -42.95 2.15 -16.06
N GLN A 672 -42.22 2.44 -17.12
CA GLN A 672 -41.51 1.39 -17.83
C GLN A 672 -40.39 0.84 -16.96
N PRO A 673 -40.27 -0.49 -16.84
CA PRO A 673 -39.19 -1.04 -16.02
C PRO A 673 -37.82 -0.72 -16.61
N ILE A 674 -36.83 -0.64 -15.72
CA ILE A 674 -35.50 -0.20 -16.12
C ILE A 674 -34.83 -1.22 -17.04
N ARG A 675 -34.90 -2.49 -16.66
CA ARG A 675 -34.20 -3.52 -17.43
C ARG A 675 -35.12 -4.68 -17.80
N GLY A 676 -34.55 -5.72 -18.38
CA GLY A 676 -35.30 -6.84 -18.92
C GLY A 676 -35.44 -6.78 -20.42
N SER A 677 -35.91 -7.88 -20.99
CA SER A 677 -36.12 -7.92 -22.42
C SER A 677 -37.27 -6.99 -22.81
N PRO A 678 -37.26 -6.49 -24.05
CA PRO A 678 -38.32 -5.55 -24.45
C PRO A 678 -39.72 -6.11 -24.28
N HIS A 679 -39.92 -7.39 -24.59
CA HIS A 679 -41.21 -8.01 -24.33
C HIS A 679 -41.54 -8.04 -22.84
N ASP A 680 -40.57 -8.40 -22.01
CA ASP A 680 -40.78 -8.37 -20.57
C ASP A 680 -41.02 -6.95 -20.06
N LYS A 681 -40.29 -5.97 -20.59
CA LYS A 681 -40.55 -4.59 -20.20
C LYS A 681 -41.97 -4.17 -20.55
N ALA A 682 -42.44 -4.53 -21.75
CA ALA A 682 -43.79 -4.19 -22.14
C ALA A 682 -44.82 -4.86 -21.23
N LYS A 683 -44.63 -6.16 -20.96
CA LYS A 683 -45.57 -6.86 -20.08
C LYS A 683 -45.61 -6.26 -18.70
N GLU A 684 -44.45 -5.97 -18.11
CA GLU A 684 -44.42 -5.39 -16.77
C GLU A 684 -44.96 -3.97 -16.73
N LEU A 685 -44.73 -3.18 -17.78
CA LEU A 685 -45.37 -1.87 -17.88
C LEU A 685 -46.88 -2.02 -17.87
N ALA A 686 -47.40 -2.94 -18.68
CA ALA A 686 -48.85 -3.12 -18.76
C ALA A 686 -49.41 -3.55 -17.41
N LEU A 687 -48.73 -4.47 -16.73
CA LEU A 687 -49.20 -4.89 -15.41
C LEU A 687 -49.12 -3.78 -14.37
N SER A 688 -48.04 -2.98 -14.40
CA SER A 688 -47.92 -1.88 -13.45
C SER A 688 -49.04 -0.87 -13.65
N ALA A 689 -49.42 -0.64 -14.90
CA ALA A 689 -50.54 0.27 -15.17
C ALA A 689 -51.81 -0.21 -14.48
N TYR A 690 -52.13 -1.49 -14.60
CA TYR A 690 -53.32 -2.03 -13.96
C TYR A 690 -53.19 -1.96 -12.44
N ASN A 691 -52.00 -2.25 -11.91
CA ASN A 691 -51.80 -2.20 -10.47
C ASN A 691 -52.06 -0.80 -9.93
N LEU A 692 -51.57 0.22 -10.63
CA LEU A 692 -51.86 1.61 -10.24
C LEU A 692 -53.31 1.98 -10.47
N ARG A 693 -53.97 1.40 -11.47
CA ARG A 693 -55.39 1.65 -11.69
C ARG A 693 -56.22 1.12 -10.53
N LEU A 694 -55.77 0.02 -9.93
CA LEU A 694 -56.47 -0.56 -8.79
C LEU A 694 -56.63 0.44 -7.67
N THR A 695 -55.68 1.37 -7.55
CA THR A 695 -55.78 2.44 -6.58
C THR A 695 -56.96 3.35 -6.88
N ASP E 17 64.78 -32.59 -16.55
CA ASP E 17 63.72 -31.71 -17.00
C ASP E 17 62.64 -31.59 -15.93
N ASP E 18 62.31 -32.73 -15.28
CA ASP E 18 61.47 -32.67 -14.10
C ASP E 18 62.15 -31.86 -13.01
N GLU E 19 63.48 -31.96 -12.92
CA GLU E 19 64.26 -31.05 -12.10
C GLU E 19 63.99 -29.60 -12.53
N TRP E 20 64.06 -29.36 -13.84
CA TRP E 20 63.72 -28.05 -14.39
C TRP E 20 62.27 -27.68 -14.07
N LEU E 21 61.37 -28.66 -14.09
CA LEU E 21 59.97 -28.36 -13.77
C LEU E 21 59.82 -27.94 -12.32
N GLN E 22 60.56 -28.58 -11.42
CA GLN E 22 60.54 -28.15 -10.03
C GLN E 22 61.10 -26.74 -9.89
N ALA E 23 62.15 -26.44 -10.64
CA ALA E 23 62.68 -25.08 -10.66
C ALA E 23 61.60 -24.09 -11.10
N GLU E 24 60.86 -24.47 -12.16
CA GLU E 24 59.85 -23.54 -12.72
C GLU E 24 58.71 -23.23 -11.76
N ILE E 25 58.12 -24.26 -11.15
CA ILE E 25 56.96 -24.05 -10.23
C ILE E 25 57.43 -23.27 -8.99
N ALA E 26 58.65 -23.55 -8.53
CA ALA E 26 59.19 -22.87 -7.31
C ALA E 26 59.43 -21.41 -7.69
N ARG E 27 59.98 -21.14 -8.89
CA ARG E 27 60.29 -19.78 -9.27
C ARG E 27 59.00 -18.99 -9.50
N LEU E 28 58.00 -19.63 -10.11
CA LEU E 28 56.72 -18.96 -10.32
C LEU E 28 55.99 -18.78 -9.00
N LYS E 29 56.15 -19.74 -8.09
CA LYS E 29 55.54 -19.63 -6.77
C LYS E 29 55.99 -18.36 -6.04
N GLY E 30 57.31 -18.15 -5.94
CA GLY E 30 57.81 -16.95 -5.30
C GLY E 30 57.57 -15.71 -6.16
N LYS E 31 57.36 -14.60 -5.45
CA LYS E 31 57.02 -13.35 -6.15
C LYS E 31 58.27 -12.53 -6.48
N SER E 32 58.13 -11.58 -7.40
CA SER E 32 59.22 -10.74 -7.84
C SER E 32 58.79 -9.29 -7.66
N ILE E 33 59.69 -8.36 -7.96
CA ILE E 33 59.38 -6.93 -7.90
C ILE E 33 59.66 -6.34 -9.27
N VAL E 34 58.62 -6.21 -10.09
CA VAL E 34 58.78 -5.63 -11.41
C VAL E 34 58.58 -4.13 -11.30
N PRO E 35 59.59 -3.34 -11.61
CA PRO E 35 59.51 -1.89 -11.34
C PRO E 35 58.66 -1.15 -12.34
N LEU E 36 57.56 -0.55 -11.89
CA LEU E 36 56.69 0.23 -12.75
C LEU E 36 56.41 1.58 -12.12
N GLN E 37 55.66 2.40 -12.85
CA GLN E 37 55.55 3.82 -12.53
C GLN E 37 55.04 4.04 -11.12
N GLN E 38 54.22 3.12 -10.61
CA GLN E 38 53.63 3.32 -9.29
C GLN E 38 54.70 3.38 -8.21
N VAL E 39 55.59 2.38 -8.17
CA VAL E 39 56.59 2.32 -7.10
C VAL E 39 57.59 3.46 -7.26
N LYS E 40 57.82 3.89 -8.49
CA LYS E 40 58.76 4.98 -8.69
C LYS E 40 58.20 6.29 -8.17
N THR E 41 56.91 6.54 -8.44
CA THR E 41 56.27 7.71 -7.89
C THR E 41 56.26 7.66 -6.37
N LEU E 42 55.99 6.47 -5.81
CA LEU E 42 55.99 6.34 -4.36
C LEU E 42 57.34 6.64 -3.74
N HIS E 43 58.40 6.11 -4.35
CA HIS E 43 59.78 6.34 -3.81
C HIS E 43 60.09 7.83 -3.88
N ASP E 44 59.77 8.49 -4.99
CA ASP E 44 60.06 9.90 -5.13
C ASP E 44 59.30 10.66 -4.04
N TRP E 45 58.03 10.34 -3.88
CA TRP E 45 57.22 10.98 -2.85
C TRP E 45 57.81 10.76 -1.46
N LEU E 46 58.22 9.53 -1.16
CA LEU E 46 58.72 9.23 0.17
C LEU E 46 60.07 9.88 0.40
N ASP E 47 60.90 9.97 -0.63
CA ASP E 47 62.14 10.72 -0.49
C ASP E 47 61.84 12.18 -0.17
N GLY E 48 60.88 12.78 -0.88
CA GLY E 48 60.52 14.14 -0.58
C GLY E 48 60.05 14.33 0.84
N LYS E 49 59.21 13.41 1.34
CA LYS E 49 58.77 13.50 2.71
C LYS E 49 59.90 13.28 3.71
N ARG E 50 60.84 12.39 3.40
CA ARG E 50 61.85 12.03 4.37
C ARG E 50 62.92 13.11 4.48
N LYS E 51 63.23 13.78 3.37
CA LYS E 51 64.15 14.91 3.45
C LYS E 51 63.59 16.01 4.32
N ALA E 52 62.27 16.08 4.43
CA ALA E 52 61.60 17.12 5.19
C ALA E 52 61.06 16.65 6.52
N ARG E 53 61.36 15.39 6.90
CA ARG E 53 60.80 14.81 8.17
C ARG E 53 59.31 15.12 8.21
N LYS E 54 58.58 14.74 7.15
CA LYS E 54 57.18 15.04 6.99
C LYS E 54 56.40 13.74 7.08
N SER E 55 55.38 13.73 7.93
CA SER E 55 54.57 12.53 8.14
C SER E 55 53.40 12.59 7.16
N CYS E 56 53.29 11.60 6.29
CA CYS E 56 52.20 11.53 5.34
C CYS E 56 51.46 10.23 5.57
N ARG E 57 50.42 9.98 4.77
CA ARG E 57 49.75 8.69 4.81
C ARG E 57 49.52 8.32 3.37
N VAL E 58 49.98 7.15 2.96
CA VAL E 58 49.95 6.81 1.54
C VAL E 58 48.83 5.81 1.44
N VAL E 59 47.64 6.29 1.09
CA VAL E 59 46.45 5.45 1.11
C VAL E 59 46.29 4.89 -0.31
N GLY E 60 45.43 3.90 -0.42
CA GLY E 60 45.17 3.29 -1.70
C GLY E 60 44.15 2.20 -1.58
N GLU E 61 43.93 1.50 -2.68
CA GLU E 61 42.96 0.42 -2.69
C GLU E 61 43.60 -0.83 -2.12
N SER E 62 42.86 -1.92 -2.14
CA SER E 62 43.34 -3.18 -1.59
C SER E 62 43.68 -4.00 -2.82
N ARG E 63 44.68 -4.91 -2.70
CA ARG E 63 45.18 -5.75 -3.83
C ARG E 63 45.72 -4.86 -4.95
N THR E 64 46.50 -3.85 -4.60
CA THR E 64 47.03 -2.87 -5.52
C THR E 64 48.51 -2.53 -5.59
N GLY E 65 49.34 -3.05 -4.69
CA GLY E 65 50.77 -2.86 -4.80
C GLY E 65 51.35 -1.85 -3.84
N LYS E 66 50.78 -1.75 -2.64
CA LYS E 66 51.29 -0.81 -1.66
C LYS E 66 52.39 -1.40 -0.81
N THR E 67 52.13 -2.58 -0.24
CA THR E 67 53.12 -3.22 0.62
C THR E 67 54.40 -3.51 -0.12
N VAL E 68 54.28 -3.96 -1.37
CA VAL E 68 55.47 -4.28 -2.16
C VAL E 68 56.28 -3.02 -2.42
N ALA E 69 55.59 -1.91 -2.72
CA ALA E 69 56.31 -0.68 -2.99
C ALA E 69 57.02 -0.16 -1.73
N CYS E 70 56.35 -0.22 -0.59
CA CYS E 70 56.99 0.19 0.65
C CYS E 70 58.17 -0.71 0.97
N ASP E 71 58.06 -2.01 0.69
CA ASP E 71 59.18 -2.92 0.91
C ASP E 71 60.35 -2.57 0.01
N ALA E 72 60.07 -2.31 -1.28
CA ALA E 72 61.14 -1.92 -2.18
C ALA E 72 61.83 -0.65 -1.70
N TYR E 73 61.05 0.31 -1.20
CA TYR E 73 61.67 1.52 -0.66
C TYR E 73 62.51 1.19 0.55
N ARG E 74 62.07 0.22 1.35
CA ARG E 74 62.84 -0.18 2.56
C ARG E 74 64.18 -0.80 2.12
N TYR E 75 64.19 -1.58 1.03
CA TYR E 75 65.41 -2.25 0.61
C TYR E 75 66.53 -1.49 -0.09
N ARG E 76 66.13 -0.53 -0.95
CA ARG E 76 67.15 0.30 -1.67
C ARG E 76 68.00 1.04 -0.60
N HIS E 77 67.32 1.59 0.40
CA HIS E 77 68.09 2.01 1.63
C HIS E 77 68.36 0.95 2.75
N LYS E 78 69.12 -0.08 2.39
CA LYS E 78 69.49 -1.09 3.42
C LYS E 78 70.49 -0.41 4.36
N PRO E 79 70.35 -0.53 5.70
CA PRO E 79 71.23 0.23 6.60
C PRO E 79 72.71 -0.08 6.41
N GLN E 80 73.53 0.95 6.30
CA GLN E 80 75.00 0.76 6.18
C GLN E 80 75.54 0.99 7.59
N GLN E 81 75.97 -0.08 8.27
CA GLN E 81 76.35 0.12 9.69
C GLN E 81 77.81 0.54 9.82
N GLU E 82 78.10 1.47 10.73
CA GLU E 82 79.51 1.74 11.04
C GLU E 82 80.13 0.42 11.51
N ALA E 83 81.44 0.29 11.30
CA ALA E 83 82.21 -0.89 11.71
C ALA E 83 81.89 -1.49 13.07
N GLY E 84 81.69 -0.65 14.07
CA GLY E 84 81.36 -1.12 15.40
C GLY E 84 80.21 -0.42 16.10
N ARG E 85 79.50 0.46 15.43
CA ARG E 85 78.44 1.20 16.10
C ARG E 85 77.07 0.69 15.67
N PRO E 86 76.01 1.04 16.40
CA PRO E 86 74.66 0.65 15.98
C PRO E 86 74.39 1.07 14.55
N PRO E 87 73.74 0.22 13.77
CA PRO E 87 73.53 0.52 12.35
C PRO E 87 72.54 1.67 12.18
N THR E 88 72.92 2.65 11.38
CA THR E 88 72.03 3.76 11.09
C THR E 88 70.97 3.28 10.12
N VAL E 89 69.81 2.91 10.65
CA VAL E 89 68.69 2.44 9.84
C VAL E 89 67.84 3.65 9.44
N PRO E 90 67.97 4.16 8.21
CA PRO E 90 67.22 5.37 7.87
C PRO E 90 65.72 5.16 7.80
N VAL E 91 65.27 4.04 7.25
CA VAL E 91 63.85 3.77 7.07
C VAL E 91 63.51 2.52 7.86
N VAL E 92 62.45 2.59 8.66
CA VAL E 92 61.97 1.46 9.46
C VAL E 92 60.57 1.13 9.00
N TYR E 93 60.35 -0.12 8.63
CA TYR E 93 59.06 -0.59 8.14
C TYR E 93 58.53 -1.66 9.07
N ILE E 94 57.31 -1.47 9.56
CA ILE E 94 56.67 -2.42 10.44
C ILE E 94 55.25 -2.41 9.92
N ARG E 95 54.60 -3.58 10.05
CA ARG E 95 53.17 -3.74 9.70
C ARG E 95 52.54 -4.41 10.92
N PRO E 96 52.03 -3.66 11.92
CA PRO E 96 51.53 -4.23 13.17
C PRO E 96 50.47 -5.33 13.08
N HIS E 97 50.36 -6.17 14.13
CA HIS E 97 49.31 -7.17 14.15
C HIS E 97 47.97 -6.57 14.54
N GLN E 98 46.93 -7.39 14.46
CA GLN E 98 45.58 -6.90 14.71
C GLN E 98 45.44 -6.32 16.11
N LYS E 99 44.84 -5.13 16.18
CA LYS E 99 44.71 -4.36 17.42
C LYS E 99 46.04 -4.30 18.14
N CYS E 100 47.01 -3.67 17.48
CA CYS E 100 48.33 -3.46 18.05
C CYS E 100 48.22 -2.41 19.15
N GLY E 101 48.46 -2.81 20.39
CA GLY E 101 48.52 -1.87 21.47
C GLY E 101 49.83 -1.12 21.48
N PRO E 102 49.95 -0.16 22.40
CA PRO E 102 51.20 0.61 22.47
C PRO E 102 52.41 -0.24 22.79
N LYS E 103 52.24 -1.25 23.64
CA LYS E 103 53.36 -2.14 23.93
C LYS E 103 53.78 -2.90 22.69
N ASP E 104 52.81 -3.38 21.91
CA ASP E 104 53.12 -4.23 20.78
C ASP E 104 53.84 -3.45 19.68
N LEU E 105 53.40 -2.20 19.46
CA LEU E 105 54.08 -1.36 18.48
C LEU E 105 55.53 -1.14 18.84
N PHE E 106 55.81 -0.89 20.12
CA PHE E 106 57.18 -0.70 20.54
C PHE E 106 57.98 -1.99 20.38
N LYS E 107 57.36 -3.13 20.69
CA LYS E 107 58.06 -4.38 20.47
C LYS E 107 58.45 -4.53 19.01
N LYS E 108 57.51 -4.25 18.10
CA LYS E 108 57.82 -4.39 16.68
C LYS E 108 58.90 -3.42 16.23
N ILE E 109 58.82 -2.17 16.69
CA ILE E 109 59.81 -1.18 16.30
C ILE E 109 61.20 -1.60 16.76
N THR E 110 61.34 -1.87 18.05
CA THR E 110 62.66 -2.20 18.57
C THR E 110 63.12 -3.57 18.11
N GLU E 111 62.20 -4.40 17.61
CA GLU E 111 62.59 -5.66 17.01
C GLU E 111 63.21 -5.42 15.63
N TYR E 112 62.54 -4.60 14.81
CA TYR E 112 63.07 -4.33 13.48
C TYR E 112 64.46 -3.71 13.56
N LEU E 113 64.71 -2.93 14.60
CA LEU E 113 66.05 -2.37 14.78
C LEU E 113 67.02 -3.39 15.35
N LYS E 114 66.57 -4.63 15.58
CA LYS E 114 67.42 -5.73 16.03
C LYS E 114 67.97 -5.46 17.42
N TYR E 115 67.10 -5.01 18.33
CA TYR E 115 67.39 -4.94 19.75
C TYR E 115 66.35 -5.80 20.43
N ARG E 116 66.76 -6.91 21.03
CA ARG E 116 65.77 -7.75 21.68
C ARG E 116 65.22 -7.06 22.91
N VAL E 117 63.94 -7.31 23.19
CA VAL E 117 63.23 -6.59 24.23
C VAL E 117 63.61 -7.18 25.58
N THR E 118 63.81 -6.31 26.56
CA THR E 118 63.94 -6.75 27.95
C THR E 118 62.58 -6.58 28.63
N LYS E 119 62.12 -7.63 29.30
CA LYS E 119 60.75 -7.64 29.82
C LYS E 119 60.52 -6.48 30.77
N GLY E 120 59.43 -5.75 30.56
CA GLY E 120 59.14 -4.61 31.39
C GLY E 120 57.74 -4.08 31.18
N THR E 121 57.50 -2.92 31.76
CA THR E 121 56.22 -2.23 31.71
C THR E 121 56.15 -1.36 30.46
N VAL E 122 54.92 -1.00 30.07
CA VAL E 122 54.71 -0.24 28.84
C VAL E 122 55.61 0.98 28.80
N SER E 123 55.79 1.65 29.93
CA SER E 123 56.67 2.82 30.00
C SER E 123 58.10 2.45 29.68
N ASP E 124 58.57 1.32 30.18
CA ASP E 124 59.95 0.91 29.94
C ASP E 124 60.17 0.65 28.46
N PHE E 125 59.20 -0.01 27.82
CA PHE E 125 59.27 -0.24 26.38
C PHE E 125 59.30 1.08 25.64
N ARG E 126 58.47 2.03 26.04
CA ARG E 126 58.47 3.34 25.38
C ARG E 126 59.83 4.01 25.49
N ASP E 127 60.39 4.02 26.70
CA ASP E 127 61.68 4.66 26.91
C ASP E 127 62.78 4.00 26.08
N ARG E 128 62.83 2.67 26.08
CA ARG E 128 63.85 1.98 25.30
C ARG E 128 63.64 2.21 23.81
N THR E 129 62.40 2.26 23.36
CA THR E 129 62.14 2.47 21.95
C THR E 129 62.63 3.84 21.51
N ILE E 130 62.35 4.86 22.32
CA ILE E 130 62.84 6.23 22.00
C ILE E 130 64.38 6.20 21.96
N GLU E 131 64.99 5.51 22.92
CA GLU E 131 66.48 5.49 23.02
C GLU E 131 67.11 4.84 21.78
N VAL E 132 66.56 3.71 21.30
CA VAL E 132 67.18 3.00 20.15
C VAL E 132 66.73 3.66 18.85
N LEU E 133 65.63 4.41 18.91
CA LEU E 133 65.11 5.08 17.73
C LEU E 133 65.89 6.35 17.45
N LYS E 134 66.38 7.01 18.49
CA LYS E 134 67.30 8.13 18.27
C LYS E 134 68.70 7.62 18.02
N GLY E 135 69.03 6.44 18.53
CA GLY E 135 70.38 5.91 18.35
C GLY E 135 70.65 5.47 16.93
N CYS E 136 69.72 4.73 16.34
CA CYS E 136 69.88 4.22 14.99
C CYS E 136 69.58 5.27 13.94
N GLY E 137 69.44 6.53 14.33
CA GLY E 137 69.22 7.61 13.39
C GLY E 137 68.09 7.38 12.41
N VAL E 138 66.99 6.82 12.89
CA VAL E 138 65.85 6.53 12.02
C VAL E 138 65.31 7.83 11.46
N GLU E 139 65.02 7.83 10.17
CA GLU E 139 64.45 8.99 9.51
C GLU E 139 62.99 8.84 9.15
N MET E 140 62.52 7.62 8.88
CA MET E 140 61.16 7.39 8.44
C MET E 140 60.66 6.09 9.03
N LEU E 141 59.42 6.10 9.51
CA LEU E 141 58.80 4.95 10.14
C LEU E 141 57.54 4.61 9.35
N ILE E 142 57.65 3.63 8.46
CA ILE E 142 56.50 3.24 7.58
C ILE E 142 55.64 2.20 8.31
N ILE E 143 54.48 2.63 8.81
CA ILE E 143 53.54 1.67 9.49
C ILE E 143 52.60 1.10 8.43
N ASP E 144 52.90 -0.08 7.88
CA ASP E 144 52.01 -0.70 6.92
C ASP E 144 50.80 -1.29 7.62
N GLU E 145 49.68 -1.32 6.90
CA GLU E 145 48.41 -1.76 7.46
C GLU E 145 48.12 -1.02 8.76
N ALA E 146 48.18 0.30 8.69
CA ALA E 146 48.04 1.15 9.84
C ALA E 146 46.59 1.41 10.20
N ASP E 147 45.65 0.62 9.69
CA ASP E 147 44.30 0.65 10.22
C ASP E 147 44.10 -0.38 11.32
N ARG E 148 45.13 -1.17 11.63
CA ARG E 148 45.00 -2.19 12.64
C ARG E 148 45.20 -1.65 14.04
N LEU E 149 46.21 -0.82 14.25
CA LEU E 149 46.59 -0.41 15.58
C LEU E 149 45.48 0.43 16.23
N LYS E 150 45.34 0.27 17.54
CA LYS E 150 44.22 0.79 18.30
C LYS E 150 44.30 2.30 18.37
N PRO E 151 43.18 2.97 18.66
CA PRO E 151 43.21 4.44 18.75
C PRO E 151 44.14 4.95 19.83
N GLU E 152 44.39 4.15 20.86
CA GLU E 152 45.21 4.62 21.98
C GLU E 152 46.70 4.49 21.72
N THR E 153 47.10 4.03 20.52
CA THR E 153 48.51 4.03 20.14
C THR E 153 48.82 5.05 19.06
N PHE E 154 47.80 5.64 18.44
CA PHE E 154 48.05 6.81 17.62
C PHE E 154 48.63 7.94 18.44
N ALA E 155 48.30 7.98 19.73
CA ALA E 155 48.95 8.94 20.60
C ALA E 155 50.45 8.71 20.65
N ASP E 156 50.88 7.46 20.70
CA ASP E 156 52.31 7.21 20.80
C ASP E 156 53.01 7.44 19.46
N VAL E 157 52.33 7.14 18.35
CA VAL E 157 52.97 7.41 17.07
C VAL E 157 52.99 8.92 16.88
N ARG E 158 51.98 9.60 17.41
CA ARG E 158 51.99 11.08 17.34
C ARG E 158 53.21 11.51 18.16
N ASP E 159 53.39 10.96 19.37
CA ASP E 159 54.51 11.32 20.21
C ASP E 159 55.87 11.14 19.55
N ILE E 160 56.08 10.00 18.90
CA ILE E 160 57.29 9.72 18.16
C ILE E 160 57.54 10.80 17.12
N ALA E 161 56.55 11.03 16.27
CA ALA E 161 56.70 12.00 15.19
C ALA E 161 56.87 13.34 15.89
N GLU E 162 56.12 13.56 16.97
CA GLU E 162 56.21 14.82 17.68
C GLU E 162 57.62 15.20 18.25
N ASP E 163 58.26 14.22 18.90
CA ASP E 163 59.55 14.54 19.57
C ASP E 163 60.80 14.17 18.76
N LEU E 164 60.83 13.04 18.03
CA LEU E 164 62.07 12.62 17.40
C LEU E 164 62.28 13.23 16.02
N GLY E 165 61.27 13.95 15.54
CA GLY E 165 61.34 14.49 14.17
C GLY E 165 61.50 13.33 13.21
N ILE E 166 60.55 12.39 13.23
CA ILE E 166 60.63 11.19 12.35
C ILE E 166 59.40 11.19 11.44
N ALA E 167 59.60 11.04 10.13
CA ALA E 167 58.48 11.07 9.20
C ALA E 167 57.74 9.74 9.30
N VAL E 168 56.56 9.75 9.91
CA VAL E 168 55.76 8.55 10.06
C VAL E 168 54.81 8.47 8.87
N VAL E 169 54.91 7.38 8.11
CA VAL E 169 54.09 7.19 6.92
C VAL E 169 53.13 6.04 7.20
N LEU E 170 51.85 6.37 7.38
CA LEU E 170 50.84 5.35 7.62
C LEU E 170 50.34 4.82 6.30
N VAL E 171 50.50 3.53 6.05
CA VAL E 171 49.97 2.88 4.86
C VAL E 171 48.69 2.19 5.24
N GLY E 172 47.73 2.09 4.31
CA GLY E 172 46.52 1.31 4.65
C GLY E 172 45.43 1.37 3.61
N THR E 173 44.43 0.50 3.74
CA THR E 173 43.27 0.51 2.80
C THR E 173 42.55 1.83 3.12
N ASP E 174 41.54 2.18 2.32
CA ASP E 174 40.76 3.43 2.57
C ASP E 174 40.16 3.40 4.00
N ARG E 175 40.06 2.21 4.60
CA ARG E 175 39.46 2.11 5.93
C ARG E 175 40.32 2.90 6.89
N LEU E 176 41.64 2.94 6.64
CA LEU E 176 42.53 3.79 7.43
C LEU E 176 42.14 5.24 7.54
N ASP E 177 41.62 5.81 6.46
CA ASP E 177 41.18 7.20 6.49
C ASP E 177 40.04 7.46 7.47
N ALA E 178 39.05 6.57 7.47
CA ALA E 178 37.96 6.70 8.43
C ALA E 178 38.55 6.43 9.81
N VAL E 179 39.52 5.52 9.91
CA VAL E 179 40.10 5.20 11.20
C VAL E 179 40.77 6.45 11.79
N ILE E 180 41.46 7.23 10.96
CA ILE E 180 42.04 8.46 11.47
C ILE E 180 41.00 9.56 11.54
N LYS E 181 39.97 9.52 10.70
CA LYS E 181 38.93 10.54 10.78
C LYS E 181 38.14 10.75 12.06
N ARG E 182 37.78 9.65 12.74
CA ARG E 182 37.12 9.80 14.04
C ARG E 182 38.00 10.29 15.25
N ASP E 183 39.31 10.17 15.00
CA ASP E 183 40.28 10.72 15.97
C ASP E 183 40.52 12.13 15.45
N GLU E 184 41.11 13.00 16.26
CA GLU E 184 41.29 14.39 15.86
C GLU E 184 42.61 14.96 15.38
N GLN E 185 43.74 14.54 15.97
CA GLN E 185 44.99 15.21 15.65
C GLN E 185 45.65 14.32 14.60
N VAL E 186 45.41 13.03 14.69
CA VAL E 186 46.03 12.08 13.77
C VAL E 186 45.58 12.54 12.40
N LEU E 187 44.29 12.84 12.26
CA LEU E 187 43.81 13.40 11.01
C LEU E 187 44.45 14.70 10.56
N GLU E 188 44.72 15.58 11.52
CA GLU E 188 45.42 16.86 11.21
C GLU E 188 46.94 16.65 10.85
N ARG E 189 47.64 15.94 11.73
CA ARG E 189 49.06 15.56 11.49
C ARG E 189 49.39 14.74 10.25
N PHE E 190 48.53 13.77 9.91
CA PHE E 190 48.76 12.91 8.73
C PHE E 190 47.75 13.31 7.65
N ARG E 191 48.04 14.39 6.93
CA ARG E 191 47.14 14.89 5.91
C ARG E 191 47.71 14.93 4.51
N ALA E 192 49.03 14.91 4.35
CA ALA E 192 49.60 14.73 3.03
C ALA E 192 49.42 13.28 2.64
N HIS E 193 48.96 13.02 1.42
CA HIS E 193 48.64 11.66 1.05
C HIS E 193 48.96 11.41 -0.40
N LEU E 194 48.95 10.12 -0.76
CA LEU E 194 49.30 9.69 -2.11
C LEU E 194 48.47 8.45 -2.42
N ARG E 195 47.39 8.64 -3.21
CA ARG E 195 46.47 7.53 -3.52
C ARG E 195 47.13 6.55 -4.50
N PHE E 196 47.00 5.25 -4.29
CA PHE E 196 47.55 4.30 -5.29
C PHE E 196 46.72 4.34 -6.58
N GLY E 197 47.38 4.34 -7.74
CA GLY E 197 46.68 4.48 -9.03
C GLY E 197 45.98 3.15 -9.23
N LYS E 198 44.91 3.14 -10.05
CA LYS E 198 44.22 1.88 -10.43
C LYS E 198 45.00 1.28 -11.59
N LEU E 199 45.72 2.11 -12.38
CA LEU E 199 46.63 1.68 -13.49
C LEU E 199 45.91 1.40 -14.82
N SER E 200 44.58 1.53 -14.88
CA SER E 200 43.85 1.14 -16.13
C SER E 200 44.19 2.03 -17.34
N GLY E 201 44.27 1.46 -18.55
CA GLY E 201 44.52 2.22 -19.78
C GLY E 201 45.71 1.68 -20.57
N GLU E 202 46.32 2.50 -21.44
CA GLU E 202 47.56 2.05 -22.13
C GLU E 202 48.67 1.62 -21.17
N ASP E 203 48.89 2.38 -20.10
CA ASP E 203 49.89 1.99 -19.07
C ASP E 203 49.62 0.57 -18.52
N PHE E 204 48.34 0.16 -18.54
CA PHE E 204 47.99 -1.18 -17.98
C PHE E 204 48.50 -2.12 -19.07
N LYS E 205 48.29 -1.77 -20.35
CA LYS E 205 48.73 -2.63 -21.48
C LYS E 205 50.24 -2.87 -21.37
N ASN E 206 51.02 -1.80 -21.15
CA ASN E 206 52.48 -1.97 -20.92
C ASN E 206 52.77 -2.96 -19.79
N THR E 207 52.19 -2.72 -18.60
CA THR E 207 52.38 -3.59 -17.47
C THR E 207 52.17 -5.04 -17.87
N VAL E 208 51.12 -5.30 -18.66
CA VAL E 208 50.79 -6.68 -19.02
C VAL E 208 52.03 -7.24 -19.69
N GLU E 209 52.50 -6.59 -20.76
CA GLU E 209 53.69 -7.15 -21.42
C GLU E 209 54.96 -7.19 -20.53
N MET E 210 55.11 -6.12 -19.73
CA MET E 210 56.15 -6.17 -18.71
C MET E 210 56.17 -7.34 -17.74
N TRP E 211 55.02 -7.96 -17.52
CA TRP E 211 54.96 -9.15 -16.68
C TRP E 211 55.42 -10.39 -17.44
N GLU E 212 55.18 -10.42 -18.75
CA GLU E 212 55.61 -11.52 -19.60
C GLU E 212 57.11 -11.69 -19.56
N GLN E 213 57.85 -10.59 -19.70
CA GLN E 213 59.29 -10.70 -19.87
C GLN E 213 59.98 -10.79 -18.51
N MET E 214 59.59 -9.90 -17.59
CA MET E 214 60.28 -9.77 -16.33
C MET E 214 60.02 -10.96 -15.42
N VAL E 215 58.76 -11.26 -15.15
CA VAL E 215 58.37 -12.18 -14.09
C VAL E 215 58.09 -13.58 -14.63
N LEU E 216 57.42 -13.67 -15.78
CA LEU E 216 57.04 -15.00 -16.33
C LEU E 216 58.30 -15.73 -16.82
N LYS E 217 59.28 -15.02 -17.39
CA LYS E 217 60.59 -15.62 -17.76
C LYS E 217 60.47 -16.90 -18.61
N LEU E 218 59.68 -16.89 -19.69
CA LEU E 218 59.48 -18.13 -20.49
C LEU E 218 60.20 -18.03 -21.85
N PRO E 219 60.53 -19.12 -22.62
CA PRO E 219 61.10 -18.91 -23.96
C PRO E 219 60.06 -18.08 -24.73
N VAL E 220 60.50 -17.13 -25.55
CA VAL E 220 59.52 -16.23 -26.21
C VAL E 220 58.53 -17.08 -27.00
N SER E 221 57.23 -16.87 -26.79
CA SER E 221 56.18 -17.68 -27.48
C SER E 221 55.47 -16.80 -28.50
N SER E 222 55.93 -15.56 -28.69
CA SER E 222 55.27 -14.60 -29.62
C SER E 222 53.81 -14.39 -29.20
N ASN E 223 53.52 -14.53 -27.91
CA ASN E 223 52.15 -14.27 -27.41
C ASN E 223 51.91 -12.76 -27.58
N LEU E 224 52.74 -11.93 -26.95
CA LEU E 224 52.69 -10.45 -27.10
C LEU E 224 51.43 -9.85 -26.47
N LYS E 225 50.70 -10.63 -25.65
CA LYS E 225 49.52 -10.09 -24.92
C LYS E 225 48.61 -9.34 -25.89
N SER E 226 48.15 -10.01 -26.96
CA SER E 226 47.33 -9.35 -28.02
C SER E 226 45.97 -8.88 -27.48
N LYS E 227 45.32 -7.94 -28.17
CA LYS E 227 44.02 -7.36 -27.71
C LYS E 227 43.09 -8.43 -27.11
N GLU E 228 43.07 -9.66 -27.64
CA GLU E 228 42.27 -10.74 -27.02
C GLU E 228 42.72 -10.98 -25.57
N MET E 229 44.01 -11.24 -25.33
CA MET E 229 44.46 -11.58 -23.98
C MET E 229 44.28 -10.32 -23.16
N LEU E 230 44.40 -9.15 -23.79
CA LEU E 230 44.24 -7.91 -23.06
C LEU E 230 42.79 -7.71 -22.64
N ARG E 231 41.85 -8.01 -23.53
CA ARG E 231 40.44 -7.95 -23.15
C ARG E 231 40.17 -8.91 -22.01
N ILE E 232 40.72 -10.13 -22.10
CA ILE E 232 40.54 -11.10 -21.02
C ILE E 232 41.06 -10.54 -19.71
N LEU E 233 42.27 -9.97 -19.73
CA LEU E 233 42.88 -9.54 -18.49
C LEU E 233 42.26 -8.27 -17.94
N THR E 234 41.82 -7.37 -18.82
CA THR E 234 41.11 -6.18 -18.36
C THR E 234 39.78 -6.69 -17.83
N SER E 235 39.20 -7.67 -18.51
CA SER E 235 37.95 -8.24 -18.03
C SER E 235 38.09 -8.91 -16.64
N ALA E 236 39.20 -9.61 -16.45
CA ALA E 236 39.40 -10.33 -15.21
C ALA E 236 40.00 -9.61 -14.02
N THR E 237 41.13 -8.93 -14.23
CA THR E 237 41.88 -8.32 -13.14
C THR E 237 41.27 -7.02 -12.65
N GLU E 238 40.56 -6.28 -13.50
CA GLU E 238 40.06 -4.94 -13.20
C GLU E 238 41.18 -3.97 -12.84
N GLY E 239 42.42 -4.26 -13.21
CA GLY E 239 43.51 -3.34 -13.01
C GLY E 239 44.36 -3.62 -11.79
N TYR E 240 43.84 -4.35 -10.83
CA TYR E 240 44.62 -4.67 -9.64
C TYR E 240 45.87 -5.43 -10.01
N ILE E 241 47.03 -4.88 -9.64
CA ILE E 241 48.28 -5.59 -9.84
C ILE E 241 48.23 -6.95 -9.17
N GLY E 242 47.67 -6.98 -7.96
CA GLY E 242 47.58 -8.25 -7.21
C GLY E 242 46.94 -9.31 -8.06
N ARG E 243 45.87 -8.95 -8.78
CA ARG E 243 45.12 -9.95 -9.59
C ARG E 243 45.88 -10.30 -10.87
N LEU E 244 46.70 -9.39 -11.42
CA LEU E 244 47.36 -9.66 -12.70
C LEU E 244 48.34 -10.69 -12.30
N ASP E 245 48.98 -10.42 -11.20
CA ASP E 245 50.03 -11.36 -10.82
C ASP E 245 49.45 -12.72 -10.50
N GLU E 246 48.38 -12.75 -9.70
CA GLU E 246 47.74 -14.03 -9.30
C GLU E 246 47.32 -14.80 -10.56
N ILE E 247 46.65 -14.13 -11.51
CA ILE E 247 46.15 -14.82 -12.70
C ILE E 247 47.30 -15.34 -13.54
N LEU E 248 48.31 -14.50 -13.78
CA LEU E 248 49.36 -14.92 -14.70
C LEU E 248 50.17 -16.07 -14.12
N ARG E 249 50.51 -16.01 -12.84
CA ARG E 249 51.21 -17.13 -12.24
C ARG E 249 50.43 -18.43 -12.26
N GLU E 250 49.12 -18.37 -11.96
CA GLU E 250 48.29 -19.56 -12.01
C GLU E 250 48.25 -20.17 -13.41
N ALA E 251 48.08 -19.32 -14.42
CA ALA E 251 47.96 -19.79 -15.79
C ALA E 251 49.29 -20.41 -16.19
N ALA E 252 50.40 -19.76 -15.83
CA ALA E 252 51.71 -20.31 -16.16
C ALA E 252 51.92 -21.67 -15.49
N ILE E 253 51.60 -21.76 -14.19
CA ILE E 253 51.78 -23.02 -13.48
C ILE E 253 50.90 -24.11 -14.08
N ARG E 254 49.64 -23.78 -14.36
CA ARG E 254 48.75 -24.77 -14.96
C ARG E 254 49.29 -25.26 -16.29
N SER E 255 49.69 -24.33 -17.16
CA SER E 255 50.13 -24.70 -18.49
C SER E 255 51.40 -25.54 -18.45
N LEU E 256 52.29 -25.24 -17.51
CA LEU E 256 53.50 -26.04 -17.41
C LEU E 256 53.23 -27.39 -16.77
N SER E 257 52.22 -27.46 -15.89
CA SER E 257 51.88 -28.73 -15.28
C SER E 257 51.22 -29.66 -16.29
N ARG E 258 50.44 -29.12 -17.21
CA ARG E 258 49.82 -29.97 -18.23
C ARG E 258 50.69 -30.13 -19.46
N GLY E 259 51.97 -29.72 -19.39
CA GLY E 259 52.92 -29.94 -20.46
C GLY E 259 52.97 -28.82 -21.47
N LEU E 260 51.95 -27.95 -21.50
CA LEU E 260 51.93 -26.87 -22.47
C LEU E 260 53.12 -25.96 -22.25
N LYS E 261 53.79 -25.59 -23.34
CA LYS E 261 55.05 -24.87 -23.21
C LYS E 261 54.79 -23.38 -23.02
N LYS E 262 53.85 -22.82 -23.77
CA LYS E 262 53.33 -21.49 -23.50
C LYS E 262 51.95 -21.49 -22.84
N ILE E 263 51.38 -20.29 -22.66
CA ILE E 263 50.03 -20.16 -22.05
C ILE E 263 48.97 -20.13 -23.16
N ASP E 264 48.01 -21.06 -23.11
CA ASP E 264 46.92 -21.13 -24.13
C ASP E 264 45.80 -20.15 -23.78
N LYS E 265 44.84 -19.94 -24.68
CA LYS E 265 43.67 -19.10 -24.35
C LYS E 265 42.79 -19.90 -23.38
N ALA E 266 42.85 -21.24 -23.47
CA ALA E 266 42.02 -22.10 -22.64
C ALA E 266 42.26 -21.84 -21.16
N VAL E 267 43.53 -21.87 -20.74
CA VAL E 267 43.82 -21.73 -19.32
C VAL E 267 43.52 -20.29 -18.88
N LEU E 268 43.62 -19.35 -19.81
CA LEU E 268 43.29 -17.93 -19.46
C LEU E 268 41.79 -17.84 -19.20
N GLN E 269 40.96 -18.45 -20.05
CA GLN E 269 39.54 -18.50 -19.75
C GLN E 269 39.24 -19.22 -18.45
N GLU E 270 39.99 -20.28 -18.15
CA GLU E 270 39.84 -21.00 -16.89
C GLU E 270 40.01 -20.08 -15.69
N VAL E 271 41.14 -19.40 -15.60
CA VAL E 271 41.36 -18.58 -14.40
C VAL E 271 40.39 -17.41 -14.38
N ALA E 272 40.04 -16.89 -15.55
CA ALA E 272 39.06 -15.83 -15.62
C ALA E 272 37.75 -16.27 -14.98
N LYS E 273 37.20 -17.41 -15.41
CA LYS E 273 35.95 -17.84 -14.81
C LYS E 273 36.05 -18.17 -13.32
N GLU E 274 37.21 -18.64 -12.89
CA GLU E 274 37.32 -19.12 -11.52
C GLU E 274 37.66 -17.98 -10.54
N TYR E 275 37.64 -16.76 -11.08
CA TYR E 275 37.82 -15.57 -10.20
C TYR E 275 36.40 -14.99 -10.15
N LYS E 276 35.90 -14.58 -11.32
CA LYS E 276 34.52 -14.02 -11.40
C LYS E 276 33.60 -15.10 -12.00
N ASP F 17 22.41 -64.48 13.68
CA ASP F 17 21.79 -63.62 12.67
C ASP F 17 21.39 -62.30 13.31
N ASP F 18 20.86 -62.35 14.53
CA ASP F 18 20.67 -61.11 15.29
C ASP F 18 22.00 -60.44 15.55
N GLU F 19 23.04 -61.23 15.76
CA GLU F 19 24.40 -60.70 15.75
C GLU F 19 24.70 -60.02 14.41
N TRP F 20 24.36 -60.69 13.31
CA TRP F 20 24.47 -60.10 12.00
C TRP F 20 23.61 -58.85 11.87
N LEU F 21 22.43 -58.85 12.49
CA LEU F 21 21.56 -57.68 12.43
C LEU F 21 22.20 -56.49 13.15
N GLN F 22 22.84 -56.76 14.29
CA GLN F 22 23.55 -55.70 14.97
C GLN F 22 24.69 -55.17 14.13
N ALA F 23 25.39 -56.08 13.44
CA ALA F 23 26.44 -55.65 12.50
C ALA F 23 25.85 -54.74 11.45
N GLU F 24 24.68 -55.11 10.91
CA GLU F 24 24.08 -54.33 9.79
C GLU F 24 23.68 -52.91 10.20
N ILE F 25 22.97 -52.78 11.33
CA ILE F 25 22.50 -51.42 11.75
C ILE F 25 23.70 -50.55 12.12
N ALA F 26 24.73 -51.16 12.72
CA ALA F 26 25.92 -50.40 13.14
C ALA F 26 26.65 -49.95 11.87
N ARG F 27 26.76 -50.84 10.87
CA ARG F 27 27.48 -50.50 9.65
C ARG F 27 26.73 -49.44 8.86
N LEU F 28 25.39 -49.55 8.82
CA LEU F 28 24.60 -48.55 8.13
C LEU F 28 24.59 -47.24 8.91
N LYS F 29 24.63 -47.33 10.23
CA LYS F 29 24.72 -46.13 11.06
C LYS F 29 25.92 -45.28 10.72
N GLY F 30 27.11 -45.88 10.70
CA GLY F 30 28.32 -45.14 10.37
C GLY F 30 28.35 -44.82 8.88
N LYS F 31 28.98 -43.68 8.59
CA LYS F 31 29.01 -43.19 7.19
C LYS F 31 30.26 -43.68 6.46
N SER F 32 30.23 -43.63 5.14
CA SER F 32 31.33 -44.07 4.29
C SER F 32 31.70 -42.91 3.39
N ILE F 33 32.74 -43.11 2.58
CA ILE F 33 33.17 -42.11 1.61
C ILE F 33 33.15 -42.74 0.23
N VAL F 34 32.06 -42.54 -0.51
CA VAL F 34 31.94 -43.10 -1.85
C VAL F 34 32.52 -42.09 -2.83
N PRO F 35 33.56 -42.43 -3.55
CA PRO F 35 34.27 -41.44 -4.36
C PRO F 35 33.55 -41.11 -5.66
N LEU F 36 33.12 -39.86 -5.80
CA LEU F 36 32.44 -39.43 -7.01
C LEU F 36 33.08 -38.14 -7.53
N GLN F 37 32.57 -37.68 -8.67
CA GLN F 37 33.26 -36.64 -9.44
C GLN F 37 33.50 -35.39 -8.61
N GLN F 38 32.61 -35.11 -7.66
CA GLN F 38 32.73 -33.88 -6.89
C GLN F 38 34.03 -33.84 -6.10
N VAL F 39 34.30 -34.90 -5.33
CA VAL F 39 35.47 -34.90 -4.46
C VAL F 39 36.74 -34.95 -5.31
N LYS F 40 36.66 -35.58 -6.48
CA LYS F 40 37.84 -35.67 -7.32
C LYS F 40 38.18 -34.31 -7.89
N THR F 41 37.17 -33.57 -8.33
CA THR F 41 37.40 -32.21 -8.80
C THR F 41 37.96 -31.34 -7.68
N LEU F 42 37.40 -31.51 -6.47
CA LEU F 42 37.90 -30.72 -5.35
C LEU F 42 39.36 -31.00 -5.02
N HIS F 43 39.73 -32.28 -5.04
CA HIS F 43 41.14 -32.65 -4.73
C HIS F 43 42.06 -32.06 -5.80
N ASP F 44 41.67 -32.17 -7.08
CA ASP F 44 42.51 -31.64 -8.15
C ASP F 44 42.67 -30.14 -7.95
N TRP F 45 41.56 -29.46 -7.67
CA TRP F 45 41.60 -28.03 -7.43
C TRP F 45 42.50 -27.67 -6.26
N LEU F 46 42.37 -28.42 -5.17
CA LEU F 46 43.15 -28.10 -3.98
C LEU F 46 44.63 -28.41 -4.19
N ASP F 47 44.93 -29.47 -4.94
CA ASP F 47 46.32 -29.71 -5.29
C ASP F 47 46.88 -28.54 -6.09
N GLY F 48 46.11 -28.06 -7.07
CA GLY F 48 46.55 -26.92 -7.85
C GLY F 48 46.82 -25.70 -6.98
N LYS F 49 45.92 -25.42 -6.03
CA LYS F 49 46.13 -24.29 -5.14
C LYS F 49 47.32 -24.50 -4.22
N ARG F 50 47.53 -25.72 -3.76
CA ARG F 50 48.56 -25.97 -2.75
C ARG F 50 49.95 -25.94 -3.37
N LYS F 51 50.08 -26.41 -4.61
CA LYS F 51 51.37 -26.30 -5.28
C LYS F 51 51.76 -24.85 -5.47
N ALA F 52 50.77 -23.95 -5.51
CA ALA F 52 51.00 -22.54 -5.75
C ALA F 52 50.87 -21.69 -4.49
N ARG F 53 50.68 -22.34 -3.33
CA ARG F 53 50.45 -21.59 -2.05
C ARG F 53 49.40 -20.51 -2.33
N LYS F 54 48.25 -20.90 -2.85
CA LYS F 54 47.19 -19.99 -3.27
C LYS F 54 46.01 -20.18 -2.34
N SER F 55 45.50 -19.10 -1.78
CA SER F 55 44.39 -19.14 -0.86
C SER F 55 43.10 -18.98 -1.66
N CYS F 56 42.23 -19.99 -1.58
CA CYS F 56 40.96 -19.93 -2.29
C CYS F 56 39.86 -20.06 -1.25
N ARG F 57 38.61 -20.05 -1.71
CA ARG F 57 37.49 -20.34 -0.82
C ARG F 57 36.59 -21.25 -1.61
N VAL F 58 36.27 -22.41 -1.05
CA VAL F 58 35.54 -23.40 -1.83
C VAL F 58 34.13 -23.35 -1.27
N VAL F 59 33.27 -22.59 -1.92
CA VAL F 59 31.95 -22.33 -1.39
C VAL F 59 31.01 -23.37 -2.01
N GLY F 60 29.82 -23.47 -1.45
CA GLY F 60 28.86 -24.41 -1.96
C GLY F 60 27.57 -24.32 -1.17
N GLU F 61 26.66 -25.22 -1.48
CA GLU F 61 25.37 -25.24 -0.79
C GLU F 61 25.53 -25.98 0.53
N SER F 62 24.43 -26.14 1.24
CA SER F 62 24.46 -26.80 2.53
C SER F 62 23.88 -28.17 2.25
N ARG F 63 24.30 -29.20 3.03
CA ARG F 63 23.88 -30.62 2.84
C ARG F 63 24.30 -31.11 1.45
N THR F 64 25.53 -30.81 1.05
CA THR F 64 26.05 -31.15 -0.27
C THR F 64 27.37 -31.87 -0.47
N GLY F 65 28.13 -32.11 0.58
CA GLY F 65 29.32 -32.94 0.46
C GLY F 65 30.61 -32.15 0.48
N LYS F 66 30.67 -31.06 1.22
CA LYS F 66 31.89 -30.27 1.29
C LYS F 66 32.83 -30.75 2.39
N THR F 67 32.29 -30.91 3.60
CA THR F 67 33.12 -31.33 4.72
C THR F 67 33.73 -32.70 4.46
N VAL F 68 32.95 -33.61 3.88
CA VAL F 68 33.46 -34.95 3.61
C VAL F 68 34.58 -34.90 2.59
N ALA F 69 34.43 -34.06 1.58
CA ALA F 69 35.46 -33.96 0.56
C ALA F 69 36.74 -33.37 1.12
N CYS F 70 36.61 -32.32 1.95
CA CYS F 70 37.80 -31.76 2.58
C CYS F 70 38.46 -32.77 3.51
N ASP F 71 37.67 -33.57 4.21
CA ASP F 71 38.23 -34.60 5.05
C ASP F 71 38.98 -35.64 4.24
N ALA F 72 38.39 -36.09 3.14
CA ALA F 72 39.07 -37.04 2.27
C ALA F 72 40.39 -36.47 1.78
N TYR F 73 40.40 -35.19 1.42
CA TYR F 73 41.65 -34.58 0.98
C TYR F 73 42.65 -34.54 2.14
N ARG F 74 42.15 -34.35 3.36
CA ARG F 74 43.04 -34.32 4.55
C ARG F 74 43.67 -35.71 4.74
N TYR F 75 42.90 -36.78 4.51
CA TYR F 75 43.42 -38.12 4.75
C TYR F 75 44.39 -38.78 3.78
N ARG F 76 44.18 -38.53 2.49
CA ARG F 76 45.11 -39.09 1.45
C ARG F 76 46.53 -38.57 1.74
N HIS F 77 46.63 -37.28 2.04
CA HIS F 77 47.92 -36.79 2.66
C HIS F 77 48.07 -36.87 4.20
N LYS F 78 48.07 -38.09 4.73
CA LYS F 78 48.30 -38.27 6.19
C LYS F 78 49.76 -37.93 6.44
N PRO F 79 50.12 -37.12 7.47
CA PRO F 79 51.52 -36.70 7.64
C PRO F 79 52.48 -37.88 7.81
N GLN F 80 53.58 -37.86 7.04
CA GLN F 80 54.62 -38.91 7.19
C GLN F 80 55.70 -38.27 8.07
N GLN F 81 55.81 -38.72 9.32
CA GLN F 81 56.76 -38.01 10.22
C GLN F 81 58.16 -38.57 10.10
N GLU F 82 59.17 -37.69 10.12
CA GLU F 82 60.54 -38.20 10.24
C GLU F 82 60.62 -39.01 11.52
N ALA F 83 61.54 -39.99 11.55
CA ALA F 83 61.76 -40.85 12.70
C ALA F 83 61.76 -40.20 14.07
N GLY F 84 62.37 -39.02 14.20
CA GLY F 84 62.40 -38.30 15.45
C GLY F 84 62.06 -36.83 15.39
N ARG F 85 61.64 -36.31 14.26
CA ARG F 85 61.38 -34.89 14.16
C ARG F 85 59.88 -34.61 14.12
N PRO F 86 59.48 -33.35 14.33
CA PRO F 86 58.06 -33.01 14.23
C PRO F 86 57.48 -33.46 12.90
N PRO F 87 56.26 -33.99 12.90
CA PRO F 87 55.70 -34.54 11.66
C PRO F 87 55.37 -33.43 10.69
N THR F 88 55.81 -33.58 9.45
CA THR F 88 55.50 -32.62 8.41
C THR F 88 54.05 -32.82 8.00
N VAL F 89 53.15 -32.01 8.57
CA VAL F 89 51.74 -32.09 8.25
C VAL F 89 51.46 -31.16 7.08
N PRO F 90 51.33 -31.66 5.86
CA PRO F 90 51.15 -30.76 4.71
C PRO F 90 49.82 -30.02 4.73
N VAL F 91 48.73 -30.69 5.09
CA VAL F 91 47.41 -30.09 5.06
C VAL F 91 46.85 -30.12 6.47
N VAL F 92 46.34 -28.98 6.93
CA VAL F 92 45.76 -28.85 8.26
C VAL F 92 44.29 -28.47 8.09
N TYR F 93 43.41 -29.24 8.69
CA TYR F 93 41.97 -29.02 8.58
C TYR F 93 41.42 -28.74 9.97
N ILE F 94 40.72 -27.63 10.11
CA ILE F 94 40.10 -27.25 11.37
C ILE F 94 38.76 -26.71 10.91
N ARG F 95 37.76 -26.88 11.78
CA ARG F 95 36.40 -26.33 11.55
C ARG F 95 36.06 -25.60 12.85
N PRO F 96 36.38 -24.31 13.00
CA PRO F 96 36.19 -23.59 14.28
C PRO F 96 34.80 -23.61 14.92
N HIS F 97 34.73 -23.38 16.24
CA HIS F 97 33.44 -23.31 16.90
C HIS F 97 32.79 -21.95 16.67
N GLN F 98 31.55 -21.82 17.13
CA GLN F 98 30.79 -20.60 16.88
C GLN F 98 31.48 -19.38 17.47
N LYS F 99 31.57 -18.34 16.65
CA LYS F 99 32.29 -17.11 16.99
C LYS F 99 33.67 -17.42 17.55
N CYS F 100 34.48 -18.05 16.70
CA CYS F 100 35.86 -18.39 17.02
C CYS F 100 36.67 -17.10 17.07
N GLY F 101 37.15 -16.73 18.25
CA GLY F 101 38.04 -15.61 18.37
C GLY F 101 39.45 -15.99 17.92
N PRO F 102 40.33 -14.99 17.92
CA PRO F 102 41.71 -15.26 17.50
C PRO F 102 42.41 -16.26 18.40
N LYS F 103 42.15 -16.22 19.69
CA LYS F 103 42.74 -17.21 20.59
C LYS F 103 42.26 -18.61 20.26
N ASP F 104 40.97 -18.74 19.98
CA ASP F 104 40.38 -20.06 19.79
C ASP F 104 40.90 -20.69 18.51
N LEU F 105 41.03 -19.89 17.45
CA LEU F 105 41.59 -20.40 16.20
C LEU F 105 42.99 -20.94 16.40
N PHE F 106 43.82 -20.21 17.15
CA PHE F 106 45.17 -20.68 17.40
C PHE F 106 45.16 -21.95 18.22
N LYS F 107 44.26 -22.03 19.21
CA LYS F 107 44.15 -23.26 19.97
C LYS F 107 43.84 -24.43 19.06
N LYS F 108 42.88 -24.25 18.15
CA LYS F 108 42.51 -25.35 17.26
C LYS F 108 43.64 -25.72 16.32
N ILE F 109 44.34 -24.72 15.78
CA ILE F 109 45.43 -25.00 14.85
C ILE F 109 46.53 -25.78 15.56
N THR F 110 47.01 -25.25 16.68
CA THR F 110 48.12 -25.92 17.36
C THR F 110 47.69 -27.21 18.02
N GLU F 111 46.37 -27.41 18.19
CA GLU F 111 45.88 -28.70 18.65
C GLU F 111 45.95 -29.73 17.55
N TYR F 112 45.48 -29.38 16.36
CA TYR F 112 45.52 -30.31 15.24
C TYR F 112 46.94 -30.75 14.96
N LEU F 113 47.91 -29.87 15.16
CA LEU F 113 49.30 -30.25 14.98
C LEU F 113 49.83 -31.05 16.15
N LYS F 114 48.99 -31.32 17.15
CA LYS F 114 49.34 -32.17 18.29
C LYS F 114 50.44 -31.53 19.14
N TYR F 115 50.30 -30.25 19.42
CA TYR F 115 51.11 -29.54 20.40
C TYR F 115 50.14 -28.98 21.42
N ARG F 116 50.19 -29.49 22.65
CA ARG F 116 49.25 -28.99 23.64
C ARG F 116 49.61 -27.55 24.01
N VAL F 117 48.58 -26.77 24.29
CA VAL F 117 48.73 -25.33 24.50
C VAL F 117 49.28 -25.10 25.89
N THR F 118 50.21 -24.16 26.00
CA THR F 118 50.65 -23.67 27.30
C THR F 118 49.90 -22.37 27.58
N LYS F 119 49.31 -22.27 28.77
CA LYS F 119 48.40 -21.16 29.07
C LYS F 119 49.12 -19.82 28.92
N GLY F 120 48.49 -18.91 28.20
CA GLY F 120 49.11 -17.61 27.97
C GLY F 120 48.15 -16.62 27.36
N THR F 121 48.71 -15.48 26.97
CA THR F 121 47.98 -14.39 26.36
C THR F 121 47.84 -14.61 24.86
N VAL F 122 46.88 -13.90 24.26
CA VAL F 122 46.58 -14.08 22.85
C VAL F 122 47.85 -13.97 22.01
N SER F 123 48.73 -13.04 22.37
CA SER F 123 49.99 -12.89 21.65
C SER F 123 50.85 -14.12 21.76
N ASP F 124 50.91 -14.72 22.95
CA ASP F 124 51.72 -15.92 23.14
C ASP F 124 51.21 -17.06 22.28
N PHE F 125 49.89 -17.22 22.22
CA PHE F 125 49.30 -18.22 21.36
C PHE F 125 49.65 -17.97 19.90
N ARG F 126 49.57 -16.71 19.48
CA ARG F 126 49.91 -16.38 18.09
C ARG F 126 51.34 -16.76 17.79
N ASP F 127 52.27 -16.39 18.68
CA ASP F 127 53.68 -16.68 18.45
C ASP F 127 53.94 -18.17 18.39
N ARG F 128 53.37 -18.93 19.33
CA ARG F 128 53.57 -20.37 19.31
C ARG F 128 52.94 -21.01 18.08
N THR F 129 51.80 -20.50 17.64
CA THR F 129 51.14 -21.06 16.47
C THR F 129 51.98 -20.85 15.24
N ILE F 130 52.54 -19.65 15.08
CA ILE F 130 53.45 -19.38 13.92
C ILE F 130 54.65 -20.33 14.01
N GLU F 131 55.19 -20.52 15.21
CA GLU F 131 56.42 -21.36 15.38
C GLU F 131 56.15 -22.82 14.99
N VAL F 132 55.01 -23.39 15.40
CA VAL F 132 54.73 -24.83 15.12
C VAL F 132 54.17 -24.95 13.71
N LEU F 133 53.66 -23.85 13.16
CA LEU F 133 53.10 -23.86 11.82
C LEU F 133 54.19 -23.80 10.77
N LYS F 134 55.30 -23.12 11.08
CA LYS F 134 56.46 -23.18 10.21
C LYS F 134 57.26 -24.44 10.46
N GLY F 135 57.17 -24.99 11.67
CA GLY F 135 57.94 -26.18 12.00
C GLY F 135 57.41 -27.42 11.31
N CYS F 136 56.10 -27.61 11.34
CA CYS F 136 55.48 -28.79 10.75
C CYS F 136 55.33 -28.66 9.24
N GLY F 137 55.93 -27.65 8.63
CA GLY F 137 55.89 -27.47 7.20
C GLY F 137 54.51 -27.51 6.60
N VAL F 138 53.54 -26.87 7.26
CA VAL F 138 52.17 -26.87 6.78
C VAL F 138 52.11 -26.16 5.44
N GLU F 139 51.39 -26.75 4.50
CA GLU F 139 51.22 -26.16 3.18
C GLU F 139 49.84 -25.59 2.96
N MET F 140 48.81 -26.13 3.59
CA MET F 140 47.44 -25.71 3.34
C MET F 140 46.66 -25.78 4.65
N LEU F 141 45.86 -24.75 4.91
CA LEU F 141 45.07 -24.65 6.13
C LEU F 141 43.60 -24.54 5.73
N ILE F 142 42.90 -25.68 5.77
CA ILE F 142 41.47 -25.72 5.36
C ILE F 142 40.58 -25.35 6.56
N ILE F 143 40.03 -24.13 6.55
CA ILE F 143 39.11 -23.70 7.64
C ILE F 143 37.68 -24.07 7.23
N ASP F 144 37.17 -25.22 7.69
CA ASP F 144 35.81 -25.60 7.37
C ASP F 144 34.83 -24.79 8.21
N GLU F 145 33.65 -24.56 7.66
CA GLU F 145 32.64 -23.72 8.29
C GLU F 145 33.23 -22.38 8.68
N ALA F 146 33.86 -21.74 7.71
CA ALA F 146 34.59 -20.50 7.94
C ALA F 146 33.68 -19.28 7.92
N ASP F 147 32.38 -19.46 8.05
CA ASP F 147 31.50 -18.33 8.34
C ASP F 147 31.30 -18.14 9.82
N ARG F 148 31.88 -18.99 10.65
CA ARG F 148 31.69 -18.89 12.08
C ARG F 148 32.63 -17.88 12.71
N LEU F 149 33.91 -17.91 12.34
CA LEU F 149 34.91 -17.12 13.03
C LEU F 149 34.65 -15.63 12.84
N LYS F 150 34.97 -14.87 13.87
CA LYS F 150 34.61 -13.46 13.99
C LYS F 150 35.39 -12.63 12.99
N PRO F 151 34.90 -11.43 12.66
CA PRO F 151 35.64 -10.60 11.70
C PRO F 151 37.04 -10.22 12.18
N GLU F 152 37.27 -10.22 13.48
CA GLU F 152 38.56 -9.79 13.99
C GLU F 152 39.59 -10.90 13.98
N THR F 153 39.26 -12.10 13.48
CA THR F 153 40.23 -13.16 13.29
C THR F 153 40.54 -13.42 11.82
N PHE F 154 39.75 -12.85 10.91
CA PHE F 154 40.17 -12.84 9.52
C PHE F 154 41.47 -12.08 9.36
N ALA F 155 41.73 -11.10 10.22
CA ALA F 155 43.02 -10.45 10.22
C ALA F 155 44.13 -11.44 10.49
N ASP F 156 43.92 -12.35 11.44
CA ASP F 156 45.00 -13.29 11.76
C ASP F 156 45.14 -14.36 10.69
N VAL F 157 44.05 -14.77 10.07
CA VAL F 157 44.18 -15.76 9.01
C VAL F 157 44.82 -15.05 7.82
N ARG F 158 44.52 -13.76 7.66
CA ARG F 158 45.19 -13.00 6.59
C ARG F 158 46.68 -13.01 6.93
N ASP F 159 47.02 -12.71 8.18
CA ASP F 159 48.41 -12.69 8.60
C ASP F 159 49.18 -13.97 8.34
N ILE F 160 48.57 -15.11 8.68
CA ILE F 160 49.13 -16.43 8.42
C ILE F 160 49.43 -16.58 6.94
N ALA F 161 48.40 -16.38 6.11
CA ALA F 161 48.56 -16.57 4.67
C ALA F 161 49.58 -15.51 4.25
N GLU F 162 49.49 -14.31 4.82
CA GLU F 162 50.42 -13.26 4.45
C GLU F 162 51.94 -13.56 4.67
N ASP F 163 52.24 -14.08 5.86
CA ASP F 163 53.69 -14.30 6.20
C ASP F 163 54.22 -15.72 5.95
N LEU F 164 53.44 -16.78 6.21
CA LEU F 164 54.00 -18.12 6.13
C LEU F 164 53.92 -18.72 4.74
N GLY F 165 53.24 -18.01 3.83
CA GLY F 165 53.03 -18.56 2.49
C GLY F 165 52.26 -19.85 2.62
N ILE F 166 51.07 -19.79 3.23
CA ILE F 166 50.25 -21.02 3.45
C ILE F 166 48.91 -20.81 2.72
N ALA F 167 48.50 -21.79 1.91
CA ALA F 167 47.26 -21.64 1.16
C ALA F 167 46.10 -21.87 2.12
N VAL F 168 45.40 -20.82 2.47
CA VAL F 168 44.25 -20.91 3.37
C VAL F 168 43.00 -21.09 2.53
N VAL F 169 42.29 -22.19 2.74
CA VAL F 169 41.09 -22.50 1.99
C VAL F 169 39.91 -22.40 2.93
N LEU F 170 39.09 -21.35 2.77
CA LEU F 170 37.91 -21.17 3.59
C LEU F 170 36.76 -21.94 2.97
N VAL F 171 36.20 -22.89 3.71
CA VAL F 171 35.02 -23.63 3.29
C VAL F 171 33.81 -23.02 3.97
N GLY F 172 32.65 -23.06 3.32
CA GLY F 172 31.45 -22.56 4.03
C GLY F 172 30.20 -22.49 3.18
N THR F 173 29.05 -22.30 3.83
CA THR F 173 27.76 -22.15 3.08
C THR F 173 27.92 -20.82 2.34
N ASP F 174 26.97 -20.48 1.47
CA ASP F 174 27.01 -19.19 0.72
C ASP F 174 27.06 -18.02 1.73
N ARG F 175 26.66 -18.25 2.99
CA ARG F 175 26.65 -17.17 3.96
C ARG F 175 28.08 -16.69 4.15
N LEU F 176 29.05 -17.59 4.02
CA LEU F 176 30.45 -17.19 4.05
C LEU F 176 30.86 -16.10 3.08
N ASP F 177 30.28 -16.12 1.89
CA ASP F 177 30.59 -15.08 0.91
C ASP F 177 30.17 -13.68 1.36
N ALA F 178 28.97 -13.58 1.93
CA ALA F 178 28.52 -12.30 2.46
C ALA F 178 29.40 -11.98 3.66
N VAL F 179 29.79 -12.99 4.43
CA VAL F 179 30.61 -12.76 5.60
C VAL F 179 31.94 -12.13 5.20
N ILE F 180 32.52 -12.60 4.10
CA ILE F 180 33.76 -11.97 3.64
C ILE F 180 33.45 -10.70 2.85
N LYS F 181 32.29 -10.60 2.22
CA LYS F 181 31.95 -9.38 1.49
C LYS F 181 31.91 -8.04 2.23
N ARG F 182 31.38 -8.04 3.45
CA ARG F 182 31.41 -6.80 4.25
C ARG F 182 32.81 -6.34 4.80
N ASP F 183 33.70 -7.32 4.80
CA ASP F 183 35.11 -7.03 5.16
C ASP F 183 35.75 -6.70 3.81
N GLU F 184 36.92 -6.12 3.82
CA GLU F 184 37.56 -5.68 2.58
C GLU F 184 38.70 -6.44 1.91
N GLN F 185 39.63 -7.00 2.68
CA GLN F 185 40.82 -7.56 2.07
C GLN F 185 40.54 -9.06 1.97
N VAL F 186 39.79 -9.58 2.94
CA VAL F 186 39.50 -11.01 2.97
C VAL F 186 38.82 -11.29 1.65
N LEU F 187 37.88 -10.44 1.27
CA LEU F 187 37.26 -10.58 -0.04
C LEU F 187 38.20 -10.51 -1.23
N GLU F 188 39.20 -9.63 -1.15
CA GLU F 188 40.22 -9.53 -2.22
C GLU F 188 41.20 -10.75 -2.25
N ARG F 189 41.78 -11.04 -1.07
CA ARG F 189 42.65 -12.23 -0.89
C ARG F 189 42.05 -13.62 -1.19
N PHE F 190 40.80 -13.83 -0.80
CA PHE F 190 40.13 -15.14 -1.03
C PHE F 190 39.09 -14.94 -2.13
N ARG F 191 39.55 -14.95 -3.40
CA ARG F 191 38.66 -14.73 -4.52
C ARG F 191 38.61 -15.88 -5.51
N ALA F 192 39.59 -16.76 -5.54
CA ALA F 192 39.46 -17.98 -6.32
C ALA F 192 38.49 -18.89 -5.59
N HIS F 193 37.54 -19.47 -6.32
CA HIS F 193 36.52 -20.25 -5.64
C HIS F 193 36.10 -21.44 -6.49
N LEU F 194 35.38 -22.34 -5.84
CA LEU F 194 34.93 -23.58 -6.49
C LEU F 194 33.58 -23.96 -5.90
N ARG F 195 32.51 -23.67 -6.64
CA ARG F 195 31.14 -23.92 -6.14
C ARG F 195 30.84 -25.42 -6.12
N PHE F 196 30.22 -25.93 -5.07
CA PHE F 196 29.84 -27.38 -5.08
C PHE F 196 28.69 -27.61 -6.08
N GLY F 197 28.79 -28.69 -6.87
CA GLY F 197 27.79 -28.95 -7.93
C GLY F 197 26.54 -29.37 -7.18
N LYS F 198 25.37 -29.22 -7.83
CA LYS F 198 24.09 -29.73 -7.25
C LYS F 198 24.00 -31.21 -7.62
N LEU F 199 24.66 -31.64 -8.72
CA LEU F 199 24.76 -33.08 -9.15
C LEU F 199 23.55 -33.58 -9.95
N SER F 200 22.50 -32.76 -10.16
CA SER F 200 21.27 -33.27 -10.82
C SER F 200 21.50 -33.70 -12.29
N GLY F 201 20.83 -34.76 -12.74
CA GLY F 201 20.91 -35.22 -14.15
C GLY F 201 21.31 -36.68 -14.25
N GLU F 202 21.85 -37.10 -15.40
CA GLU F 202 22.36 -38.50 -15.53
C GLU F 202 23.42 -38.84 -14.46
N ASP F 203 24.36 -37.91 -14.23
CA ASP F 203 25.38 -38.12 -13.15
C ASP F 203 24.72 -38.41 -11.79
N PHE F 204 23.50 -37.89 -11.59
CA PHE F 204 22.82 -38.09 -10.28
C PHE F 204 22.37 -39.55 -10.37
N LYS F 205 21.89 -39.98 -11.53
CA LYS F 205 21.40 -41.38 -11.71
C LYS F 205 22.54 -42.34 -11.38
N ASN F 206 23.74 -42.10 -11.92
CA ASN F 206 24.92 -42.93 -11.55
C ASN F 206 25.14 -42.97 -10.04
N THR F 207 25.24 -41.80 -9.40
CA THR F 207 25.43 -41.73 -7.96
C THR F 207 24.44 -42.63 -7.25
N VAL F 208 23.17 -42.62 -7.69
CA VAL F 208 22.14 -43.38 -7.01
C VAL F 208 22.61 -44.83 -7.02
N GLU F 209 22.89 -45.38 -8.20
CA GLU F 209 23.33 -46.77 -8.23
C GLU F 209 24.67 -47.03 -7.49
N MET F 210 25.58 -46.07 -7.65
CA MET F 210 26.79 -46.12 -6.83
C MET F 210 26.64 -46.21 -5.32
N TRP F 211 25.51 -45.72 -4.79
CA TRP F 211 25.25 -45.85 -3.36
C TRP F 211 24.76 -47.24 -3.02
N GLU F 212 24.05 -47.89 -3.94
CA GLU F 212 23.55 -49.25 -3.75
C GLU F 212 24.70 -50.22 -3.52
N GLN F 213 25.74 -50.13 -4.35
CA GLN F 213 26.79 -51.15 -4.30
C GLN F 213 27.81 -50.80 -3.23
N MET F 214 28.26 -49.54 -3.21
CA MET F 214 29.36 -49.14 -2.36
C MET F 214 28.95 -49.11 -0.90
N VAL F 215 27.89 -48.37 -0.58
CA VAL F 215 27.57 -48.02 0.79
C VAL F 215 26.51 -48.94 1.38
N LEU F 216 25.49 -49.26 0.57
CA LEU F 216 24.37 -50.10 1.09
C LEU F 216 24.84 -51.53 1.33
N LYS F 217 25.74 -52.06 0.48
CA LYS F 217 26.38 -53.39 0.71
C LYS F 217 25.37 -54.52 1.00
N LEU F 218 24.33 -54.67 0.18
CA LEU F 218 23.29 -55.71 0.46
C LEU F 218 23.39 -56.87 -0.54
N PRO F 219 22.86 -58.12 -0.32
CA PRO F 219 22.90 -59.13 -1.38
C PRO F 219 22.15 -58.52 -2.56
N VAL F 220 22.63 -58.73 -3.80
CA VAL F 220 22.00 -58.03 -4.95
C VAL F 220 20.51 -58.39 -4.97
N SER F 221 19.65 -57.37 -5.05
CA SER F 221 18.19 -57.60 -5.04
C SER F 221 17.61 -57.29 -6.42
N SER F 222 18.48 -57.00 -7.39
CA SER F 222 18.03 -56.63 -8.76
C SER F 222 17.13 -55.40 -8.70
N ASN F 223 17.31 -54.54 -7.69
CA ASN F 223 16.53 -53.28 -7.62
C ASN F 223 16.97 -52.41 -8.80
N LEU F 224 18.26 -52.08 -8.88
CA LEU F 224 18.83 -51.33 -10.02
C LEU F 224 18.34 -49.88 -10.07
N LYS F 225 17.72 -49.40 -8.98
CA LYS F 225 17.30 -47.97 -8.91
C LYS F 225 16.53 -47.58 -10.18
N SER F 226 15.45 -48.31 -10.50
CA SER F 226 14.69 -48.07 -11.76
C SER F 226 14.02 -46.69 -11.78
N LYS F 227 13.66 -46.20 -12.97
CA LYS F 227 13.06 -44.84 -13.12
C LYS F 227 12.06 -44.51 -12.01
N GLU F 228 11.27 -45.49 -11.53
CA GLU F 228 10.37 -45.24 -10.38
C GLU F 228 11.19 -44.80 -9.15
N MET F 229 12.19 -45.57 -8.72
CA MET F 229 12.91 -45.23 -7.50
C MET F 229 13.67 -43.94 -7.80
N LEU F 230 14.06 -43.75 -9.06
CA LEU F 230 14.77 -42.53 -9.41
C LEU F 230 13.87 -41.31 -9.34
N ARG F 231 12.63 -41.44 -9.82
CA ARG F 231 11.67 -40.35 -9.67
C ARG F 231 11.46 -40.05 -8.21
N ILE F 232 11.31 -41.09 -7.39
CA ILE F 232 11.12 -40.89 -5.96
C ILE F 232 12.31 -40.12 -5.37
N LEU F 233 13.53 -40.54 -5.71
CA LEU F 233 14.70 -39.94 -5.09
C LEU F 233 14.99 -38.55 -5.64
N THR F 234 14.70 -38.31 -6.91
CA THR F 234 14.86 -36.97 -7.46
C THR F 234 13.77 -36.14 -6.80
N SER F 235 12.59 -36.74 -6.63
CA SER F 235 11.50 -36.03 -5.97
C SER F 235 11.85 -35.65 -4.51
N ALA F 236 12.49 -36.58 -3.82
CA ALA F 236 12.79 -36.37 -2.41
C ALA F 236 14.07 -35.64 -2.03
N THR F 237 15.20 -36.05 -2.59
CA THR F 237 16.49 -35.53 -2.19
C THR F 237 16.79 -34.16 -2.79
N GLU F 238 16.24 -33.84 -3.95
CA GLU F 238 16.56 -32.64 -4.70
C GLU F 238 18.05 -32.54 -5.07
N GLY F 239 18.77 -33.66 -5.05
CA GLY F 239 20.14 -33.70 -5.49
C GLY F 239 21.15 -33.63 -4.37
N TYR F 240 20.77 -33.16 -3.20
CA TYR F 240 21.71 -33.09 -2.09
C TYR F 240 22.23 -34.48 -1.75
N ILE F 241 23.55 -34.65 -1.79
CA ILE F 241 24.15 -35.91 -1.37
C ILE F 241 23.73 -36.23 0.05
N GLY F 242 23.60 -35.27 0.90
CA GLY F 242 23.27 -35.63 2.26
C GLY F 242 22.00 -36.38 2.25
N ARG F 243 20.98 -35.78 1.61
CA ARG F 243 19.62 -36.37 1.63
C ARG F 243 19.64 -37.73 0.95
N LEU F 244 20.36 -37.86 -0.16
CA LEU F 244 20.50 -39.20 -0.80
C LEU F 244 20.95 -40.17 0.28
N ASP F 245 21.97 -39.77 1.07
CA ASP F 245 22.53 -40.68 2.06
C ASP F 245 21.55 -40.90 3.21
N GLU F 246 21.00 -39.81 3.74
CA GLU F 246 20.05 -39.90 4.87
C GLU F 246 18.88 -40.82 4.49
N ILE F 247 18.29 -40.61 3.32
CA ILE F 247 17.11 -41.37 2.92
C ILE F 247 17.46 -42.85 2.75
N LEU F 248 18.57 -43.13 2.05
CA LEU F 248 18.87 -44.53 1.74
C LEU F 248 19.21 -45.30 3.01
N ARG F 249 20.00 -44.71 3.90
CA ARG F 249 20.28 -45.39 5.16
C ARG F 249 19.05 -45.65 6.00
N GLU F 250 18.15 -44.66 6.09
CA GLU F 250 16.91 -44.85 6.84
C GLU F 250 16.07 -45.98 6.26
N ALA F 251 15.93 -46.01 4.94
CA ALA F 251 15.10 -47.01 4.29
C ALA F 251 15.73 -48.38 4.52
N ALA F 252 17.05 -48.47 4.39
CA ALA F 252 17.72 -49.74 4.62
C ALA F 252 17.52 -50.21 6.05
N ILE F 253 17.72 -49.32 7.01
CA ILE F 253 17.56 -49.69 8.41
C ILE F 253 16.13 -50.11 8.69
N ARG F 254 15.16 -49.35 8.19
CA ARG F 254 13.76 -49.72 8.40
C ARG F 254 13.46 -51.09 7.83
N SER F 255 13.88 -51.33 6.59
CA SER F 255 13.54 -52.58 5.91
C SER F 255 14.19 -53.77 6.61
N LEU F 256 15.40 -53.58 7.12
CA LEU F 256 16.05 -54.69 7.83
C LEU F 256 15.46 -54.88 9.21
N SER F 257 14.95 -53.81 9.82
CA SER F 257 14.33 -53.94 11.14
C SER F 257 12.99 -54.65 11.02
N ARG F 258 12.25 -54.43 9.94
CA ARG F 258 10.99 -55.12 9.77
C ARG F 258 11.14 -56.46 9.06
N GLY F 259 12.36 -56.95 8.90
CA GLY F 259 12.63 -58.26 8.34
C GLY F 259 12.80 -58.27 6.84
N LEU F 260 12.37 -57.21 6.16
CA LEU F 260 12.47 -57.16 4.71
C LEU F 260 13.94 -57.24 4.29
N LYS F 261 14.21 -58.09 3.31
CA LYS F 261 15.60 -58.37 2.96
C LYS F 261 16.15 -57.28 2.05
N LYS F 262 15.37 -56.86 1.06
CA LYS F 262 15.66 -55.65 0.29
C LYS F 262 14.81 -54.45 0.68
N ILE F 263 14.98 -53.34 -0.06
CA ILE F 263 14.19 -52.11 0.20
C ILE F 263 12.92 -52.13 -0.67
N ASP F 264 11.74 -52.03 -0.04
CA ASP F 264 10.45 -52.01 -0.78
C ASP F 264 10.13 -50.60 -1.28
N LYS F 265 9.12 -50.45 -2.13
CA LYS F 265 8.69 -49.09 -2.56
C LYS F 265 7.99 -48.45 -1.35
N ALA F 266 7.40 -49.26 -0.48
CA ALA F 266 6.64 -48.76 0.67
C ALA F 266 7.52 -47.89 1.56
N VAL F 267 8.69 -48.41 1.95
CA VAL F 267 9.53 -47.68 2.89
C VAL F 267 10.12 -46.45 2.18
N LEU F 268 10.29 -46.54 0.86
CA LEU F 268 10.79 -45.37 0.09
C LEU F 268 9.74 -44.26 0.13
N GLN F 269 8.46 -44.60 -0.10
CA GLN F 269 7.41 -43.61 0.07
C GLN F 269 7.34 -43.06 1.49
N GLU F 270 7.58 -43.92 2.47
CA GLU F 270 7.61 -43.49 3.86
C GLU F 270 8.62 -42.37 4.09
N VAL F 271 9.88 -42.62 3.75
CA VAL F 271 10.89 -41.59 4.05
C VAL F 271 10.66 -40.36 3.18
N ALA F 272 10.16 -40.56 1.97
CA ALA F 272 9.84 -39.42 1.12
C ALA F 272 8.84 -38.52 1.80
N LYS F 273 7.70 -39.07 2.25
CA LYS F 273 6.74 -38.22 2.92
C LYS F 273 7.22 -37.58 4.21
N GLU F 274 8.12 -38.28 4.93
CA GLU F 274 8.51 -37.80 6.24
C GLU F 274 9.68 -36.80 6.16
N TYR F 275 10.03 -36.43 4.92
CA TYR F 275 11.04 -35.36 4.73
C TYR F 275 10.19 -34.18 4.26
N LYS F 276 9.52 -34.34 3.12
CA LYS F 276 8.65 -33.27 2.59
C LYS F 276 7.19 -33.65 2.86
N ASP G 17 -12.87 -36.54 56.42
CA ASP G 17 -13.41 -36.29 55.09
C ASP G 17 -12.85 -34.99 54.52
N ASP G 18 -12.75 -33.96 55.37
CA ASP G 18 -12.02 -32.76 54.97
C ASP G 18 -10.57 -33.10 54.70
N GLU G 19 -10.01 -34.04 55.47
CA GLU G 19 -8.73 -34.63 55.13
C GLU G 19 -8.78 -35.24 53.73
N TRP G 20 -9.82 -36.02 53.46
CA TRP G 20 -10.05 -36.56 52.13
C TRP G 20 -10.21 -35.46 51.10
N LEU G 21 -10.87 -34.36 51.48
CA LEU G 21 -11.04 -33.25 50.54
C LEU G 21 -9.70 -32.61 50.19
N GLN G 22 -8.82 -32.48 51.17
CA GLN G 22 -7.48 -31.97 50.89
C GLN G 22 -6.73 -32.93 49.98
N ALA G 23 -6.90 -34.23 50.20
CA ALA G 23 -6.31 -35.21 49.30
C ALA G 23 -6.81 -35.01 47.88
N GLU G 24 -8.13 -34.78 47.75
CA GLU G 24 -8.74 -34.66 46.39
C GLU G 24 -8.25 -33.44 45.62
N ILE G 25 -8.24 -32.26 46.25
CA ILE G 25 -7.82 -31.03 45.53
C ILE G 25 -6.32 -31.12 45.20
N ALA G 26 -5.53 -31.72 46.08
CA ALA G 26 -4.07 -31.83 45.86
C ALA G 26 -3.86 -32.82 44.70
N ARG G 27 -4.62 -33.92 44.68
CA ARG G 27 -4.43 -34.90 43.63
C ARG G 27 -4.91 -34.35 42.28
N LEU G 28 -6.01 -33.61 42.28
CA LEU G 28 -6.48 -33.00 41.05
C LEU G 28 -5.55 -31.87 40.61
N LYS G 29 -4.98 -31.16 41.58
CA LYS G 29 -4.02 -30.11 41.27
C LYS G 29 -2.85 -30.63 40.46
N GLY G 30 -2.20 -31.69 40.94
CA GLY G 30 -1.08 -32.26 40.20
C GLY G 30 -1.56 -33.01 38.97
N LYS G 31 -0.70 -32.98 37.95
CA LYS G 31 -1.06 -33.57 36.65
C LYS G 31 -0.63 -35.03 36.56
N SER G 32 -1.21 -35.76 35.62
CA SER G 32 -0.93 -37.17 35.41
C SER G 32 -0.51 -37.35 33.96
N ILE G 33 -0.14 -38.57 33.60
CA ILE G 33 0.21 -38.91 32.22
C ILE G 33 -0.70 -40.02 31.75
N VAL G 34 -1.77 -39.67 31.07
CA VAL G 34 -2.70 -40.66 30.55
C VAL G 34 -2.24 -41.09 29.16
N PRO G 35 -1.90 -42.35 28.97
CA PRO G 35 -1.26 -42.75 27.71
C PRO G 35 -2.24 -42.90 26.58
N LEU G 36 -2.09 -42.08 25.55
CA LEU G 36 -2.95 -42.15 24.38
C LEU G 36 -2.10 -42.19 23.11
N GLN G 37 -2.79 -42.30 21.97
CA GLN G 37 -2.13 -42.66 20.71
C GLN G 37 -1.03 -41.67 20.36
N GLN G 38 -1.17 -40.42 20.78
CA GLN G 38 -0.19 -39.40 20.40
C GLN G 38 1.19 -39.74 20.97
N VAL G 39 1.27 -40.00 22.27
CA VAL G 39 2.57 -40.22 22.90
C VAL G 39 3.16 -41.54 22.42
N LYS G 40 2.30 -42.50 22.08
CA LYS G 40 2.80 -43.78 21.62
C LYS G 40 3.43 -43.64 20.23
N THR G 41 2.78 -42.88 19.36
CA THR G 41 3.36 -42.60 18.05
C THR G 41 4.67 -41.84 18.20
N LEU G 42 4.70 -40.87 19.12
CA LEU G 42 5.93 -40.12 19.33
C LEU G 42 7.09 -40.98 19.80
N HIS G 43 6.80 -41.88 20.76
CA HIS G 43 7.86 -42.78 21.29
C HIS G 43 8.38 -43.68 20.17
N ASP G 44 7.46 -44.24 19.36
CA ASP G 44 7.88 -45.13 18.28
C ASP G 44 8.76 -44.33 17.32
N TRP G 45 8.33 -43.13 16.96
CA TRP G 45 9.09 -42.28 16.08
C TRP G 45 10.47 -41.97 16.64
N LEU G 46 10.52 -41.63 17.93
CA LEU G 46 11.80 -41.26 18.54
C LEU G 46 12.71 -42.46 18.68
N ASP G 47 12.15 -43.64 18.96
CA ASP G 47 12.96 -44.85 18.94
C ASP G 47 13.57 -45.06 17.57
N GLY G 48 12.75 -44.91 16.52
CA GLY G 48 13.28 -45.05 15.17
C GLY G 48 14.40 -44.09 14.88
N LYS G 49 14.24 -42.83 15.28
CA LYS G 49 15.30 -41.85 15.07
C LYS G 49 16.54 -42.16 15.89
N ARG G 50 16.36 -42.66 17.11
CA ARG G 50 17.50 -42.83 18.01
C ARG G 50 18.33 -44.05 17.62
N LYS G 51 17.68 -45.10 17.13
CA LYS G 51 18.43 -46.25 16.64
C LYS G 51 19.30 -45.85 15.46
N ALA G 52 18.91 -44.81 14.75
CA ALA G 52 19.62 -44.36 13.55
C ALA G 52 20.45 -43.11 13.79
N ARG G 53 20.52 -42.63 15.04
CA ARG G 53 21.24 -41.35 15.35
C ARG G 53 20.78 -40.30 14.33
N LYS G 54 19.47 -40.09 14.21
CA LYS G 54 18.88 -39.22 13.23
C LYS G 54 18.27 -38.03 13.94
N SER G 55 18.62 -36.84 13.51
CA SER G 55 18.13 -35.61 14.14
C SER G 55 16.86 -35.20 13.43
N CYS G 56 15.76 -35.12 14.18
CA CYS G 56 14.49 -34.71 13.61
C CYS G 56 14.02 -33.48 14.37
N ARG G 57 12.86 -32.96 14.00
CA ARG G 57 12.26 -31.88 14.78
C ARG G 57 10.78 -32.25 14.88
N VAL G 58 10.26 -32.31 16.09
CA VAL G 58 8.91 -32.83 16.26
C VAL G 58 8.09 -31.59 16.56
N VAL G 59 7.46 -31.04 15.51
CA VAL G 59 6.78 -29.77 15.63
C VAL G 59 5.32 -30.09 15.94
N GLY G 60 4.60 -29.07 16.34
CA GLY G 60 3.19 -29.23 16.66
C GLY G 60 2.58 -27.92 17.08
N GLU G 61 1.34 -27.99 17.50
CA GLU G 61 0.63 -26.79 17.93
C GLU G 61 1.01 -26.49 19.37
N SER G 62 0.38 -25.47 19.94
CA SER G 62 0.67 -25.06 21.30
C SER G 62 -0.52 -25.57 22.09
N ARG G 63 -0.30 -25.90 23.38
CA ARG G 63 -1.35 -26.48 24.28
C ARG G 63 -1.85 -27.81 23.70
N THR G 64 -0.94 -28.66 23.27
CA THR G 64 -1.26 -29.93 22.64
C THR G 64 -0.65 -31.24 23.08
N GLY G 65 0.31 -31.23 24.01
CA GLY G 65 0.81 -32.47 24.56
C GLY G 65 2.18 -32.88 24.06
N LYS G 66 3.03 -31.90 23.76
CA LYS G 66 4.37 -32.23 23.28
C LYS G 66 5.36 -32.41 24.41
N THR G 67 5.41 -31.45 25.33
CA THR G 67 6.36 -31.52 26.43
C THR G 67 6.10 -32.76 27.28
N VAL G 68 4.84 -33.07 27.53
CA VAL G 68 4.52 -34.24 28.34
C VAL G 68 4.96 -35.51 27.65
N ALA G 69 4.78 -35.59 26.34
CA ALA G 69 5.18 -36.78 25.62
C ALA G 69 6.69 -36.94 25.62
N CYS G 70 7.43 -35.85 25.41
CA CYS G 70 8.88 -35.93 25.47
C CYS G 70 9.34 -36.31 26.86
N ASP G 71 8.66 -35.82 27.90
CA ASP G 71 9.02 -36.19 29.26
C ASP G 71 8.79 -37.68 29.48
N ALA G 72 7.63 -38.19 29.04
CA ALA G 72 7.37 -39.61 29.19
C ALA G 72 8.43 -40.43 28.48
N TYR G 73 8.85 -40.00 27.29
CA TYR G 73 9.91 -40.72 26.60
C TYR G 73 11.21 -40.65 27.39
N ARG G 74 11.44 -39.53 28.07
CA ARG G 74 12.67 -39.36 28.88
C ARG G 74 12.63 -40.35 30.06
N TYR G 75 11.45 -40.56 30.66
CA TYR G 75 11.35 -41.43 31.82
C TYR G 75 11.40 -42.94 31.69
N ARG G 76 10.78 -43.45 30.61
CA ARG G 76 10.78 -44.92 30.36
C ARG G 76 12.26 -45.38 30.24
N HIS G 77 13.04 -44.61 29.49
CA HIS G 77 14.53 -44.78 29.59
C HIS G 77 15.29 -44.02 30.71
N LYS G 78 14.98 -44.33 31.97
CA LYS G 78 15.73 -43.71 33.10
C LYS G 78 17.13 -44.31 33.07
N PRO G 79 18.22 -43.51 33.19
CA PRO G 79 19.56 -44.07 33.05
C PRO G 79 19.87 -45.18 34.06
N GLN G 80 20.40 -46.30 33.57
CA GLN G 80 20.80 -47.41 34.47
C GLN G 80 22.31 -47.24 34.65
N GLN G 81 22.76 -46.81 35.83
CA GLN G 81 24.20 -46.50 35.95
C GLN G 81 24.99 -47.74 36.34
N GLU G 82 26.18 -47.91 35.75
CA GLU G 82 27.07 -48.96 36.26
C GLU G 82 27.33 -48.67 37.72
N ALA G 83 27.62 -49.73 38.50
CA ALA G 83 27.92 -49.63 39.92
C ALA G 83 28.81 -48.48 40.37
N GLY G 84 29.86 -48.19 39.61
CA GLY G 84 30.76 -47.11 39.95
C GLY G 84 31.13 -46.17 38.81
N ARG G 85 30.53 -46.31 37.64
CA ARG G 85 30.93 -45.48 36.52
C ARG G 85 29.87 -44.42 36.23
N PRO G 86 30.21 -43.40 35.44
CA PRO G 86 29.21 -42.39 35.05
C PRO G 86 27.98 -43.05 34.47
N PRO G 87 26.79 -42.56 34.82
CA PRO G 87 25.56 -43.21 34.35
C PRO G 87 25.38 -43.01 32.86
N THR G 88 25.11 -44.10 32.16
CA THR G 88 24.84 -44.01 30.73
C THR G 88 23.44 -43.45 30.54
N VAL G 89 23.35 -42.15 30.30
CA VAL G 89 22.07 -41.48 30.08
C VAL G 89 21.76 -41.52 28.59
N PRO G 90 20.89 -42.42 28.14
CA PRO G 90 20.65 -42.52 26.69
C PRO G 90 19.96 -41.31 26.11
N VAL G 91 18.96 -40.75 26.79
CA VAL G 91 18.19 -39.62 26.30
C VAL G 91 18.37 -38.47 27.25
N VAL G 92 18.69 -37.29 26.71
CA VAL G 92 18.87 -36.07 27.50
C VAL G 92 17.83 -35.07 27.04
N TYR G 93 17.05 -34.55 27.99
CA TYR G 93 15.98 -33.61 27.70
C TYR G 93 16.29 -32.30 28.41
N ILE G 94 16.30 -31.21 27.66
CA ILE G 94 16.54 -29.88 28.22
C ILE G 94 15.55 -29.04 27.46
N ARG G 95 15.08 -27.99 28.14
CA ARG G 95 14.16 -27.00 27.52
C ARG G 95 14.78 -25.65 27.86
N PRO G 96 15.68 -25.10 27.03
CA PRO G 96 16.42 -23.85 27.36
C PRO G 96 15.60 -22.61 27.76
N HIS G 97 16.23 -21.68 28.49
CA HIS G 97 15.55 -20.45 28.83
C HIS G 97 15.55 -19.48 27.66
N GLN G 98 14.85 -18.36 27.82
CA GLN G 98 14.69 -17.41 26.73
C GLN G 98 16.02 -16.88 26.26
N LYS G 99 16.22 -16.88 24.94
CA LYS G 99 17.47 -16.50 24.30
C LYS G 99 18.64 -17.21 24.97
N CYS G 100 18.62 -18.53 24.88
CA CYS G 100 19.69 -19.36 25.40
C CYS G 100 20.91 -19.19 24.51
N GLY G 101 21.97 -18.61 25.07
CA GLY G 101 23.21 -18.53 24.36
C GLY G 101 23.95 -19.85 24.38
N PRO G 102 25.08 -19.90 23.69
CA PRO G 102 25.85 -21.15 23.66
C PRO G 102 26.35 -21.58 25.02
N LYS G 103 26.73 -20.62 25.87
CA LYS G 103 27.15 -20.98 27.22
C LYS G 103 25.99 -21.59 28.00
N ASP G 104 24.81 -21.01 27.86
CA ASP G 104 23.68 -21.44 28.67
C ASP G 104 23.24 -22.84 28.29
N LEU G 105 23.24 -23.13 26.99
CA LEU G 105 22.89 -24.46 26.53
C LEU G 105 23.83 -25.51 27.12
N PHE G 106 25.12 -25.21 27.13
CA PHE G 106 26.08 -26.15 27.69
C PHE G 106 25.87 -26.31 29.18
N LYS G 107 25.57 -25.21 29.87
CA LYS G 107 25.27 -25.33 31.29
C LYS G 107 24.09 -26.26 31.52
N LYS G 108 23.03 -26.10 30.73
CA LYS G 108 21.85 -26.96 30.92
C LYS G 108 22.17 -28.41 30.60
N ILE G 109 22.92 -28.65 29.52
CA ILE G 109 23.24 -30.02 29.14
C ILE G 109 24.05 -30.69 30.23
N THR G 110 25.15 -30.07 30.63
CA THR G 110 26.01 -30.70 31.61
C THR G 110 25.39 -30.70 33.00
N GLU G 111 24.36 -29.89 33.21
CA GLU G 111 23.60 -29.96 34.44
C GLU G 111 22.71 -31.18 34.46
N TYR G 112 21.97 -31.42 33.36
CA TYR G 112 21.09 -32.57 33.31
C TYR G 112 21.88 -33.87 33.48
N LEU G 113 23.13 -33.89 33.00
CA LEU G 113 23.95 -35.06 33.22
C LEU G 113 24.51 -35.11 34.63
N LYS G 114 24.19 -34.13 35.47
CA LYS G 114 24.58 -34.12 36.88
C LYS G 114 26.10 -33.99 37.03
N TYR G 115 26.69 -33.08 36.27
CA TYR G 115 28.06 -32.64 36.44
C TYR G 115 28.01 -31.15 36.70
N ARG G 116 28.35 -30.72 37.91
CA ARG G 116 28.29 -29.29 38.17
C ARG G 116 29.36 -28.56 37.38
N VAL G 117 29.05 -27.34 36.96
CA VAL G 117 29.90 -26.59 36.06
C VAL G 117 31.04 -25.99 36.85
N THR G 118 32.23 -26.03 36.28
CA THR G 118 33.36 -25.29 36.80
C THR G 118 33.49 -24.00 36.01
N LYS G 119 33.60 -22.87 36.73
CA LYS G 119 33.51 -21.56 36.09
C LYS G 119 34.60 -21.41 35.04
N GLY G 120 34.21 -20.98 33.85
CA GLY G 120 35.16 -20.83 32.77
C GLY G 120 34.60 -20.07 31.59
N THR G 121 35.36 -20.08 30.51
CA THR G 121 35.02 -19.41 29.27
C THR G 121 34.16 -20.32 28.40
N VAL G 122 33.46 -19.70 27.44
CA VAL G 122 32.53 -20.45 26.60
C VAL G 122 33.20 -21.68 26.00
N SER G 123 34.45 -21.54 25.60
CA SER G 123 35.19 -22.67 25.04
C SER G 123 35.36 -23.78 26.05
N ASP G 124 35.65 -23.43 27.31
CA ASP G 124 35.84 -24.43 28.34
C ASP G 124 34.56 -25.22 28.58
N PHE G 125 33.43 -24.50 28.61
CA PHE G 125 32.14 -25.15 28.73
C PHE G 125 31.89 -26.09 27.57
N ARG G 126 32.20 -25.64 26.36
CA ARG G 126 32.01 -26.50 25.19
C ARG G 126 32.82 -27.79 25.32
N ASP G 127 34.09 -27.64 25.67
CA ASP G 127 34.96 -28.81 25.79
C ASP G 127 34.47 -29.77 26.86
N ARG G 128 34.10 -29.25 28.03
CA ARG G 128 33.60 -30.13 29.08
C ARG G 128 32.28 -30.79 28.69
N THR G 129 31.43 -30.06 27.97
CA THR G 129 30.15 -30.62 27.57
C THR G 129 30.36 -31.78 26.61
N ILE G 130 31.27 -31.60 25.64
CA ILE G 130 31.58 -32.71 24.69
C ILE G 130 32.13 -33.90 25.49
N GLU G 131 33.00 -33.63 26.46
CA GLU G 131 33.65 -34.72 27.25
C GLU G 131 32.62 -35.54 28.04
N VAL G 132 31.66 -34.87 28.69
CA VAL G 132 30.67 -35.59 29.54
C VAL G 132 29.56 -36.14 28.66
N LEU G 133 29.41 -35.58 27.45
CA LEU G 133 28.38 -36.02 26.53
C LEU G 133 28.80 -37.30 25.82
N LYS G 134 30.11 -37.45 25.57
CA LYS G 134 30.60 -38.72 25.07
C LYS G 134 30.77 -39.72 26.19
N GLY G 135 30.98 -39.24 27.41
CA GLY G 135 31.19 -40.14 28.53
C GLY G 135 29.92 -40.85 28.95
N CYS G 136 28.83 -40.10 29.08
CA CYS G 136 27.57 -40.66 29.51
C CYS G 136 26.83 -41.39 28.39
N GLY G 137 27.49 -41.61 27.25
CA GLY G 137 26.92 -42.34 26.15
C GLY G 137 25.56 -41.84 25.72
N VAL G 138 25.38 -40.53 25.66
CA VAL G 138 24.10 -39.95 25.28
C VAL G 138 23.78 -40.34 23.85
N GLU G 139 22.54 -40.73 23.61
CA GLU G 139 22.09 -41.10 22.28
C GLU G 139 21.17 -40.08 21.65
N MET G 140 20.40 -39.34 22.45
CA MET G 140 19.42 -38.41 21.92
C MET G 140 19.36 -37.19 22.82
N LEU G 141 19.31 -36.01 22.22
CA LEU G 141 19.28 -34.75 22.94
C LEU G 141 18.00 -34.02 22.54
N ILE G 142 16.97 -34.13 23.38
CA ILE G 142 15.65 -33.49 23.07
C ILE G 142 15.65 -32.05 23.58
N ILE G 143 15.77 -31.08 22.66
CA ILE G 143 15.72 -29.64 23.05
C ILE G 143 14.25 -29.18 22.99
N ASP G 144 13.55 -29.18 24.12
CA ASP G 144 12.18 -28.70 24.13
C ASP G 144 12.15 -27.18 24.08
N GLU G 145 11.09 -26.65 23.48
CA GLU G 145 10.96 -25.22 23.26
C GLU G 145 12.20 -24.68 22.57
N ALA G 146 12.54 -25.31 21.45
CA ALA G 146 13.76 -25.00 20.73
C ALA G 146 13.60 -23.82 19.79
N ASP G 147 12.55 -23.01 19.96
CA ASP G 147 12.50 -21.73 19.29
C ASP G 147 13.08 -20.62 20.15
N ARG G 148 13.52 -20.94 21.36
CA ARG G 148 14.05 -19.92 22.26
C ARG G 148 15.51 -19.63 21.98
N LEU G 149 16.32 -20.65 21.79
CA LEU G 149 17.76 -20.48 21.73
C LEU G 149 18.15 -19.66 20.49
N LYS G 150 19.18 -18.86 20.65
CA LYS G 150 19.58 -17.85 19.68
C LYS G 150 20.12 -18.50 18.42
N PRO G 151 20.13 -17.78 17.31
CA PRO G 151 20.67 -18.37 16.07
C PRO G 151 22.12 -18.77 16.17
N GLU G 152 22.88 -18.15 17.06
CA GLU G 152 24.30 -18.44 17.14
C GLU G 152 24.61 -19.66 17.99
N THR G 153 23.59 -20.35 18.51
CA THR G 153 23.80 -21.63 19.19
C THR G 153 23.28 -22.81 18.40
N PHE G 154 22.51 -22.56 17.33
CA PHE G 154 22.23 -23.64 16.41
C PHE G 154 23.51 -24.17 15.78
N ALA G 155 24.52 -23.31 15.67
CA ALA G 155 25.83 -23.79 15.22
C ALA G 155 26.37 -24.83 16.19
N ASP G 156 26.22 -24.61 17.49
CA ASP G 156 26.78 -25.57 18.43
C ASP G 156 25.95 -26.84 18.50
N VAL G 157 24.63 -26.73 18.34
CA VAL G 157 23.82 -27.95 18.34
C VAL G 157 24.12 -28.68 17.04
N ARG G 158 24.39 -27.92 15.97
CA ARG G 158 24.78 -28.59 14.71
C ARG G 158 26.08 -29.32 15.00
N ASP G 159 27.04 -28.65 15.66
CA ASP G 159 28.32 -29.26 15.97
C ASP G 159 28.22 -30.56 16.78
N ILE G 160 27.38 -30.55 17.81
CA ILE G 160 27.12 -31.72 18.62
C ILE G 160 26.63 -32.86 17.75
N ALA G 161 25.57 -32.61 16.99
CA ALA G 161 24.97 -33.65 16.16
C ALA G 161 26.04 -33.99 15.14
N GLU G 162 26.76 -32.99 14.64
CA GLU G 162 27.80 -33.24 13.65
C GLU G 162 28.95 -34.22 14.07
N ASP G 163 29.47 -34.00 15.29
CA ASP G 163 30.65 -34.80 15.73
C ASP G 163 30.32 -36.00 16.63
N LEU G 164 29.35 -35.91 17.54
CA LEU G 164 29.15 -36.99 18.49
C LEU G 164 28.21 -38.06 17.98
N GLY G 165 27.61 -37.81 16.82
CA GLY G 165 26.60 -38.76 16.30
C GLY G 165 25.48 -38.85 17.32
N ILE G 166 24.85 -37.72 17.64
CA ILE G 166 23.75 -37.70 18.65
C ILE G 166 22.49 -37.19 17.97
N ALA G 167 21.38 -37.91 18.12
CA ALA G 167 20.14 -37.51 17.46
C ALA G 167 19.56 -36.33 18.22
N VAL G 168 19.64 -35.14 17.66
CA VAL G 168 19.10 -33.94 18.29
C VAL G 168 17.67 -33.74 17.81
N VAL G 169 16.73 -33.73 18.74
CA VAL G 169 15.31 -33.59 18.41
C VAL G 169 14.85 -32.24 18.92
N LEU G 170 14.61 -31.30 18.02
CA LEU G 170 14.14 -29.98 18.40
C LEU G 170 12.63 -30.01 18.50
N VAL G 171 12.10 -29.72 19.67
CA VAL G 171 10.66 -29.62 19.88
C VAL G 171 10.29 -28.15 19.85
N GLY G 172 9.07 -27.81 19.40
CA GLY G 172 8.68 -26.39 19.48
C GLY G 172 7.36 -26.08 18.80
N THR G 173 6.83 -24.87 19.05
CA THR G 173 5.57 -24.42 18.39
C THR G 173 5.97 -24.28 16.92
N ASP G 174 5.00 -24.03 16.04
CA ASP G 174 5.27 -23.82 14.60
C ASP G 174 6.28 -22.67 14.41
N ARG G 175 6.41 -21.80 15.42
CA ARG G 175 7.32 -20.65 15.29
C ARG G 175 8.72 -21.21 15.11
N LEU G 176 9.03 -22.35 15.73
CA LEU G 176 10.31 -23.00 15.51
C LEU G 176 10.70 -23.26 14.07
N ASP G 177 9.71 -23.62 13.24
CA ASP G 177 9.98 -23.85 11.83
C ASP G 177 10.48 -22.60 11.10
N ALA G 178 9.84 -21.47 11.37
CA ALA G 178 10.29 -20.22 10.76
C ALA G 178 11.65 -19.91 11.38
N VAL G 179 11.83 -20.22 12.66
CA VAL G 179 13.09 -19.92 13.32
C VAL G 179 14.23 -20.67 12.63
N ILE G 180 14.00 -21.92 12.25
CA ILE G 180 15.04 -22.64 11.52
C ILE G 180 15.03 -22.26 10.05
N LYS G 181 13.89 -21.85 9.51
CA LYS G 181 13.85 -21.44 8.10
C LYS G 181 14.73 -20.31 7.62
N ARG G 182 14.86 -19.25 8.42
CA ARG G 182 15.79 -18.17 8.05
C ARG G 182 17.33 -18.48 8.15
N ASP G 183 17.58 -19.54 8.91
CA ASP G 183 18.97 -20.06 8.99
C ASP G 183 19.02 -21.09 7.86
N GLU G 184 20.21 -21.52 7.48
CA GLU G 184 20.34 -22.42 6.34
C GLU G 184 20.61 -23.91 6.49
N GLN G 185 21.42 -24.32 7.46
CA GLN G 185 21.82 -25.73 7.50
C GLN G 185 20.90 -26.37 8.52
N VAL G 186 20.49 -25.59 9.53
CA VAL G 186 19.66 -26.13 10.59
C VAL G 186 18.41 -26.63 9.87
N LEU G 187 17.89 -25.82 8.95
CA LEU G 187 16.77 -26.29 8.14
C LEU G 187 17.01 -27.53 7.32
N GLU G 188 18.22 -27.65 6.76
CA GLU G 188 18.59 -28.88 6.01
C GLU G 188 18.80 -30.13 6.91
N ARG G 189 19.64 -29.95 7.95
CA ARG G 189 19.86 -31.00 8.98
C ARG G 189 18.64 -31.51 9.76
N PHE G 190 17.75 -30.61 10.14
CA PHE G 190 16.53 -30.99 10.92
C PHE G 190 15.33 -30.89 9.99
N ARG G 191 15.12 -31.92 9.15
CA ARG G 191 14.04 -31.92 8.20
C ARG G 191 13.04 -33.05 8.36
N ALA G 192 13.40 -34.14 9.03
CA ALA G 192 12.42 -35.13 9.38
C ALA G 192 11.58 -34.57 10.52
N HIS G 193 10.26 -34.71 10.41
CA HIS G 193 9.40 -34.07 11.40
C HIS G 193 8.18 -34.91 11.68
N LEU G 194 7.48 -34.54 12.76
CA LEU G 194 6.32 -35.27 13.22
C LEU G 194 5.35 -34.27 13.83
N ARG G 195 4.32 -33.90 13.08
CA ARG G 195 3.36 -32.87 13.55
C ARG G 195 2.47 -33.45 14.65
N PHE G 196 2.21 -32.69 15.72
CA PHE G 196 1.27 -33.20 16.75
C PHE G 196 -0.16 -33.19 16.20
N GLY G 197 -0.92 -34.26 16.46
CA GLY G 197 -2.29 -34.41 15.89
C GLY G 197 -3.12 -33.40 16.67
N LYS G 198 -4.24 -32.97 16.07
CA LYS G 198 -5.22 -32.09 16.79
C LYS G 198 -6.12 -33.01 17.62
N LEU G 199 -6.29 -34.29 17.21
CA LEU G 199 -7.03 -35.33 17.98
C LEU G 199 -8.55 -35.30 17.76
N SER G 200 -9.09 -34.36 16.98
CA SER G 200 -10.57 -34.24 16.84
C SER G 200 -11.23 -35.45 16.18
N GLY G 201 -12.43 -35.85 16.63
CA GLY G 201 -13.19 -36.97 16.01
C GLY G 201 -13.58 -38.03 17.02
N GLU G 202 -13.85 -39.25 16.58
CA GLU G 202 -14.12 -40.36 17.54
C GLU G 202 -12.98 -40.58 18.54
N ASP G 203 -11.74 -40.54 18.06
CA ASP G 203 -10.57 -40.67 18.98
C ASP G 203 -10.61 -39.60 20.09
N PHE G 204 -11.23 -38.45 19.81
CA PHE G 204 -11.28 -37.35 20.81
C PHE G 204 -12.32 -37.88 21.80
N LYS G 205 -13.41 -38.48 21.31
CA LYS G 205 -14.48 -38.99 22.20
C LYS G 205 -13.88 -40.01 23.18
N ASN G 206 -13.07 -40.95 22.67
CA ASN G 206 -12.37 -41.90 23.57
C ASN G 206 -11.55 -41.17 24.64
N THR G 207 -10.67 -40.26 24.22
CA THR G 207 -9.86 -39.49 25.16
C THR G 207 -10.72 -38.91 26.26
N VAL G 208 -11.90 -38.38 25.90
CA VAL G 208 -12.74 -37.72 26.89
C VAL G 208 -13.03 -38.76 27.96
N GLU G 209 -13.57 -39.92 27.56
CA GLU G 209 -13.86 -40.91 28.60
C GLU G 209 -12.61 -41.46 29.34
N MET G 210 -11.55 -41.63 28.56
CA MET G 210 -10.26 -41.92 29.18
C MET G 210 -9.76 -40.99 30.28
N TRP G 211 -10.19 -39.72 30.24
CA TRP G 211 -9.82 -38.79 31.29
C TRP G 211 -10.68 -38.99 32.53
N GLU G 212 -11.92 -39.41 32.35
CA GLU G 212 -12.83 -39.69 33.45
C GLU G 212 -12.27 -40.77 34.37
N GLN G 213 -11.78 -41.87 33.78
CA GLN G 213 -11.40 -43.01 34.59
C GLN G 213 -9.98 -42.85 35.10
N MET G 214 -9.06 -42.48 34.21
CA MET G 214 -7.64 -42.46 34.54
C MET G 214 -7.31 -41.32 35.49
N VAL G 215 -7.66 -40.10 35.13
CA VAL G 215 -7.16 -38.91 35.79
C VAL G 215 -8.14 -38.37 36.82
N LEU G 216 -9.42 -38.36 36.48
CA LEU G 216 -10.45 -37.78 37.40
C LEU G 216 -10.61 -38.68 38.63
N LYS G 217 -10.53 -40.02 38.47
CA LYS G 217 -10.52 -40.95 39.63
C LYS G 217 -11.69 -40.73 40.61
N LEU G 218 -12.94 -40.65 40.13
CA LEU G 218 -14.08 -40.35 41.04
C LEU G 218 -14.96 -41.61 41.22
N PRO G 219 -15.83 -41.79 42.27
CA PRO G 219 -16.71 -42.95 42.28
C PRO G 219 -17.55 -42.86 41.00
N VAL G 220 -17.81 -44.00 40.35
CA VAL G 220 -18.50 -43.92 39.03
C VAL G 220 -19.83 -43.18 39.21
N SER G 221 -20.07 -42.17 38.39
CA SER G 221 -21.32 -41.36 38.51
C SER G 221 -22.23 -41.66 37.31
N SER G 222 -21.85 -42.63 36.47
CA SER G 222 -22.64 -42.97 35.26
C SER G 222 -22.76 -41.73 34.35
N ASN G 223 -21.79 -40.82 34.42
CA ASN G 223 -21.80 -39.63 33.52
C ASN G 223 -21.59 -40.16 32.10
N LEU G 224 -20.48 -40.84 31.85
CA LEU G 224 -20.20 -41.50 30.54
C LEU G 224 -19.95 -40.46 29.43
N LYS G 225 -19.74 -39.19 29.79
CA LYS G 225 -19.40 -38.15 28.78
C LYS G 225 -20.39 -38.23 27.60
N SER G 226 -21.69 -38.10 27.87
CA SER G 226 -22.73 -38.26 26.82
C SER G 226 -22.65 -37.15 25.77
N LYS G 227 -23.22 -37.36 24.58
CA LYS G 227 -23.15 -36.38 23.46
C LYS G 227 -23.30 -34.92 23.94
N GLU G 228 -24.13 -34.66 24.94
CA GLU G 228 -24.22 -33.29 25.52
C GLU G 228 -22.85 -32.84 26.05
N MET G 229 -22.22 -33.62 26.95
CA MET G 229 -20.97 -33.18 27.56
C MET G 229 -19.94 -33.17 26.43
N LEU G 230 -20.10 -34.05 25.46
CA LEU G 230 -19.15 -34.08 24.36
C LEU G 230 -19.28 -32.86 23.47
N ARG G 231 -20.51 -32.43 23.20
CA ARG G 231 -20.71 -31.19 22.46
C ARG G 231 -20.10 -30.02 23.23
N ILE G 232 -20.32 -29.98 24.54
CA ILE G 232 -19.74 -28.92 25.35
C ILE G 232 -18.22 -28.94 25.23
N LEU G 233 -17.61 -30.10 25.35
CA LEU G 233 -16.16 -30.16 25.38
C LEU G 233 -15.55 -29.96 24.01
N THR G 234 -16.21 -30.41 22.95
CA THR G 234 -15.74 -30.14 21.60
C THR G 234 -15.93 -28.64 21.41
N SER G 235 -17.04 -28.11 21.91
CA SER G 235 -17.28 -26.68 21.80
C SER G 235 -16.20 -25.84 22.52
N ALA G 236 -15.81 -26.32 23.71
CA ALA G 236 -14.87 -25.57 24.52
C ALA G 236 -13.38 -25.77 24.29
N THR G 237 -12.94 -27.03 24.25
CA THR G 237 -11.51 -27.33 24.19
C THR G 237 -10.93 -27.17 22.79
N GLU G 238 -11.72 -27.35 21.74
CA GLU G 238 -11.26 -27.36 20.36
C GLU G 238 -10.23 -28.46 20.10
N GLY G 239 -10.16 -29.47 20.96
CA GLY G 239 -9.30 -30.61 20.75
C GLY G 239 -7.99 -30.55 21.49
N TYR G 240 -7.56 -29.39 21.93
CA TYR G 240 -6.31 -29.30 22.66
C TYR G 240 -6.38 -30.13 23.94
N ILE G 241 -5.45 -31.06 24.08
CA ILE G 241 -5.36 -31.83 25.31
C ILE G 241 -5.20 -30.91 26.50
N GLY G 242 -4.59 -29.80 26.32
CA GLY G 242 -4.36 -29.00 27.51
C GLY G 242 -5.64 -28.45 27.99
N ARG G 243 -6.49 -28.00 27.08
CA ARG G 243 -7.77 -27.35 27.47
C ARG G 243 -8.69 -28.38 28.13
N LEU G 244 -8.71 -29.62 27.62
CA LEU G 244 -9.53 -30.71 28.20
C LEU G 244 -9.00 -30.84 29.60
N ASP G 245 -7.72 -31.01 29.72
CA ASP G 245 -7.24 -31.24 31.08
C ASP G 245 -7.60 -30.08 31.98
N GLU G 246 -7.31 -28.86 31.51
CA GLU G 246 -7.60 -27.64 32.33
C GLU G 246 -9.08 -27.60 32.69
N ILE G 247 -9.97 -27.82 31.71
CA ILE G 247 -11.39 -27.71 31.96
C ILE G 247 -11.86 -28.78 32.94
N LEU G 248 -11.43 -30.02 32.72
CA LEU G 248 -11.95 -31.10 33.54
C LEU G 248 -11.48 -30.97 34.98
N ARG G 249 -10.21 -30.64 35.19
CA ARG G 249 -9.73 -30.42 36.55
C ARG G 249 -10.45 -29.29 37.27
N GLU G 250 -10.66 -28.18 36.57
CA GLU G 250 -11.39 -27.05 37.17
C GLU G 250 -12.80 -27.44 37.57
N ALA G 251 -13.50 -28.15 36.70
CA ALA G 251 -14.88 -28.52 36.94
C ALA G 251 -14.91 -29.48 38.12
N ALA G 252 -13.97 -30.43 38.16
CA ALA G 252 -13.91 -31.37 39.27
C ALA G 252 -13.66 -30.65 40.59
N ILE G 253 -12.67 -29.74 40.59
CA ILE G 253 -12.35 -29.02 41.81
C ILE G 253 -13.54 -28.16 42.26
N ARG G 254 -14.17 -27.46 41.31
CA ARG G 254 -15.32 -26.65 41.68
C ARG G 254 -16.43 -27.51 42.29
N SER G 255 -16.76 -28.63 41.63
CA SER G 255 -17.87 -29.45 42.08
C SER G 255 -17.59 -30.06 43.45
N LEU G 256 -16.34 -30.41 43.70
CA LEU G 256 -16.02 -30.98 45.01
C LEU G 256 -15.96 -29.89 46.08
N SER G 257 -15.61 -28.66 45.68
CA SER G 257 -15.58 -27.57 46.65
C SER G 257 -16.99 -27.16 47.05
N ARG G 258 -17.93 -27.22 46.12
CA ARG G 258 -19.30 -26.89 46.46
C ARG G 258 -20.10 -28.08 46.97
N GLY G 259 -19.44 -29.20 47.27
CA GLY G 259 -20.06 -30.36 47.86
C GLY G 259 -20.59 -31.35 46.85
N LEU G 260 -20.76 -30.94 45.60
CA LEU G 260 -21.29 -31.84 44.58
C LEU G 260 -20.36 -33.03 44.42
N LYS G 261 -20.96 -34.23 44.37
CA LYS G 261 -20.15 -35.44 44.40
C LYS G 261 -19.64 -35.76 42.99
N LYS G 262 -20.50 -35.64 41.99
CA LYS G 262 -20.07 -35.65 40.59
C LYS G 262 -20.02 -34.27 39.95
N ILE G 263 -19.72 -34.25 38.64
CA ILE G 263 -19.66 -32.96 37.88
C ILE G 263 -21.05 -32.69 37.25
N ASP G 264 -21.64 -31.55 37.57
CA ASP G 264 -22.97 -31.15 37.00
C ASP G 264 -22.80 -30.53 35.62
N LYS G 265 -23.90 -30.33 34.89
CA LYS G 265 -23.81 -29.60 33.59
C LYS G 265 -23.54 -28.13 33.91
N ALA G 266 -23.98 -27.66 35.08
CA ALA G 266 -23.83 -26.26 35.45
C ALA G 266 -22.38 -25.84 35.45
N VAL G 267 -21.53 -26.61 36.15
CA VAL G 267 -20.13 -26.21 36.28
C VAL G 267 -19.44 -26.36 34.92
N LEU G 268 -19.93 -27.29 34.09
CA LEU G 268 -19.34 -27.46 32.73
C LEU G 268 -19.65 -26.20 31.91
N GLN G 269 -20.90 -25.72 31.96
CA GLN G 269 -21.20 -24.45 31.31
C GLN G 269 -20.39 -23.29 31.86
N GLU G 270 -20.15 -23.31 33.17
CA GLU G 270 -19.32 -22.29 33.80
C GLU G 270 -17.94 -22.21 33.17
N VAL G 271 -17.21 -23.33 33.16
CA VAL G 271 -15.84 -23.26 32.65
C VAL G 271 -15.85 -22.99 31.16
N ALA G 272 -16.87 -23.50 30.46
CA ALA G 272 -16.98 -23.22 29.04
C ALA G 272 -17.05 -21.72 28.80
N LYS G 273 -17.98 -21.03 29.47
CA LYS G 273 -18.06 -19.59 29.25
C LYS G 273 -16.83 -18.81 29.68
N GLU G 274 -16.14 -19.31 30.71
CA GLU G 274 -15.04 -18.54 31.27
C GLU G 274 -13.71 -18.80 30.53
N TYR G 275 -13.83 -19.56 29.44
CA TYR G 275 -12.64 -19.76 28.56
C TYR G 275 -12.98 -18.89 27.34
N LYS G 276 -14.07 -19.23 26.66
CA LYS G 276 -14.51 -18.45 25.47
C LYS G 276 -15.71 -17.57 25.89
N ASP H 17 -11.20 23.98 65.82
CA ASP H 17 -12.08 23.65 64.70
C ASP H 17 -11.30 23.71 63.39
N ASP H 18 -10.43 24.71 63.26
CA ASP H 18 -9.48 24.70 62.13
C ASP H 18 -8.56 23.49 62.23
N GLU H 19 -8.21 23.08 63.45
CA GLU H 19 -7.58 21.80 63.67
C GLU H 19 -8.45 20.68 63.12
N TRP H 20 -9.74 20.71 63.46
CA TRP H 20 -10.71 19.77 62.91
C TRP H 20 -10.79 19.88 61.39
N LEU H 21 -10.67 21.10 60.85
CA LEU H 21 -10.71 21.26 59.40
C LEU H 21 -9.51 20.61 58.75
N GLN H 22 -8.34 20.73 59.37
CA GLN H 22 -7.17 20.05 58.85
C GLN H 22 -7.35 18.54 58.90
N ALA H 23 -7.95 18.05 59.98
CA ALA H 23 -8.29 16.63 60.07
C ALA H 23 -9.19 16.22 58.90
N GLU H 24 -10.19 17.05 58.62
CA GLU H 24 -11.18 16.70 57.57
C GLU H 24 -10.57 16.61 56.17
N ILE H 25 -9.79 17.63 55.77
CA ILE H 25 -9.21 17.65 54.40
C ILE H 25 -8.20 16.50 54.26
N ALA H 26 -7.45 16.22 55.34
CA ALA H 26 -6.42 15.15 55.30
C ALA H 26 -7.16 13.82 55.19
N ARG H 27 -8.26 13.64 55.95
CA ARG H 27 -8.97 12.38 55.92
C ARG H 27 -9.66 12.17 54.57
N LEU H 28 -10.22 13.24 54.01
CA LEU H 28 -10.85 13.14 52.70
C LEU H 28 -9.79 12.95 51.61
N LYS H 29 -8.62 13.57 51.81
CA LYS H 29 -7.53 13.40 50.85
C LYS H 29 -7.14 11.93 50.70
N GLY H 30 -6.88 11.24 51.81
CA GLY H 30 -6.53 9.84 51.73
C GLY H 30 -7.75 8.99 51.38
N LYS H 31 -7.46 7.90 50.67
CA LYS H 31 -8.55 7.03 50.18
C LYS H 31 -8.86 5.92 51.16
N SER H 32 -10.03 5.30 51.01
CA SER H 32 -10.50 4.24 51.86
C SER H 32 -10.85 3.04 51.00
N ILE H 33 -11.23 1.94 51.62
CA ILE H 33 -11.65 0.75 50.90
C ILE H 33 -13.06 0.40 51.35
N VAL H 34 -14.05 0.83 50.58
CA VAL H 34 -15.44 0.54 50.91
C VAL H 34 -15.81 -0.79 50.25
N PRO H 35 -16.17 -1.79 51.02
CA PRO H 35 -16.34 -3.13 50.45
C PRO H 35 -17.66 -3.28 49.72
N LEU H 36 -17.61 -3.52 48.42
CA LEU H 36 -18.81 -3.74 47.62
C LEU H 36 -18.67 -5.00 46.78
N GLN H 37 -19.73 -5.32 46.05
CA GLN H 37 -19.87 -6.64 45.45
C GLN H 37 -18.70 -6.97 44.53
N GLN H 38 -18.10 -5.95 43.92
CA GLN H 38 -17.03 -6.20 42.96
C GLN H 38 -15.84 -6.86 43.63
N VAL H 39 -15.36 -6.29 44.73
CA VAL H 39 -14.15 -6.82 45.37
C VAL H 39 -14.45 -8.18 45.99
N LYS H 40 -15.69 -8.40 46.41
CA LYS H 40 -16.03 -9.68 47.01
C LYS H 40 -16.03 -10.78 45.96
N THR H 41 -16.59 -10.48 44.78
CA THR H 41 -16.53 -11.44 43.70
C THR H 41 -15.09 -11.71 43.29
N LEU H 42 -14.28 -10.67 43.25
CA LEU H 42 -12.88 -10.87 42.89
C LEU H 42 -12.13 -11.74 43.87
N HIS H 43 -12.36 -11.51 45.17
CA HIS H 43 -11.67 -12.33 46.21
C HIS H 43 -12.11 -13.79 46.07
N ASP H 44 -13.42 -14.02 45.88
CA ASP H 44 -13.91 -15.38 45.77
C ASP H 44 -13.26 -16.04 44.57
N TRP H 45 -13.23 -15.32 43.44
CA TRP H 45 -12.60 -15.84 42.23
C TRP H 45 -11.13 -16.15 42.46
N LEU H 46 -10.41 -15.25 43.11
CA LEU H 46 -8.98 -15.44 43.30
C LEU H 46 -8.72 -16.57 44.29
N ASP H 47 -9.57 -16.73 45.30
CA ASP H 47 -9.43 -17.88 46.18
C ASP H 47 -9.61 -19.17 45.38
N GLY H 48 -10.62 -19.21 44.52
CA GLY H 48 -10.82 -20.38 43.70
C GLY H 48 -9.62 -20.70 42.84
N LYS H 49 -9.04 -19.68 42.20
CA LYS H 49 -7.86 -19.90 41.40
C LYS H 49 -6.66 -20.32 42.23
N ARG H 50 -6.51 -19.78 43.44
CA ARG H 50 -5.31 -20.02 44.22
C ARG H 50 -5.34 -21.42 44.84
N LYS H 51 -6.51 -21.89 45.23
CA LYS H 51 -6.61 -23.26 45.72
C LYS H 51 -6.22 -24.25 44.63
N ALA H 52 -6.37 -23.86 43.37
CA ALA H 52 -6.09 -24.73 42.24
C ALA H 52 -4.80 -24.40 41.53
N ARG H 53 -4.01 -23.44 42.07
CA ARG H 53 -2.76 -22.99 41.40
C ARG H 53 -3.09 -22.74 39.93
N LYS H 54 -4.09 -21.91 39.67
CA LYS H 54 -4.59 -21.65 38.32
C LYS H 54 -4.26 -20.21 37.97
N SER H 55 -3.64 -20.02 36.81
CA SER H 55 -3.25 -18.68 36.37
C SER H 55 -4.39 -18.10 35.55
N CYS H 56 -4.93 -16.98 35.98
CA CYS H 56 -6.00 -16.32 35.26
C CYS H 56 -5.52 -14.92 34.91
N ARG H 57 -6.39 -14.16 34.25
CA ARG H 57 -6.09 -12.74 34.00
C ARG H 57 -7.39 -12.02 34.29
N VAL H 58 -7.34 -11.03 35.17
CA VAL H 58 -8.57 -10.41 35.62
C VAL H 58 -8.58 -9.06 34.92
N VAL H 59 -9.26 -9.00 33.79
CA VAL H 59 -9.20 -7.82 32.95
C VAL H 59 -10.39 -6.94 33.35
N GLY H 60 -10.37 -5.71 32.88
CA GLY H 60 -11.43 -4.79 33.18
C GLY H 60 -11.18 -3.45 32.52
N GLU H 61 -12.04 -2.49 32.83
CA GLU H 61 -11.91 -1.17 32.26
C GLU H 61 -10.88 -0.38 33.07
N SER H 62 -10.71 0.88 32.72
CA SER H 62 -9.74 1.73 33.40
C SER H 62 -10.60 2.61 34.29
N ARG H 63 -10.03 3.06 35.42
CA ARG H 63 -10.76 3.88 36.44
C ARG H 63 -11.96 3.12 36.97
N THR H 64 -11.80 1.85 37.29
CA THR H 64 -12.85 0.98 37.75
C THR H 64 -12.76 0.15 39.01
N GLY H 65 -11.61 0.13 39.68
CA GLY H 65 -11.51 -0.54 40.97
C GLY H 65 -10.80 -1.87 40.94
N LYS H 66 -9.81 -2.02 40.06
CA LYS H 66 -9.08 -3.28 39.99
C LYS H 66 -7.90 -3.31 40.94
N THR H 67 -7.06 -2.27 40.90
CA THR H 67 -5.88 -2.24 41.75
C THR H 67 -6.27 -2.27 43.22
N VAL H 68 -7.33 -1.54 43.58
CA VAL H 68 -7.76 -1.52 44.98
C VAL H 68 -8.23 -2.88 45.41
N ALA H 69 -8.96 -3.58 44.54
CA ALA H 69 -9.44 -4.91 44.90
C ALA H 69 -8.30 -5.89 45.06
N CYS H 70 -7.33 -5.85 44.14
CA CYS H 70 -6.17 -6.73 44.29
C CYS H 70 -5.39 -6.40 45.55
N ASP H 71 -5.30 -5.12 45.90
CA ASP H 71 -4.62 -4.75 47.14
C ASP H 71 -5.35 -5.29 48.35
N ALA H 72 -6.68 -5.14 48.37
CA ALA H 72 -7.46 -5.68 49.48
C ALA H 72 -7.26 -7.19 49.60
N TYR H 73 -7.21 -7.88 48.47
CA TYR H 73 -6.96 -9.32 48.53
C TYR H 73 -5.57 -9.59 49.07
N ARG H 74 -4.61 -8.71 48.74
CA ARG H 74 -3.22 -8.90 49.23
C ARG H 74 -3.20 -8.72 50.76
N TYR H 75 -4.00 -7.78 51.29
CA TYR H 75 -3.97 -7.52 52.73
C TYR H 75 -4.65 -8.47 53.71
N ARG H 76 -5.81 -9.00 53.30
CA ARG H 76 -6.54 -9.96 54.18
C ARG H 76 -5.60 -11.18 54.46
N HIS H 77 -4.95 -11.64 53.40
CA HIS H 77 -3.79 -12.57 53.64
C HIS H 77 -2.38 -11.95 53.90
N LYS H 78 -2.26 -11.21 55.00
CA LYS H 78 -0.94 -10.64 55.37
C LYS H 78 -0.08 -11.84 55.81
N PRO H 79 1.19 -11.97 55.37
CA PRO H 79 1.97 -13.16 55.71
C PRO H 79 2.14 -13.37 57.21
N GLN H 80 1.88 -14.58 57.69
CA GLN H 80 2.10 -14.91 59.11
C GLN H 80 3.45 -15.61 59.16
N GLN H 81 4.49 -14.94 59.69
CA GLN H 81 5.82 -15.57 59.59
C GLN H 81 6.08 -16.50 60.77
N GLU H 82 6.72 -17.65 60.52
CA GLU H 82 7.18 -18.45 61.64
C GLU H 82 8.12 -17.61 62.48
N ALA H 83 8.21 -17.90 63.77
CA ALA H 83 9.07 -17.20 64.72
C ALA H 83 10.47 -16.83 64.24
N GLY H 84 11.13 -17.75 63.53
CA GLY H 84 12.46 -17.48 63.00
C GLY H 84 12.70 -17.85 61.56
N ARG H 85 11.68 -18.26 60.82
CA ARG H 85 11.89 -18.69 59.46
C ARG H 85 11.39 -17.64 58.46
N PRO H 86 11.78 -17.74 57.20
CA PRO H 86 11.27 -16.82 56.18
C PRO H 86 9.74 -16.79 56.20
N PRO H 87 9.15 -15.60 56.06
CA PRO H 87 7.69 -15.50 56.17
C PRO H 87 7.02 -16.14 54.97
N THR H 88 6.05 -17.00 55.25
CA THR H 88 5.28 -17.63 54.18
C THR H 88 4.32 -16.59 53.61
N VAL H 89 4.72 -15.97 52.51
CA VAL H 89 3.89 -14.96 51.85
C VAL H 89 3.01 -15.67 50.82
N PRO H 90 1.73 -15.90 51.12
CA PRO H 90 0.92 -16.66 50.17
C PRO H 90 0.65 -15.92 48.87
N VAL H 91 0.37 -14.62 48.94
CA VAL H 91 0.04 -13.83 47.76
C VAL H 91 1.07 -12.73 47.61
N VAL H 92 1.62 -12.59 46.40
CA VAL H 92 2.61 -11.59 46.09
C VAL H 92 2.02 -10.67 45.03
N TYR H 93 2.01 -9.37 45.30
CA TYR H 93 1.45 -8.38 44.39
C TYR H 93 2.56 -7.43 43.97
N ILE H 94 2.74 -7.27 42.67
CA ILE H 94 3.73 -6.36 42.12
C ILE H 94 2.98 -5.75 40.96
N ARG H 95 3.33 -4.48 40.68
CA ARG H 95 2.78 -3.75 39.51
C ARG H 95 4.01 -3.17 38.81
N PRO H 96 4.64 -3.90 37.85
CA PRO H 96 5.89 -3.46 37.22
C PRO H 96 5.94 -2.06 36.60
N HIS H 97 7.15 -1.50 36.46
CA HIS H 97 7.27 -0.21 35.80
C HIS H 97 7.22 -0.36 34.29
N GLN H 98 7.21 0.77 33.60
CA GLN H 98 7.05 0.76 32.14
C GLN H 98 8.16 -0.02 31.47
N LYS H 99 7.77 -0.91 30.55
CA LYS H 99 8.68 -1.82 29.87
C LYS H 99 9.59 -2.53 30.87
N CYS H 100 8.96 -3.29 31.74
CA CYS H 100 9.66 -4.09 32.74
C CYS H 100 10.37 -5.24 32.02
N GLY H 101 11.69 -5.22 32.04
CA GLY H 101 12.43 -6.33 31.51
C GLY H 101 12.46 -7.50 32.49
N PRO H 102 13.06 -8.60 32.07
CA PRO H 102 13.12 -9.76 32.96
C PRO H 102 13.90 -9.50 34.23
N LYS H 103 14.96 -8.70 34.15
CA LYS H 103 15.70 -8.36 35.37
C LYS H 103 14.83 -7.55 36.32
N ASP H 104 14.07 -6.60 35.77
CA ASP H 104 13.31 -5.70 36.62
C ASP H 104 12.18 -6.43 37.33
N LEU H 105 11.53 -7.35 36.63
CA LEU H 105 10.48 -8.14 37.26
C LEU H 105 11.02 -8.94 38.43
N PHE H 106 12.20 -9.54 38.27
CA PHE H 106 12.78 -10.30 39.36
C PHE H 106 13.16 -9.39 40.51
N LYS H 107 13.67 -8.21 40.20
CA LYS H 107 13.96 -7.26 41.27
C LYS H 107 12.71 -6.95 42.06
N LYS H 108 11.60 -6.67 41.36
CA LYS H 108 10.37 -6.34 42.07
C LYS H 108 9.85 -7.51 42.89
N ILE H 109 9.91 -8.72 42.33
CA ILE H 109 9.41 -9.89 43.05
C ILE H 109 10.23 -10.10 44.31
N THR H 110 11.54 -10.19 44.18
CA THR H 110 12.36 -10.48 45.35
C THR H 110 12.42 -9.30 46.29
N GLU H 111 12.04 -8.11 45.84
CA GLU H 111 11.91 -6.98 46.74
C GLU H 111 10.67 -7.11 47.60
N TYR H 112 9.53 -7.44 46.97
CA TYR H 112 8.30 -7.59 47.73
C TYR H 112 8.44 -8.66 48.79
N LEU H 113 9.22 -9.69 48.51
CA LEU H 113 9.47 -10.71 49.53
C LEU H 113 10.48 -10.26 50.56
N LYS H 114 10.98 -9.03 50.44
CA LYS H 114 11.88 -8.44 51.44
C LYS H 114 13.21 -9.18 51.49
N TYR H 115 13.78 -9.47 50.32
CA TYR H 115 15.14 -9.96 50.17
C TYR H 115 15.85 -8.94 49.29
N ARG H 116 16.81 -8.21 49.84
CA ARG H 116 17.49 -7.23 49.00
C ARG H 116 18.34 -7.93 47.97
N VAL H 117 18.45 -7.32 46.80
CA VAL H 117 19.08 -7.93 45.65
C VAL H 117 20.59 -7.83 45.79
N THR H 118 21.29 -8.89 45.46
CA THR H 118 22.74 -8.85 45.34
C THR H 118 23.08 -8.67 43.87
N LYS H 119 23.94 -7.70 43.56
CA LYS H 119 24.19 -7.30 42.18
C LYS H 119 24.69 -8.48 41.36
N GLY H 120 24.08 -8.70 40.21
CA GLY H 120 24.46 -9.82 39.38
C GLY H 120 23.86 -9.76 38.00
N THR H 121 24.03 -10.84 37.27
CA THR H 121 23.53 -11.00 35.91
C THR H 121 22.09 -11.49 35.93
N VAL H 122 21.40 -11.29 34.79
CA VAL H 122 19.99 -11.64 34.71
C VAL H 122 19.75 -13.06 35.18
N SER H 123 20.65 -13.97 34.84
CA SER H 123 20.52 -15.37 35.28
C SER H 123 20.59 -15.49 36.78
N ASP H 124 21.48 -14.73 37.41
CA ASP H 124 21.63 -14.80 38.86
C ASP H 124 20.36 -14.32 39.54
N PHE H 125 19.77 -13.23 39.03
CA PHE H 125 18.50 -12.74 39.54
C PHE H 125 17.42 -13.80 39.39
N ARG H 126 17.37 -14.45 38.23
CA ARG H 126 16.36 -15.49 38.02
C ARG H 126 16.51 -16.61 39.04
N ASP H 127 17.74 -17.07 39.24
CA ASP H 127 17.97 -18.17 40.16
C ASP H 127 17.60 -17.78 41.58
N ARG H 128 18.00 -16.60 42.03
CA ARG H 128 17.66 -16.17 43.37
C ARG H 128 16.15 -15.98 43.53
N THR H 129 15.50 -15.48 42.48
CA THR H 129 14.06 -15.27 42.57
C THR H 129 13.33 -16.58 42.73
N ILE H 130 13.73 -17.59 41.94
CA ILE H 130 13.12 -18.95 42.08
C ILE H 130 13.38 -19.46 43.50
N GLU H 131 14.59 -19.26 44.02
CA GLU H 131 14.95 -19.80 45.36
C GLU H 131 14.09 -19.17 46.46
N VAL H 132 13.89 -17.85 46.43
CA VAL H 132 13.13 -17.16 47.51
C VAL H 132 11.63 -17.31 47.25
N LEU H 133 11.26 -17.63 46.00
CA LEU H 133 9.87 -17.79 45.65
C LEU H 133 9.36 -19.16 46.06
N LYS H 134 10.24 -20.16 46.03
CA LYS H 134 9.88 -21.46 46.60
C LYS H 134 10.04 -21.45 48.11
N GLY H 135 10.93 -20.60 48.62
CA GLY H 135 11.15 -20.57 50.06
C GLY H 135 10.01 -19.95 50.83
N CYS H 136 9.50 -18.82 50.34
CA CYS H 136 8.41 -18.12 51.01
C CYS H 136 7.06 -18.74 50.73
N GLY H 137 7.03 -19.91 50.10
CA GLY H 137 5.79 -20.62 49.83
C GLY H 137 4.74 -19.78 49.14
N VAL H 138 5.15 -18.99 48.16
CA VAL H 138 4.21 -18.13 47.44
C VAL H 138 3.21 -18.99 46.71
N GLU H 139 1.94 -18.60 46.79
CA GLU H 139 0.87 -19.31 46.10
C GLU H 139 0.33 -18.57 44.91
N MET H 140 0.35 -17.25 44.92
CA MET H 140 -0.25 -16.45 43.86
C MET H 140 0.61 -15.22 43.62
N LEU H 141 0.82 -14.88 42.36
CA LEU H 141 1.64 -13.75 41.96
C LEU H 141 0.78 -12.83 41.12
N ILE H 142 0.25 -11.78 41.77
CA ILE H 142 -0.66 -10.83 41.06
C ILE H 142 0.18 -9.73 40.38
N ILE H 143 0.31 -9.80 39.05
CA ILE H 143 1.06 -8.75 38.31
C ILE H 143 0.06 -7.66 37.89
N ASP H 144 -0.04 -6.59 38.67
CA ASP H 144 -0.93 -5.49 38.29
C ASP H 144 -0.32 -4.68 37.17
N GLU H 145 -1.18 -4.09 36.35
CA GLU H 145 -0.76 -3.35 35.17
C GLU H 145 0.19 -4.20 34.32
N ALA H 146 -0.27 -5.40 34.01
CA ALA H 146 0.55 -6.38 33.31
C ALA H 146 0.54 -6.18 31.81
N ASP H 147 0.14 -5.02 31.33
CA ASP H 147 0.37 -4.67 29.94
C ASP H 147 1.67 -3.89 29.77
N ARG H 148 2.38 -3.62 30.86
CA ARG H 148 3.62 -2.86 30.78
C ARG H 148 4.80 -3.73 30.41
N LEU H 149 4.93 -4.90 31.04
CA LEU H 149 6.14 -5.69 30.90
C LEU H 149 6.29 -6.19 29.47
N LYS H 150 7.54 -6.28 29.04
CA LYS H 150 7.90 -6.52 27.64
C LYS H 150 7.53 -7.94 27.25
N PRO H 151 7.40 -8.20 25.94
CA PRO H 151 7.06 -9.56 25.52
C PRO H 151 8.10 -10.60 25.91
N GLU H 152 9.34 -10.19 26.11
CA GLU H 152 10.39 -11.15 26.42
C GLU H 152 10.45 -11.51 27.89
N THR H 153 9.54 -10.97 28.72
CA THR H 153 9.43 -11.40 30.10
C THR H 153 8.18 -12.20 30.39
N PHE H 154 7.25 -12.23 29.44
CA PHE H 154 6.17 -13.21 29.55
C PHE H 154 6.72 -14.62 29.52
N ALA H 155 7.84 -14.82 28.86
CA ALA H 155 8.50 -16.12 28.93
C ALA H 155 8.88 -16.46 30.36
N ASP H 156 9.39 -15.48 31.11
CA ASP H 156 9.81 -15.80 32.47
C ASP H 156 8.62 -15.96 33.40
N VAL H 157 7.54 -15.21 33.17
CA VAL H 157 6.36 -15.40 34.03
C VAL H 157 5.75 -16.74 33.64
N ARG H 158 5.86 -17.10 32.36
CA ARG H 158 5.36 -18.44 31.97
C ARG H 158 6.22 -19.45 32.72
N ASP H 159 7.55 -19.27 32.72
CA ASP H 159 8.43 -20.19 33.42
C ASP H 159 8.11 -20.37 34.90
N ILE H 160 7.88 -19.27 35.60
CA ILE H 160 7.49 -19.28 37.00
C ILE H 160 6.23 -20.12 37.18
N ALA H 161 5.18 -19.79 36.44
CA ALA H 161 3.92 -20.50 36.58
C ALA H 161 4.21 -21.93 36.15
N GLU H 162 5.06 -22.13 35.13
CA GLU H 162 5.27 -23.50 34.60
C GLU H 162 5.96 -24.41 35.64
N ASP H 163 6.93 -23.89 36.39
CA ASP H 163 7.73 -24.79 37.26
C ASP H 163 7.32 -24.73 38.74
N LEU H 164 7.02 -23.55 39.28
CA LEU H 164 6.77 -23.46 40.72
C LEU H 164 5.34 -23.80 41.09
N GLY H 165 4.49 -23.98 40.09
CA GLY H 165 3.06 -24.20 40.37
C GLY H 165 2.53 -22.99 41.12
N ILE H 166 2.66 -21.80 40.51
CA ILE H 166 2.20 -20.55 41.18
C ILE H 166 1.13 -19.92 40.30
N ALA H 167 -0.02 -19.56 40.89
CA ALA H 167 -1.10 -18.99 40.10
C ALA H 167 -0.75 -17.54 39.79
N VAL H 168 -0.40 -17.26 38.54
CA VAL H 168 -0.05 -15.91 38.13
C VAL H 168 -1.31 -15.24 37.60
N VAL H 169 -1.68 -14.13 38.22
CA VAL H 169 -2.89 -13.40 37.86
C VAL H 169 -2.46 -12.07 37.24
N LEU H 170 -2.61 -11.94 35.92
CA LEU H 170 -2.27 -10.71 35.24
C LEU H 170 -3.45 -9.77 35.29
N VAL H 171 -3.27 -8.60 35.89
CA VAL H 171 -4.29 -7.56 35.92
C VAL H 171 -3.96 -6.55 34.84
N GLY H 172 -4.97 -5.91 34.26
CA GLY H 172 -4.64 -4.85 33.28
C GLY H 172 -5.84 -4.28 32.55
N THR H 173 -5.64 -3.16 31.85
CA THR H 173 -6.73 -2.55 31.04
C THR H 173 -6.95 -3.56 29.91
N ASP H 174 -7.98 -3.35 29.09
CA ASP H 174 -8.26 -4.26 27.94
C ASP H 174 -7.03 -4.33 27.02
N ARG H 175 -6.13 -3.34 27.11
CA ARG H 175 -4.96 -3.32 26.23
C ARG H 175 -4.14 -4.56 26.53
N LEU H 176 -4.14 -5.01 27.79
CA LEU H 176 -3.49 -6.27 28.14
C LEU H 176 -3.88 -7.49 27.32
N ASP H 177 -5.17 -7.58 26.97
CA ASP H 177 -5.62 -8.69 26.15
C ASP H 177 -4.99 -8.73 24.76
N ALA H 178 -4.90 -7.56 24.13
CA ALA H 178 -4.23 -7.49 22.83
C ALA H 178 -2.76 -7.77 23.06
N VAL H 179 -2.22 -7.30 24.19
CA VAL H 179 -0.81 -7.51 24.47
C VAL H 179 -0.50 -9.00 24.56
N ILE H 180 -1.39 -9.78 25.18
CA ILE H 180 -1.17 -11.21 25.21
C ILE H 180 -1.61 -11.86 23.90
N LYS H 181 -2.58 -11.27 23.20
CA LYS H 181 -3.00 -11.84 21.93
C LYS H 181 -2.00 -12.02 20.80
N ARG H 182 -1.11 -11.05 20.62
CA ARG H 182 -0.04 -11.22 19.61
C ARG H 182 1.10 -12.25 19.94
N ASP H 183 1.14 -12.56 21.24
CA ASP H 183 2.07 -13.62 21.71
C ASP H 183 1.20 -14.86 21.65
N GLU H 184 1.81 -16.04 21.71
CA GLU H 184 1.06 -17.28 21.57
C GLU H 184 0.68 -18.17 22.74
N GLN H 185 1.55 -18.32 23.75
CA GLN H 185 1.29 -19.31 24.77
C GLN H 185 0.68 -18.51 25.92
N VAL H 186 1.11 -17.27 26.07
CA VAL H 186 0.64 -16.43 27.17
C VAL H 186 -0.87 -16.39 27.00
N LEU H 187 -1.32 -16.17 25.76
CA LEU H 187 -2.75 -16.23 25.49
C LEU H 187 -3.44 -17.55 25.81
N GLU H 188 -2.74 -18.65 25.54
CA GLU H 188 -3.29 -19.99 25.88
C GLU H 188 -3.30 -20.28 27.43
N ARG H 189 -2.12 -20.07 28.04
CA ARG H 189 -1.99 -20.18 29.52
C ARG H 189 -2.85 -19.28 30.40
N PHE H 190 -3.02 -18.02 29.99
CA PHE H 190 -3.85 -17.07 30.78
C PHE H 190 -5.15 -16.83 30.03
N ARG H 191 -6.11 -17.76 30.17
CA ARG H 191 -7.37 -17.67 29.47
C ARG H 191 -8.59 -17.61 30.36
N ALA H 192 -8.49 -18.03 31.61
CA ALA H 192 -9.58 -17.78 32.54
C ALA H 192 -9.54 -16.32 32.92
N HIS H 193 -10.69 -15.66 32.90
CA HIS H 193 -10.70 -14.23 33.11
C HIS H 193 -11.93 -13.79 33.87
N LEU H 194 -11.89 -12.55 34.34
CA LEU H 194 -12.97 -11.99 35.16
C LEU H 194 -13.04 -10.50 34.86
N ARG H 195 -14.03 -10.12 34.03
CA ARG H 195 -14.16 -8.70 33.59
C ARG H 195 -14.66 -7.85 34.75
N PHE H 196 -14.11 -6.65 34.95
CA PHE H 196 -14.66 -5.78 36.02
C PHE H 196 -16.04 -5.23 35.60
N GLY H 197 -17.00 -5.21 36.52
CA GLY H 197 -18.39 -4.81 36.17
C GLY H 197 -18.30 -3.31 35.98
N LYS H 198 -19.26 -2.75 35.22
CA LYS H 198 -19.37 -1.26 35.07
C LYS H 198 -20.15 -0.76 36.29
N LEU H 199 -21.01 -1.60 36.90
CA LEU H 199 -21.74 -1.28 38.17
C LEU H 199 -23.05 -0.49 37.95
N SER H 200 -23.38 -0.10 36.72
CA SER H 200 -24.57 0.78 36.50
C SER H 200 -25.90 0.10 36.88
N GLY H 201 -26.85 0.86 37.45
CA GLY H 201 -28.20 0.35 37.78
C GLY H 201 -28.55 0.58 39.24
N GLU H 202 -29.49 -0.20 39.79
CA GLU H 202 -29.80 -0.08 41.24
C GLU H 202 -28.57 -0.29 42.13
N ASP H 203 -27.74 -1.30 41.82
CA ASP H 203 -26.49 -1.52 42.57
C ASP H 203 -25.61 -0.26 42.59
N PHE H 204 -25.72 0.58 41.56
CA PHE H 204 -24.87 1.80 41.48
C PHE H 204 -25.53 2.71 42.53
N LYS H 205 -26.86 2.73 42.57
CA LYS H 205 -27.59 3.61 43.53
C LYS H 205 -27.14 3.26 44.96
N ASN H 206 -27.11 1.97 45.30
CA ASN H 206 -26.59 1.55 46.62
C ASN H 206 -25.18 2.08 46.88
N THR H 207 -24.24 1.82 45.95
CA THR H 207 -22.87 2.31 46.08
C THR H 207 -22.87 3.78 46.42
N VAL H 208 -23.72 4.57 45.76
CA VAL H 208 -23.71 6.01 45.96
C VAL H 208 -23.95 6.23 47.44
N GLU H 209 -25.06 5.68 47.97
CA GLU H 209 -25.30 5.91 49.39
C GLU H 209 -24.22 5.30 50.34
N MET H 210 -23.76 4.12 49.95
CA MET H 210 -22.61 3.55 50.64
C MET H 210 -21.34 4.40 50.74
N TRP H 211 -21.16 5.33 49.80
CA TRP H 211 -20.03 6.25 49.89
C TRP H 211 -20.29 7.38 50.88
N GLU H 212 -21.55 7.77 51.02
CA GLU H 212 -21.95 8.81 51.96
C GLU H 212 -21.60 8.42 53.39
N GLN H 213 -21.92 7.18 53.77
CA GLN H 213 -21.78 6.79 55.17
C GLN H 213 -20.36 6.33 55.46
N MET H 214 -19.83 5.47 54.59
CA MET H 214 -18.55 4.82 54.84
C MET H 214 -17.40 5.80 54.71
N VAL H 215 -17.29 6.48 53.57
CA VAL H 215 -16.10 7.21 53.21
C VAL H 215 -16.23 8.69 53.51
N LEU H 216 -17.41 9.27 53.23
CA LEU H 216 -17.60 10.73 53.44
C LEU H 216 -17.62 11.06 54.94
N LYS H 217 -18.19 10.19 55.78
CA LYS H 217 -18.12 10.34 57.26
C LYS H 217 -18.56 11.73 57.75
N LEU H 218 -19.72 12.23 57.33
CA LEU H 218 -20.13 13.61 57.72
C LEU H 218 -21.31 13.55 58.72
N PRO H 219 -21.65 14.59 59.56
CA PRO H 219 -22.87 14.49 60.37
C PRO H 219 -24.02 14.28 59.38
N VAL H 220 -24.99 13.43 59.73
CA VAL H 220 -26.05 13.11 58.73
C VAL H 220 -26.72 14.41 58.30
N SER H 221 -26.81 14.64 56.99
CA SER H 221 -27.41 15.89 56.46
C SER H 221 -28.76 15.59 55.81
N SER H 222 -29.22 14.33 55.92
CA SER H 222 -30.50 13.91 55.28
C SER H 222 -30.43 14.13 53.77
N ASN H 223 -29.23 14.09 53.20
CA ASN H 223 -29.09 14.23 51.72
C ASN H 223 -29.74 12.99 51.10
N LEU H 224 -29.24 11.80 51.45
CA LEU H 224 -29.83 10.50 51.01
C LEU H 224 -29.64 10.28 49.50
N LYS H 225 -28.78 11.07 48.84
CA LYS H 225 -28.46 10.84 47.40
C LYS H 225 -29.77 10.70 46.61
N SER H 226 -30.65 11.71 46.67
CA SER H 226 -31.99 11.64 46.01
C SER H 226 -31.87 11.58 44.49
N LYS H 227 -32.91 11.12 43.80
CA LYS H 227 -32.88 10.96 42.31
C LYS H 227 -32.17 12.12 41.61
N GLU H 228 -32.31 13.35 42.10
CA GLU H 228 -31.56 14.50 41.52
C GLU H 228 -30.05 14.23 41.61
N MET H 229 -29.51 13.96 42.81
CA MET H 229 -28.07 13.81 42.96
C MET H 229 -27.69 12.55 42.20
N LEU H 230 -28.61 11.59 42.13
CA LEU H 230 -28.32 10.36 41.41
C LEU H 230 -28.25 10.60 39.92
N ARG H 231 -29.16 11.40 39.39
CA ARG H 231 -29.08 11.78 37.98
C ARG H 231 -27.77 12.50 37.71
N ILE H 232 -27.39 13.42 38.59
CA ILE H 232 -26.13 14.13 38.42
C ILE H 232 -24.97 13.16 38.38
N LEU H 233 -24.94 12.21 39.32
CA LEU H 233 -23.78 11.33 39.43
C LEU H 233 -23.77 10.28 38.33
N THR H 234 -24.94 9.81 37.89
CA THR H 234 -24.99 8.89 36.77
C THR H 234 -24.57 9.71 35.56
N SER H 235 -25.02 10.97 35.51
CA SER H 235 -24.65 11.83 34.41
C SER H 235 -23.12 12.07 34.34
N ALA H 236 -22.53 12.27 35.53
CA ALA H 236 -21.11 12.59 35.58
C ALA H 236 -20.10 11.46 35.60
N THR H 237 -20.29 10.48 36.48
CA THR H 237 -19.32 9.42 36.70
C THR H 237 -19.35 8.35 35.62
N GLU H 238 -20.49 8.12 34.99
CA GLU H 238 -20.70 7.02 34.05
C GLU H 238 -20.46 5.65 34.67
N GLY H 239 -20.49 5.56 36.00
CA GLY H 239 -20.38 4.30 36.68
C GLY H 239 -18.99 3.96 37.20
N TYR H 240 -17.96 4.62 36.69
CA TYR H 240 -16.62 4.36 37.17
C TYR H 240 -16.52 4.68 38.65
N ILE H 241 -16.12 3.69 39.45
CA ILE H 241 -15.88 3.93 40.86
C ILE H 241 -14.86 5.04 41.03
N GLY H 242 -13.75 4.86 40.42
CA GLY H 242 -12.74 5.85 40.71
C GLY H 242 -13.20 7.16 40.23
N ARG H 243 -14.39 7.28 39.64
CA ARG H 243 -14.89 8.62 39.24
C ARG H 243 -15.88 9.07 40.30
N LEU H 244 -16.69 8.13 40.80
CA LEU H 244 -17.61 8.46 41.91
C LEU H 244 -16.75 8.99 43.06
N ASP H 245 -15.60 8.36 43.31
CA ASP H 245 -14.77 8.75 44.44
C ASP H 245 -14.18 10.13 44.23
N GLU H 246 -13.61 10.36 43.04
CA GLU H 246 -12.97 11.66 42.73
C GLU H 246 -14.00 12.79 42.91
N ILE H 247 -15.21 12.63 42.36
CA ILE H 247 -16.20 13.69 42.42
C ILE H 247 -16.64 13.94 43.86
N LEU H 248 -16.93 12.87 44.60
CA LEU H 248 -17.48 13.06 45.93
C LEU H 248 -16.46 13.70 46.86
N ARG H 249 -15.20 13.24 46.80
CA ARG H 249 -14.18 13.88 47.62
C ARG H 249 -13.96 15.34 47.29
N GLU H 250 -13.93 15.68 46.01
CA GLU H 250 -13.77 17.08 45.60
C GLU H 250 -14.91 17.95 46.13
N ALA H 251 -16.15 17.45 46.00
CA ALA H 251 -17.31 18.23 46.40
C ALA H 251 -17.27 18.40 47.91
N ALA H 252 -16.91 17.33 48.64
CA ALA H 252 -16.82 17.44 50.09
C ALA H 252 -15.76 18.44 50.50
N ILE H 253 -14.58 18.37 49.89
CA ILE H 253 -13.50 19.29 50.23
C ILE H 253 -13.90 20.72 49.91
N ARG H 254 -14.49 20.93 48.73
CA ARG H 254 -14.92 22.28 48.37
C ARG H 254 -15.93 22.82 49.38
N SER H 255 -16.94 22.02 49.71
CA SER H 255 -18.01 22.50 50.58
C SER H 255 -17.49 22.80 51.97
N LEU H 256 -16.54 22.00 52.45
CA LEU H 256 -15.99 22.26 53.77
C LEU H 256 -15.02 23.44 53.74
N SER H 257 -14.38 23.68 52.61
CA SER H 257 -13.49 24.83 52.51
C SER H 257 -14.27 26.12 52.45
N ARG H 258 -15.44 26.11 51.82
CA ARG H 258 -16.25 27.32 51.78
C ARG H 258 -17.20 27.43 52.96
N GLY H 259 -17.03 26.59 53.99
CA GLY H 259 -17.80 26.67 55.22
C GLY H 259 -19.07 25.85 55.20
N LEU H 260 -19.52 25.45 54.02
CA LEU H 260 -20.77 24.68 53.94
C LEU H 260 -20.61 23.37 54.70
N LYS H 261 -21.62 23.04 55.50
CA LYS H 261 -21.49 21.91 56.41
C LYS H 261 -21.80 20.61 55.67
N LYS H 262 -22.84 20.60 54.85
CA LYS H 262 -23.07 19.52 53.90
C LYS H 262 -22.70 19.87 52.46
N ILE H 263 -22.99 18.94 51.53
CA ILE H 263 -22.71 19.18 50.09
C ILE H 263 -23.94 19.78 49.41
N ASP H 264 -23.80 20.95 48.80
CA ASP H 264 -24.92 21.63 48.09
C ASP H 264 -25.09 21.06 46.68
N LYS H 265 -26.18 21.40 45.99
CA LYS H 265 -26.32 20.99 44.57
C LYS H 265 -25.34 21.83 43.75
N ALA H 266 -25.01 23.04 44.22
CA ALA H 266 -24.13 23.94 43.49
C ALA H 266 -22.77 23.30 43.24
N VAL H 267 -22.15 22.79 44.29
CA VAL H 267 -20.80 22.24 44.14
C VAL H 267 -20.86 20.95 43.31
N LEU H 268 -22.00 20.25 43.38
CA LEU H 268 -22.16 19.02 42.56
C LEU H 268 -22.20 19.41 41.09
N GLN H 269 -22.97 20.44 40.73
CA GLN H 269 -22.93 20.94 39.37
C GLN H 269 -21.55 21.41 38.95
N GLU H 270 -20.83 22.05 39.89
CA GLU H 270 -19.45 22.47 39.63
C GLU H 270 -18.57 21.32 39.18
N VAL H 271 -18.48 20.27 39.98
CA VAL H 271 -17.56 19.20 39.62
C VAL H 271 -18.06 18.48 38.37
N ALA H 272 -19.38 18.39 38.22
CA ALA H 272 -19.93 17.78 37.02
C ALA H 272 -19.44 18.52 35.78
N LYS H 273 -19.62 19.84 35.73
CA LYS H 273 -19.14 20.56 34.55
C LYS H 273 -17.64 20.50 34.34
N GLU H 274 -16.87 20.41 35.43
CA GLU H 274 -15.43 20.50 35.30
C GLU H 274 -14.78 19.14 35.01
N TYR H 275 -15.65 18.15 34.77
CA TYR H 275 -15.15 16.82 34.34
C TYR H 275 -15.54 16.79 32.86
N LYS H 276 -16.84 16.85 32.59
CA LYS H 276 -17.34 16.86 31.19
C LYS H 276 -17.75 18.29 30.83
N ASP I 17 19.49 61.38 26.83
CA ASP I 17 18.19 61.02 26.25
C ASP I 17 18.33 59.80 25.36
N ASP I 18 19.41 59.75 24.58
CA ASP I 18 19.73 58.50 23.88
C ASP I 18 19.99 57.38 24.86
N GLU I 19 20.59 57.71 26.00
CA GLU I 19 20.64 56.78 27.12
C GLU I 19 19.23 56.37 27.53
N TRP I 20 18.33 57.35 27.67
CA TRP I 20 16.93 57.06 27.94
C TRP I 20 16.32 56.23 26.82
N LEU I 21 16.71 56.48 25.57
CA LEU I 21 16.17 55.71 24.46
C LEU I 21 16.61 54.25 24.54
N GLN I 22 17.85 54.02 24.94
CA GLN I 22 18.31 52.65 25.14
C GLN I 22 17.54 51.99 26.26
N ALA I 23 17.27 52.75 27.34
CA ALA I 23 16.44 52.22 28.41
C ALA I 23 15.06 51.82 27.87
N GLU I 24 14.49 52.67 27.02
CA GLU I 24 13.11 52.41 26.52
C GLU I 24 13.02 51.16 25.65
N ILE I 25 13.92 51.01 24.68
CA ILE I 25 13.85 49.84 23.76
C ILE I 25 14.14 48.55 24.55
N ALA I 26 15.04 48.63 25.53
CA ALA I 26 15.41 47.44 26.33
C ALA I 26 14.20 47.08 27.20
N ARG I 27 13.53 48.09 27.78
CA ARG I 27 12.41 47.81 28.65
C ARG I 27 11.23 47.27 27.84
N LEU I 28 11.00 47.83 26.66
CA LEU I 28 9.93 47.34 25.80
C LEU I 28 10.28 45.96 25.26
N LYS I 29 11.56 45.72 24.99
CA LYS I 29 12.00 44.41 24.53
C LYS I 29 11.62 43.31 25.51
N GLY I 30 11.98 43.46 26.78
CA GLY I 30 11.63 42.46 27.77
C GLY I 30 10.15 42.50 28.09
N LYS I 31 9.64 41.32 28.41
CA LYS I 31 8.18 41.19 28.65
C LYS I 31 7.85 41.37 30.13
N SER I 32 6.57 41.63 30.41
CA SER I 32 6.07 41.88 31.75
C SER I 32 4.94 40.89 32.01
N ILE I 33 4.41 40.92 33.22
CA ILE I 33 3.26 40.08 33.59
C ILE I 33 2.16 40.98 34.07
N VAL I 34 1.23 41.32 33.18
CA VAL I 34 0.10 42.17 33.55
C VAL I 34 -1.03 41.29 34.05
N PRO I 35 -1.44 41.42 35.29
CA PRO I 35 -2.38 40.46 35.86
C PRO I 35 -3.80 40.69 35.42
N LEU I 36 -4.38 39.73 34.71
CA LEU I 36 -5.77 39.83 34.26
C LEU I 36 -6.52 38.56 34.63
N GLN I 37 -7.81 38.57 34.31
CA GLN I 37 -8.73 37.57 34.84
C GLN I 37 -8.28 36.14 34.52
N GLN I 38 -7.60 35.97 33.39
CA GLN I 38 -7.22 34.63 32.96
C GLN I 38 -6.28 33.98 33.98
N VAL I 39 -5.19 34.68 34.33
CA VAL I 39 -4.19 34.09 35.22
C VAL I 39 -4.77 33.92 36.60
N LYS I 40 -5.70 34.78 37.00
CA LYS I 40 -6.29 34.67 38.33
C LYS I 40 -7.17 33.44 38.40
N THR I 41 -7.97 33.20 37.36
CA THR I 41 -8.77 31.99 37.32
C THR I 41 -7.87 30.76 37.32
N LEU I 42 -6.77 30.81 36.56
CA LEU I 42 -5.87 29.67 36.53
C LEU I 42 -5.25 29.37 37.88
N HIS I 43 -4.82 30.42 38.58
CA HIS I 43 -4.20 30.22 39.93
C HIS I 43 -5.23 29.62 40.88
N ASP I 44 -6.47 30.14 40.86
CA ASP I 44 -7.49 29.63 41.75
C ASP I 44 -7.72 28.15 41.43
N TRP I 45 -7.84 27.83 40.15
CA TRP I 45 -8.03 26.45 39.73
C TRP I 45 -6.88 25.56 40.18
N LEU I 46 -5.65 26.03 40.01
CA LEU I 46 -4.50 25.22 40.35
C LEU I 46 -4.38 25.06 41.85
N ASP I 47 -4.73 26.10 42.62
CA ASP I 47 -4.76 25.93 44.06
C ASP I 47 -5.77 24.87 44.45
N GLY I 48 -6.95 24.90 43.84
CA GLY I 48 -7.95 23.88 44.13
C GLY I 48 -7.45 22.49 43.83
N LYS I 49 -6.79 22.32 42.68
CA LYS I 49 -6.24 21.01 42.35
C LYS I 49 -5.12 20.60 43.28
N ARG I 50 -4.28 21.54 43.72
CA ARG I 50 -3.10 21.19 44.49
C ARG I 50 -3.47 20.85 45.93
N LYS I 51 -4.48 21.51 46.48
CA LYS I 51 -4.95 21.14 47.81
C LYS I 51 -5.48 19.72 47.81
N ALA I 52 -5.94 19.24 46.66
CA ALA I 52 -6.54 17.92 46.54
C ALA I 52 -5.63 16.91 45.87
N ARG I 53 -4.37 17.29 45.59
CA ARG I 53 -3.42 16.40 44.86
C ARG I 53 -4.17 15.82 43.66
N LYS I 54 -4.73 16.69 42.82
CA LYS I 54 -5.56 16.29 41.70
C LYS I 54 -4.82 16.65 40.42
N SER I 55 -4.70 15.69 39.51
CA SER I 55 -3.98 15.90 38.26
C SER I 55 -4.99 16.36 37.23
N CYS I 56 -4.77 17.55 36.68
CA CYS I 56 -5.65 18.08 35.65
C CYS I 56 -4.81 18.33 34.41
N ARG I 57 -5.45 18.84 33.35
CA ARG I 57 -4.70 19.26 32.18
C ARG I 57 -5.33 20.59 31.78
N VAL I 58 -4.51 21.63 31.66
CA VAL I 58 -5.07 22.95 31.45
C VAL I 58 -4.78 23.25 30.00
N VAL I 59 -5.75 22.98 29.14
CA VAL I 59 -5.55 23.07 27.70
C VAL I 59 -5.98 24.46 27.28
N GLY I 60 -5.61 24.83 26.06
CA GLY I 60 -5.97 26.12 25.55
C GLY I 60 -5.46 26.29 24.14
N GLU I 61 -5.62 27.49 23.61
CA GLU I 61 -5.18 27.77 22.26
C GLU I 61 -3.70 28.09 22.29
N SER I 62 -3.15 28.45 21.13
CA SER I 62 -1.73 28.74 21.03
C SER I 62 -1.69 30.27 20.94
N ARG I 63 -0.59 30.87 21.42
CA ARG I 63 -0.42 32.37 21.48
C ARG I 63 -1.51 32.99 22.33
N THR I 64 -1.79 32.40 23.49
CA THR I 64 -2.84 32.83 24.39
C THR I 64 -2.61 33.11 25.86
N GLY I 65 -1.43 32.84 26.39
CA GLY I 65 -1.12 33.22 27.74
C GLY I 65 -1.12 32.08 28.74
N LYS I 66 -0.74 30.88 28.30
CA LYS I 66 -0.70 29.74 29.20
C LYS I 66 0.62 29.62 29.93
N THR I 67 1.73 29.67 29.20
CA THR I 67 3.04 29.52 29.80
C THR I 67 3.29 30.63 30.81
N VAL I 68 2.89 31.85 30.47
CA VAL I 68 3.11 32.98 31.38
C VAL I 68 2.31 32.79 32.66
N ALA I 69 1.07 32.29 32.54
CA ALA I 69 0.26 32.10 33.73
C ALA I 69 0.83 31.00 34.61
N CYS I 70 1.27 29.90 34.00
CA CYS I 70 1.90 28.84 34.79
C CYS I 70 3.17 29.33 35.46
N ASP I 71 3.93 30.18 34.77
CA ASP I 71 5.14 30.75 35.37
C ASP I 71 4.79 31.62 36.56
N ALA I 72 3.78 32.49 36.40
CA ALA I 72 3.36 33.33 37.51
C ALA I 72 2.93 32.49 38.70
N TYR I 73 2.22 31.39 38.44
CA TYR I 73 1.83 30.51 39.54
C TYR I 73 3.07 29.90 40.17
N ARG I 74 4.08 29.60 39.36
CA ARG I 74 5.34 29.01 39.90
C ARG I 74 6.03 30.02 40.81
N TYR I 75 6.00 31.31 40.45
CA TYR I 75 6.70 32.32 41.24
C TYR I 75 6.14 32.81 42.56
N ARG I 76 4.81 32.94 42.62
CA ARG I 76 4.15 33.40 43.89
C ARG I 76 4.50 32.38 45.00
N HIS I 77 4.41 31.09 44.66
CA HIS I 77 5.06 30.08 45.56
C HIS I 77 6.57 29.75 45.35
N LYS I 78 7.42 30.75 45.56
CA LYS I 78 8.89 30.50 45.47
C LYS I 78 9.26 29.64 46.68
N PRO I 79 10.04 28.56 46.54
CA PRO I 79 10.30 27.67 47.67
C PRO I 79 10.96 28.39 48.87
N GLN I 80 10.41 28.17 50.05
CA GLN I 80 11.02 28.76 51.28
C GLN I 80 11.84 27.62 51.90
N GLN I 81 13.18 27.70 51.82
CA GLN I 81 13.96 26.54 52.28
C GLN I 81 14.24 26.60 53.77
N GLU I 82 14.16 25.47 54.46
CA GLU I 82 14.65 25.46 55.85
C GLU I 82 16.10 25.87 55.84
N ALA I 83 16.55 26.46 56.94
CA ALA I 83 17.93 26.92 57.12
C ALA I 83 19.03 26.00 56.59
N GLY I 84 18.90 24.70 56.81
CA GLY I 84 19.88 23.75 56.33
C GLY I 84 19.35 22.52 55.62
N ARG I 85 18.05 22.44 55.37
CA ARG I 85 17.50 21.24 54.76
C ARG I 85 17.14 21.50 53.29
N PRO I 86 16.91 20.43 52.51
CA PRO I 86 16.48 20.61 51.13
C PRO I 86 15.27 21.52 51.04
N PRO I 87 15.23 22.41 50.06
CA PRO I 87 14.14 23.38 49.99
C PRO I 87 12.84 22.70 49.60
N THR I 88 11.79 22.97 50.36
CA THR I 88 10.47 22.42 50.06
C THR I 88 9.91 23.19 48.87
N VAL I 89 10.07 22.62 47.68
CA VAL I 89 9.56 23.22 46.45
C VAL I 89 8.14 22.74 46.23
N PRO I 90 7.12 23.53 46.54
CA PRO I 90 5.75 23.02 46.41
C PRO I 90 5.33 22.79 44.97
N VAL I 91 5.69 23.67 44.05
CA VAL I 91 5.29 23.57 42.66
C VAL I 91 6.54 23.45 41.80
N VAL I 92 6.56 22.47 40.90
CA VAL I 92 7.67 22.25 40.00
C VAL I 92 7.17 22.42 38.58
N TYR I 93 7.82 23.29 37.82
CA TYR I 93 7.43 23.59 36.45
C TYR I 93 8.56 23.20 35.52
N ILE I 94 8.25 22.37 34.53
CA ILE I 94 9.23 21.94 33.54
C ILE I 94 8.42 22.00 32.26
N ARG I 95 9.13 22.30 31.17
CA ARG I 95 8.53 22.30 29.80
C ARG I 95 9.50 21.46 28.97
N PRO I 96 9.32 20.12 28.87
CA PRO I 96 10.27 19.24 28.19
C PRO I 96 10.66 19.57 26.74
N HIS I 97 11.83 19.08 26.29
CA HIS I 97 12.22 19.29 24.91
C HIS I 97 11.51 18.31 23.99
N GLN I 98 11.70 18.50 22.69
CA GLN I 98 10.99 17.70 21.70
C GLN I 98 11.29 16.22 21.87
N LYS I 99 10.23 15.41 21.87
CA LYS I 99 10.31 13.98 22.11
C LYS I 99 11.15 13.68 23.35
N CYS I 100 10.65 14.18 24.47
CA CYS I 100 11.29 13.95 25.77
C CYS I 100 11.08 12.50 26.15
N GLY I 101 12.16 11.74 26.22
CA GLY I 101 12.09 10.40 26.70
C GLY I 101 12.00 10.37 28.22
N PRO I 102 11.85 9.16 28.77
CA PRO I 102 11.76 9.05 30.23
C PRO I 102 13.01 9.52 30.95
N LYS I 103 14.18 9.28 30.37
CA LYS I 103 15.41 9.78 30.97
C LYS I 103 15.42 11.30 30.99
N ASP I 104 14.99 11.92 29.89
CA ASP I 104 15.11 13.35 29.77
C ASP I 104 14.16 14.06 30.74
N LEU I 105 12.96 13.52 30.90
CA LEU I 105 12.01 14.08 31.86
C LEU I 105 12.59 14.07 33.26
N PHE I 106 13.21 12.97 33.65
CA PHE I 106 13.80 12.88 34.98
C PHE I 106 14.95 13.86 35.11
N LYS I 107 15.75 14.01 34.06
CA LYS I 107 16.82 14.99 34.12
C LYS I 107 16.25 16.38 34.36
N LYS I 108 15.19 16.74 33.64
CA LYS I 108 14.62 18.07 33.82
C LYS I 108 14.02 18.25 35.20
N ILE I 109 13.32 17.22 35.71
CA ILE I 109 12.71 17.33 37.03
C ILE I 109 13.77 17.52 38.09
N THR I 110 14.76 16.62 38.12
CA THR I 110 15.76 16.70 39.17
C THR I 110 16.70 17.88 38.96
N GLU I 111 16.70 18.46 37.76
CA GLU I 111 17.45 19.70 37.54
C GLU I 111 16.72 20.87 38.15
N TYR I 112 15.41 20.97 37.91
CA TYR I 112 14.65 22.08 38.48
C TYR I 112 14.72 22.07 40.00
N LEU I 113 14.81 20.90 40.60
CA LEU I 113 14.98 20.82 42.04
C LEU I 113 16.41 21.12 42.47
N LYS I 114 17.30 21.41 41.52
CA LYS I 114 18.67 21.81 41.81
C LYS I 114 19.46 20.67 42.45
N TYR I 115 19.32 19.47 41.89
CA TYR I 115 20.17 18.33 42.21
C TYR I 115 20.83 17.92 40.91
N ARG I 116 22.13 18.09 40.79
CA ARG I 116 22.77 17.70 39.54
C ARG I 116 22.75 16.19 39.39
N VAL I 117 22.63 15.75 38.15
CA VAL I 117 22.42 14.35 37.84
C VAL I 117 23.76 13.62 37.94
N THR I 118 23.74 12.43 38.53
CA THR I 118 24.88 11.54 38.48
C THR I 118 24.65 10.53 37.37
N LYS I 119 25.65 10.37 36.49
CA LYS I 119 25.46 9.58 35.27
C LYS I 119 25.04 8.16 35.60
N GLY I 120 23.99 7.69 34.95
CA GLY I 120 23.50 6.37 35.21
C GLY I 120 22.49 5.90 34.19
N THR I 121 21.86 4.78 34.50
CA THR I 121 20.86 4.15 33.66
C THR I 121 19.49 4.73 33.96
N VAL I 122 18.56 4.54 33.01
CA VAL I 122 17.23 5.13 33.13
C VAL I 122 16.62 4.80 34.49
N SER I 123 16.81 3.57 34.96
CA SER I 123 16.30 3.17 36.26
C SER I 123 16.90 4.00 37.39
N ASP I 124 18.21 4.27 37.31
CA ASP I 124 18.86 5.04 38.35
C ASP I 124 18.30 6.45 38.40
N PHE I 125 18.09 7.05 37.24
CA PHE I 125 17.48 8.36 37.17
C PHE I 125 16.08 8.34 37.77
N ARG I 126 15.29 7.32 37.46
CA ARG I 126 13.96 7.22 38.02
C ARG I 126 14.01 7.15 39.54
N ASP I 127 14.88 6.30 40.07
CA ASP I 127 14.97 6.15 41.52
C ASP I 127 15.41 7.45 42.19
N ARG I 128 16.42 8.12 41.64
CA ARG I 128 16.86 9.38 42.23
C ARG I 128 15.78 10.45 42.12
N THR I 129 15.04 10.46 41.02
CA THR I 129 13.99 11.46 40.85
C THR I 129 12.90 11.28 41.88
N ILE I 130 12.49 10.02 42.11
CA ILE I 130 11.46 9.74 43.16
C ILE I 130 12.02 10.19 44.51
N GLU I 131 13.30 9.90 44.78
CA GLU I 131 13.90 10.23 46.11
C GLU I 131 13.91 11.74 46.36
N VAL I 132 14.29 12.54 45.35
CA VAL I 132 14.40 14.02 45.56
C VAL I 132 13.02 14.64 45.42
N LEU I 133 12.09 13.93 44.77
CA LEU I 133 10.74 14.44 44.59
C LEU I 133 9.91 14.25 45.84
N LYS I 134 10.19 13.19 46.59
CA LYS I 134 9.56 13.07 47.90
C LYS I 134 10.30 13.90 48.94
N GLY I 135 11.58 14.15 48.72
CA GLY I 135 12.35 14.91 49.68
C GLY I 135 11.99 16.38 49.69
N CYS I 136 11.88 16.98 48.53
CA CYS I 136 11.55 18.40 48.42
C CYS I 136 10.08 18.68 48.60
N GLY I 137 9.30 17.68 49.04
CA GLY I 137 7.89 17.87 49.30
C GLY I 137 7.12 18.50 48.17
N VAL I 138 7.40 18.08 46.94
CA VAL I 138 6.72 18.65 45.78
C VAL I 138 5.24 18.31 45.86
N GLU I 139 4.41 19.31 45.57
CA GLU I 139 2.97 19.13 45.57
C GLU I 139 2.36 19.11 44.18
N MET I 140 2.95 19.82 43.23
CA MET I 140 2.38 19.94 41.89
C MET I 140 3.52 19.96 40.87
N LEU I 141 3.33 19.23 39.78
CA LEU I 141 4.32 19.11 38.71
C LEU I 141 3.67 19.60 37.43
N ILE I 142 3.95 20.86 37.07
CA ILE I 142 3.34 21.47 35.86
C ILE I 142 4.21 21.15 34.64
N ILE I 143 3.76 20.22 33.79
CA ILE I 143 4.51 19.88 32.55
C ILE I 143 4.01 20.79 31.42
N ASP I 144 4.69 21.91 31.16
CA ASP I 144 4.29 22.77 30.06
C ASP I 144 4.69 22.17 28.74
N GLU I 145 3.91 22.47 27.70
CA GLU I 145 4.09 21.90 26.38
C GLU I 145 4.18 20.38 26.47
N ALA I 146 3.17 19.81 27.11
CA ALA I 146 3.13 18.38 27.38
C ALA I 146 2.62 17.57 26.22
N ASP I 147 2.59 18.14 25.02
CA ASP I 147 2.38 17.33 23.83
C ASP I 147 3.69 16.89 23.22
N ARG I 148 4.82 17.29 23.80
CA ARG I 148 6.11 16.93 23.24
C ARG I 148 6.56 15.55 23.69
N LEU I 149 6.42 15.24 24.97
CA LEU I 149 7.00 14.02 25.51
C LEU I 149 6.34 12.79 24.91
N LYS I 150 7.15 11.74 24.74
CA LYS I 150 6.78 10.56 23.99
C LYS I 150 5.72 9.77 24.73
N PRO I 151 4.99 8.90 24.02
CA PRO I 151 3.95 8.11 24.72
C PRO I 151 4.51 7.21 25.79
N GLU I 152 5.78 6.82 25.69
CA GLU I 152 6.34 5.88 26.65
C GLU I 152 6.83 6.56 27.92
N THR I 153 6.65 7.87 28.06
CA THR I 153 6.93 8.57 29.31
C THR I 153 5.68 9.04 30.01
N PHE I 154 4.53 8.99 29.35
CA PHE I 154 3.28 9.16 30.07
C PHE I 154 3.12 8.08 31.12
N ALA I 155 3.68 6.90 30.87
CA ALA I 155 3.69 5.87 31.89
C ALA I 155 4.42 6.34 33.13
N ASP I 156 5.55 7.03 32.96
CA ASP I 156 6.30 7.46 34.15
C ASP I 156 5.62 8.63 34.83
N VAL I 157 4.98 9.52 34.08
CA VAL I 157 4.29 10.62 34.74
C VAL I 157 3.06 10.04 35.43
N ARG I 158 2.49 8.98 34.83
CA ARG I 158 1.35 8.32 35.51
C ARG I 158 1.92 7.74 36.80
N ASP I 159 3.07 7.07 36.73
CA ASP I 159 3.68 6.49 37.92
C ASP I 159 3.94 7.49 39.05
N ILE I 160 4.49 8.64 38.71
CA ILE I 160 4.73 9.72 39.66
C ILE I 160 3.43 10.10 40.33
N ALA I 161 2.42 10.44 39.54
CA ALA I 161 1.13 10.89 40.09
C ALA I 161 0.59 9.68 40.84
N GLU I 162 0.77 8.49 40.29
CA GLU I 162 0.26 7.30 40.95
C GLU I 162 0.79 7.02 42.40
N ASP I 163 2.12 7.05 42.53
CA ASP I 163 2.73 6.67 43.85
C ASP I 163 3.07 7.87 44.74
N LEU I 164 3.41 9.03 44.19
CA LEU I 164 3.90 10.16 45.04
C LEU I 164 2.77 11.12 45.44
N GLY I 165 1.52 10.84 45.04
CA GLY I 165 0.38 11.73 45.32
C GLY I 165 0.76 13.14 44.93
N ILE I 166 1.13 13.34 43.66
CA ILE I 166 1.56 14.68 43.18
C ILE I 166 0.60 15.10 42.06
N ALA I 167 0.06 16.32 42.15
CA ALA I 167 -0.89 16.78 41.13
C ALA I 167 -0.10 17.15 39.89
N VAL I 168 -0.19 16.33 38.85
CA VAL I 168 0.49 16.59 37.60
C VAL I 168 -0.45 17.36 36.69
N VAL I 169 -0.04 18.56 36.28
CA VAL I 169 -0.85 19.42 35.43
C VAL I 169 -0.18 19.50 34.08
N LEU I 170 -0.77 18.86 33.07
CA LEU I 170 -0.23 18.89 31.73
C LEU I 170 -0.78 20.11 31.00
N VAL I 171 0.10 21.00 30.58
CA VAL I 171 -0.27 22.17 29.80
C VAL I 171 0.01 21.86 28.33
N GLY I 172 -0.78 22.42 27.41
CA GLY I 172 -0.44 22.20 26.00
C GLY I 172 -1.46 22.75 25.02
N THR I 173 -1.10 22.80 23.74
CA THR I 173 -2.05 23.27 22.69
C THR I 173 -3.10 22.17 22.64
N ASP I 174 -4.18 22.37 21.87
CA ASP I 174 -5.25 21.35 21.74
C ASP I 174 -4.65 20.02 21.22
N ARG I 175 -3.46 20.09 20.60
CA ARG I 175 -2.85 18.88 20.05
C ARG I 175 -2.59 17.92 21.20
N LEU I 176 -2.30 18.46 22.39
CA LEU I 176 -2.16 17.62 23.57
C LEU I 176 -3.33 16.70 23.89
N ASP I 177 -4.54 17.18 23.65
CA ASP I 177 -5.72 16.36 23.88
C ASP I 177 -5.77 15.10 23.00
N ALA I 178 -5.45 15.28 21.71
CA ALA I 178 -5.40 14.14 20.82
C ALA I 178 -4.23 13.28 21.25
N VAL I 179 -3.14 13.91 21.70
CA VAL I 179 -1.97 13.15 22.12
C VAL I 179 -2.32 12.23 23.28
N ILE I 180 -3.13 12.72 24.22
CA ILE I 180 -3.55 11.83 25.30
C ILE I 180 -4.71 10.94 24.87
N LYS I 181 -5.52 11.39 23.91
CA LYS I 181 -6.61 10.55 23.43
C LYS I 181 -6.32 9.18 22.85
N ARG I 182 -5.25 9.07 22.06
CA ARG I 182 -4.86 7.74 21.55
C ARG I 182 -4.25 6.73 22.58
N ASP I 183 -3.83 7.34 23.70
CA ASP I 183 -3.34 6.51 24.82
C ASP I 183 -4.60 6.32 25.65
N GLU I 184 -4.59 5.38 26.59
CA GLU I 184 -5.78 5.06 27.36
C GLU I 184 -6.00 5.53 28.79
N GLN I 185 -4.96 5.55 29.62
CA GLN I 185 -5.18 5.81 31.04
C GLN I 185 -4.89 7.29 31.21
N VAL I 186 -3.94 7.80 30.41
CA VAL I 186 -3.53 9.19 30.54
C VAL I 186 -4.81 9.98 30.31
N LEU I 187 -5.57 9.61 29.29
CA LEU I 187 -6.86 10.24 29.08
C LEU I 187 -7.85 10.14 30.23
N GLU I 188 -7.89 8.97 30.88
CA GLU I 188 -8.75 8.78 32.07
C GLU I 188 -8.26 9.59 33.32
N ARG I 189 -6.98 9.39 33.65
CA ARG I 189 -6.32 10.16 34.74
C ARG I 189 -6.30 11.68 34.65
N PHE I 190 -6.06 12.21 33.45
CA PHE I 190 -6.01 13.68 33.24
C PHE I 190 -7.26 14.10 32.50
N ARG I 191 -8.38 14.25 33.22
CA ARG I 191 -9.64 14.59 32.62
C ARG I 191 -10.26 15.89 33.12
N ALA I 192 -9.86 16.38 34.29
CA ALA I 192 -10.27 17.71 34.68
C ALA I 192 -9.46 18.70 33.87
N HIS I 193 -10.13 19.72 33.32
CA HIS I 193 -9.43 20.61 32.42
C HIS I 193 -9.95 22.03 32.56
N LEU I 194 -9.19 22.96 31.98
CA LEU I 194 -9.50 24.38 32.07
C LEU I 194 -9.05 25.03 30.78
N ARG I 195 -10.02 25.30 29.89
CA ARG I 195 -9.69 25.87 28.55
C ARG I 195 -9.28 27.33 28.70
N PHE I 196 -8.24 27.77 27.99
CA PHE I 196 -7.88 29.22 28.05
C PHE I 196 -8.94 30.05 27.28
N GLY I 197 -9.35 31.18 27.86
CA GLY I 197 -10.44 31.98 27.27
C GLY I 197 -9.80 32.63 26.04
N LYS I 198 -10.64 33.02 25.07
CA LYS I 198 -10.16 33.77 23.88
C LYS I 198 -10.09 35.26 24.30
N LEU I 199 -10.89 35.68 25.29
CA LEU I 199 -10.86 37.05 25.89
C LEU I 199 -11.66 38.10 25.09
N SER I 200 -12.27 37.75 23.96
CA SER I 200 -12.95 38.77 23.11
C SER I 200 -14.16 39.41 23.79
N GLY I 201 -14.38 40.73 23.58
CA GLY I 201 -15.56 41.43 24.11
C GLY I 201 -15.17 42.66 24.92
N GLU I 202 -16.05 43.14 25.82
CA GLU I 202 -15.66 44.27 26.71
C GLU I 202 -14.40 43.98 27.53
N ASP I 203 -14.29 42.77 28.10
CA ASP I 203 -13.07 42.38 28.83
C ASP I 203 -11.80 42.56 27.97
N PHE I 204 -11.95 42.43 26.64
CA PHE I 204 -10.77 42.55 25.75
C PHE I 204 -10.50 44.05 25.76
N LYS I 205 -11.55 44.88 25.70
CA LYS I 205 -11.38 46.36 25.69
C LYS I 205 -10.60 46.78 26.93
N ASN I 206 -11.00 46.27 28.11
CA ASN I 206 -10.22 46.57 29.34
C ASN I 206 -8.75 46.19 29.20
N THR I 207 -8.47 44.94 28.81
CA THR I 207 -7.10 44.49 28.61
C THR I 207 -6.32 45.47 27.77
N VAL I 208 -6.95 45.99 26.69
CA VAL I 208 -6.24 46.87 25.78
C VAL I 208 -5.75 48.04 26.62
N GLU I 209 -6.67 48.72 27.33
CA GLU I 209 -6.21 49.85 28.11
C GLU I 209 -5.22 49.47 29.25
N MET I 210 -5.50 48.34 29.88
CA MET I 210 -4.53 47.78 30.82
C MET I 210 -3.11 47.58 30.33
N TRP I 211 -2.93 47.39 29.02
CA TRP I 211 -1.59 47.27 28.47
C TRP I 211 -0.93 48.63 28.31
N GLU I 212 -1.73 49.66 28.05
CA GLU I 212 -1.23 51.02 27.92
C GLU I 212 -0.54 51.48 29.20
N GLN I 213 -1.19 51.24 30.35
CA GLN I 213 -0.67 51.82 31.58
C GLN I 213 0.39 50.92 32.19
N MET I 214 0.11 49.62 32.25
CA MET I 214 0.97 48.68 32.96
C MET I 214 2.28 48.46 32.21
N VAL I 215 2.20 48.06 30.95
CA VAL I 215 3.34 47.53 30.21
C VAL I 215 3.98 48.59 29.34
N LEU I 216 3.17 49.41 28.66
CA LEU I 216 3.72 50.43 27.73
C LEU I 216 4.43 51.53 28.52
N LYS I 217 4.00 51.80 29.76
CA LYS I 217 4.68 52.79 30.65
C LYS I 217 5.22 53.95 29.81
N LEU I 218 4.36 54.59 29.02
CA LEU I 218 4.79 55.70 28.13
C LEU I 218 3.83 56.87 28.35
N PRO I 219 4.15 58.12 27.91
CA PRO I 219 3.25 59.23 28.20
C PRO I 219 1.87 58.88 27.61
N VAL I 220 0.81 59.07 28.38
CA VAL I 220 -0.55 58.64 27.92
C VAL I 220 -0.95 59.43 26.67
N SER I 221 -1.49 58.74 25.66
CA SER I 221 -1.99 59.43 24.45
C SER I 221 -3.46 59.78 24.68
N SER I 222 -4.02 59.38 25.84
CA SER I 222 -5.45 59.62 26.17
C SER I 222 -6.35 58.87 25.20
N ASN I 223 -5.84 57.76 24.63
CA ASN I 223 -6.66 56.93 23.70
C ASN I 223 -7.85 56.34 24.47
N LEU I 224 -7.61 55.84 25.69
CA LEU I 224 -8.68 55.21 26.51
C LEU I 224 -9.36 54.10 25.68
N LYS I 225 -8.56 53.27 25.00
CA LYS I 225 -9.11 52.18 24.13
C LYS I 225 -10.08 52.78 23.10
N SER I 226 -9.69 53.90 22.46
CA SER I 226 -10.54 54.57 21.44
C SER I 226 -11.10 53.54 20.45
N LYS I 227 -12.40 53.62 20.13
CA LYS I 227 -13.03 52.61 19.23
C LYS I 227 -12.24 52.39 17.94
N GLU I 228 -11.63 53.44 17.37
CA GLU I 228 -10.76 53.25 16.18
C GLU I 228 -9.61 52.28 16.50
N MET I 229 -8.81 52.56 17.55
CA MET I 229 -7.64 51.73 17.84
C MET I 229 -8.19 50.38 18.25
N LEU I 230 -9.36 50.36 18.86
CA LEU I 230 -9.93 49.08 19.28
C LEU I 230 -10.37 48.25 18.08
N ARG I 231 -10.98 48.89 17.08
CA ARG I 231 -11.32 48.17 15.87
C ARG I 231 -10.06 47.64 15.22
N ILE I 232 -9.01 48.45 15.17
CA ILE I 232 -7.74 48.00 14.59
C ILE I 232 -7.23 46.78 15.34
N LEU I 233 -7.24 46.83 16.67
CA LEU I 233 -6.63 45.75 17.45
C LEU I 233 -7.51 44.50 17.46
N THR I 234 -8.83 44.67 17.44
CA THR I 234 -9.71 43.52 17.34
C THR I 234 -9.50 42.98 15.95
N SER I 235 -9.36 43.87 14.97
CA SER I 235 -9.11 43.44 13.61
C SER I 235 -7.80 42.64 13.47
N ALA I 236 -6.77 43.12 14.15
CA ALA I 236 -5.46 42.51 14.03
C ALA I 236 -5.11 41.33 14.92
N THR I 237 -5.34 41.46 16.23
CA THR I 237 -4.91 40.46 17.19
C THR I 237 -5.82 39.25 17.23
N GLU I 238 -7.10 39.39 16.91
CA GLU I 238 -8.11 38.35 17.07
C GLU I 238 -8.25 37.87 18.50
N GLY I 239 -7.79 38.64 19.48
CA GLY I 239 -7.97 38.33 20.87
C GLY I 239 -6.77 37.67 21.53
N TYR I 240 -5.86 37.09 20.76
CA TYR I 240 -4.69 36.48 21.34
C TYR I 240 -3.89 37.50 22.12
N ILE I 241 -3.66 37.22 23.40
CA ILE I 241 -2.80 38.08 24.20
C ILE I 241 -1.43 38.18 23.56
N GLY I 242 -1.06 37.11 22.95
CA GLY I 242 0.28 37.07 22.38
C GLY I 242 0.35 38.00 21.25
N ARG I 243 -0.79 38.32 20.64
CA ARG I 243 -0.78 39.20 19.46
C ARG I 243 -0.95 40.65 19.94
N LEU I 244 -1.52 40.87 21.13
CA LEU I 244 -1.74 42.27 21.53
C LEU I 244 -0.36 42.67 21.95
N ASP I 245 0.28 41.78 22.65
CA ASP I 245 1.58 42.20 23.18
C ASP I 245 2.56 42.47 22.06
N GLU I 246 2.65 41.53 21.11
CA GLU I 246 3.60 41.67 19.98
C GLU I 246 3.32 42.98 19.24
N ILE I 247 2.05 43.26 18.92
CA ILE I 247 1.71 44.44 18.13
C ILE I 247 2.04 45.71 18.91
N LEU I 248 1.65 45.76 20.18
CA LEU I 248 1.82 47.00 20.92
C LEU I 248 3.29 47.31 21.15
N ARG I 249 4.09 46.30 21.50
CA ARG I 249 5.52 46.55 21.64
C ARG I 249 6.18 47.00 20.36
N GLU I 250 5.84 46.38 19.24
CA GLU I 250 6.40 46.79 17.96
C GLU I 250 6.06 48.24 17.62
N ALA I 251 4.80 48.61 17.82
CA ALA I 251 4.34 49.95 17.48
C ALA I 251 5.06 50.94 18.39
N ALA I 252 5.17 50.62 19.67
CA ALA I 252 5.87 51.50 20.59
C ALA I 252 7.33 51.68 20.20
N ILE I 253 8.00 50.57 19.90
CA ILE I 253 9.41 50.64 19.51
C ILE I 253 9.56 51.45 18.22
N ARG I 254 8.71 51.18 17.24
CA ARG I 254 8.80 51.93 15.99
C ARG I 254 8.61 53.42 16.22
N SER I 255 7.58 53.79 16.98
CA SER I 255 7.25 55.20 17.18
C SER I 255 8.36 55.91 17.94
N LEU I 256 8.99 55.22 18.89
CA LEU I 256 10.07 55.85 19.63
C LEU I 256 11.34 55.91 18.79
N SER I 257 11.52 54.96 17.88
CA SER I 257 12.70 54.99 17.01
C SER I 257 12.60 56.11 15.99
N ARG I 258 11.38 56.39 15.52
CA ARG I 258 11.22 57.50 14.57
C ARG I 258 10.97 58.83 15.25
N GLY I 259 11.16 58.91 16.56
CA GLY I 259 11.06 60.15 17.30
C GLY I 259 9.67 60.44 17.84
N LEU I 260 8.66 59.76 17.30
CA LEU I 260 7.29 60.03 17.75
C LEU I 260 7.16 59.71 19.23
N LYS I 261 6.52 60.61 19.96
CA LYS I 261 6.49 60.48 21.42
C LYS I 261 5.40 59.51 21.85
N LYS I 262 4.23 59.62 21.24
CA LYS I 262 3.20 58.59 21.37
C LYS I 262 3.08 57.68 20.15
N ILE I 263 2.08 56.78 20.18
CA ILE I 263 1.84 55.85 19.04
C ILE I 263 0.82 56.48 18.08
N ASP I 264 1.20 56.66 16.81
CA ASP I 264 0.28 57.23 15.77
C ASP I 264 -0.65 56.15 15.22
N LYS I 265 -1.66 56.55 14.44
CA LYS I 265 -2.52 55.54 13.77
C LYS I 265 -1.70 54.91 12.65
N ALA I 266 -0.72 55.66 12.10
CA ALA I 266 0.09 55.18 10.99
C ALA I 266 0.82 53.89 11.36
N VAL I 267 1.52 53.90 12.49
CA VAL I 267 2.32 52.73 12.83
C VAL I 267 1.39 51.57 13.21
N LEU I 268 0.19 51.90 13.72
CA LEU I 268 -0.78 50.83 14.05
C LEU I 268 -1.24 50.16 12.75
N GLN I 269 -1.56 50.95 11.71
CA GLN I 269 -1.86 50.35 10.43
C GLN I 269 -0.70 49.54 9.87
N GLU I 270 0.53 50.03 10.08
CA GLU I 270 1.72 49.31 9.65
C GLU I 270 1.76 47.90 10.24
N VAL I 271 1.72 47.78 11.55
CA VAL I 271 1.85 46.44 12.13
C VAL I 271 0.65 45.60 11.79
N ALA I 272 -0.52 46.21 11.68
CA ALA I 272 -1.72 45.48 11.28
C ALA I 272 -1.48 44.82 9.92
N LYS I 273 -1.09 45.60 8.92
CA LYS I 273 -0.86 44.99 7.61
C LYS I 273 0.24 43.94 7.58
N GLU I 274 1.26 44.13 8.42
CA GLU I 274 2.43 43.26 8.35
C GLU I 274 2.25 41.98 9.17
N TYR I 275 1.03 41.81 9.68
CA TYR I 275 0.70 40.53 10.39
C TYR I 275 -0.22 39.84 9.38
N LYS I 276 -1.36 40.47 9.09
CA LYS I 276 -2.32 39.90 8.10
C LYS I 276 -2.18 40.68 6.79
N ASP J 17 45.02 38.97 -25.13
CA ASP J 17 43.58 39.21 -25.30
C ASP J 17 42.79 37.94 -25.01
N ASP J 18 43.32 36.80 -25.47
CA ASP J 18 42.74 35.53 -25.04
C ASP J 18 42.88 35.37 -23.54
N GLU J 19 43.98 35.87 -22.97
CA GLU J 19 44.09 36.02 -21.53
C GLU J 19 42.96 36.87 -21.00
N TRP J 20 42.71 38.02 -21.64
CA TRP J 20 41.58 38.86 -21.31
C TRP J 20 40.26 38.12 -21.48
N LEU J 21 40.16 37.27 -22.51
CA LEU J 21 38.94 36.51 -22.72
C LEU J 21 38.70 35.52 -21.59
N GLN J 22 39.76 34.89 -21.10
CA GLN J 22 39.63 34.01 -19.96
C GLN J 22 39.20 34.80 -18.72
N ALA J 23 39.75 35.99 -18.55
CA ALA J 23 39.30 36.87 -17.47
C ALA J 23 37.82 37.15 -17.59
N GLU J 24 37.36 37.43 -18.81
CA GLU J 24 35.93 37.81 -19.02
C GLU J 24 34.96 36.69 -18.70
N ILE J 25 35.21 35.48 -19.22
CA ILE J 25 34.27 34.35 -19.00
C ILE J 25 34.29 33.97 -17.50
N ALA J 26 35.45 34.05 -16.86
CA ALA J 26 35.57 33.68 -15.44
C ALA J 26 34.81 34.73 -14.63
N ARG J 27 34.95 36.01 -14.99
CA ARG J 27 34.29 37.06 -14.23
C ARG J 27 32.78 37.00 -14.42
N LEU J 28 32.34 36.72 -15.64
CA LEU J 28 30.91 36.58 -15.90
C LEU J 28 30.38 35.31 -15.26
N LYS J 29 31.19 34.26 -15.22
CA LYS J 29 30.79 33.02 -14.57
C LYS J 29 30.42 33.24 -13.11
N GLY J 30 31.30 33.88 -12.34
CA GLY J 30 31.02 34.15 -10.95
C GLY J 30 29.98 35.25 -10.81
N LYS J 31 29.19 35.12 -9.74
CA LYS J 31 28.07 36.06 -9.53
C LYS J 31 28.50 37.25 -8.67
N SER J 32 27.71 38.31 -8.71
CA SER J 32 27.97 39.53 -7.98
C SER J 32 26.75 39.85 -7.13
N ILE J 33 26.84 40.90 -6.35
CA ILE J 33 25.72 41.36 -5.53
C ILE J 33 25.41 42.80 -5.89
N VAL J 34 24.45 43.00 -6.77
CA VAL J 34 24.07 44.35 -7.18
C VAL J 34 22.98 44.84 -6.23
N PRO J 35 23.24 45.90 -5.49
CA PRO J 35 22.31 46.31 -4.43
C PRO J 35 21.09 47.02 -4.96
N LEU J 36 19.91 46.43 -4.76
CA LEU J 36 18.67 47.03 -5.18
C LEU J 36 17.67 47.03 -4.04
N GLN J 37 16.49 47.61 -4.31
CA GLN J 37 15.56 47.94 -3.23
C GLN J 37 15.17 46.72 -2.40
N GLN J 38 15.17 45.54 -3.03
CA GLN J 38 14.72 44.35 -2.33
C GLN J 38 15.62 44.05 -1.13
N VAL J 39 16.94 44.00 -1.36
CA VAL J 39 17.86 43.60 -0.30
C VAL J 39 17.91 44.69 0.76
N LYS J 40 17.69 45.94 0.37
CA LYS J 40 17.72 47.02 1.33
C LYS J 40 16.52 46.94 2.26
N THR J 41 15.35 46.67 1.70
CA THR J 41 14.17 46.48 2.52
C THR J 41 14.35 45.28 3.45
N LEU J 42 14.95 44.20 2.94
CA LEU J 42 15.17 43.04 3.77
C LEU J 42 16.10 43.32 4.94
N HIS J 43 17.19 44.04 4.67
CA HIS J 43 18.16 44.37 5.74
C HIS J 43 17.47 45.23 6.81
N ASP J 44 16.70 46.24 6.37
CA ASP J 44 16.03 47.11 7.32
C ASP J 44 15.08 46.27 8.17
N TRP J 45 14.31 45.40 7.52
CA TRP J 45 13.39 44.53 8.23
C TRP J 45 14.12 43.64 9.23
N LEU J 46 15.24 43.05 8.81
CA LEU J 46 15.96 42.13 9.68
C LEU J 46 16.62 42.88 10.82
N ASP J 47 17.10 44.09 10.58
CA ASP J 47 17.60 44.90 11.68
C ASP J 47 16.50 45.17 12.69
N GLY J 48 15.31 45.53 12.21
CA GLY J 48 14.20 45.75 13.12
C GLY J 48 13.88 44.53 13.94
N LYS J 49 13.85 43.36 13.31
CA LYS J 49 13.59 42.13 14.05
C LYS J 49 14.70 41.80 15.04
N ARG J 50 15.96 42.06 14.67
CA ARG J 50 17.08 41.64 15.49
C ARG J 50 17.24 42.53 16.71
N LYS J 51 16.95 43.82 16.57
CA LYS J 51 16.97 44.70 17.73
C LYS J 51 15.93 44.27 18.75
N ALA J 52 14.88 43.60 18.30
CA ALA J 52 13.79 43.18 19.16
C ALA J 52 13.81 41.69 19.48
N ARG J 53 14.86 40.98 19.04
CA ARG J 53 14.92 39.49 19.23
C ARG J 53 13.57 38.91 18.81
N LYS J 54 13.15 39.21 17.58
CA LYS J 54 11.84 38.82 17.07
C LYS J 54 12.06 37.81 15.97
N SER J 55 11.37 36.68 16.05
CA SER J 55 11.51 35.61 15.07
C SER J 55 10.47 35.84 13.99
N CYS J 56 10.91 36.01 12.75
CA CYS J 56 10.01 36.20 11.64
C CYS J 56 10.28 35.09 10.64
N ARG J 57 9.55 35.11 9.52
CA ARG J 57 9.82 34.19 8.43
C ARG J 57 9.73 35.02 7.17
N VAL J 58 10.78 35.02 6.37
CA VAL J 58 10.82 35.94 5.24
C VAL J 58 10.56 35.04 4.04
N VAL J 59 9.30 34.98 3.61
CA VAL J 59 8.91 34.03 2.58
C VAL J 59 9.00 34.78 1.26
N GLY J 60 8.92 34.03 0.17
CA GLY J 60 8.98 34.63 -1.14
C GLY J 60 8.87 33.56 -2.20
N GLU J 61 9.03 33.98 -3.45
CA GLU J 61 8.95 33.06 -4.56
C GLU J 61 10.29 32.35 -4.73
N SER J 62 10.39 31.54 -5.76
CA SER J 62 11.61 30.78 -6.00
C SER J 62 12.26 31.52 -7.16
N ARG J 63 13.60 31.47 -7.24
CA ARG J 63 14.40 32.19 -8.28
C ARG J 63 14.14 33.70 -8.19
N THR J 64 14.16 34.23 -6.98
CA THR J 64 13.87 35.64 -6.72
C THR J 64 14.79 36.53 -5.91
N GLY J 65 15.84 36.00 -5.31
CA GLY J 65 16.83 36.83 -4.65
C GLY J 65 16.75 36.81 -3.14
N LYS J 66 16.37 35.68 -2.56
CA LYS J 66 16.27 35.59 -1.10
C LYS J 66 17.59 35.18 -0.47
N THR J 67 18.18 34.10 -0.98
CA THR J 67 19.43 33.61 -0.41
C THR J 67 20.53 34.65 -0.52
N VAL J 68 20.59 35.34 -1.65
CA VAL J 68 21.62 36.35 -1.85
C VAL J 68 21.44 37.49 -0.87
N ALA J 69 20.19 37.89 -0.63
CA ALA J 69 19.94 38.98 0.29
C ALA J 69 20.30 38.59 1.72
N CYS J 70 19.93 37.37 2.12
CA CYS J 70 20.31 36.92 3.46
C CYS J 70 21.83 36.81 3.60
N ASP J 71 22.50 36.40 2.53
CA ASP J 71 23.97 36.34 2.57
C ASP J 71 24.55 37.73 2.72
N ALA J 72 24.06 38.69 1.95
CA ALA J 72 24.54 40.06 2.09
C ALA J 72 24.34 40.57 3.50
N TYR J 73 23.19 40.27 4.10
CA TYR J 73 22.96 40.69 5.48
C TYR J 73 23.95 40.00 6.40
N ARG J 74 24.30 38.75 6.09
CA ARG J 74 25.27 38.00 6.94
C ARG J 74 26.65 38.68 6.84
N TYR J 75 27.03 39.17 5.65
CA TYR J 75 28.35 39.75 5.49
C TYR J 75 28.66 41.15 6.02
N ARG J 76 27.67 42.05 5.91
CA ARG J 76 27.87 43.44 6.43
C ARG J 76 28.18 43.35 7.94
N HIS J 77 27.42 42.52 8.64
CA HIS J 77 27.87 42.13 10.02
C HIS J 77 28.85 40.93 10.17
N LYS J 78 30.06 41.08 9.61
CA LYS J 78 31.08 40.02 9.78
C LYS J 78 31.51 40.07 11.24
N PRO J 79 31.63 38.93 11.96
CA PRO J 79 31.93 38.99 13.39
C PRO J 79 33.26 39.69 13.71
N GLN J 80 33.22 40.62 14.66
CA GLN J 80 34.47 41.30 15.09
C GLN J 80 34.90 40.58 16.37
N GLN J 81 35.97 39.77 16.30
CA GLN J 81 36.29 38.96 17.49
C GLN J 81 37.17 39.72 18.47
N GLU J 82 36.91 39.58 19.77
CA GLU J 82 37.87 40.11 20.75
C GLU J 82 39.22 39.46 20.48
N ALA J 83 40.29 40.17 20.82
CA ALA J 83 41.66 39.68 20.65
C ALA J 83 41.94 38.23 21.00
N GLY J 84 41.36 37.74 22.10
CA GLY J 84 41.54 36.36 22.49
C GLY J 84 40.28 35.60 22.89
N ARG J 85 39.11 36.17 22.72
CA ARG J 85 37.90 35.51 23.17
C ARG J 85 37.11 34.98 21.97
N PRO J 86 36.15 34.08 22.20
CA PRO J 86 35.29 33.60 21.11
C PRO J 86 34.68 34.75 20.35
N PRO J 87 34.62 34.66 19.03
CA PRO J 87 34.12 35.79 18.23
C PRO J 87 32.63 35.97 18.43
N THR J 88 32.23 37.21 18.71
CA THR J 88 30.81 37.52 18.86
C THR J 88 30.19 37.55 17.47
N VAL J 89 29.58 36.44 17.07
CA VAL J 89 28.92 36.34 15.78
C VAL J 89 27.47 36.78 15.93
N PRO J 90 27.13 38.01 15.53
CA PRO J 90 25.75 38.47 15.77
C PRO J 90 24.73 37.73 14.94
N VAL J 91 25.00 37.44 13.68
CA VAL J 91 24.05 36.79 12.79
C VAL J 91 24.65 35.47 12.33
N VAL J 92 23.87 34.40 12.43
CA VAL J 92 24.29 33.07 12.02
C VAL J 92 23.37 32.61 10.91
N TYR J 93 23.94 32.23 9.77
CA TYR J 93 23.18 31.81 8.62
C TYR J 93 23.53 30.36 8.30
N ILE J 94 22.52 29.51 8.21
CA ILE J 94 22.71 28.11 7.88
C ILE J 94 21.55 27.86 6.94
N ARG J 95 21.79 26.92 6.01
CA ARG J 95 20.73 26.47 5.07
C ARG J 95 20.80 24.94 5.14
N PRO J 96 20.02 24.28 6.03
CA PRO J 96 20.13 22.83 6.24
C PRO J 96 19.99 21.91 5.02
N HIS J 97 20.54 20.68 5.11
CA HIS J 97 20.36 19.74 4.03
C HIS J 97 18.99 19.09 4.09
N GLN J 98 18.68 18.29 3.07
CA GLN J 98 17.35 17.70 2.96
C GLN J 98 17.02 16.83 4.16
N LYS J 99 15.84 17.03 4.71
CA LYS J 99 15.38 16.37 5.93
C LYS J 99 16.44 16.45 7.02
N CYS J 100 16.73 17.69 7.41
CA CYS J 100 17.69 17.97 8.48
C CYS J 100 17.06 17.55 9.80
N GLY J 101 17.62 16.53 10.44
CA GLY J 101 17.20 16.15 11.74
C GLY J 101 17.74 17.09 12.80
N PRO J 102 17.34 16.87 14.05
CA PRO J 102 17.83 17.75 15.12
C PRO J 102 19.33 17.68 15.31
N LYS J 103 19.92 16.50 15.13
CA LYS J 103 21.38 16.40 15.22
C LYS J 103 22.05 17.20 14.13
N ASP J 104 21.50 17.14 12.91
CA ASP J 104 22.17 17.76 11.78
C ASP J 104 22.11 19.28 11.89
N LEU J 105 20.98 19.81 12.36
CA LEU J 105 20.87 21.24 12.57
C LEU J 105 21.90 21.73 13.55
N PHE J 106 22.10 21.00 14.64
CA PHE J 106 23.09 21.41 15.63
C PHE J 106 24.48 21.32 15.06
N LYS J 107 24.75 20.29 14.25
CA LYS J 107 26.05 20.22 13.61
C LYS J 107 26.30 21.44 12.74
N LYS J 108 25.29 21.83 11.95
CA LYS J 108 25.47 22.99 11.08
C LYS J 108 25.66 24.27 11.89
N ILE J 109 24.86 24.45 12.95
CA ILE J 109 24.98 25.65 13.75
C ILE J 109 26.36 25.76 14.37
N THR J 110 26.78 24.71 15.08
CA THR J 110 28.05 24.78 15.78
C THR J 110 29.22 24.73 14.80
N GLU J 111 28.97 24.31 13.56
CA GLU J 111 30.00 24.40 12.54
C GLU J 111 30.18 25.83 12.08
N TYR J 112 29.08 26.52 11.79
CA TYR J 112 29.17 27.90 11.35
C TYR J 112 29.87 28.76 12.39
N LEU J 113 29.68 28.44 13.66
CA LEU J 113 30.39 29.17 14.71
C LEU J 113 31.84 28.73 14.83
N LYS J 114 32.28 27.79 14.00
CA LYS J 114 33.67 27.35 13.94
C LYS J 114 34.08 26.65 15.25
N TYR J 115 33.23 25.77 15.73
CA TYR J 115 33.54 24.84 16.81
C TYR J 115 33.35 23.45 16.25
N ARG J 116 34.42 22.69 16.09
CA ARG J 116 34.24 21.36 15.53
C ARG J 116 33.53 20.47 16.53
N VAL J 117 32.72 19.56 16.01
CA VAL J 117 31.82 18.74 16.82
C VAL J 117 32.62 17.63 17.46
N THR J 118 32.34 17.36 18.72
CA THR J 118 32.86 16.17 19.38
C THR J 118 31.77 15.10 19.35
N LYS J 119 32.13 13.89 18.91
CA LYS J 119 31.14 12.86 18.64
C LYS J 119 30.33 12.55 19.89
N GLY J 120 29.02 12.53 19.75
CA GLY J 120 28.17 12.28 20.88
C GLY J 120 26.72 12.03 20.49
N THR J 121 25.87 11.99 21.50
CA THR J 121 24.46 11.74 21.35
C THR J 121 23.72 13.06 21.08
N VAL J 122 22.50 12.94 20.54
CA VAL J 122 21.74 14.13 20.15
C VAL J 122 21.68 15.12 21.29
N SER J 123 21.51 14.63 22.52
CA SER J 123 21.47 15.51 23.68
C SER J 123 22.77 16.27 23.87
N ASP J 124 23.89 15.58 23.66
CA ASP J 124 25.19 16.22 23.84
C ASP J 124 25.38 17.34 22.82
N PHE J 125 24.97 17.09 21.58
CA PHE J 125 25.01 18.11 20.55
C PHE J 125 24.14 19.30 20.93
N ARG J 126 22.94 19.03 21.45
CA ARG J 126 22.06 20.12 21.85
C ARG J 126 22.71 20.96 22.93
N ASP J 127 23.27 20.30 23.95
CA ASP J 127 23.88 21.03 25.05
C ASP J 127 25.06 21.88 24.58
N ARG J 128 25.93 21.30 23.75
CA ARG J 128 27.07 22.06 23.24
C ARG J 128 26.62 23.21 22.36
N THR J 129 25.56 22.99 21.57
CA THR J 129 25.09 24.06 20.69
C THR J 129 24.57 25.23 21.49
N ILE J 130 23.79 24.95 22.54
CA ILE J 130 23.29 26.03 23.43
C ILE J 130 24.49 26.76 24.05
N GLU J 131 25.51 26.00 24.48
CA GLU J 131 26.68 26.61 25.17
C GLU J 131 27.45 27.55 24.23
N VAL J 132 27.67 27.15 22.98
CA VAL J 132 28.49 27.99 22.05
C VAL J 132 27.57 29.08 21.45
N LEU J 133 26.27 28.86 21.50
CA LEU J 133 25.32 29.82 20.95
C LEU J 133 25.10 30.97 21.92
N LYS J 134 25.18 30.70 23.22
CA LYS J 134 25.17 31.79 24.18
C LYS J 134 26.55 32.41 24.32
N GLY J 135 27.59 31.64 24.02
CA GLY J 135 28.94 32.17 24.15
C GLY J 135 29.29 33.18 23.07
N CYS J 136 28.96 32.87 21.83
CA CYS J 136 29.27 33.74 20.71
C CYS J 136 28.28 34.89 20.58
N GLY J 137 27.41 35.09 21.58
CA GLY J 137 26.47 36.18 21.58
C GLY J 137 25.65 36.30 20.32
N VAL J 138 25.18 35.17 19.79
CA VAL J 138 24.40 35.18 18.56
C VAL J 138 23.11 35.94 18.80
N GLU J 139 22.74 36.80 17.85
CA GLU J 139 21.51 37.56 17.94
C GLU J 139 20.44 37.07 16.98
N MET J 140 20.81 36.52 15.83
CA MET J 140 19.85 36.13 14.81
C MET J 140 20.34 34.85 14.15
N LEU J 141 19.42 33.92 13.92
CA LEU J 141 19.73 32.63 13.32
C LEU J 141 18.88 32.50 12.07
N ILE J 142 19.49 32.80 10.91
CA ILE J 142 18.75 32.76 9.61
C ILE J 142 18.81 31.34 9.05
N ILE J 143 17.69 30.60 9.13
CA ILE J 143 17.63 29.23 8.55
C ILE J 143 17.14 29.35 7.10
N ASP J 144 18.06 29.36 6.13
CA ASP J 144 17.66 29.42 4.74
C ASP J 144 17.16 28.06 4.28
N GLU J 145 16.24 28.07 3.33
CA GLU J 145 15.58 26.86 2.86
C GLU J 145 15.03 26.06 4.03
N ALA J 146 14.25 26.74 4.85
CA ALA J 146 13.72 26.16 6.07
C ALA J 146 12.48 25.34 5.85
N ASP J 147 12.20 24.94 4.62
CA ASP J 147 11.19 23.92 4.39
C ASP J 147 11.79 22.53 4.33
N ARG J 148 13.11 22.42 4.48
CA ARG J 148 13.75 21.13 4.41
C ARG J 148 13.71 20.39 5.73
N LEU J 149 14.00 21.07 6.83
CA LEU J 149 14.17 20.41 8.10
C LEU J 149 12.87 19.78 8.57
N LYS J 150 12.99 18.65 9.25
CA LYS J 150 11.88 17.77 9.58
C LYS J 150 10.99 18.43 10.63
N PRO J 151 9.75 17.99 10.76
CA PRO J 151 8.87 18.60 11.77
C PRO J 151 9.37 18.43 13.19
N GLU J 152 10.19 17.41 13.44
CA GLU J 152 10.64 17.15 14.80
C GLU J 152 11.85 17.98 15.19
N THR J 153 12.32 18.86 14.31
CA THR J 153 13.36 19.81 14.67
C THR J 153 12.86 21.24 14.77
N PHE J 154 11.64 21.50 14.32
CA PHE J 154 11.02 22.78 14.64
C PHE J 154 10.85 22.92 16.14
N ALA J 155 10.70 21.80 16.86
CA ALA J 155 10.69 21.87 18.31
C ALA J 155 12.00 22.42 18.83
N ASP J 156 13.13 22.02 18.25
CA ASP J 156 14.40 22.50 18.77
C ASP J 156 14.65 23.94 18.36
N VAL J 157 14.20 24.35 17.18
CA VAL J 157 14.39 25.75 16.80
C VAL J 157 13.45 26.58 17.66
N ARG J 158 12.29 26.00 18.00
CA ARG J 158 11.38 26.72 18.91
C ARG J 158 12.14 26.86 20.22
N ASP J 159 12.75 25.77 20.71
CA ASP J 159 13.48 25.82 21.96
C ASP J 159 14.58 26.87 22.02
N ILE J 160 15.37 26.95 20.96
CA ILE J 160 16.42 27.95 20.83
C ILE J 160 15.82 29.34 20.96
N ALA J 161 14.82 29.64 20.14
CA ALA J 161 14.23 30.97 20.15
C ALA J 161 13.59 31.11 21.53
N GLU J 162 13.01 30.04 22.07
CA GLU J 162 12.28 30.17 23.37
C GLU J 162 13.22 30.52 24.52
N ASP J 163 14.42 29.95 24.56
CA ASP J 163 15.28 30.15 25.77
C ASP J 163 16.40 31.17 25.56
N LEU J 164 17.07 31.18 24.40
CA LEU J 164 18.23 32.05 24.26
C LEU J 164 17.87 33.47 23.86
N GLY J 165 16.58 33.69 23.58
CA GLY J 165 16.16 35.02 23.08
C GLY J 165 16.91 35.30 21.80
N ILE J 166 16.76 34.43 20.81
CA ILE J 166 17.48 34.60 19.51
C ILE J 166 16.43 34.72 18.40
N ALA J 167 16.54 35.75 17.55
CA ALA J 167 15.56 35.95 16.50
C ALA J 167 15.83 34.93 15.40
N VAL J 168 14.97 33.93 15.29
CA VAL J 168 15.11 32.91 14.26
C VAL J 168 14.31 33.33 13.05
N VAL J 169 14.98 33.48 11.91
CA VAL J 169 14.34 33.92 10.68
C VAL J 169 14.35 32.75 9.71
N LEU J 170 13.17 32.16 9.48
CA LEU J 170 13.06 31.04 8.55
C LEU J 170 12.85 31.59 7.15
N VAL J 171 13.76 31.28 6.24
CA VAL J 171 13.63 31.65 4.84
C VAL J 171 13.10 30.45 4.08
N GLY J 172 12.33 30.67 3.02
CA GLY J 172 11.92 29.50 2.21
C GLY J 172 10.93 29.82 1.11
N THR J 173 10.71 28.86 0.21
CA THR J 173 9.70 29.04 -0.87
C THR J 173 8.37 29.07 -0.14
N ASP J 174 7.27 29.36 -0.85
CA ASP J 174 5.92 29.37 -0.23
C ASP J 174 5.62 27.99 0.40
N ARG J 175 6.34 26.94 -0.02
CA ARG J 175 6.07 25.61 0.50
C ARG J 175 6.36 25.63 1.99
N LEU J 176 7.32 26.45 2.42
CA LEU J 176 7.57 26.63 3.85
C LEU J 176 6.37 27.03 4.69
N ASP J 177 5.50 27.87 4.14
CA ASP J 177 4.30 28.27 4.86
C ASP J 177 3.35 27.10 5.16
N ALA J 178 3.15 26.24 4.17
CA ALA J 178 2.32 25.06 4.39
C ALA J 178 3.08 24.17 5.36
N VAL J 179 4.41 24.12 5.24
CA VAL J 179 5.19 23.27 6.13
C VAL J 179 5.00 23.68 7.57
N ILE J 180 4.96 24.99 7.84
CA ILE J 180 4.69 25.42 9.21
C ILE J 180 3.20 25.37 9.51
N LYS J 181 2.34 25.52 8.51
CA LYS J 181 0.91 25.45 8.76
C LYS J 181 0.32 24.19 9.37
N ARG J 182 0.79 23.02 8.95
CA ARG J 182 0.32 21.77 9.59
C ARG J 182 0.81 21.48 11.05
N ASP J 183 1.88 22.22 11.38
CA ASP J 183 2.38 22.18 12.76
C ASP J 183 1.63 23.32 13.43
N GLU J 184 1.64 23.37 14.76
CA GLU J 184 0.87 24.38 15.47
C GLU J 184 1.49 25.61 16.11
N GLN J 185 2.68 25.50 16.70
CA GLN J 185 3.21 26.62 17.46
C GLN J 185 4.16 27.33 16.50
N VAL J 186 4.79 26.57 15.62
CA VAL J 186 5.76 27.14 14.70
C VAL J 186 4.99 28.19 13.94
N LEU J 187 3.79 27.83 13.48
CA LEU J 187 2.94 28.80 12.83
C LEU J 187 2.57 30.04 13.65
N GLU J 188 2.33 29.82 14.95
CA GLU J 188 2.05 30.95 15.86
C GLU J 188 3.32 31.84 16.16
N ARG J 189 4.40 31.16 16.57
CA ARG J 189 5.70 31.84 16.79
C ARG J 189 6.34 32.58 15.60
N PHE J 190 6.25 31.99 14.40
CA PHE J 190 6.84 32.62 13.19
C PHE J 190 5.69 33.16 12.33
N ARG J 191 5.17 34.33 12.68
CA ARG J 191 4.05 34.91 11.98
C ARG J 191 4.33 36.26 11.35
N ALA J 192 5.34 36.99 11.81
CA ALA J 192 5.76 38.19 11.09
C ALA J 192 6.48 37.74 9.84
N HIS J 193 6.15 38.36 8.71
CA HIS J 193 6.72 37.87 7.46
C HIS J 193 6.97 39.02 6.51
N LEU J 194 7.74 38.72 5.46
CA LEU J 194 8.13 39.71 4.46
C LEU J 194 8.23 39.02 3.11
N ARG J 195 7.20 39.21 2.29
CA ARG J 195 7.15 38.51 0.98
C ARG J 195 8.17 39.13 0.01
N PHE J 196 8.89 38.32 -0.76
CA PHE J 196 9.81 38.91 -1.76
C PHE J 196 9.02 39.53 -2.91
N GLY J 197 9.41 40.72 -3.37
CA GLY J 197 8.63 41.45 -4.40
C GLY J 197 8.90 40.68 -5.68
N LYS J 198 8.00 40.80 -6.66
CA LYS J 198 8.21 40.20 -8.01
C LYS J 198 9.07 41.20 -8.80
N LEU J 199 9.01 42.51 -8.46
CA LEU J 199 9.88 43.57 -9.06
C LEU J 199 9.36 44.13 -10.38
N SER J 200 8.25 43.63 -10.93
CA SER J 200 7.79 44.07 -12.27
C SER J 200 7.38 45.54 -12.33
N GLY J 201 7.67 46.24 -13.43
CA GLY J 201 7.26 47.66 -13.62
C GLY J 201 8.43 48.56 -13.95
N GLU J 202 8.31 49.87 -13.71
CA GLU J 202 9.48 50.79 -13.91
C GLU J 202 10.70 50.37 -13.10
N ASP J 203 10.50 49.99 -11.83
CA ASP J 203 11.64 49.50 -11.00
C ASP J 203 12.36 48.32 -11.68
N PHE J 204 11.64 47.54 -12.50
CA PHE J 204 12.26 46.36 -13.16
C PHE J 204 13.13 47.01 -14.23
N LYS J 205 12.60 48.05 -14.91
CA LYS J 205 13.37 48.72 -15.99
C LYS J 205 14.70 49.24 -15.43
N ASN J 206 14.66 49.90 -14.27
CA ASN J 206 15.92 50.33 -13.61
C ASN J 206 16.88 49.16 -13.39
N THR J 207 16.40 48.10 -12.73
CA THR J 207 17.22 46.92 -12.48
C THR J 207 17.91 46.48 -13.76
N VAL J 208 17.18 46.48 -14.88
CA VAL J 208 17.75 45.98 -16.13
C VAL J 208 18.98 46.82 -16.39
N GLU J 209 18.83 48.15 -16.44
CA GLU J 209 20.02 48.95 -16.71
C GLU J 209 21.14 48.85 -15.62
N MET J 210 20.68 48.79 -14.37
CA MET J 210 21.61 48.46 -13.30
C MET J 210 22.47 47.21 -13.43
N TRP J 211 21.97 46.22 -14.19
CA TRP J 211 22.77 45.02 -14.43
C TRP J 211 23.81 45.26 -15.51
N GLU J 212 23.51 46.13 -16.47
CA GLU J 212 24.43 46.48 -17.53
C GLU J 212 25.72 47.08 -16.98
N GLN J 213 25.58 48.03 -16.03
CA GLN J 213 26.75 48.77 -15.58
C GLN J 213 27.48 48.02 -14.49
N MET J 214 26.72 47.53 -13.50
CA MET J 214 27.31 46.94 -12.31
C MET J 214 27.94 45.59 -12.60
N VAL J 215 27.18 44.67 -13.18
CA VAL J 215 27.56 43.27 -13.26
C VAL J 215 28.17 42.92 -14.61
N LEU J 216 27.57 43.44 -15.69
CA LEU J 216 28.07 43.10 -17.06
C LEU J 216 29.44 43.73 -17.30
N LYS J 217 29.70 44.95 -16.79
CA LYS J 217 31.06 45.57 -16.84
C LYS J 217 31.66 45.57 -18.25
N LEU J 218 30.93 46.05 -19.27
CA LEU J 218 31.47 46.00 -20.66
C LEU J 218 31.82 47.42 -21.15
N PRO J 219 32.68 47.68 -22.19
CA PRO J 219 32.85 49.06 -22.67
C PRO J 219 31.45 49.53 -23.08
N VAL J 220 31.11 50.79 -22.80
CA VAL J 220 29.71 51.24 -23.07
C VAL J 220 29.41 51.00 -24.55
N SER J 221 28.29 50.33 -24.83
CA SER J 221 27.91 50.01 -26.23
C SER J 221 26.70 50.85 -26.63
N SER J 222 26.27 51.77 -25.77
CA SER J 222 25.06 52.61 -26.03
C SER J 222 23.84 51.71 -26.25
N ASN J 223 23.84 50.51 -25.64
CA ASN J 223 22.65 49.62 -25.75
C ASN J 223 21.52 50.31 -24.99
N LEU J 224 21.71 50.59 -23.69
CA LEU J 224 20.72 51.35 -22.87
C LEU J 224 19.45 50.55 -22.63
N LYS J 225 19.45 49.24 -22.92
CA LYS J 225 18.28 48.37 -22.61
C LYS J 225 17.00 49.03 -23.16
N SER J 226 16.95 49.33 -24.45
CA SER J 226 15.80 50.06 -25.06
C SER J 226 14.51 49.22 -25.01
N LYS J 227 13.35 49.87 -25.12
CA LYS J 227 12.03 49.18 -25.02
C LYS J 227 12.03 47.81 -25.71
N GLU J 228 12.72 47.66 -26.85
CA GLU J 228 12.85 46.33 -27.50
C GLU J 228 13.50 45.32 -26.53
N MET J 229 14.69 45.61 -25.99
CA MET J 229 15.38 44.65 -25.16
C MET J 229 14.54 44.50 -23.90
N LEU J 230 13.85 45.56 -23.50
CA LEU J 230 13.02 45.47 -22.31
C LEU J 230 11.81 44.57 -22.53
N ARG J 231 11.19 44.68 -23.70
CA ARG J 231 10.10 43.77 -24.03
C ARG J 231 10.60 42.34 -24.03
N ILE J 232 11.78 42.11 -24.63
CA ILE J 232 12.36 40.77 -24.65
C ILE J 232 12.55 40.27 -23.22
N LEU J 233 13.13 41.09 -22.35
CA LEU J 233 13.46 40.62 -21.02
C LEU J 233 12.24 40.49 -20.14
N THR J 234 11.25 41.36 -20.30
CA THR J 234 10.01 41.21 -19.56
C THR J 234 9.35 39.96 -20.12
N SER J 235 9.45 39.77 -21.43
CA SER J 235 8.89 38.57 -22.02
C SER J 235 9.54 37.28 -21.51
N ALA J 236 10.86 37.33 -21.35
CA ALA J 236 11.60 36.15 -20.95
C ALA J 236 11.74 35.84 -19.46
N THR J 237 12.16 36.84 -18.68
CA THR J 237 12.48 36.62 -17.28
C THR J 237 11.25 36.55 -16.39
N GLU J 238 10.16 37.21 -16.77
CA GLU J 238 8.97 37.34 -15.92
C GLU J 238 9.25 38.02 -14.60
N GLY J 239 10.36 38.74 -14.48
CA GLY J 239 10.66 39.52 -13.30
C GLY J 239 11.60 38.86 -12.34
N TYR J 240 11.76 37.54 -12.42
CA TYR J 240 12.68 36.85 -11.52
C TYR J 240 14.10 37.38 -11.71
N ILE J 241 14.68 37.88 -10.62
CA ILE J 241 16.08 38.29 -10.68
C ILE J 241 16.96 37.15 -11.14
N GLY J 242 16.69 35.98 -10.69
CA GLY J 242 17.58 34.97 -11.22
C GLY J 242 17.51 35.10 -12.70
N ARG J 243 16.30 34.95 -13.25
CA ARG J 243 16.17 34.87 -14.72
C ARG J 243 16.88 36.05 -15.39
N LEU J 244 16.75 37.24 -14.85
CA LEU J 244 17.48 38.41 -15.41
C LEU J 244 18.96 38.06 -15.42
N ASP J 245 19.49 37.50 -14.34
CA ASP J 245 20.92 37.26 -14.24
C ASP J 245 21.37 36.15 -15.16
N GLU J 246 20.64 35.03 -15.12
CA GLU J 246 20.98 33.85 -15.97
C GLU J 246 21.00 34.27 -17.43
N ILE J 247 19.97 34.98 -17.89
CA ILE J 247 19.89 35.35 -19.31
C ILE J 247 21.02 36.29 -19.69
N LEU J 248 21.26 37.32 -18.87
CA LEU J 248 22.23 38.32 -19.27
C LEU J 248 23.63 37.74 -19.30
N ARG J 249 23.99 36.95 -18.30
CA ARG J 249 25.31 36.30 -18.32
C ARG J 249 25.50 35.38 -19.51
N GLU J 250 24.49 34.58 -19.83
CA GLU J 250 24.58 33.69 -20.98
C GLU J 250 24.78 34.46 -22.28
N ALA J 251 24.01 35.54 -22.45
CA ALA J 251 24.07 36.33 -23.69
C ALA J 251 25.45 36.97 -23.76
N ALA J 252 25.95 37.50 -22.64
CA ALA J 252 27.27 38.11 -22.64
C ALA J 252 28.34 37.09 -22.99
N ILE J 253 28.29 35.91 -22.37
CA ILE J 253 29.29 34.88 -22.64
C ILE J 253 29.22 34.45 -24.09
N ARG J 254 28.01 34.23 -24.60
CA ARG J 254 27.87 33.83 -26.00
C ARG J 254 28.47 34.87 -26.93
N SER J 255 28.10 36.14 -26.72
CA SER J 255 28.53 37.20 -27.62
C SER J 255 30.04 37.38 -27.58
N LEU J 256 30.65 37.20 -26.41
CA LEU J 256 32.10 37.33 -26.33
C LEU J 256 32.79 36.10 -26.90
N SER J 257 32.14 34.94 -26.83
CA SER J 257 32.74 33.74 -27.39
C SER J 257 32.71 33.79 -28.92
N ARG J 258 31.67 34.37 -29.49
CA ARG J 258 31.61 34.49 -30.94
C ARG J 258 32.26 35.76 -31.46
N GLY J 259 32.99 36.48 -30.61
CA GLY J 259 33.76 37.64 -31.02
C GLY J 259 32.99 38.94 -30.92
N LEU J 260 31.66 38.88 -30.83
CA LEU J 260 30.87 40.09 -30.75
C LEU J 260 31.25 40.89 -29.52
N LYS J 261 31.43 42.20 -29.70
CA LYS J 261 31.96 43.01 -28.61
C LYS J 261 30.85 43.41 -27.64
N LYS J 262 29.69 43.80 -28.17
CA LYS J 262 28.49 43.94 -27.37
C LYS J 262 27.49 42.80 -27.54
N ILE J 263 26.32 42.94 -26.90
CA ILE J 263 25.25 41.90 -27.01
C ILE J 263 24.30 42.27 -28.16
N ASP J 264 24.14 41.38 -29.14
CA ASP J 264 23.23 41.61 -30.30
C ASP J 264 21.79 41.26 -29.93
N LYS J 265 20.83 41.61 -30.78
CA LYS J 265 19.43 41.18 -30.53
C LYS J 265 19.35 39.68 -30.81
N ALA J 266 20.22 39.17 -31.69
CA ALA J 266 20.20 37.76 -32.08
C ALA J 266 20.38 36.86 -30.87
N VAL J 267 21.42 37.12 -30.08
CA VAL J 267 21.71 36.23 -28.95
C VAL J 267 20.62 36.40 -27.88
N LEU J 268 20.02 37.59 -27.82
CA LEU J 268 18.91 37.80 -26.85
C LEU J 268 17.72 36.94 -27.26
N GLN J 269 17.37 36.94 -28.55
CA GLN J 269 16.34 36.02 -29.00
C GLN J 269 16.68 34.56 -28.76
N GLU J 270 17.96 34.22 -28.93
CA GLU J 270 18.43 32.86 -28.64
C GLU J 270 18.10 32.43 -27.22
N VAL J 271 18.56 33.19 -26.24
CA VAL J 271 18.35 32.75 -24.87
C VAL J 271 16.87 32.81 -24.52
N ALA J 272 16.16 33.77 -25.09
CA ALA J 272 14.71 33.84 -24.86
C ALA J 272 14.06 32.55 -25.31
N LYS J 273 14.29 32.12 -26.54
CA LYS J 273 13.65 30.88 -26.98
C LYS J 273 14.09 29.65 -26.21
N GLU J 274 15.33 29.63 -25.73
CA GLU J 274 15.86 28.43 -25.10
C GLU J 274 15.52 28.35 -23.62
N TYR J 275 14.68 29.29 -23.18
CA TYR J 275 14.16 29.23 -21.79
C TYR J 275 12.71 28.81 -21.99
N LYS J 276 11.94 29.65 -22.70
CA LYS J 276 10.52 29.33 -22.99
C LYS J 276 10.41 28.88 -24.44
N ASP K 17 34.30 -19.25 -43.03
CA ASP K 17 33.18 -18.37 -43.39
C ASP K 17 32.12 -18.40 -42.31
N ASP K 18 31.85 -19.60 -41.77
CA ASP K 18 31.01 -19.67 -40.58
C ASP K 18 31.66 -18.93 -39.42
N GLU K 19 32.99 -18.99 -39.35
CA GLU K 19 33.73 -18.11 -38.46
C GLU K 19 33.42 -16.66 -38.76
N TRP K 20 33.46 -16.29 -40.05
CA TRP K 20 33.07 -14.96 -40.49
C TRP K 20 31.61 -14.68 -40.14
N LEU K 21 30.75 -15.68 -40.23
CA LEU K 21 29.33 -15.48 -39.88
C LEU K 21 29.17 -15.17 -38.40
N GLN K 22 29.95 -15.86 -37.56
CA GLN K 22 29.92 -15.56 -36.14
C GLN K 22 30.42 -14.15 -35.89
N ALA K 23 31.46 -13.73 -36.61
CA ALA K 23 31.93 -12.35 -36.51
C ALA K 23 30.81 -11.39 -36.86
N GLU K 24 30.07 -11.70 -37.94
CA GLU K 24 29.02 -10.77 -38.43
C GLU K 24 27.87 -10.59 -37.43
N ILE K 25 27.33 -11.69 -36.91
CA ILE K 25 26.17 -11.61 -35.98
C ILE K 25 26.62 -10.91 -34.67
N ALA K 26 27.86 -11.17 -34.23
CA ALA K 26 28.37 -10.59 -32.98
C ALA K 26 28.55 -9.09 -33.23
N ARG K 27 29.08 -8.71 -34.39
CA ARG K 27 29.32 -7.30 -34.66
C ARG K 27 28.00 -6.55 -34.83
N LEU K 28 27.03 -7.18 -35.48
CA LEU K 28 25.73 -6.55 -35.63
C LEU K 28 24.99 -6.52 -34.29
N LYS K 29 25.20 -7.54 -33.47
CA LYS K 29 24.60 -7.56 -32.13
C LYS K 29 25.00 -6.35 -31.31
N GLY K 30 26.30 -6.08 -31.21
CA GLY K 30 26.76 -4.92 -30.46
C GLY K 30 26.46 -3.63 -31.20
N LYS K 31 26.21 -2.60 -30.42
CA LYS K 31 25.82 -1.30 -31.00
C LYS K 31 27.02 -0.40 -31.26
N SER K 32 26.85 0.60 -32.10
CA SER K 32 27.89 1.54 -32.47
C SER K 32 27.40 2.95 -32.17
N ILE K 33 28.26 3.92 -32.39
CA ILE K 33 27.90 5.33 -32.21
C ILE K 33 28.14 6.06 -33.52
N VAL K 34 27.10 6.21 -34.32
CA VAL K 34 27.21 6.90 -35.59
C VAL K 34 26.95 8.38 -35.35
N PRO K 35 27.93 9.25 -35.60
CA PRO K 35 27.79 10.64 -35.20
C PRO K 35 26.89 11.44 -36.14
N LEU K 36 25.79 11.94 -35.63
CA LEU K 36 24.88 12.76 -36.42
C LEU K 36 24.54 14.04 -35.67
N GLN K 37 23.76 14.90 -36.33
CA GLN K 37 23.59 16.27 -35.90
C GLN K 37 23.08 16.35 -34.46
N GLN K 38 22.30 15.36 -34.03
CA GLN K 38 21.72 15.41 -32.70
C GLN K 38 22.78 15.43 -31.63
N VAL K 39 23.71 14.48 -31.68
CA VAL K 39 24.72 14.36 -30.61
C VAL K 39 25.67 15.55 -30.68
N LYS K 40 25.88 16.10 -31.86
CA LYS K 40 26.77 17.24 -31.98
C LYS K 40 26.16 18.47 -31.35
N THR K 41 24.87 18.68 -31.58
CA THR K 41 24.18 19.77 -30.93
C THR K 41 24.18 19.60 -29.42
N LEU K 42 23.96 18.36 -28.97
CA LEU K 42 23.97 18.11 -27.54
C LEU K 42 25.31 18.40 -26.89
N HIS K 43 26.40 17.98 -27.55
CA HIS K 43 27.76 18.21 -27.01
C HIS K 43 28.02 19.72 -26.94
N ASP K 44 27.66 20.45 -28.00
CA ASP K 44 27.90 21.89 -28.01
C ASP K 44 27.12 22.52 -26.86
N TRP K 45 25.85 22.13 -26.72
CA TRP K 45 25.02 22.65 -25.64
C TRP K 45 25.63 22.34 -24.28
N LEU K 46 26.09 21.10 -24.08
CA LEU K 46 26.61 20.71 -22.79
C LEU K 46 27.94 21.40 -22.51
N ASP K 47 28.76 21.61 -23.53
CA ASP K 47 29.97 22.40 -23.33
C ASP K 47 29.61 23.81 -22.89
N GLY K 48 28.63 24.41 -23.54
CA GLY K 48 28.20 25.74 -23.13
C GLY K 48 27.75 25.78 -21.69
N LYS K 49 26.95 24.80 -21.27
CA LYS K 49 26.51 24.75 -19.88
C LYS K 49 27.66 24.50 -18.93
N ARG K 50 28.62 23.67 -19.31
CA ARG K 50 29.67 23.28 -18.38
C ARG K 50 30.68 24.39 -18.18
N LYS K 51 30.96 25.16 -19.23
CA LYS K 51 31.84 26.31 -19.06
C LYS K 51 31.23 27.32 -18.10
N ALA K 52 29.91 27.31 -17.97
CA ALA K 52 29.20 28.27 -17.12
C ALA K 52 28.69 27.65 -15.83
N ARG K 53 29.05 26.38 -15.56
CA ARG K 53 28.53 25.66 -14.36
C ARG K 53 27.02 25.91 -14.29
N LYS K 54 26.30 25.59 -15.36
CA LYS K 54 24.88 25.85 -15.49
C LYS K 54 24.15 24.52 -15.51
N SER K 55 23.15 24.39 -14.66
CA SER K 55 22.39 23.16 -14.56
C SER K 55 21.21 23.25 -15.52
N CYS K 56 21.14 22.32 -16.47
CA CYS K 56 20.05 22.30 -17.42
C CYS K 56 19.36 20.94 -17.29
N ARG K 57 18.34 20.72 -18.11
CA ARG K 57 17.71 19.40 -18.17
C ARG K 57 17.49 19.15 -19.64
N VAL K 58 17.99 18.04 -20.16
CA VAL K 58 17.96 17.83 -21.59
C VAL K 58 16.88 16.78 -21.78
N VAL K 59 15.67 17.24 -22.08
CA VAL K 59 14.53 16.36 -22.14
C VAL K 59 14.38 15.91 -23.58
N GLY K 60 13.56 14.90 -23.79
CA GLY K 60 13.33 14.39 -25.12
C GLY K 60 12.35 13.25 -25.08
N GLU K 61 12.14 12.63 -26.23
CA GLU K 61 11.21 11.52 -26.33
C GLU K 61 11.91 10.25 -25.87
N SER K 62 11.21 9.13 -25.99
CA SER K 62 11.76 7.86 -25.54
C SER K 62 12.12 7.17 -26.84
N ARG K 63 13.15 6.28 -26.80
CA ARG K 63 13.68 5.57 -28.00
C ARG K 63 14.17 6.58 -29.04
N THR K 64 14.92 7.58 -28.60
CA THR K 64 15.41 8.65 -29.45
C THR K 64 16.87 9.07 -29.49
N GLY K 65 17.72 8.50 -28.64
CA GLY K 65 19.15 8.76 -28.75
C GLY K 65 19.69 9.70 -27.69
N LYS K 66 19.12 9.69 -26.49
CA LYS K 66 19.60 10.57 -25.44
C LYS K 66 20.73 9.94 -24.65
N THR K 67 20.53 8.71 -24.18
CA THR K 67 21.54 8.05 -23.37
C THR K 67 22.83 7.87 -24.15
N VAL K 68 22.72 7.53 -25.43
CA VAL K 68 23.91 7.33 -26.25
C VAL K 68 24.66 8.63 -26.40
N ALA K 69 23.94 9.73 -26.60
CA ALA K 69 24.61 11.01 -26.77
C ALA K 69 25.29 11.45 -25.48
N CYS K 70 24.64 11.27 -24.34
CA CYS K 70 25.27 11.60 -23.07
C CYS K 70 26.50 10.72 -22.83
N ASP K 71 26.42 9.46 -23.23
CA ASP K 71 27.59 8.58 -23.09
C ASP K 71 28.73 9.06 -23.96
N ALA K 72 28.45 9.41 -25.21
CA ALA K 72 29.48 9.92 -26.09
C ALA K 72 30.12 11.16 -25.51
N TYR K 73 29.31 12.04 -24.92
CA TYR K 73 29.88 13.23 -24.29
C TYR K 73 30.74 12.83 -23.11
N ARG K 74 30.35 11.78 -22.40
CA ARG K 74 31.14 11.31 -21.22
C ARG K 74 32.50 10.79 -21.72
N TYR K 75 32.53 10.11 -22.87
CA TYR K 75 33.78 9.53 -23.35
C TYR K 75 34.86 10.40 -23.99
N ARG K 76 34.43 11.41 -24.75
CA ARG K 76 35.40 12.33 -25.41
C ARG K 76 36.23 13.01 -24.29
N HIS K 77 35.54 13.45 -23.24
CA HIS K 77 36.29 13.80 -21.99
C HIS K 77 36.61 12.66 -20.96
N LYS K 78 37.42 11.68 -21.40
CA LYS K 78 37.83 10.61 -20.46
C LYS K 78 38.80 11.26 -19.47
N PRO K 79 38.69 11.02 -18.15
CA PRO K 79 39.53 11.73 -17.19
C PRO K 79 41.03 11.50 -17.42
N GLN K 80 41.81 12.58 -17.44
CA GLN K 80 43.28 12.45 -17.57
C GLN K 80 43.83 12.59 -16.16
N GLN K 81 44.30 11.48 -15.57
CA GLN K 81 44.69 11.58 -14.14
C GLN K 81 46.12 12.04 -13.98
N GLU K 82 46.38 12.90 -13.00
CA GLU K 82 47.78 13.19 -12.67
C GLU K 82 48.46 11.89 -12.31
N ALA K 83 49.77 11.82 -12.54
CA ALA K 83 50.59 10.66 -12.24
C ALA K 83 50.32 9.93 -10.93
N GLY K 84 50.08 10.67 -9.85
CA GLY K 84 49.78 10.07 -8.57
C GLY K 84 48.61 10.65 -7.81
N ARG K 85 47.84 11.57 -8.40
CA ARG K 85 46.77 12.19 -7.66
C ARG K 85 45.42 11.66 -8.14
N PRO K 86 44.35 11.91 -7.37
CA PRO K 86 43.01 11.51 -7.82
C PRO K 86 42.71 12.02 -9.21
N PRO K 87 42.08 11.22 -10.05
CA PRO K 87 41.86 11.63 -11.44
C PRO K 87 40.83 12.74 -11.51
N THR K 88 41.16 13.81 -12.23
CA THR K 88 40.22 14.90 -12.42
C THR K 88 39.17 14.46 -13.42
N VAL K 89 38.03 14.00 -12.92
CA VAL K 89 36.93 13.56 -13.77
C VAL K 89 36.03 14.75 -14.06
N PRO K 90 36.13 15.36 -15.23
CA PRO K 90 35.33 16.57 -15.47
C PRO K 90 33.84 16.31 -15.56
N VAL K 91 33.42 15.22 -16.20
CA VAL K 91 32.01 14.91 -16.38
C VAL K 91 31.73 13.58 -15.71
N VAL K 92 30.68 13.53 -14.91
CA VAL K 92 30.26 12.33 -14.21
C VAL K 92 28.86 11.97 -14.68
N TYR K 93 28.70 10.75 -15.16
CA TYR K 93 27.42 10.28 -15.69
C TYR K 93 26.95 9.11 -14.84
N ILE K 94 25.72 9.21 -14.33
CA ILE K 94 25.12 8.15 -13.53
C ILE K 94 23.70 8.15 -14.05
N ARG K 95 23.11 6.94 -14.02
CA ARG K 95 21.68 6.76 -14.38
C ARG K 95 21.08 5.96 -13.23
N PRO K 96 20.56 6.61 -12.16
CA PRO K 96 20.09 5.91 -10.96
C PRO K 96 19.07 4.76 -11.14
N HIS K 97 18.99 3.85 -10.16
CA HIS K 97 18.00 2.79 -10.23
C HIS K 97 16.63 3.31 -9.78
N GLN K 98 15.62 2.46 -9.92
CA GLN K 98 14.26 2.87 -9.63
C GLN K 98 14.10 3.33 -8.18
N LYS K 99 13.47 4.47 -8.02
CA LYS K 99 13.30 5.12 -6.72
C LYS K 99 14.65 5.19 -5.98
N CYS K 100 15.58 5.90 -6.59
CA CYS K 100 16.89 6.13 -6.01
C CYS K 100 16.74 7.07 -4.83
N GLY K 101 17.01 6.57 -3.63
CA GLY K 101 17.03 7.42 -2.48
C GLY K 101 18.32 8.23 -2.41
N PRO K 102 18.41 9.10 -1.40
CA PRO K 102 19.62 9.93 -1.28
C PRO K 102 20.86 9.11 -1.02
N LYS K 103 20.75 8.01 -0.27
CA LYS K 103 21.91 7.14 -0.07
C LYS K 103 22.35 6.52 -1.37
N ASP K 104 21.39 6.07 -2.18
CA ASP K 104 21.73 5.33 -3.38
C ASP K 104 22.40 6.23 -4.41
N LEU K 105 21.92 7.47 -4.53
CA LEU K 105 22.54 8.43 -5.43
C LEU K 105 23.99 8.66 -5.06
N PHE K 106 24.27 8.81 -3.76
CA PHE K 106 25.64 9.03 -3.34
C PHE K 106 26.49 7.80 -3.60
N LYS K 107 25.93 6.62 -3.39
CA LYS K 107 26.67 5.41 -3.72
C LYS K 107 27.05 5.40 -5.19
N LYS K 108 26.10 5.73 -6.06
CA LYS K 108 26.40 5.71 -7.49
C LYS K 108 27.43 6.76 -7.86
N ILE K 109 27.31 7.97 -7.29
CA ILE K 109 28.25 9.03 -7.62
C ILE K 109 29.66 8.62 -7.19
N THR K 110 29.83 8.25 -5.93
CA THR K 110 31.16 7.95 -5.44
C THR K 110 31.67 6.63 -6.02
N GLU K 111 30.78 5.82 -6.58
CA GLU K 111 31.23 4.63 -7.29
C GLU K 111 31.82 5.00 -8.64
N TYR K 112 31.11 5.86 -9.39
CA TYR K 112 31.62 6.27 -10.69
C TYR K 112 32.98 6.93 -10.56
N LEU K 113 33.21 7.64 -9.47
CA LEU K 113 34.53 8.23 -9.24
C LEU K 113 35.54 7.21 -8.78
N LYS K 114 35.14 5.95 -8.64
CA LYS K 114 36.03 4.85 -8.29
C LYS K 114 36.59 5.01 -6.88
N TYR K 115 35.71 5.35 -5.94
CA TYR K 115 36.01 5.31 -4.52
C TYR K 115 35.01 4.35 -3.90
N ARG K 116 35.47 3.21 -3.40
CA ARG K 116 34.52 2.28 -2.83
C ARG K 116 33.95 2.84 -1.54
N VAL K 117 32.69 2.52 -1.27
CA VAL K 117 31.95 3.11 -0.17
C VAL K 117 32.36 2.43 1.12
N THR K 118 32.53 3.21 2.17
CA THR K 118 32.69 2.67 3.51
C THR K 118 31.34 2.73 4.21
N LYS K 119 30.92 1.61 4.79
CA LYS K 119 29.56 1.49 5.32
C LYS K 119 29.28 2.56 6.36
N GLY K 120 28.17 3.25 6.21
CA GLY K 120 27.83 4.31 7.13
C GLY K 120 26.41 4.80 6.97
N THR K 121 26.13 5.89 7.67
CA THR K 121 24.82 6.52 7.66
C THR K 121 24.71 7.49 6.50
N VAL K 122 23.46 7.83 6.15
CA VAL K 122 23.21 8.68 4.98
C VAL K 122 24.06 9.94 5.04
N SER K 123 24.21 10.52 6.24
CA SER K 123 25.03 11.71 6.39
C SER K 123 26.49 11.44 6.04
N ASP K 124 27.00 10.28 6.44
CA ASP K 124 28.40 9.95 6.16
C ASP K 124 28.62 9.82 4.67
N PHE K 125 27.67 9.18 3.97
CA PHE K 125 27.75 9.09 2.53
C PHE K 125 27.73 10.47 1.89
N ARG K 126 26.85 11.34 2.38
CA ARG K 126 26.79 12.70 1.83
C ARG K 126 28.12 13.41 1.99
N ASP K 127 28.70 13.34 3.19
CA ASP K 127 29.95 14.02 3.45
C ASP K 127 31.07 13.48 2.57
N ARG K 128 31.18 12.16 2.46
CA ARG K 128 32.23 11.58 1.62
C ARG K 128 32.00 11.92 0.15
N THR K 129 30.74 11.96 -0.28
CA THR K 129 30.47 12.28 -1.68
C THR K 129 30.90 13.69 -2.00
N ILE K 130 30.59 14.63 -1.11
CA ILE K 130 31.01 16.05 -1.31
C ILE K 130 32.54 16.09 -1.36
N GLU K 131 33.21 15.34 -0.46
CA GLU K 131 34.70 15.37 -0.37
C GLU K 131 35.34 14.86 -1.67
N VAL K 132 34.83 13.76 -2.23
CA VAL K 132 35.48 13.17 -3.44
C VAL K 132 34.98 13.92 -4.67
N LEU K 133 33.85 14.62 -4.55
CA LEU K 133 33.30 15.36 -5.66
C LEU K 133 34.02 16.68 -5.84
N LYS K 134 34.49 17.27 -4.75
CA LYS K 134 35.36 18.44 -4.87
C LYS K 134 36.78 18.02 -5.17
N GLY K 135 37.17 16.81 -4.77
CA GLY K 135 38.52 16.36 -4.99
C GLY K 135 38.81 16.05 -6.45
N CYS K 136 37.90 15.33 -7.10
CA CYS K 136 38.09 14.94 -8.49
C CYS K 136 37.74 16.06 -9.45
N GLY K 137 37.53 17.27 -8.96
CA GLY K 137 37.27 18.42 -9.78
C GLY K 137 36.15 18.22 -10.77
N VAL K 138 35.07 17.58 -10.35
CA VAL K 138 33.94 17.32 -11.24
C VAL K 138 33.34 18.64 -11.68
N GLU K 139 33.03 18.74 -12.97
CA GLU K 139 32.42 19.92 -13.53
C GLU K 139 30.96 19.74 -13.89
N MET K 140 30.55 18.53 -14.25
CA MET K 140 29.20 18.28 -14.72
C MET K 140 28.75 16.92 -14.24
N LEU K 141 27.52 16.83 -13.76
CA LEU K 141 26.95 15.61 -13.22
C LEU K 141 25.70 15.28 -14.02
N ILE K 142 25.85 14.38 -15.01
CA ILE K 142 24.71 14.02 -15.90
C ILE K 142 23.90 12.90 -15.26
N ILE K 143 22.72 13.22 -14.72
CA ILE K 143 21.83 12.18 -14.13
C ILE K 143 20.90 11.66 -15.23
N ASP K 144 21.25 10.54 -15.87
CA ASP K 144 20.37 9.98 -16.89
C ASP K 144 19.20 9.28 -16.23
N GLU K 145 18.07 9.26 -16.94
CA GLU K 145 16.83 8.72 -16.42
C GLU K 145 16.51 9.33 -15.06
N ALA K 146 16.51 10.65 -15.04
CA ALA K 146 16.34 11.40 -13.80
C ALA K 146 14.89 11.58 -13.42
N ASP K 147 13.99 10.79 -13.99
CA ASP K 147 12.64 10.71 -13.45
C ASP K 147 12.49 9.58 -12.45
N ARG K 148 13.56 8.83 -12.22
CA ARG K 148 13.47 7.70 -11.28
C ARG K 148 13.65 8.14 -9.84
N LEU K 149 14.63 8.99 -9.58
CA LEU K 149 15.01 9.30 -8.21
C LEU K 149 13.87 10.03 -7.49
N LYS K 150 13.74 9.75 -6.21
CA LYS K 150 12.61 10.17 -5.39
C LYS K 150 12.62 11.67 -5.19
N PRO K 151 11.48 12.26 -4.85
CA PRO K 151 11.46 13.71 -4.63
C PRO K 151 12.36 14.17 -3.51
N GLU K 152 12.66 13.30 -2.55
CA GLU K 152 13.47 13.71 -1.40
C GLU K 152 14.96 13.66 -1.68
N THR K 153 15.37 13.32 -2.91
CA THR K 153 16.77 13.42 -3.31
C THR K 153 17.03 14.54 -4.29
N PHE K 154 15.99 15.13 -4.85
CA PHE K 154 16.18 16.37 -5.58
C PHE K 154 16.73 17.45 -4.65
N ALA K 155 16.40 17.37 -3.37
CA ALA K 155 17.01 18.28 -2.41
C ALA K 155 18.52 18.11 -2.40
N ASP K 156 19.01 16.87 -2.45
CA ASP K 156 20.44 16.68 -2.38
C ASP K 156 21.12 17.06 -3.69
N VAL K 157 20.45 16.83 -4.83
CA VAL K 157 21.07 17.22 -6.10
C VAL K 157 21.02 18.74 -6.14
N ARG K 158 19.98 19.33 -5.55
CA ARG K 158 19.94 20.81 -5.49
C ARG K 158 21.14 21.23 -4.65
N ASP K 159 21.35 20.58 -3.50
CA ASP K 159 22.47 20.92 -2.63
C ASP K 159 23.83 20.85 -3.31
N ILE K 160 24.07 19.78 -4.05
CA ILE K 160 25.30 19.61 -4.81
C ILE K 160 25.49 20.78 -5.76
N ALA K 161 24.49 21.05 -6.59
CA ALA K 161 24.59 22.11 -7.58
C ALA K 161 24.71 23.40 -6.77
N GLU K 162 23.96 23.49 -5.68
CA GLU K 162 24.00 24.69 -4.85
C GLU K 162 25.40 25.08 -4.27
N ASP K 163 26.08 24.08 -3.70
CA ASP K 163 27.37 24.38 -3.01
C ASP K 163 28.63 24.14 -3.85
N LEU K 164 28.70 23.09 -4.68
CA LEU K 164 29.95 22.77 -5.35
C LEU K 164 30.12 23.50 -6.67
N GLY K 165 29.07 24.22 -7.08
CA GLY K 165 29.12 24.87 -8.40
C GLY K 165 29.32 23.80 -9.46
N ILE K 166 28.41 22.82 -9.52
CA ILE K 166 28.53 21.70 -10.50
C ILE K 166 27.29 21.74 -11.39
N ALA K 167 27.49 21.71 -12.71
CA ALA K 167 26.37 21.76 -13.64
C ALA K 167 25.68 20.40 -13.65
N VAL K 168 24.51 20.32 -13.03
CA VAL K 168 23.75 19.07 -12.99
C VAL K 168 22.80 19.05 -14.17
N VAL K 169 22.94 18.05 -15.02
CA VAL K 169 22.12 17.92 -16.22
C VAL K 169 21.22 16.71 -16.04
N LEU K 170 19.93 16.96 -15.83
CA LEU K 170 18.96 15.88 -15.66
C LEU K 170 18.47 15.46 -17.03
N VAL K 171 18.68 14.19 -17.39
CA VAL K 171 18.17 13.63 -18.62
C VAL K 171 16.91 12.85 -18.30
N GLY K 172 15.96 12.78 -19.24
CA GLY K 172 14.79 11.93 -18.96
C GLY K 172 13.69 12.03 -19.99
N THR K 173 12.72 11.12 -19.93
CA THR K 173 11.56 11.15 -20.85
C THR K 173 10.80 12.41 -20.42
N ASP K 174 9.76 12.78 -21.18
CA ASP K 174 8.93 13.97 -20.83
C ASP K 174 8.34 13.80 -19.41
N ARG K 175 8.29 12.56 -18.90
CA ARG K 175 7.71 12.33 -17.58
C ARG K 175 8.55 13.07 -16.57
N LEU K 176 9.86 13.19 -16.82
CA LEU K 176 10.72 13.99 -15.95
C LEU K 176 10.27 15.42 -15.72
N ASP K 177 9.72 16.05 -16.75
CA ASP K 177 9.23 17.42 -16.61
C ASP K 177 8.08 17.55 -15.59
N ALA K 178 7.13 16.61 -15.67
CA ALA K 178 6.05 16.62 -14.70
C ALA K 178 6.65 16.27 -13.35
N VAL K 179 7.65 15.39 -13.33
CA VAL K 179 8.27 14.99 -12.08
C VAL K 179 8.89 16.20 -11.38
N ILE K 180 9.53 17.08 -12.15
CA ILE K 180 10.06 18.28 -11.53
C ILE K 180 8.98 19.33 -11.37
N LYS K 181 7.95 19.32 -12.20
CA LYS K 181 6.86 20.29 -12.04
C LYS K 181 6.08 20.35 -10.74
N ARG K 182 5.78 19.18 -10.16
CA ARG K 182 5.11 19.19 -8.85
C ARG K 182 5.97 19.63 -7.60
N ASP K 183 7.29 19.58 -7.86
CA ASP K 183 8.24 20.08 -6.85
C ASP K 183 8.41 21.53 -7.26
N GLU K 184 8.97 22.35 -6.38
CA GLU K 184 9.09 23.78 -6.65
C GLU K 184 10.39 24.45 -7.08
N GLN K 185 11.54 24.03 -6.54
CA GLN K 185 12.76 24.78 -6.81
C GLN K 185 13.45 24.01 -7.93
N VAL K 186 13.27 22.70 -7.96
CA VAL K 186 13.92 21.86 -8.95
C VAL K 186 13.44 22.42 -10.28
N LEU K 187 12.14 22.67 -10.38
CA LEU K 187 11.62 23.32 -11.59
C LEU K 187 12.21 24.67 -11.93
N GLU K 188 12.45 25.49 -10.89
CA GLU K 188 13.10 26.81 -11.10
C GLU K 188 14.62 26.70 -11.48
N ARG K 189 15.35 25.94 -10.66
CA ARG K 189 16.78 25.65 -10.93
C ARG K 189 17.13 24.94 -12.25
N PHE K 190 16.32 23.97 -12.65
CA PHE K 190 16.57 23.23 -13.92
C PHE K 190 15.54 23.67 -14.94
N ARG K 191 15.79 24.82 -15.58
CA ARG K 191 14.85 25.37 -16.55
C ARG K 191 15.41 25.55 -17.94
N ALA K 192 16.73 25.60 -18.10
CA ALA K 192 17.29 25.56 -19.44
C ALA K 192 17.17 24.14 -19.95
N HIS K 193 16.71 23.98 -21.19
CA HIS K 193 16.45 22.64 -21.66
C HIS K 193 16.76 22.52 -23.14
N LEU K 194 16.81 21.28 -23.61
CA LEU K 194 17.16 20.97 -24.99
C LEU K 194 16.39 19.73 -25.40
N ARG K 195 15.30 19.94 -26.16
CA ARG K 195 14.42 18.82 -26.56
C ARG K 195 15.12 17.96 -27.63
N PHE K 196 15.04 16.63 -27.53
CA PHE K 196 15.62 15.79 -28.61
C PHE K 196 14.78 15.91 -29.88
N GLY K 197 15.43 16.03 -31.04
CA GLY K 197 14.72 16.26 -32.31
C GLY K 197 14.07 14.93 -32.63
N LYS K 198 13.00 14.94 -33.44
CA LYS K 198 12.36 13.68 -33.92
C LYS K 198 13.16 13.22 -35.14
N LEU K 199 13.83 14.15 -35.85
CA LEU K 199 14.75 13.84 -36.99
C LEU K 199 14.04 13.65 -38.35
N SER K 200 12.70 13.72 -38.40
CA SER K 200 11.98 13.42 -39.67
C SER K 200 12.28 14.42 -40.80
N GLY K 201 12.38 13.95 -42.04
CA GLY K 201 12.59 14.84 -43.21
C GLY K 201 13.78 14.41 -44.05
N GLU K 202 14.36 15.32 -44.84
CA GLU K 202 15.61 14.99 -45.58
C GLU K 202 16.75 14.52 -44.66
N ASP K 203 16.93 15.20 -43.53
CA ASP K 203 17.97 14.77 -42.54
C ASP K 203 17.75 13.30 -42.11
N PHE K 204 16.50 12.83 -42.16
CA PHE K 204 16.20 11.44 -41.72
C PHE K 204 16.74 10.62 -42.90
N LYS K 205 16.51 11.07 -44.13
CA LYS K 205 16.97 10.32 -45.33
C LYS K 205 18.50 10.14 -45.25
N ASN K 206 19.23 11.22 -44.94
CA ASN K 206 20.70 11.09 -44.73
C ASN K 206 21.04 10.02 -43.68
N THR K 207 20.45 10.13 -42.49
CA THR K 207 20.69 9.17 -41.43
C THR K 207 20.54 7.76 -41.96
N VAL K 208 19.49 7.53 -42.76
CA VAL K 208 19.22 6.17 -43.24
C VAL K 208 20.47 5.71 -43.96
N GLU K 209 20.91 6.48 -44.96
CA GLU K 209 22.12 6.04 -45.68
C GLU K 209 23.40 5.96 -44.79
N MET K 210 23.52 6.96 -43.92
CA MET K 210 24.55 6.88 -42.90
C MET K 210 24.64 5.63 -42.04
N TRP K 211 23.50 4.94 -41.86
CA TRP K 211 23.52 3.69 -41.13
C TRP K 211 24.01 2.53 -41.99
N GLU K 212 23.77 2.61 -43.29
CA GLU K 212 24.22 1.60 -44.24
C GLU K 212 25.74 1.49 -44.23
N GLN K 213 26.43 2.63 -44.27
CA GLN K 213 27.88 2.60 -44.45
C GLN K 213 28.57 2.43 -43.11
N MET K 214 28.16 3.21 -42.12
CA MET K 214 28.85 3.26 -40.84
C MET K 214 28.65 1.99 -40.03
N VAL K 215 27.40 1.60 -39.81
CA VAL K 215 27.06 0.59 -38.82
C VAL K 215 26.84 -0.77 -39.47
N LEU K 216 26.15 -0.78 -40.62
CA LEU K 216 25.83 -2.08 -41.28
C LEU K 216 27.12 -2.72 -41.84
N LYS K 217 28.06 -1.91 -42.36
CA LYS K 217 29.39 -2.43 -42.78
C LYS K 217 29.32 -3.64 -43.73
N LEU K 218 28.52 -3.56 -44.80
CA LEU K 218 28.37 -4.74 -45.70
C LEU K 218 29.07 -4.49 -47.05
N PRO K 219 29.45 -5.49 -47.92
CA PRO K 219 30.00 -5.15 -49.23
C PRO K 219 28.92 -4.31 -49.92
N VAL K 220 29.31 -3.27 -50.66
CA VAL K 220 28.28 -2.36 -51.25
C VAL K 220 27.32 -3.18 -52.10
N SER K 221 26.03 -3.04 -51.86
CA SER K 221 25.01 -3.83 -52.62
C SER K 221 24.24 -2.90 -53.55
N SER K 222 24.66 -1.64 -53.65
CA SER K 222 23.96 -0.63 -54.48
C SER K 222 22.50 -0.51 -54.04
N ASN K 223 22.21 -0.78 -52.76
CA ASN K 223 20.83 -0.61 -52.24
C ASN K 223 20.53 0.89 -52.28
N LEU K 224 21.34 1.70 -51.58
CA LEU K 224 21.22 3.19 -51.62
C LEU K 224 19.94 3.67 -50.92
N LYS K 225 19.26 2.80 -50.18
CA LYS K 225 18.06 3.23 -49.40
C LYS K 225 17.10 4.02 -50.30
N SER K 226 16.66 3.42 -51.42
CA SER K 226 15.81 4.13 -52.42
C SER K 226 14.43 4.49 -51.84
N LYS K 227 13.74 5.46 -52.44
CA LYS K 227 12.43 5.94 -51.93
C LYS K 227 11.54 4.79 -51.42
N GLU K 228 11.57 3.61 -52.05
CA GLU K 228 10.82 2.44 -51.53
C GLU K 228 11.29 2.11 -50.10
N MET K 229 12.59 1.88 -49.89
CA MET K 229 13.06 1.44 -48.58
C MET K 229 12.84 2.63 -47.65
N LEU K 230 12.91 3.84 -48.17
CA LEU K 230 12.69 5.01 -47.33
C LEU K 230 11.24 5.12 -46.90
N ARG K 231 10.31 4.85 -47.80
CA ARG K 231 8.91 4.82 -47.42
C ARG K 231 8.68 3.75 -46.36
N ILE K 232 9.28 2.58 -46.56
CA ILE K 232 9.14 1.51 -45.57
C ILE K 232 9.65 1.98 -44.21
N LEU K 233 10.83 2.59 -44.19
CA LEU K 233 11.45 2.94 -42.91
C LEU K 233 10.77 4.14 -42.26
N THR K 234 10.29 5.08 -43.06
CA THR K 234 9.53 6.20 -42.50
C THR K 234 8.23 5.60 -42.01
N SER K 235 7.70 4.64 -42.77
CA SER K 235 6.47 3.98 -42.34
C SER K 235 6.64 3.23 -41.01
N ALA K 236 7.78 2.56 -40.88
CA ALA K 236 8.01 1.73 -39.71
C ALA K 236 8.60 2.38 -38.46
N THR K 237 9.69 3.12 -38.62
CA THR K 237 10.43 3.66 -37.48
C THR K 237 9.76 4.89 -36.88
N GLU K 238 9.02 5.67 -37.67
CA GLU K 238 8.48 6.95 -37.25
C GLU K 238 9.54 7.94 -36.82
N GLY K 239 10.79 7.74 -37.20
CA GLY K 239 11.85 8.67 -36.94
C GLY K 239 12.72 8.33 -35.74
N TYR K 240 12.23 7.49 -34.84
CA TYR K 240 13.04 7.12 -33.69
C TYR K 240 14.32 6.44 -34.13
N ILE K 241 15.45 7.00 -33.72
CA ILE K 241 16.74 6.36 -33.99
C ILE K 241 16.74 4.95 -33.45
N GLY K 242 16.05 4.76 -32.37
CA GLY K 242 15.98 3.39 -31.87
C GLY K 242 15.27 2.44 -32.79
N ARG K 243 14.22 2.89 -33.47
CA ARG K 243 13.47 1.92 -34.30
C ARG K 243 14.29 1.63 -35.56
N LEU K 244 15.14 2.56 -36.00
CA LEU K 244 15.89 2.35 -37.26
C LEU K 244 16.98 1.41 -36.86
N ASP K 245 17.62 1.71 -35.77
CA ASP K 245 18.71 0.79 -35.46
C ASP K 245 18.19 -0.63 -35.26
N GLU K 246 17.13 -0.76 -34.45
CA GLU K 246 16.55 -2.10 -34.17
C GLU K 246 16.15 -2.78 -35.48
N ILE K 247 15.46 -2.06 -36.37
CA ILE K 247 14.97 -2.66 -37.61
C ILE K 247 16.13 -3.07 -38.50
N LEU K 248 17.10 -2.18 -38.68
CA LEU K 248 18.16 -2.46 -39.62
C LEU K 248 19.02 -3.62 -39.16
N ARG K 249 19.37 -3.66 -37.87
CA ARG K 249 20.12 -4.80 -37.36
C ARG K 249 19.40 -6.12 -37.50
N GLU K 250 18.09 -6.13 -37.18
CA GLU K 250 17.31 -7.35 -37.34
C GLU K 250 17.28 -7.84 -38.78
N ALA K 251 17.07 -6.92 -39.71
CA ALA K 251 16.97 -7.27 -41.12
C ALA K 251 18.32 -7.80 -41.57
N ALA K 252 19.40 -7.15 -41.16
CA ALA K 252 20.73 -7.61 -41.55
C ALA K 252 21.00 -9.01 -41.00
N ILE K 253 20.69 -9.22 -39.71
CA ILE K 253 20.93 -10.52 -39.11
C ILE K 253 20.09 -11.59 -39.80
N ARG K 254 18.81 -11.30 -40.05
CA ARG K 254 17.97 -12.27 -40.72
C ARG K 254 18.52 -12.62 -42.09
N SER K 255 18.87 -11.61 -42.88
CA SER K 255 19.32 -11.84 -44.24
C SER K 255 20.61 -12.63 -44.28
N LEU K 256 21.50 -12.38 -43.32
CA LEU K 256 22.75 -13.13 -43.28
C LEU K 256 22.54 -14.53 -42.76
N SER K 257 21.53 -14.72 -41.89
CA SER K 257 21.25 -16.05 -41.39
C SER K 257 20.63 -16.93 -42.47
N ARG K 258 19.81 -16.33 -43.34
CA ARG K 258 19.23 -17.11 -44.42
C ARG K 258 20.10 -17.15 -45.66
N GLY K 259 21.35 -16.69 -45.57
CA GLY K 259 22.31 -16.78 -46.66
C GLY K 259 22.30 -15.56 -47.56
N LEU K 260 21.25 -14.75 -47.52
CA LEU K 260 21.17 -13.59 -48.38
C LEU K 260 22.33 -12.64 -48.10
N LYS K 261 22.98 -12.17 -49.16
CA LYS K 261 24.21 -11.40 -48.97
C LYS K 261 23.88 -9.95 -48.65
N LYS K 262 22.91 -9.36 -49.35
CA LYS K 262 22.34 -8.09 -48.96
C LYS K 262 20.97 -8.20 -48.31
N ILE K 263 20.36 -7.05 -48.02
CA ILE K 263 19.00 -7.02 -47.40
C ILE K 263 17.94 -6.95 -48.50
N ASP K 264 17.02 -7.92 -48.52
CA ASP K 264 15.92 -7.94 -49.54
C ASP K 264 14.76 -7.04 -49.10
N LYS K 265 13.79 -6.80 -49.98
CA LYS K 265 12.59 -6.04 -49.58
C LYS K 265 11.76 -6.96 -48.68
N ALA K 266 11.86 -8.28 -48.87
CA ALA K 266 11.07 -9.23 -48.12
C ALA K 266 11.31 -9.10 -46.62
N VAL K 267 12.58 -9.11 -46.21
CA VAL K 267 12.88 -9.08 -44.79
C VAL K 267 12.52 -7.71 -44.22
N LEU K 268 12.58 -6.67 -45.08
CA LEU K 268 12.19 -5.31 -44.60
C LEU K 268 10.68 -5.31 -44.32
N GLN K 269 9.88 -5.87 -45.23
CA GLN K 269 8.46 -6.01 -44.92
C GLN K 269 8.20 -6.85 -43.68
N GLU K 270 9.01 -7.90 -43.49
CA GLU K 270 8.90 -8.72 -42.29
C GLU K 270 9.03 -7.91 -41.02
N VAL K 271 10.14 -7.18 -40.87
CA VAL K 271 10.33 -6.47 -39.61
C VAL K 271 9.31 -5.35 -39.49
N ALA K 272 8.93 -4.75 -40.62
CA ALA K 272 7.90 -3.72 -40.58
C ALA K 272 6.63 -4.27 -39.97
N LYS K 273 6.12 -5.38 -40.51
CA LYS K 273 4.88 -5.93 -39.94
C LYS K 273 5.01 -6.38 -38.49
N GLU K 274 6.19 -6.84 -38.10
CA GLU K 274 6.34 -7.41 -36.77
C GLU K 274 6.63 -6.35 -35.70
N TYR K 275 6.56 -5.09 -36.13
CA TYR K 275 6.69 -3.97 -35.15
C TYR K 275 5.25 -3.45 -35.05
N LYS K 276 4.72 -2.97 -36.18
CA LYS K 276 3.32 -2.47 -36.22
C LYS K 276 2.45 -3.52 -36.91
N ASP L 17 -7.98 -54.82 -14.95
CA ASP L 17 -8.60 -53.90 -15.89
C ASP L 17 -9.02 -52.62 -15.18
N ASP L 18 -9.58 -52.76 -13.96
CA ASP L 18 -9.80 -51.58 -13.13
C ASP L 18 -8.47 -50.91 -12.81
N GLU L 19 -7.41 -51.71 -12.65
CA GLU L 19 -6.07 -51.16 -12.60
C GLU L 19 -5.77 -50.38 -13.88
N TRP L 20 -6.09 -50.98 -15.03
CA TRP L 20 -5.97 -50.29 -16.31
C TRP L 20 -6.85 -49.05 -16.35
N LEU L 21 -8.03 -49.11 -15.75
CA LEU L 21 -8.92 -47.94 -15.74
C LEU L 21 -8.31 -46.81 -14.93
N GLN L 22 -7.67 -47.14 -13.80
CA GLN L 22 -6.98 -46.12 -13.04
C GLN L 22 -5.84 -45.53 -13.84
N ALA L 23 -5.12 -46.37 -14.57
CA ALA L 23 -4.08 -45.87 -15.47
C ALA L 23 -4.66 -44.88 -16.47
N GLU L 24 -5.82 -45.24 -17.04
CA GLU L 24 -6.43 -44.40 -18.11
C GLU L 24 -6.86 -43.01 -17.60
N ILE L 25 -7.57 -42.97 -16.48
CA ILE L 25 -8.08 -41.66 -15.97
C ILE L 25 -6.89 -40.79 -15.52
N ALA L 26 -5.85 -41.42 -14.95
CA ALA L 26 -4.67 -40.68 -14.47
C ALA L 26 -3.93 -40.13 -15.70
N ARG L 27 -3.81 -40.96 -16.76
CA ARG L 27 -3.08 -40.51 -17.94
C ARG L 27 -3.85 -39.41 -18.66
N LEU L 28 -5.17 -39.54 -18.73
CA LEU L 28 -5.98 -38.50 -19.36
C LEU L 28 -6.01 -37.25 -18.49
N LYS L 29 -5.97 -37.43 -17.18
CA LYS L 29 -5.93 -36.29 -16.26
C LYS L 29 -4.72 -35.40 -16.53
N GLY L 30 -3.52 -35.99 -16.58
CA GLY L 30 -2.33 -35.20 -16.86
C GLY L 30 -2.27 -34.79 -18.32
N LYS L 31 -1.67 -33.61 -18.52
CA LYS L 31 -1.64 -33.04 -19.88
C LYS L 31 -0.37 -33.46 -20.62
N SER L 32 -0.39 -33.31 -21.94
CA SER L 32 0.72 -33.67 -22.80
C SER L 32 1.09 -32.44 -23.63
N ILE L 33 2.14 -32.58 -24.44
CA ILE L 33 2.56 -31.50 -25.33
C ILE L 33 2.55 -32.04 -26.74
N VAL L 34 1.47 -31.80 -27.48
CA VAL L 34 1.38 -32.26 -28.86
C VAL L 34 1.94 -31.18 -29.75
N PRO L 35 3.01 -31.47 -30.49
CA PRO L 35 3.71 -30.40 -31.22
C PRO L 35 2.99 -29.99 -32.49
N LEU L 36 2.53 -28.76 -32.57
CA LEU L 36 1.87 -28.24 -33.75
C LEU L 36 2.49 -26.92 -34.17
N GLN L 37 1.99 -26.38 -35.27
CA GLN L 37 2.68 -25.28 -35.96
C GLN L 37 2.88 -24.08 -35.05
N GLN L 38 1.98 -23.88 -34.09
CA GLN L 38 2.08 -22.71 -33.23
C GLN L 38 3.37 -22.71 -32.43
N VAL L 39 3.65 -23.81 -31.73
CA VAL L 39 4.81 -23.85 -30.86
C VAL L 39 6.09 -23.83 -31.69
N LYS L 40 6.04 -24.38 -32.89
CA LYS L 40 7.22 -24.39 -33.74
C LYS L 40 7.54 -22.99 -34.22
N THR L 41 6.52 -22.23 -34.61
CA THR L 41 6.74 -20.84 -34.98
C THR L 41 7.27 -20.05 -33.79
N LEU L 42 6.72 -20.31 -32.61
CA LEU L 42 7.19 -19.60 -31.43
C LEU L 42 8.65 -19.87 -31.12
N HIS L 43 9.04 -21.15 -31.20
CA HIS L 43 10.45 -21.53 -30.91
C HIS L 43 11.37 -20.84 -31.93
N ASP L 44 10.99 -20.86 -33.21
CA ASP L 44 11.83 -20.26 -34.23
C ASP L 44 11.96 -18.77 -33.92
N TRP L 45 10.84 -18.12 -33.62
CA TRP L 45 10.85 -16.71 -33.29
C TRP L 45 11.74 -16.43 -32.08
N LEU L 46 11.63 -17.24 -31.04
CA LEU L 46 12.38 -17.01 -29.83
C LEU L 46 13.86 -17.28 -30.04
N ASP L 47 14.20 -18.27 -30.86
CA ASP L 47 15.59 -18.47 -31.22
C ASP L 47 16.14 -17.24 -31.93
N GLY L 48 15.38 -16.71 -32.87
CA GLY L 48 15.81 -15.51 -33.56
C GLY L 48 16.04 -14.35 -32.61
N LYS L 49 15.13 -14.15 -31.67
CA LYS L 49 15.31 -13.08 -30.69
C LYS L 49 16.49 -13.34 -29.77
N ARG L 50 16.73 -14.59 -29.40
CA ARG L 50 17.75 -14.89 -28.40
C ARG L 50 19.15 -14.80 -29.00
N LYS L 51 19.30 -15.17 -30.26
CA LYS L 51 20.58 -15.00 -30.92
C LYS L 51 20.96 -13.53 -31.00
N ALA L 52 19.95 -12.65 -30.98
CA ALA L 52 20.17 -11.22 -31.12
C ALA L 52 20.01 -10.47 -29.80
N ARG L 53 19.81 -11.19 -28.69
CA ARG L 53 19.55 -10.54 -27.37
C ARG L 53 18.50 -9.45 -27.59
N LYS L 54 17.35 -9.83 -28.15
CA LYS L 54 16.30 -8.90 -28.51
C LYS L 54 15.11 -9.18 -27.62
N SER L 55 14.59 -8.13 -26.98
CA SER L 55 13.47 -8.27 -26.07
C SER L 55 12.18 -8.07 -26.88
N CYS L 56 11.32 -9.08 -26.89
CA CYS L 56 10.07 -9.00 -27.59
C CYS L 56 8.95 -9.23 -26.57
N ARG L 57 7.71 -9.20 -27.04
CA ARG L 57 6.59 -9.56 -26.19
C ARG L 57 5.69 -10.43 -27.06
N VAL L 58 5.39 -11.62 -26.58
CA VAL L 58 4.69 -12.58 -27.43
C VAL L 58 3.27 -12.58 -26.88
N VAL L 59 2.40 -11.78 -27.49
CA VAL L 59 1.07 -11.59 -26.96
C VAL L 59 0.17 -12.59 -27.66
N GLY L 60 -1.03 -12.75 -27.12
CA GLY L 60 -1.98 -13.66 -27.70
C GLY L 60 -3.27 -13.65 -26.92
N GLU L 61 -4.18 -14.54 -27.29
CA GLU L 61 -5.45 -14.62 -26.63
C GLU L 61 -5.30 -15.44 -25.36
N SER L 62 -6.41 -15.68 -24.68
CA SER L 62 -6.39 -16.42 -23.43
C SER L 62 -6.94 -17.78 -23.82
N ARG L 63 -6.51 -18.84 -23.10
CA ARG L 63 -6.90 -20.27 -23.40
C ARG L 63 -6.47 -20.65 -24.81
N THR L 64 -5.24 -20.30 -25.18
CA THR L 64 -4.70 -20.53 -26.51
C THR L 64 -3.38 -21.23 -26.75
N GLY L 65 -2.61 -21.53 -25.70
CA GLY L 65 -1.41 -22.32 -25.88
C GLY L 65 -0.12 -21.53 -25.79
N LYS L 66 -0.10 -20.49 -24.97
CA LYS L 66 1.11 -19.69 -24.83
C LYS L 66 2.04 -20.23 -23.77
N THR L 67 1.50 -20.49 -22.58
CA THR L 67 2.33 -20.97 -21.48
C THR L 67 2.95 -22.31 -21.82
N VAL L 68 2.19 -23.19 -22.47
CA VAL L 68 2.72 -24.50 -22.83
C VAL L 68 3.85 -24.36 -23.83
N ALA L 69 3.70 -23.45 -24.79
CA ALA L 69 4.75 -23.28 -25.79
C ALA L 69 6.01 -22.70 -25.17
N CYS L 70 5.86 -21.71 -24.27
CA CYS L 70 7.03 -21.18 -23.59
C CYS L 70 7.70 -22.24 -22.72
N ASP L 71 6.90 -23.10 -22.10
CA ASP L 71 7.47 -24.20 -21.31
C ASP L 71 8.25 -25.15 -22.19
N ALA L 72 7.67 -25.54 -23.33
CA ALA L 72 8.38 -26.42 -24.24
C ALA L 72 9.70 -25.79 -24.69
N TYR L 73 9.69 -24.48 -24.96
CA TYR L 73 10.93 -23.83 -25.34
C TYR L 73 11.92 -23.87 -24.18
N ARG L 74 11.41 -23.77 -22.95
CA ARG L 74 12.29 -23.81 -21.76
C ARG L 74 12.94 -25.20 -21.64
N TYR L 75 12.19 -26.25 -21.95
CA TYR L 75 12.72 -27.61 -21.81
C TYR L 75 13.70 -28.18 -22.81
N ARG L 76 13.52 -27.84 -24.09
CA ARG L 76 14.46 -28.33 -25.15
C ARG L 76 15.87 -27.80 -24.81
N HIS L 77 15.95 -26.53 -24.42
CA HIS L 77 17.21 -26.07 -23.76
C HIS L 77 17.36 -26.25 -22.22
N LYS L 78 17.37 -27.51 -21.78
CA LYS L 78 17.58 -27.79 -20.33
C LYS L 78 19.04 -27.44 -20.05
N PRO L 79 19.38 -26.70 -18.96
CA PRO L 79 20.77 -26.28 -18.74
C PRO L 79 21.75 -27.44 -18.66
N GLN L 80 22.85 -27.36 -19.40
CA GLN L 80 23.91 -28.40 -19.32
C GLN L 80 24.97 -27.82 -18.39
N GLN L 81 25.09 -28.35 -17.17
CA GLN L 81 26.00 -27.68 -16.21
C GLN L 81 27.42 -28.21 -16.35
N GLU L 82 28.42 -27.33 -16.27
CA GLU L 82 29.79 -27.83 -16.17
C GLU L 82 29.87 -28.73 -14.94
N ALA L 83 30.79 -29.69 -14.97
CA ALA L 83 31.02 -30.63 -13.88
C ALA L 83 31.00 -30.07 -12.47
N GLY L 84 31.59 -28.90 -12.26
CA GLY L 84 31.59 -28.27 -10.96
C GLY L 84 31.24 -26.79 -10.91
N ARG L 85 30.82 -26.21 -12.01
CA ARG L 85 30.54 -24.77 -12.02
C ARG L 85 29.04 -24.52 -12.05
N PRO L 86 28.61 -23.30 -11.76
CA PRO L 86 27.19 -22.95 -11.85
C PRO L 86 26.63 -23.32 -13.22
N PRO L 87 25.43 -23.88 -13.26
CA PRO L 87 24.88 -24.34 -14.54
C PRO L 87 24.54 -23.17 -15.44
N THR L 88 25.00 -23.23 -16.67
CA THR L 88 24.68 -22.20 -17.66
C THR L 88 23.24 -22.38 -18.09
N VAL L 89 22.33 -21.64 -17.48
CA VAL L 89 20.91 -21.70 -17.82
C VAL L 89 20.63 -20.70 -18.93
N PRO L 90 20.52 -21.13 -20.18
CA PRO L 90 20.34 -20.15 -21.26
C PRO L 90 19.00 -19.43 -21.21
N VAL L 91 17.92 -20.14 -20.91
CA VAL L 91 16.58 -19.56 -20.91
C VAL L 91 16.02 -19.69 -19.50
N VAL L 92 15.49 -18.60 -18.96
CA VAL L 92 14.89 -18.57 -17.64
C VAL L 92 13.43 -18.19 -17.80
N TYR L 93 12.54 -19.02 -17.26
CA TYR L 93 11.11 -18.82 -17.37
C TYR L 93 10.53 -18.64 -15.97
N ILE L 94 9.81 -17.54 -15.76
CA ILE L 94 9.18 -17.26 -14.48
C ILE L 94 7.84 -16.71 -14.92
N ARG L 95 6.83 -16.96 -14.07
CA ARG L 95 5.47 -16.40 -14.28
C ARG L 95 5.11 -15.79 -12.94
N PRO L 96 5.40 -14.49 -12.69
CA PRO L 96 5.20 -13.86 -11.37
C PRO L 96 3.79 -13.95 -10.74
N HIS L 97 3.71 -13.83 -9.42
CA HIS L 97 2.41 -13.81 -8.77
C HIS L 97 1.74 -12.44 -8.90
N GLN L 98 0.50 -12.37 -8.45
CA GLN L 98 -0.28 -11.15 -8.62
C GLN L 98 0.39 -9.96 -7.95
N LYS L 99 0.48 -8.85 -8.68
CA LYS L 99 1.17 -7.65 -8.25
C LYS L 99 2.55 -7.99 -7.71
N CYS L 100 3.37 -8.54 -8.59
CA CYS L 100 4.75 -8.88 -8.27
C CYS L 100 5.55 -7.59 -8.14
N GLY L 101 6.01 -7.30 -6.92
CA GLY L 101 6.89 -6.18 -6.72
C GLY L 101 8.30 -6.49 -7.17
N PRO L 102 9.17 -5.49 -7.10
CA PRO L 102 10.56 -5.71 -7.52
C PRO L 102 11.27 -6.76 -6.68
N LYS L 103 10.99 -6.82 -5.39
CA LYS L 103 11.59 -7.86 -4.56
C LYS L 103 11.13 -9.23 -5.00
N ASP L 104 9.84 -9.37 -5.29
CA ASP L 104 9.28 -10.68 -5.59
C ASP L 104 9.82 -11.21 -6.91
N LEU L 105 9.95 -10.34 -7.90
CA LEU L 105 10.52 -10.75 -9.18
C LEU L 105 11.93 -11.28 -9.01
N PHE L 106 12.74 -10.60 -8.19
CA PHE L 106 14.10 -11.06 -7.97
C PHE L 106 14.10 -12.39 -7.23
N LYS L 107 13.19 -12.55 -6.26
CA LYS L 107 13.10 -13.83 -5.59
C LYS L 107 12.81 -14.94 -6.58
N LYS L 108 11.85 -14.71 -7.49
CA LYS L 108 11.50 -15.74 -8.45
C LYS L 108 12.65 -16.04 -9.40
N ILE L 109 13.34 -14.99 -9.88
CA ILE L 109 14.44 -15.19 -10.80
C ILE L 109 15.55 -16.01 -10.14
N THR L 110 16.02 -15.55 -8.98
CA THR L 110 17.12 -16.24 -8.34
C THR L 110 16.70 -17.58 -7.78
N GLU L 111 15.39 -17.81 -7.63
CA GLU L 111 14.92 -19.14 -7.25
C GLU L 111 15.01 -20.09 -8.43
N TYR L 112 14.54 -19.66 -9.60
CA TYR L 112 14.60 -20.52 -10.78
C TYR L 112 16.05 -20.91 -11.09
N LEU L 113 16.99 -20.03 -10.81
CA LEU L 113 18.39 -20.38 -11.00
C LEU L 113 18.92 -21.26 -9.88
N LYS L 114 18.07 -21.60 -8.91
CA LYS L 114 18.43 -22.53 -7.83
C LYS L 114 19.51 -21.94 -6.93
N TYR L 115 19.35 -20.67 -6.56
CA TYR L 115 20.14 -20.02 -5.53
C TYR L 115 19.15 -19.56 -4.47
N ARG L 116 19.20 -20.15 -3.29
CA ARG L 116 18.24 -19.73 -2.27
C ARG L 116 18.57 -18.32 -1.81
N VAL L 117 17.54 -17.57 -1.46
CA VAL L 117 17.66 -16.15 -1.16
C VAL L 117 18.19 -16.00 0.24
N THR L 118 19.11 -15.07 0.42
CA THR L 118 19.53 -14.65 1.75
C THR L 118 18.77 -13.39 2.13
N LYS L 119 18.16 -13.38 3.31
CA LYS L 119 17.23 -12.31 3.68
C LYS L 119 17.92 -10.96 3.63
N GLY L 120 17.30 -9.99 2.96
CA GLY L 120 17.89 -8.69 2.83
C GLY L 120 16.92 -7.66 2.29
N THR L 121 17.48 -6.50 1.98
CA THR L 121 16.73 -5.37 1.45
C THR L 121 16.61 -5.48 -0.07
N VAL L 122 15.63 -4.76 -0.63
CA VAL L 122 15.36 -4.84 -2.05
C VAL L 122 16.64 -4.66 -2.87
N SER L 123 17.50 -3.73 -2.43
CA SER L 123 18.77 -3.51 -3.13
C SER L 123 19.64 -4.75 -3.10
N ASP L 124 19.69 -5.43 -1.96
CA ASP L 124 20.53 -6.62 -1.84
C ASP L 124 20.05 -7.71 -2.78
N PHE L 125 18.73 -7.89 -2.87
CA PHE L 125 18.16 -8.84 -3.80
C PHE L 125 18.50 -8.47 -5.23
N ARG L 126 18.42 -7.18 -5.57
CA ARG L 126 18.77 -6.76 -6.91
C ARG L 126 20.21 -7.09 -7.24
N ASP L 127 21.12 -6.77 -6.32
CA ASP L 127 22.54 -7.02 -6.55
C ASP L 127 22.82 -8.51 -6.71
N ARG L 128 22.25 -9.34 -5.84
CA ARG L 128 22.47 -10.77 -5.95
C ARG L 128 21.87 -11.32 -7.23
N THR L 129 20.72 -10.80 -7.63
CA THR L 129 20.08 -11.30 -8.85
C THR L 129 20.94 -10.99 -10.06
N ILE L 130 21.48 -9.78 -10.13
CA ILE L 130 22.39 -9.41 -11.25
C ILE L 130 23.60 -10.34 -11.23
N GLU L 131 24.14 -10.61 -10.03
CA GLU L 131 25.37 -11.45 -9.90
C GLU L 131 25.12 -12.87 -10.40
N VAL L 132 23.99 -13.49 -10.04
CA VAL L 132 23.74 -14.91 -10.42
C VAL L 132 23.19 -14.94 -11.85
N LEU L 133 22.68 -13.81 -12.33
CA LEU L 133 22.12 -13.74 -13.67
C LEU L 133 23.23 -13.59 -14.70
N LYS L 134 24.32 -12.91 -14.32
CA LYS L 134 25.49 -12.90 -15.20
C LYS L 134 26.30 -14.16 -15.03
N GLY L 135 26.21 -14.79 -13.85
CA GLY L 135 27.00 -15.99 -13.61
C GLY L 135 26.49 -17.18 -14.38
N CYS L 136 25.18 -17.40 -14.37
CA CYS L 136 24.58 -18.54 -15.06
C CYS L 136 24.44 -18.31 -16.55
N GLY L 137 25.03 -17.26 -17.08
CA GLY L 137 25.01 -16.97 -18.50
C GLY L 137 23.63 -16.99 -19.12
N VAL L 138 22.66 -16.42 -18.42
CA VAL L 138 21.29 -16.40 -18.92
C VAL L 138 21.23 -15.59 -20.20
N GLU L 139 20.52 -16.13 -21.19
CA GLU L 139 20.36 -15.45 -22.46
C GLU L 139 18.97 -14.88 -22.66
N MET L 140 17.94 -15.49 -22.08
CA MET L 140 16.57 -15.07 -22.31
C MET L 140 15.79 -15.23 -21.02
N LEU L 141 14.95 -14.25 -20.70
CA LEU L 141 14.16 -14.23 -19.48
C LEU L 141 12.69 -14.13 -19.89
N ILE L 142 12.01 -15.28 -19.92
CA ILE L 142 10.58 -15.31 -20.36
C ILE L 142 9.68 -15.03 -19.15
N ILE L 143 9.11 -13.82 -19.08
CA ILE L 143 8.17 -13.48 -17.97
C ILE L 143 6.75 -13.84 -18.42
N ASP L 144 6.25 -15.02 -18.05
CA ASP L 144 4.90 -15.39 -18.40
C ASP L 144 3.90 -14.67 -17.52
N GLU L 145 2.73 -14.41 -18.07
CA GLU L 145 1.69 -13.63 -17.39
C GLU L 145 2.27 -12.31 -16.89
N ALA L 146 2.89 -11.60 -17.82
CA ALA L 146 3.59 -10.37 -17.50
C ALA L 146 2.69 -9.16 -17.44
N ASP L 147 1.38 -9.38 -17.33
CA ASP L 147 0.49 -8.28 -16.98
C ASP L 147 0.26 -8.20 -15.49
N ARG L 148 0.84 -9.10 -14.72
CA ARG L 148 0.64 -9.09 -13.27
C ARG L 148 1.56 -8.12 -12.57
N LEU L 149 2.84 -8.11 -12.92
CA LEU L 149 3.82 -7.35 -12.18
C LEU L 149 3.55 -5.85 -12.27
N LYS L 150 3.85 -5.16 -11.17
CA LYS L 150 3.46 -3.77 -10.98
C LYS L 150 4.23 -2.87 -11.90
N PRO L 151 3.74 -1.65 -12.15
CA PRO L 151 4.48 -0.74 -13.03
C PRO L 151 5.86 -0.39 -12.53
N GLU L 152 6.08 -0.47 -11.23
CA GLU L 152 7.36 -0.06 -10.67
C GLU L 152 8.41 -1.15 -10.74
N THR L 153 8.09 -2.31 -11.33
CA THR L 153 9.09 -3.34 -11.59
C THR L 153 9.41 -3.50 -13.06
N PHE L 154 8.63 -2.88 -13.95
CA PHE L 154 9.06 -2.77 -15.33
C PHE L 154 10.35 -1.97 -15.42
N ALA L 155 10.58 -1.06 -14.49
CA ALA L 155 11.87 -0.38 -14.44
C ALA L 155 12.99 -1.38 -14.22
N ASP L 156 12.79 -2.36 -13.34
CA ASP L 156 13.87 -3.29 -13.08
C ASP L 156 14.05 -4.28 -14.21
N VAL L 157 12.96 -4.67 -14.88
CA VAL L 157 13.11 -5.59 -16.01
C VAL L 157 13.75 -4.79 -17.13
N ARG L 158 13.44 -3.49 -17.20
CA ARG L 158 14.11 -2.64 -18.22
C ARG L 158 15.58 -2.66 -17.86
N ASP L 159 15.92 -2.45 -16.58
CA ASP L 159 17.31 -2.43 -16.15
C ASP L 159 18.09 -3.69 -16.49
N ILE L 160 17.49 -4.85 -16.24
CA ILE L 160 18.07 -6.14 -16.58
C ILE L 160 18.38 -6.19 -18.06
N ALA L 161 17.37 -5.94 -18.90
CA ALA L 161 17.54 -6.02 -20.34
C ALA L 161 18.54 -4.93 -20.67
N GLU L 162 18.44 -3.78 -20.02
CA GLU L 162 19.35 -2.68 -20.31
C GLU L 162 20.88 -2.98 -20.10
N ASP L 163 21.19 -3.58 -18.94
CA ASP L 163 22.62 -3.79 -18.61
C ASP L 163 23.17 -5.19 -18.94
N LEU L 164 22.41 -6.28 -18.77
CA LEU L 164 22.99 -7.60 -18.93
C LEU L 164 22.93 -8.10 -20.36
N GLY L 165 22.25 -7.33 -21.23
CA GLY L 165 22.06 -7.79 -22.61
C GLY L 165 21.31 -9.10 -22.57
N ILE L 166 20.11 -9.10 -21.97
CA ILE L 166 19.31 -10.35 -21.85
C ILE L 166 17.98 -10.11 -22.57
N ALA L 167 17.59 -11.04 -23.45
CA ALA L 167 16.35 -10.87 -24.20
C ALA L 167 15.19 -11.18 -23.28
N VAL L 168 14.46 -10.15 -22.86
CA VAL L 168 13.32 -10.32 -21.98
C VAL L 168 12.08 -10.46 -22.85
N VAL L 169 11.37 -11.59 -22.72
CA VAL L 169 10.19 -11.87 -23.50
C VAL L 169 8.99 -11.84 -22.57
N LEU L 170 8.17 -10.80 -22.68
CA LEU L 170 6.97 -10.69 -21.84
C LEU L 170 5.83 -11.43 -22.53
N VAL L 171 5.29 -12.44 -21.86
CA VAL L 171 4.13 -13.16 -22.36
C VAL L 171 2.91 -12.62 -21.64
N GLY L 172 1.74 -12.63 -22.30
CA GLY L 172 0.54 -12.20 -21.57
C GLY L 172 -0.71 -12.10 -22.43
N THR L 173 -1.88 -11.95 -21.78
CA THR L 173 -3.15 -11.78 -22.52
C THR L 173 -3.00 -10.40 -23.16
N ASP L 174 -3.96 -10.02 -24.02
CA ASP L 174 -3.93 -8.67 -24.68
C ASP L 174 -3.90 -7.57 -23.59
N ARG L 175 -4.31 -7.89 -22.36
CA ARG L 175 -4.35 -6.88 -21.30
C ARG L 175 -2.93 -6.40 -21.09
N LEU L 176 -1.94 -7.28 -21.26
CA LEU L 176 -0.55 -6.86 -21.19
C LEU L 176 -0.14 -5.70 -22.07
N ASP L 177 -0.71 -5.64 -23.27
CA ASP L 177 -0.42 -4.53 -24.17
C ASP L 177 -0.86 -3.17 -23.63
N ALA L 178 -2.06 -3.13 -23.07
CA ALA L 178 -2.54 -1.89 -22.46
C ALA L 178 -1.68 -1.65 -21.23
N VAL L 179 -1.28 -2.71 -20.52
CA VAL L 179 -0.47 -2.55 -19.33
C VAL L 179 0.85 -1.87 -19.68
N ILE L 180 1.46 -2.25 -20.80
CA ILE L 180 2.68 -1.57 -21.20
C ILE L 180 2.38 -0.26 -21.90
N LYS L 181 1.21 -0.13 -22.53
CA LYS L 181 0.87 1.13 -23.18
C LYS L 181 0.80 2.41 -22.36
N ARG L 182 0.25 2.32 -21.14
CA ARG L 182 0.26 3.50 -20.27
C ARG L 182 1.64 3.95 -19.66
N ASP L 183 2.55 2.97 -19.72
CA ASP L 183 3.95 3.26 -19.33
C ASP L 183 4.59 3.69 -20.64
N GLU L 184 5.77 4.30 -20.58
CA GLU L 184 6.40 4.82 -21.78
C GLU L 184 7.57 4.13 -22.48
N GLN L 185 8.50 3.53 -21.75
CA GLN L 185 9.70 3.03 -22.39
C GLN L 185 9.44 1.54 -22.59
N VAL L 186 8.68 0.95 -21.67
CA VAL L 186 8.41 -0.49 -21.73
C VAL L 186 7.76 -0.69 -23.09
N LEU L 187 6.81 0.17 -23.41
CA LEU L 187 6.21 0.12 -24.74
C LEU L 187 7.15 0.28 -25.91
N GLU L 188 8.13 1.17 -25.76
CA GLU L 188 9.17 1.36 -26.81
C GLU L 188 10.17 0.15 -26.90
N ARG L 189 10.73 -0.21 -25.75
CA ARG L 189 11.62 -1.39 -25.65
C ARG L 189 11.05 -2.76 -26.05
N PHE L 190 9.80 -3.02 -25.69
CA PHE L 190 9.15 -4.32 -26.02
C PHE L 190 8.12 -4.06 -27.11
N ARG L 191 8.58 -3.98 -28.37
CA ARG L 191 7.71 -3.69 -29.48
C ARG L 191 7.67 -4.77 -30.55
N ALA L 192 8.67 -5.64 -30.62
CA ALA L 192 8.56 -6.79 -31.49
C ALA L 192 7.61 -7.78 -30.84
N HIS L 193 6.67 -8.32 -31.62
CA HIS L 193 5.65 -9.15 -31.01
C HIS L 193 5.25 -10.28 -31.93
N LEU L 194 4.55 -11.24 -31.37
CA LEU L 194 4.13 -12.44 -32.09
C LEU L 194 2.77 -12.87 -31.54
N ARG L 195 1.71 -12.54 -32.28
CA ARG L 195 0.33 -12.85 -31.81
C ARG L 195 0.06 -14.35 -31.90
N PHE L 196 -0.57 -14.95 -30.89
CA PHE L 196 -0.93 -16.39 -31.01
C PHE L 196 -2.05 -16.56 -32.03
N GLY L 197 -1.94 -17.59 -32.89
CA GLY L 197 -2.92 -17.78 -33.98
C GLY L 197 -4.17 -18.28 -33.27
N LYS L 198 -5.34 -18.10 -33.92
CA LYS L 198 -6.62 -18.66 -33.39
C LYS L 198 -6.68 -20.12 -33.87
N LEU L 199 -6.02 -20.46 -34.99
CA LEU L 199 -5.88 -21.86 -35.51
C LEU L 199 -7.09 -22.33 -36.36
N SER L 200 -8.13 -21.51 -36.53
CA SER L 200 -9.35 -21.99 -37.23
C SER L 200 -9.11 -22.30 -38.72
N GLY L 201 -9.76 -23.36 -39.25
CA GLY L 201 -9.65 -23.71 -40.69
C GLY L 201 -9.23 -25.15 -40.89
N GLU L 202 -8.67 -25.49 -42.07
CA GLU L 202 -8.14 -26.87 -42.27
C GLU L 202 -7.08 -27.26 -41.23
N ASP L 203 -6.16 -26.34 -40.91
CA ASP L 203 -5.15 -26.60 -39.86
C ASP L 203 -5.83 -27.01 -38.52
N PHE L 204 -7.05 -26.51 -38.30
CA PHE L 204 -7.74 -26.81 -37.01
C PHE L 204 -8.15 -28.28 -37.21
N LYS L 205 -8.64 -28.63 -38.40
CA LYS L 205 -9.10 -30.02 -38.69
C LYS L 205 -7.94 -30.98 -38.41
N ASN L 206 -6.74 -30.68 -38.91
CA ASN L 206 -5.56 -31.52 -38.60
C ASN L 206 -5.35 -31.67 -37.10
N THR L 207 -5.27 -30.55 -36.36
CA THR L 207 -5.10 -30.57 -34.92
C THR L 207 -6.09 -31.54 -34.29
N VAL L 208 -7.34 -31.51 -34.75
CA VAL L 208 -8.37 -32.33 -34.12
C VAL L 208 -7.88 -33.76 -34.24
N GLU L 209 -7.58 -34.22 -35.46
CA GLU L 209 -7.12 -35.61 -35.56
C GLU L 209 -5.78 -35.89 -34.83
N MET L 210 -4.88 -34.92 -34.92
CA MET L 210 -3.69 -35.00 -34.09
C MET L 210 -3.85 -35.20 -32.59
N TRP L 211 -4.99 -34.77 -32.05
CA TRP L 211 -5.25 -35.00 -30.63
C TRP L 211 -5.74 -36.43 -30.38
N GLU L 212 -6.42 -37.01 -31.35
CA GLU L 212 -6.90 -38.39 -31.26
C GLU L 212 -5.74 -39.36 -31.09
N GLN L 213 -4.70 -39.19 -31.91
CA GLN L 213 -3.63 -40.20 -31.92
C GLN L 213 -2.62 -39.92 -30.82
N MET L 214 -2.19 -38.66 -30.71
CA MET L 214 -1.11 -38.29 -29.82
C MET L 214 -1.53 -38.37 -28.36
N VAL L 215 -2.60 -37.68 -28.00
CA VAL L 215 -2.94 -37.43 -26.60
C VAL L 215 -3.99 -38.40 -26.10
N LEU L 216 -5.01 -38.67 -26.93
CA LEU L 216 -6.13 -39.56 -26.48
C LEU L 216 -5.62 -41.00 -26.34
N LYS L 217 -4.71 -41.45 -27.22
CA LYS L 217 -4.06 -42.79 -27.07
C LYS L 217 -5.06 -43.95 -26.88
N LEU L 218 -6.09 -44.07 -27.73
CA LEU L 218 -7.11 -45.12 -27.52
C LEU L 218 -6.98 -46.22 -28.60
N PRO L 219 -7.49 -47.49 -28.46
CA PRO L 219 -7.43 -48.42 -29.59
C PRO L 219 -8.18 -47.74 -30.74
N VAL L 220 -7.69 -47.86 -31.98
CA VAL L 220 -8.32 -47.09 -33.09
C VAL L 220 -9.80 -47.47 -33.16
N SER L 221 -10.68 -46.46 -33.16
CA SER L 221 -12.14 -46.71 -33.18
C SER L 221 -12.70 -46.31 -34.55
N SER L 222 -11.83 -45.93 -35.49
CA SER L 222 -12.27 -45.48 -36.84
C SER L 222 -13.19 -44.26 -36.70
N ASN L 223 -13.02 -43.48 -35.63
CA ASN L 223 -13.83 -42.24 -35.48
C ASN L 223 -13.40 -41.28 -36.58
N LEU L 224 -12.10 -40.93 -36.63
CA LEU L 224 -11.53 -40.10 -37.72
C LEU L 224 -12.04 -38.65 -37.65
N LYS L 225 -12.68 -38.25 -36.56
CA LYS L 225 -13.12 -36.83 -36.39
C LYS L 225 -13.89 -36.37 -37.64
N SER L 226 -14.96 -37.09 -38.02
CA SER L 226 -15.71 -36.78 -39.27
C SER L 226 -16.39 -35.42 -39.20
N LYS L 227 -16.75 -34.84 -40.35
CA LYS L 227 -17.37 -33.48 -40.42
C LYS L 227 -18.38 -33.25 -39.29
N GLU L 228 -19.16 -34.27 -38.90
CA GLU L 228 -20.08 -34.12 -37.74
C GLU L 228 -19.29 -33.74 -36.48
N MET L 229 -18.27 -34.53 -36.09
CA MET L 229 -17.57 -34.26 -34.84
C MET L 229 -16.83 -32.95 -35.05
N LEU L 230 -16.43 -32.66 -36.28
CA LEU L 230 -15.73 -31.42 -36.53
C LEU L 230 -16.65 -30.22 -36.39
N ARG L 231 -17.88 -30.34 -36.88
CA ARG L 231 -18.85 -29.27 -36.69
C ARG L 231 -19.10 -29.07 -35.19
N ILE L 232 -19.23 -30.17 -34.46
CA ILE L 232 -19.42 -30.07 -33.01
C ILE L 232 -18.27 -29.32 -32.37
N LEU L 233 -17.04 -29.70 -32.72
CA LEU L 233 -15.88 -29.13 -32.04
C LEU L 233 -15.60 -27.70 -32.49
N THR L 234 -15.88 -27.37 -33.75
CA THR L 234 -15.74 -26.00 -34.20
C THR L 234 -16.85 -25.24 -33.50
N SER L 235 -18.01 -25.86 -33.39
CA SER L 235 -19.12 -25.22 -32.68
C SER L 235 -18.80 -24.94 -31.20
N ALA L 236 -18.15 -25.90 -30.57
CA ALA L 236 -17.87 -25.79 -29.15
C ALA L 236 -16.61 -25.07 -28.71
N THR L 237 -15.46 -25.43 -29.28
CA THR L 237 -14.18 -24.91 -28.84
C THR L 237 -13.89 -23.50 -29.33
N GLU L 238 -14.44 -23.11 -30.48
CA GLU L 238 -14.12 -21.85 -31.13
C GLU L 238 -12.65 -21.71 -31.48
N GLY L 239 -11.91 -22.82 -31.53
CA GLY L 239 -10.53 -22.80 -31.95
C GLY L 239 -9.52 -22.80 -30.83
N TYR L 240 -9.92 -22.41 -29.62
CA TYR L 240 -8.99 -22.41 -28.51
C TYR L 240 -8.47 -23.82 -28.26
N ILE L 241 -7.14 -23.96 -28.31
CA ILE L 241 -6.53 -25.24 -27.96
C ILE L 241 -6.95 -25.67 -26.57
N GLY L 242 -6.97 -24.69 -25.66
CA GLY L 242 -7.33 -25.00 -24.26
C GLY L 242 -8.66 -25.73 -24.23
N ARG L 243 -9.62 -25.28 -25.02
CA ARG L 243 -10.99 -25.88 -25.00
C ARG L 243 -11.00 -27.23 -25.72
N LEU L 244 -10.12 -27.45 -26.71
CA LEU L 244 -10.18 -28.70 -27.49
C LEU L 244 -9.71 -29.68 -26.49
N ASP L 245 -8.67 -29.30 -25.82
CA ASP L 245 -8.11 -30.26 -24.88
C ASP L 245 -9.09 -30.58 -23.77
N GLU L 246 -9.67 -29.52 -23.17
CA GLU L 246 -10.63 -29.72 -22.05
C GLU L 246 -11.78 -30.62 -22.51
N ILE L 247 -12.36 -30.34 -23.68
CA ILE L 247 -13.52 -31.09 -24.14
C ILE L 247 -13.15 -32.54 -24.40
N LEU L 248 -12.03 -32.76 -25.10
CA LEU L 248 -11.71 -34.12 -25.50
C LEU L 248 -11.36 -34.97 -24.29
N ARG L 249 -10.59 -34.44 -23.35
CA ARG L 249 -10.31 -35.20 -22.14
C ARG L 249 -11.55 -35.54 -21.33
N GLU L 250 -12.45 -34.58 -21.19
CA GLU L 250 -13.70 -34.83 -20.47
C GLU L 250 -14.53 -35.93 -21.12
N ALA L 251 -14.65 -35.87 -22.45
CA ALA L 251 -15.46 -36.83 -23.18
C ALA L 251 -14.81 -38.20 -23.04
N ALA L 252 -13.49 -38.27 -23.16
CA ALA L 252 -12.81 -39.54 -23.01
C ALA L 252 -13.01 -40.12 -21.62
N ILE L 253 -12.83 -39.29 -20.59
CA ILE L 253 -13.00 -39.77 -19.22
C ILE L 253 -14.43 -40.23 -18.99
N ARG L 254 -15.41 -39.44 -19.45
CA ARG L 254 -16.79 -39.84 -19.27
C ARG L 254 -17.07 -41.18 -19.94
N SER L 255 -16.64 -41.32 -21.19
CA SER L 255 -16.95 -42.53 -21.96
C SER L 255 -16.30 -43.75 -21.35
N LEU L 256 -15.09 -43.58 -20.81
CA LEU L 256 -14.43 -44.72 -20.17
C LEU L 256 -15.03 -45.02 -18.81
N SER L 257 -15.56 -44.01 -18.14
CA SER L 257 -16.20 -44.23 -16.84
C SER L 257 -17.52 -44.96 -17.01
N ARG L 258 -18.25 -44.67 -18.09
CA ARG L 258 -19.51 -45.36 -18.32
C ARG L 258 -19.33 -46.65 -19.12
N GLY L 259 -18.10 -47.11 -19.30
CA GLY L 259 -17.80 -48.37 -19.95
C GLY L 259 -17.63 -48.28 -21.45
N LEU L 260 -18.06 -47.17 -22.05
CA LEU L 260 -17.95 -47.03 -23.49
C LEU L 260 -16.48 -47.06 -23.90
N LYS L 261 -16.18 -47.83 -24.94
CA LYS L 261 -14.78 -48.06 -25.28
C LYS L 261 -14.24 -46.91 -26.12
N LYS L 262 -15.02 -46.42 -27.08
CA LYS L 262 -14.73 -45.17 -27.76
C LYS L 262 -15.61 -44.01 -27.29
N ILE L 263 -15.45 -42.85 -27.95
CA ILE L 263 -16.27 -41.64 -27.62
C ILE L 263 -17.52 -41.62 -28.50
N ASP L 264 -18.70 -41.59 -27.88
CA ASP L 264 -19.99 -41.53 -28.63
C ASP L 264 -20.33 -40.09 -29.03
N LYS L 265 -21.33 -39.90 -29.89
CA LYS L 265 -21.78 -38.53 -30.21
C LYS L 265 -22.49 -37.98 -28.98
N ALA L 266 -23.09 -38.86 -28.17
CA ALA L 266 -23.86 -38.44 -27.00
C ALA L 266 -23.00 -37.63 -26.04
N VAL L 267 -21.82 -38.16 -25.68
CA VAL L 267 -21.00 -37.48 -24.68
C VAL L 267 -20.43 -36.19 -25.30
N LEU L 268 -20.25 -36.19 -26.62
CA LEU L 268 -19.75 -34.96 -27.28
C LEU L 268 -20.83 -33.88 -27.19
N GLN L 269 -22.09 -34.22 -27.46
CA GLN L 269 -23.16 -33.25 -27.23
C GLN L 269 -23.25 -32.81 -25.79
N GLU L 270 -23.02 -33.73 -24.85
CA GLU L 270 -23.00 -33.39 -23.43
C GLU L 270 -22.00 -32.29 -23.12
N VAL L 271 -20.73 -32.48 -23.46
CA VAL L 271 -19.75 -31.48 -23.09
C VAL L 271 -19.98 -30.18 -23.86
N ALA L 272 -20.48 -30.31 -25.10
CA ALA L 272 -20.80 -29.12 -25.86
C ALA L 272 -21.82 -28.28 -25.13
N LYS L 273 -22.95 -28.87 -24.74
CA LYS L 273 -23.94 -28.08 -24.02
C LYS L 273 -23.47 -27.53 -22.68
N GLU L 274 -22.58 -28.27 -22.01
CA GLU L 274 -22.20 -27.88 -20.66
C GLU L 274 -21.05 -26.86 -20.66
N TYR L 275 -20.70 -26.40 -21.86
CA TYR L 275 -19.69 -25.30 -21.97
C TYR L 275 -20.55 -24.10 -22.36
N LYS L 276 -21.21 -24.19 -23.52
CA LYS L 276 -22.10 -23.10 -23.99
C LYS L 276 -23.56 -23.52 -23.76
N ASP M 17 -45.84 -30.37 28.83
CA ASP M 17 -46.32 -30.04 27.49
C ASP M 17 -45.75 -28.70 27.06
N ASP M 18 -45.72 -27.74 27.98
CA ASP M 18 -44.99 -26.51 27.70
C ASP M 18 -43.51 -26.80 27.48
N GLU M 19 -42.98 -27.79 28.20
CA GLU M 19 -41.68 -28.32 27.88
C GLU M 19 -41.64 -28.83 26.44
N TRP M 20 -42.67 -29.60 26.07
CA TRP M 20 -42.82 -30.06 24.69
C TRP M 20 -42.96 -28.88 23.74
N LEU M 21 -43.64 -27.81 24.16
CA LEU M 21 -43.79 -26.64 23.30
C LEU M 21 -42.46 -25.96 23.07
N GLN M 22 -41.61 -25.90 24.10
CA GLN M 22 -40.27 -25.35 23.93
C GLN M 22 -39.48 -26.22 22.97
N ALA M 23 -39.62 -27.54 23.10
CA ALA M 23 -38.97 -28.44 22.14
C ALA M 23 -39.42 -28.14 20.73
N GLU M 24 -40.72 -27.91 20.55
CA GLU M 24 -41.28 -27.70 19.19
C GLU M 24 -40.77 -26.43 18.53
N ILE M 25 -40.81 -25.29 19.24
CA ILE M 25 -40.38 -24.00 18.64
C ILE M 25 -38.87 -24.05 18.36
N ALA M 26 -38.11 -24.70 19.24
CA ALA M 26 -36.64 -24.77 19.08
C ALA M 26 -36.37 -25.67 17.86
N ARG M 27 -37.09 -26.78 17.72
CA ARG M 27 -36.85 -27.68 16.61
C ARG M 27 -37.25 -27.03 15.29
N LEU M 28 -38.37 -26.31 15.30
CA LEU M 28 -38.80 -25.61 14.08
C LEU M 28 -37.88 -24.45 13.78
N LYS M 29 -37.35 -23.80 14.83
CA LYS M 29 -36.40 -22.72 14.64
C LYS M 29 -35.19 -23.17 13.84
N GLY M 30 -34.54 -24.25 14.28
CA GLY M 30 -33.37 -24.75 13.56
C GLY M 30 -33.79 -25.40 12.25
N LYS M 31 -32.87 -25.28 11.28
CA LYS M 31 -33.18 -25.78 9.93
C LYS M 31 -32.71 -27.23 9.75
N SER M 32 -33.23 -27.89 8.73
CA SER M 32 -32.92 -29.28 8.43
C SER M 32 -32.43 -29.34 6.99
N ILE M 33 -32.03 -30.53 6.56
CA ILE M 33 -31.61 -30.75 5.18
C ILE M 33 -32.47 -31.84 4.58
N VAL M 34 -33.52 -31.45 3.87
CA VAL M 34 -34.41 -32.42 3.25
C VAL M 34 -33.86 -32.73 1.86
N PRO M 35 -33.49 -33.96 1.59
CA PRO M 35 -32.79 -34.28 0.34
C PRO M 35 -33.72 -34.33 -0.86
N LEU M 36 -33.53 -33.45 -1.82
CA LEU M 36 -34.34 -33.43 -3.03
C LEU M 36 -33.43 -33.37 -4.26
N GLN M 37 -34.06 -33.42 -5.43
CA GLN M 37 -33.34 -33.66 -6.67
C GLN M 37 -32.22 -32.63 -6.90
N GLN M 38 -32.42 -31.42 -6.40
CA GLN M 38 -31.43 -30.37 -6.65
C GLN M 38 -30.08 -30.72 -6.05
N VAL M 39 -30.06 -31.08 -4.76
CA VAL M 39 -28.79 -31.33 -4.10
C VAL M 39 -28.16 -32.60 -4.64
N LYS M 40 -28.98 -33.54 -5.08
CA LYS M 40 -28.43 -34.78 -5.62
C LYS M 40 -27.74 -34.53 -6.96
N THR M 41 -28.36 -33.71 -7.81
CA THR M 41 -27.73 -33.32 -9.06
C THR M 41 -26.45 -32.57 -8.79
N LEU M 42 -26.47 -31.68 -7.80
CA LEU M 42 -25.26 -30.91 -7.48
C LEU M 42 -24.11 -31.80 -7.01
N HIS M 43 -24.43 -32.77 -6.15
CA HIS M 43 -23.38 -33.69 -5.63
C HIS M 43 -22.79 -34.49 -6.80
N ASP M 44 -23.66 -35.01 -7.68
CA ASP M 44 -23.18 -35.80 -8.80
C ASP M 44 -22.27 -34.93 -9.65
N TRP M 45 -22.71 -33.70 -9.94
CA TRP M 45 -21.92 -32.79 -10.73
C TRP M 45 -20.57 -32.51 -10.07
N LEU M 46 -20.58 -32.25 -8.76
CA LEU M 46 -19.35 -31.92 -8.07
C LEU M 46 -18.42 -33.11 -7.97
N ASP M 47 -18.98 -34.31 -7.82
CA ASP M 47 -18.14 -35.50 -7.87
C ASP M 47 -17.47 -35.61 -9.23
N GLY M 48 -18.23 -35.39 -10.30
CA GLY M 48 -17.65 -35.43 -11.63
C GLY M 48 -16.53 -34.42 -11.80
N LYS M 49 -16.73 -33.20 -11.31
CA LYS M 49 -15.67 -32.20 -11.40
C LYS M 49 -14.47 -32.55 -10.55
N ARG M 50 -14.69 -33.14 -9.38
CA ARG M 50 -13.60 -33.37 -8.43
C ARG M 50 -12.73 -34.54 -8.88
N LYS M 51 -13.35 -35.57 -9.47
CA LYS M 51 -12.56 -36.65 -10.01
C LYS M 51 -11.64 -36.16 -11.12
N ALA M 52 -12.01 -35.07 -11.77
CA ALA M 52 -11.24 -34.53 -12.89
C ALA M 52 -10.46 -33.28 -12.53
N ARG M 53 -10.45 -32.90 -11.24
CA ARG M 53 -9.77 -31.64 -10.80
C ARG M 53 -10.19 -30.52 -11.76
N LYS M 54 -11.50 -30.33 -11.92
CA LYS M 54 -12.06 -29.39 -12.87
C LYS M 54 -12.72 -28.26 -12.08
N SER M 55 -12.37 -27.03 -12.42
CA SER M 55 -12.91 -25.86 -11.73
C SER M 55 -14.15 -25.42 -12.46
N CYS M 56 -15.29 -25.41 -11.78
CA CYS M 56 -16.53 -24.98 -12.36
C CYS M 56 -17.06 -23.82 -11.53
N ARG M 57 -18.21 -23.28 -11.92
CA ARG M 57 -18.88 -22.27 -11.10
C ARG M 57 -20.35 -22.67 -11.10
N VAL M 58 -20.92 -22.83 -9.92
CA VAL M 58 -22.27 -23.37 -9.84
C VAL M 58 -23.12 -22.17 -9.51
N VAL M 59 -23.71 -21.56 -10.53
CA VAL M 59 -24.42 -20.30 -10.35
C VAL M 59 -25.88 -20.67 -10.14
N GLY M 60 -26.65 -19.68 -9.69
CA GLY M 60 -28.06 -19.89 -9.47
C GLY M 60 -28.70 -18.63 -8.97
N GLU M 61 -29.97 -18.74 -8.62
CA GLU M 61 -30.72 -17.60 -8.14
C GLU M 61 -30.42 -17.40 -6.66
N SER M 62 -31.09 -16.43 -6.05
CA SER M 62 -30.86 -16.12 -4.64
C SER M 62 -32.08 -16.71 -3.95
N ARG M 63 -31.92 -17.13 -2.68
CA ARG M 63 -32.99 -17.79 -1.88
C ARG M 63 -33.45 -19.07 -2.57
N THR M 64 -32.50 -19.88 -3.03
CA THR M 64 -32.77 -21.10 -3.77
C THR M 64 -32.16 -22.44 -3.39
N GLY M 65 -31.26 -22.48 -2.43
CA GLY M 65 -30.75 -23.75 -1.94
C GLY M 65 -29.35 -24.09 -2.41
N LYS M 66 -28.51 -23.10 -2.59
CA LYS M 66 -27.14 -23.36 -3.03
C LYS M 66 -26.20 -23.63 -1.88
N THR M 67 -26.21 -22.73 -0.88
CA THR M 67 -25.32 -22.87 0.25
C THR M 67 -25.58 -24.16 1.00
N VAL M 68 -26.86 -24.52 1.15
CA VAL M 68 -27.20 -25.75 1.87
C VAL M 68 -26.70 -26.96 1.11
N ALA M 69 -26.82 -26.94 -0.21
CA ALA M 69 -26.36 -28.07 -1.00
C ALA M 69 -24.86 -28.21 -0.94
N CYS M 70 -24.13 -27.10 -1.04
CA CYS M 70 -22.68 -27.16 -0.91
C CYS M 70 -22.28 -27.63 0.48
N ASP M 71 -23.01 -27.23 1.51
CA ASP M 71 -22.71 -27.71 2.85
C ASP M 71 -22.93 -29.21 2.95
N ALA M 72 -24.04 -29.70 2.43
CA ALA M 72 -24.30 -31.13 2.44
C ALA M 72 -23.19 -31.88 1.74
N TYR M 73 -22.72 -31.35 0.61
CA TYR M 73 -21.62 -32.00 -0.09
C TYR M 73 -20.37 -31.98 0.77
N ARG M 74 -20.18 -30.91 1.53
CA ARG M 74 -18.99 -30.79 2.42
C ARG M 74 -19.08 -31.86 3.51
N TYR M 75 -20.28 -32.13 4.04
CA TYR M 75 -20.41 -33.08 5.13
C TYR M 75 -20.34 -34.58 4.88
N ARG M 76 -20.89 -35.01 3.74
CA ARG M 76 -20.85 -36.47 3.39
C ARG M 76 -19.36 -36.90 3.30
N HIS M 77 -18.56 -36.05 2.64
CA HIS M 77 -17.06 -36.22 2.81
C HIS M 77 -16.37 -35.52 4.02
N LYS M 78 -16.75 -35.95 5.23
CA LYS M 78 -16.06 -35.40 6.43
C LYS M 78 -14.65 -35.98 6.43
N PRO M 79 -13.58 -35.18 6.67
CA PRO M 79 -12.23 -35.70 6.55
C PRO M 79 -11.95 -36.88 7.49
N GLN M 80 -11.38 -37.96 6.94
CA GLN M 80 -11.00 -39.12 7.79
C GLN M 80 -9.50 -38.95 8.04
N GLN M 81 -9.11 -38.59 9.27
CA GLN M 81 -7.68 -38.28 9.49
C GLN M 81 -6.89 -39.53 9.81
N GLU M 82 -5.67 -39.64 9.27
CA GLU M 82 -4.79 -40.72 9.74
C GLU M 82 -4.60 -40.54 11.24
N ALA M 83 -4.33 -41.64 11.94
CA ALA M 83 -4.10 -41.65 13.38
C ALA M 83 -3.25 -40.53 13.96
N GLY M 84 -2.17 -40.16 13.27
CA GLY M 84 -1.31 -39.09 13.73
C GLY M 84 -0.90 -38.08 12.69
N ARG M 85 -1.44 -38.13 11.49
CA ARG M 85 -1.01 -37.21 10.44
C ARG M 85 -2.07 -36.15 10.19
N PRO M 86 -1.72 -35.06 9.49
CA PRO M 86 -2.71 -34.05 9.14
C PRO M 86 -3.91 -34.67 8.44
N PRO M 87 -5.11 -34.22 8.77
CA PRO M 87 -6.31 -34.86 8.20
C PRO M 87 -6.43 -34.54 6.72
N THR M 88 -6.64 -35.58 5.92
CA THR M 88 -6.84 -35.40 4.50
C THR M 88 -8.25 -34.84 4.28
N VAL M 89 -8.35 -33.53 4.14
CA VAL M 89 -9.62 -32.87 3.91
C VAL M 89 -9.87 -32.80 2.41
N PRO M 90 -10.70 -33.67 1.84
CA PRO M 90 -10.86 -33.66 0.39
C PRO M 90 -11.55 -32.42 -0.14
N VAL M 91 -12.58 -31.93 0.54
CA VAL M 91 -13.36 -30.78 0.09
C VAL M 91 -13.24 -29.69 1.14
N VAL M 92 -12.91 -28.48 0.70
CA VAL M 92 -12.79 -27.32 1.58
C VAL M 92 -13.83 -26.30 1.15
N TYR M 93 -14.66 -25.87 2.09
CA TYR M 93 -15.73 -24.92 1.82
C TYR M 93 -15.48 -23.66 2.64
N ILE M 94 -15.45 -22.51 1.98
CA ILE M 94 -15.26 -21.24 2.64
C ILE M 94 -16.23 -20.36 1.90
N ARG M 95 -16.76 -19.36 2.64
CA ARG M 95 -17.66 -18.33 2.06
C ARG M 95 -17.07 -17.00 2.52
N PRO M 96 -16.15 -16.38 1.77
CA PRO M 96 -15.45 -15.15 2.23
C PRO M 96 -16.30 -13.96 2.68
N HIS M 97 -15.73 -13.08 3.51
CA HIS M 97 -16.44 -11.89 3.90
C HIS M 97 -16.40 -10.83 2.81
N GLN M 98 -17.13 -9.74 3.03
CA GLN M 98 -17.26 -8.71 2.01
C GLN M 98 -15.90 -8.12 1.63
N LYS M 99 -15.66 -8.03 0.33
CA LYS M 99 -14.38 -7.58 -0.22
C LYS M 99 -13.22 -8.32 0.45
N CYS M 100 -13.22 -9.63 0.26
CA CYS M 100 -12.16 -10.50 0.77
C CYS M 100 -10.90 -10.23 -0.04
N GLY M 101 -9.88 -9.68 0.60
CA GLY M 101 -8.60 -9.53 -0.02
C GLY M 101 -7.85 -10.84 -0.08
N PRO M 102 -6.68 -10.82 -0.71
CA PRO M 102 -5.90 -12.06 -0.81
C PRO M 102 -5.44 -12.57 0.54
N LYS M 103 -5.13 -11.69 1.49
CA LYS M 103 -4.77 -12.13 2.82
C LYS M 103 -5.95 -12.82 3.50
N ASP M 104 -7.14 -12.24 3.34
CA ASP M 104 -8.29 -12.74 4.07
C ASP M 104 -8.69 -14.12 3.56
N LEU M 105 -8.62 -14.31 2.25
CA LEU M 105 -8.94 -15.62 1.67
C LEU M 105 -8.00 -16.69 2.23
N PHE M 106 -6.72 -16.38 2.31
CA PHE M 106 -5.77 -17.34 2.86
C PHE M 106 -6.05 -17.62 4.31
N LYS M 107 -6.40 -16.58 5.07
CA LYS M 107 -6.77 -16.80 6.47
C LYS M 107 -7.94 -17.77 6.56
N LYS M 108 -8.96 -17.56 5.74
CA LYS M 108 -10.13 -18.45 5.80
C LYS M 108 -9.77 -19.87 5.39
N ILE M 109 -8.97 -20.01 4.33
CA ILE M 109 -8.61 -21.35 3.88
C ILE M 109 -7.84 -22.08 4.96
N THR M 110 -6.77 -21.49 5.44
CA THR M 110 -5.94 -22.18 6.42
C THR M 110 -6.63 -22.29 7.76
N GLU M 111 -7.69 -21.51 7.98
CA GLU M 111 -8.49 -21.68 9.18
C GLU M 111 -9.37 -22.91 9.07
N TYR M 112 -10.05 -23.07 7.92
CA TYR M 112 -10.90 -24.23 7.73
C TYR M 112 -10.10 -25.52 7.85
N LEU M 113 -8.84 -25.49 7.43
CA LEU M 113 -8.00 -26.67 7.60
C LEU M 113 -7.50 -26.82 9.02
N LYS M 114 -7.88 -25.91 9.92
CA LYS M 114 -7.56 -26.00 11.34
C LYS M 114 -6.06 -25.86 11.58
N TYR M 115 -5.45 -24.88 10.91
CA TYR M 115 -4.09 -24.44 11.19
C TYR M 115 -4.18 -22.97 11.55
N ARG M 116 -3.90 -22.63 12.80
CA ARG M 116 -4.01 -21.23 13.17
C ARG M 116 -2.91 -20.43 12.49
N VAL M 117 -3.22 -19.20 12.15
CA VAL M 117 -2.34 -18.35 11.34
C VAL M 117 -1.24 -17.80 12.23
N THR M 118 -0.03 -17.78 11.71
CA THR M 118 1.06 -17.07 12.35
C THR M 118 1.21 -15.71 11.66
N LYS M 119 1.25 -14.65 12.47
CA LYS M 119 1.19 -13.30 11.93
C LYS M 119 2.32 -13.05 10.93
N GLY M 120 1.97 -12.53 9.76
CA GLY M 120 2.97 -12.29 8.75
C GLY M 120 2.45 -11.46 7.60
N THR M 121 3.27 -11.38 6.56
CA THR M 121 2.98 -10.62 5.36
C THR M 121 2.17 -11.47 4.39
N VAL M 122 1.50 -10.80 3.44
CA VAL M 122 0.62 -11.49 2.51
C VAL M 122 1.34 -12.66 1.86
N SER M 123 2.62 -12.48 1.52
CA SER M 123 3.40 -13.56 0.92
C SER M 123 3.54 -14.74 1.85
N ASP M 124 3.76 -14.47 3.14
CA ASP M 124 3.91 -15.55 4.10
C ASP M 124 2.64 -16.35 4.21
N PHE M 125 1.49 -15.67 4.24
CA PHE M 125 0.21 -16.34 4.27
C PHE M 125 0.03 -17.19 3.02
N ARG M 126 0.40 -16.66 1.85
CA ARG M 126 0.27 -17.43 0.62
C ARG M 126 1.10 -18.70 0.69
N ASP M 127 2.35 -18.57 1.13
CA ASP M 127 3.24 -19.73 1.19
C ASP M 127 2.72 -20.78 2.16
N ARG M 128 2.27 -20.36 3.35
CA ARG M 128 1.75 -21.31 4.31
C ARG M 128 0.46 -21.95 3.80
N THR M 129 -0.37 -21.18 3.10
CA THR M 129 -1.62 -21.74 2.60
C THR M 129 -1.34 -22.82 1.56
N ILE M 130 -0.41 -22.55 0.65
CA ILE M 130 -0.02 -23.58 -0.36
C ILE M 130 0.51 -24.82 0.38
N GLU M 131 1.33 -24.62 1.41
CA GLU M 131 1.96 -25.75 2.14
C GLU M 131 0.90 -26.64 2.82
N VAL M 132 -0.10 -26.03 3.47
CA VAL M 132 -1.11 -26.83 4.23
C VAL M 132 -2.16 -27.33 3.24
N LEU M 133 -2.26 -26.68 2.09
CA LEU M 133 -3.25 -27.07 1.08
C LEU M 133 -2.77 -28.28 0.29
N LYS M 134 -1.46 -28.39 0.11
CA LYS M 134 -0.92 -29.62 -0.47
C LYS M 134 -0.79 -30.70 0.59
N GLY M 135 -0.63 -30.31 1.85
CA GLY M 135 -0.46 -31.28 2.90
C GLY M 135 -1.74 -32.04 3.21
N CYS M 136 -2.85 -31.32 3.32
CA CYS M 136 -4.12 -31.93 3.66
C CYS M 136 -4.79 -32.57 2.45
N GLY M 137 -4.07 -32.70 1.34
CA GLY M 137 -4.59 -33.35 0.16
C GLY M 137 -5.94 -32.85 -0.30
N VAL M 138 -6.12 -31.54 -0.27
CA VAL M 138 -7.39 -30.95 -0.66
C VAL M 138 -7.65 -31.23 -2.13
N GLU M 139 -8.87 -31.63 -2.46
CA GLU M 139 -9.24 -31.90 -3.83
C GLU M 139 -10.15 -30.84 -4.43
N MET M 140 -10.97 -30.18 -3.62
CA MET M 140 -11.94 -29.23 -4.12
C MET M 140 -12.07 -28.07 -3.14
N LEU M 141 -12.11 -26.86 -3.65
CA LEU M 141 -12.19 -25.65 -2.85
C LEU M 141 -13.46 -24.91 -3.25
N ILE M 142 -14.53 -25.10 -2.46
CA ILE M 142 -15.84 -24.46 -2.79
C ILE M 142 -15.89 -23.06 -2.18
N ILE M 143 -15.75 -22.03 -3.01
CA ILE M 143 -15.84 -20.62 -2.53
C ILE M 143 -17.30 -20.17 -2.63
N ASP M 144 -18.06 -20.27 -1.54
CA ASP M 144 -19.44 -19.81 -1.55
C ASP M 144 -19.49 -18.29 -1.49
N GLU M 145 -20.53 -17.73 -2.09
CA GLU M 145 -20.68 -16.28 -2.22
C GLU M 145 -19.42 -15.67 -2.80
N ALA M 146 -19.01 -16.22 -3.95
CA ALA M 146 -17.77 -15.84 -4.59
C ALA M 146 -17.90 -14.59 -5.44
N ASP M 147 -18.97 -13.82 -5.25
CA ASP M 147 -19.01 -12.49 -5.83
C ASP M 147 -18.50 -11.44 -4.87
N ARG M 148 -18.11 -11.85 -3.66
CA ARG M 148 -17.64 -10.89 -2.67
C ARG M 148 -16.17 -10.56 -2.86
N LEU M 149 -15.33 -11.55 -3.07
CA LEU M 149 -13.89 -11.35 -3.06
C LEU M 149 -13.47 -10.43 -4.21
N LYS M 150 -12.45 -9.63 -3.95
CA LYS M 150 -12.02 -8.55 -4.82
C LYS M 150 -11.42 -9.10 -6.09
N PRO M 151 -11.36 -8.30 -7.15
CA PRO M 151 -10.76 -8.79 -8.40
C PRO M 151 -9.31 -9.18 -8.26
N GLU M 152 -8.60 -8.61 -7.30
CA GLU M 152 -7.18 -8.88 -7.16
C GLU M 152 -6.90 -10.16 -6.40
N THR M 153 -7.92 -10.91 -5.98
CA THR M 153 -7.73 -12.22 -5.38
C THR M 153 -8.20 -13.35 -6.28
N PHE M 154 -8.91 -13.03 -7.36
CA PHE M 154 -9.12 -14.05 -8.38
C PHE M 154 -7.81 -14.50 -8.97
N ALA M 155 -6.80 -13.63 -8.98
CA ALA M 155 -5.48 -14.05 -9.40
C ALA M 155 -4.96 -15.15 -8.49
N ASP M 156 -5.18 -15.03 -7.18
CA ASP M 156 -4.65 -16.06 -6.29
C ASP M 156 -5.47 -17.35 -6.37
N VAL M 157 -6.78 -17.23 -6.57
CA VAL M 157 -7.56 -18.46 -6.69
C VAL M 157 -7.19 -19.10 -8.03
N ARG M 158 -6.88 -18.26 -9.02
CA ARG M 158 -6.42 -18.82 -10.32
C ARG M 158 -5.12 -19.55 -10.02
N ASP M 159 -4.21 -18.92 -9.27
CA ASP M 159 -2.93 -19.54 -8.94
C ASP M 159 -3.05 -20.88 -8.24
N ILE M 160 -3.93 -20.96 -7.25
CA ILE M 160 -4.20 -22.20 -6.54
C ILE M 160 -4.64 -23.28 -7.52
N ALA M 161 -5.67 -22.98 -8.31
CA ALA M 161 -6.21 -23.96 -9.24
C ALA M 161 -5.08 -24.22 -10.23
N GLU M 162 -4.36 -23.17 -10.62
CA GLU M 162 -3.28 -23.33 -11.57
C GLU M 162 -2.13 -24.33 -11.17
N ASP M 163 -1.66 -24.19 -9.92
CA ASP M 163 -0.50 -25.01 -9.48
C ASP M 163 -0.85 -26.27 -8.70
N LEU M 164 -1.86 -26.27 -7.82
CA LEU M 164 -2.08 -27.41 -6.96
C LEU M 164 -2.98 -28.46 -7.59
N GLY M 165 -3.53 -28.14 -8.76
CA GLY M 165 -4.50 -29.04 -9.40
C GLY M 165 -5.66 -29.24 -8.45
N ILE M 166 -6.33 -28.14 -8.07
CA ILE M 166 -7.47 -28.21 -7.12
C ILE M 166 -8.71 -27.66 -7.83
N ALA M 167 -9.82 -28.41 -7.78
CA ALA M 167 -11.03 -27.97 -8.47
C ALA M 167 -11.67 -26.88 -7.64
N VAL M 168 -11.58 -25.64 -8.11
CA VAL M 168 -12.17 -24.50 -7.42
C VAL M 168 -13.57 -24.28 -7.96
N VAL M 169 -14.56 -24.36 -7.08
CA VAL M 169 -15.96 -24.21 -7.46
C VAL M 169 -16.46 -22.91 -6.87
N LEU M 170 -16.69 -21.90 -7.72
CA LEU M 170 -17.19 -20.62 -7.26
C LEU M 170 -18.71 -20.68 -7.24
N VAL M 171 -19.30 -20.48 -6.07
CA VAL M 171 -20.75 -20.41 -5.92
C VAL M 171 -21.15 -18.95 -5.86
N GLY M 172 -22.34 -18.60 -6.34
CA GLY M 172 -22.76 -17.20 -6.18
C GLY M 172 -24.05 -16.85 -6.89
N THR M 173 -24.61 -15.68 -6.58
CA THR M 173 -25.84 -15.20 -7.26
C THR M 173 -25.39 -14.94 -8.70
N ASP M 174 -26.32 -14.64 -9.60
CA ASP M 174 -25.98 -14.33 -11.01
C ASP M 174 -24.98 -13.14 -11.07
N ARG M 175 -24.91 -12.35 -9.99
CA ARG M 175 -24.02 -11.18 -9.99
C ARG M 175 -22.59 -11.70 -10.14
N LEU M 176 -22.30 -12.88 -9.59
CA LEU M 176 -21.00 -13.51 -9.80
C LEU M 176 -20.55 -13.65 -11.24
N ASP M 177 -21.48 -13.95 -12.13
CA ASP M 177 -21.14 -14.08 -13.54
C ASP M 177 -20.63 -12.77 -14.16
N ALA M 178 -21.31 -11.66 -13.84
CA ALA M 178 -20.85 -10.37 -14.32
C ALA M 178 -19.53 -10.08 -13.62
N VAL M 179 -19.39 -10.49 -12.36
CA VAL M 179 -18.17 -10.23 -11.62
C VAL M 179 -16.99 -10.90 -12.30
N ILE M 180 -17.19 -12.13 -12.79
CA ILE M 180 -16.10 -12.77 -13.52
C ILE M 180 -16.04 -12.29 -14.96
N LYS M 181 -17.19 -11.86 -15.49
CA LYS M 181 -17.23 -11.33 -16.89
C LYS M 181 -16.12 -10.28 -17.04
N ARG M 182 -15.98 -9.38 -16.05
CA ARG M 182 -14.88 -8.37 -16.09
C ARG M 182 -13.54 -9.10 -16.06
N ASP M 183 -13.45 -10.19 -15.28
CA ASP M 183 -12.19 -10.99 -15.23
C ASP M 183 -11.93 -11.55 -16.63
N GLU M 184 -10.67 -11.58 -17.06
CA GLU M 184 -10.35 -12.02 -18.44
C GLU M 184 -10.02 -13.51 -18.49
N GLN M 185 -9.51 -14.07 -17.39
CA GLN M 185 -9.08 -15.46 -17.43
C GLN M 185 -10.05 -16.19 -16.50
N VAL M 186 -10.51 -15.50 -15.46
CA VAL M 186 -11.39 -16.12 -14.48
C VAL M 186 -12.58 -16.59 -15.30
N LEU M 187 -13.07 -15.72 -16.18
CA LEU M 187 -14.15 -16.14 -17.08
C LEU M 187 -13.85 -17.32 -17.97
N GLU M 188 -12.61 -17.37 -18.48
CA GLU M 188 -12.18 -18.54 -19.31
C GLU M 188 -12.00 -19.86 -18.48
N ARG M 189 -11.22 -19.73 -17.40
CA ARG M 189 -11.02 -20.86 -16.44
C ARG M 189 -12.27 -21.45 -15.76
N PHE M 190 -13.20 -20.58 -15.35
CA PHE M 190 -14.43 -21.04 -14.67
C PHE M 190 -15.60 -20.89 -15.65
N ARG M 191 -15.75 -21.85 -16.56
CA ARG M 191 -16.78 -21.80 -17.57
C ARG M 191 -17.77 -22.95 -17.53
N ALA M 192 -17.41 -24.08 -16.93
CA ALA M 192 -18.41 -25.12 -16.71
C ALA M 192 -19.30 -24.65 -15.57
N HIS M 193 -20.61 -24.79 -15.75
CA HIS M 193 -21.52 -24.24 -14.76
C HIS M 193 -22.75 -25.11 -14.60
N LEU M 194 -23.49 -24.84 -13.53
CA LEU M 194 -24.67 -25.62 -13.19
C LEU M 194 -25.68 -24.68 -12.54
N ARG M 195 -26.69 -24.26 -13.32
CA ARG M 195 -27.69 -23.29 -12.83
C ARG M 195 -28.61 -23.96 -11.81
N PHE M 196 -28.94 -23.29 -10.70
CA PHE M 196 -29.92 -23.89 -9.76
C PHE M 196 -31.33 -23.86 -10.36
N GLY M 197 -32.08 -24.95 -10.23
CA GLY M 197 -33.40 -25.07 -10.87
C GLY M 197 -34.29 -24.13 -10.07
N LYS M 198 -35.40 -23.68 -10.68
CA LYS M 198 -36.42 -22.87 -9.95
C LYS M 198 -37.34 -23.86 -9.23
N LEU M 199 -37.46 -25.10 -9.74
CA LEU M 199 -38.22 -26.22 -9.09
C LEU M 199 -39.74 -26.20 -9.38
N SER M 200 -40.25 -25.20 -10.12
CA SER M 200 -41.73 -25.08 -10.30
C SER M 200 -42.34 -26.26 -11.10
N GLY M 201 -43.55 -26.71 -10.73
CA GLY M 201 -44.25 -27.78 -11.46
C GLY M 201 -44.67 -28.92 -10.56
N GLU M 202 -44.90 -30.12 -11.10
CA GLU M 202 -45.20 -31.30 -10.24
C GLU M 202 -44.11 -31.56 -9.21
N ASP M 203 -42.84 -31.49 -9.62
CA ASP M 203 -41.71 -31.65 -8.66
C ASP M 203 -41.83 -30.68 -7.47
N PHE M 204 -42.46 -29.53 -7.70
CA PHE M 204 -42.58 -28.51 -6.62
C PHE M 204 -43.65 -29.12 -5.72
N LYS M 205 -44.70 -29.69 -6.32
CA LYS M 205 -45.81 -30.29 -5.51
C LYS M 205 -45.23 -31.37 -4.59
N ASN M 206 -44.39 -32.25 -5.12
CA ASN M 206 -43.71 -33.26 -4.26
C ASN M 206 -42.95 -32.60 -3.11
N THR M 207 -42.07 -31.64 -3.41
CA THR M 207 -41.32 -30.93 -2.39
C THR M 207 -42.24 -30.45 -1.28
N VAL M 208 -43.41 -29.91 -1.66
CA VAL M 208 -44.31 -29.35 -0.67
C VAL M 208 -44.62 -30.47 0.31
N GLU M 209 -45.13 -31.59 -0.20
CA GLU M 209 -45.45 -32.68 0.74
C GLU M 209 -44.22 -33.24 1.50
N MET M 210 -43.11 -33.35 0.76
CA MET M 210 -41.87 -33.68 1.43
C MET M 210 -41.43 -32.82 2.61
N TRP M 211 -41.88 -31.56 2.64
CA TRP M 211 -41.58 -30.70 3.77
C TRP M 211 -42.48 -31.00 4.96
N GLU M 212 -43.71 -31.44 4.69
CA GLU M 212 -44.67 -31.81 5.72
C GLU M 212 -44.14 -32.94 6.58
N GLN M 213 -43.60 -33.98 5.94
CA GLN M 213 -43.24 -35.18 6.68
C GLN M 213 -41.85 -35.04 7.27
N MET M 214 -40.90 -34.59 6.45
CA MET M 214 -39.50 -34.58 6.85
C MET M 214 -39.22 -33.51 7.89
N VAL M 215 -39.58 -32.26 7.61
CA VAL M 215 -39.12 -31.13 8.39
C VAL M 215 -40.16 -30.68 9.40
N LEU M 216 -41.44 -30.66 9.00
CA LEU M 216 -42.50 -30.16 9.90
C LEU M 216 -42.71 -31.16 11.05
N LYS M 217 -42.60 -32.47 10.80
CA LYS M 217 -42.63 -33.50 11.89
C LYS M 217 -43.84 -33.36 12.83
N LEU M 218 -45.07 -33.26 12.29
CA LEU M 218 -46.26 -33.05 13.16
C LEU M 218 -47.13 -34.32 13.21
N PRO M 219 -48.04 -34.60 14.21
CA PRO M 219 -48.91 -35.77 14.09
C PRO M 219 -49.68 -35.59 12.78
N VAL M 220 -49.89 -36.68 12.02
CA VAL M 220 -50.52 -36.52 10.69
C VAL M 220 -51.87 -35.82 10.86
N SER M 221 -52.10 -34.75 10.11
CA SER M 221 -53.35 -33.96 10.22
C SER M 221 -54.20 -34.18 8.97
N SER M 222 -53.77 -35.08 8.08
CA SER M 222 -54.50 -35.34 6.80
C SER M 222 -54.60 -34.04 5.99
N ASN M 223 -53.64 -33.12 6.18
CA ASN M 223 -53.64 -31.87 5.36
C ASN M 223 -53.35 -32.28 3.92
N LEU M 224 -52.21 -32.94 3.67
CA LEU M 224 -51.86 -33.48 2.33
C LEU M 224 -51.57 -32.37 1.31
N LYS M 225 -51.41 -31.13 1.78
CA LYS M 225 -51.04 -30.01 0.86
C LYS M 225 -51.96 -30.01 -0.37
N SER M 226 -53.28 -29.92 -0.15
CA SER M 226 -54.27 -30.01 -1.26
C SER M 226 -54.16 -28.82 -2.21
N LYS M 227 -54.67 -28.96 -3.44
CA LYS M 227 -54.56 -27.89 -4.48
C LYS M 227 -54.76 -26.49 -3.91
N GLU M 228 -55.64 -26.30 -2.92
CA GLU M 228 -55.78 -24.98 -2.25
C GLU M 228 -54.45 -24.56 -1.63
N MET M 229 -53.84 -25.38 -0.75
CA MET M 229 -52.64 -24.98 -0.06
C MET M 229 -51.55 -24.87 -1.13
N LEU M 230 -51.66 -25.67 -2.17
CA LEU M 230 -50.66 -25.62 -3.23
C LEU M 230 -50.76 -24.33 -4.03
N ARG M 231 -51.99 -23.89 -4.33
CA ARG M 231 -52.17 -22.61 -4.98
C ARG M 231 -51.61 -21.49 -4.10
N ILE M 232 -51.89 -21.56 -2.80
CA ILE M 232 -51.38 -20.56 -1.88
C ILE M 232 -49.85 -20.53 -1.93
N LEU M 233 -49.22 -21.70 -1.87
CA LEU M 233 -47.77 -21.75 -1.77
C LEU M 233 -47.11 -21.42 -3.09
N THR M 234 -47.72 -21.81 -4.21
CA THR M 234 -47.19 -21.43 -5.51
C THR M 234 -47.40 -19.93 -5.61
N SER M 235 -48.53 -19.45 -5.12
CA SER M 235 -48.79 -18.02 -5.13
C SER M 235 -47.76 -17.23 -4.30
N ALA M 236 -47.42 -17.78 -3.14
CA ALA M 236 -46.52 -17.08 -2.23
C ALA M 236 -45.03 -17.24 -2.41
N THR M 237 -44.55 -18.49 -2.51
CA THR M 237 -43.13 -18.76 -2.53
C THR M 237 -42.49 -18.49 -3.88
N GLU M 238 -43.23 -18.59 -4.98
CA GLU M 238 -42.70 -18.52 -6.32
C GLU M 238 -41.65 -19.57 -6.62
N GLY M 239 -41.59 -20.65 -5.83
CA GLY M 239 -40.70 -21.74 -6.09
C GLY M 239 -39.42 -21.74 -5.29
N TYR M 240 -39.04 -20.59 -4.74
CA TYR M 240 -37.84 -20.54 -3.93
C TYR M 240 -37.94 -21.46 -2.74
N ILE M 241 -37.00 -22.39 -2.62
CA ILE M 241 -36.97 -23.26 -1.44
C ILE M 241 -36.88 -22.41 -0.18
N GLY M 242 -36.19 -21.32 -0.22
CA GLY M 242 -36.08 -20.59 1.04
C GLY M 242 -37.43 -20.24 1.48
N ARG M 243 -38.21 -19.62 0.59
CA ARG M 243 -39.55 -19.10 0.96
C ARG M 243 -40.44 -20.26 1.37
N LEU M 244 -40.38 -21.38 0.64
CA LEU M 244 -41.15 -22.57 1.07
C LEU M 244 -40.82 -22.83 2.54
N ASP M 245 -39.53 -22.80 2.89
CA ASP M 245 -39.12 -23.13 4.25
C ASP M 245 -39.54 -22.03 5.22
N GLU M 246 -39.25 -20.78 4.86
CA GLU M 246 -39.60 -19.63 5.75
C GLU M 246 -41.09 -19.63 6.04
N ILE M 247 -41.93 -19.78 5.00
CA ILE M 247 -43.37 -19.72 5.20
C ILE M 247 -43.85 -20.87 6.07
N LEU M 248 -43.41 -22.09 5.77
CA LEU M 248 -43.94 -23.24 6.49
C LEU M 248 -43.54 -23.20 7.95
N ARG M 249 -42.29 -22.88 8.25
CA ARG M 249 -41.88 -22.75 9.64
C ARG M 249 -42.65 -21.69 10.41
N GLU M 250 -42.85 -20.53 9.79
CA GLU M 250 -43.61 -19.47 10.43
C GLU M 250 -45.04 -19.90 10.74
N ALA M 251 -45.69 -20.55 9.77
CA ALA M 251 -47.07 -20.96 9.93
C ALA M 251 -47.14 -22.00 11.04
N ALA M 252 -46.19 -22.94 11.05
CA ALA M 252 -46.17 -23.96 12.08
C ALA M 252 -45.98 -23.34 13.46
N ILE M 253 -45.02 -22.42 13.58
CA ILE M 253 -44.76 -21.78 14.87
C ILE M 253 -45.98 -20.98 15.32
N ARG M 254 -46.59 -20.23 14.40
CA ARG M 254 -47.76 -19.45 14.76
C ARG M 254 -48.89 -20.37 15.26
N SER M 255 -49.17 -21.43 14.50
CA SER M 255 -50.29 -22.30 14.83
C SER M 255 -50.06 -23.01 16.16
N LEU M 256 -48.82 -23.37 16.46
CA LEU M 256 -48.55 -24.02 17.73
C LEU M 256 -48.55 -23.02 18.87
N SER M 257 -48.20 -21.77 18.59
CA SER M 257 -48.24 -20.75 19.64
C SER M 257 -49.67 -20.39 20.00
N ARG M 258 -50.58 -20.39 19.02
CA ARG M 258 -51.97 -20.10 19.32
C ARG M 258 -52.77 -21.34 19.69
N GLY M 259 -52.10 -22.47 19.95
CA GLY M 259 -52.73 -23.68 20.41
C GLY M 259 -53.19 -24.60 19.31
N LEU M 260 -53.30 -24.09 18.09
CA LEU M 260 -53.77 -24.92 16.99
C LEU M 260 -52.83 -26.09 16.77
N LYS M 261 -53.40 -27.28 16.62
CA LYS M 261 -52.57 -28.48 16.59
C LYS M 261 -51.98 -28.70 15.19
N LYS M 262 -52.79 -28.51 14.16
CA LYS M 262 -52.30 -28.42 12.79
C LYS M 262 -52.25 -26.99 12.25
N ILE M 263 -51.88 -26.86 10.96
CA ILE M 263 -51.82 -25.53 10.30
C ILE M 263 -53.17 -25.22 9.63
N ASP M 264 -53.81 -24.11 10.00
CA ASP M 264 -55.11 -23.70 9.40
C ASP M 264 -54.88 -22.97 8.08
N LYS M 265 -55.95 -22.72 7.32
CA LYS M 265 -55.81 -21.90 6.08
C LYS M 265 -55.59 -20.45 6.52
N ALA M 266 -56.09 -20.08 7.69
CA ALA M 266 -55.99 -18.71 8.18
C ALA M 266 -54.53 -18.28 8.28
N VAL M 267 -53.71 -19.07 8.96
CA VAL M 267 -52.33 -18.67 9.18
C VAL M 267 -51.56 -18.71 7.85
N LEU M 268 -52.01 -19.58 6.93
CA LEU M 268 -51.35 -19.63 5.60
C LEU M 268 -51.65 -18.33 4.86
N GLN M 269 -52.91 -17.87 4.88
CA GLN M 269 -53.19 -16.57 4.30
C GLN M 269 -52.42 -15.44 4.98
N GLU M 270 -52.25 -15.54 6.31
CA GLU M 270 -51.47 -14.56 7.04
C GLU M 270 -50.05 -14.42 6.49
N VAL M 271 -49.31 -15.53 6.44
CA VAL M 271 -47.93 -15.41 6.00
C VAL M 271 -47.87 -15.02 4.54
N ALA M 272 -48.84 -15.49 3.75
CA ALA M 272 -48.89 -15.10 2.34
C ALA M 272 -48.98 -13.59 2.22
N LYS M 273 -49.95 -12.97 2.89
CA LYS M 273 -50.04 -11.51 2.78
C LYS M 273 -48.85 -10.76 3.33
N GLU M 274 -48.19 -11.32 4.35
CA GLU M 274 -47.12 -10.58 5.01
C GLU M 274 -45.78 -10.77 4.32
N TYR M 275 -45.82 -11.44 3.17
CA TYR M 275 -44.59 -11.56 2.33
C TYR M 275 -44.89 -10.62 1.18
N LYS M 276 -45.94 -10.91 0.41
CA LYS M 276 -46.33 -10.05 -0.73
C LYS M 276 -47.57 -9.23 -0.31
PG ATP P . 46.27 -6.42 0.36
O1G ATP P . 47.40 -7.43 0.47
O2G ATP P . 45.99 -5.72 1.66
O3G ATP P . 45.03 -7.01 -0.27
PB ATP P . 48.21 -4.62 -0.95
O1B ATP P . 48.87 -4.29 0.35
O2B ATP P . 48.05 -3.56 -1.99
O3B ATP P . 46.79 -5.28 -0.66
PA ATP P . 50.54 -6.20 -1.76
O1A ATP P . 51.29 -4.91 -1.91
O2A ATP P . 50.94 -7.14 -0.67
O3A ATP P . 48.99 -5.86 -1.62
O5' ATP P . 50.56 -6.97 -3.16
C5' ATP P . 50.97 -8.36 -3.26
C4' ATP P . 50.51 -8.89 -4.60
O4' ATP P . 50.74 -7.88 -5.61
C3' ATP P . 51.26 -10.09 -5.18
O3' ATP P . 50.47 -10.70 -6.21
C2' ATP P . 52.54 -9.41 -5.70
O2' ATP P . 53.40 -10.13 -6.56
C1' ATP P . 51.85 -8.26 -6.43
N9 ATP P . 52.66 -7.06 -6.63
C8 ATP P . 52.48 -5.82 -6.08
N7 ATP P . 53.39 -4.96 -6.48
C5 ATP P . 54.20 -5.68 -7.33
C6 ATP P . 55.35 -5.34 -8.07
N6 ATP P . 55.90 -4.12 -8.07
N1 ATP P . 55.92 -6.31 -8.81
C2 ATP P . 55.37 -7.53 -8.81
N3 ATP P . 54.29 -7.96 -8.18
C4 ATP P . 53.76 -6.99 -7.43
MG MG Q . 48.88 -5.07 1.25
PG ATP R . 27.50 -27.63 6.13
O1G ATP R . 26.49 -27.73 7.24
O2G ATP R . 28.92 -27.77 6.62
O3G ATP R . 27.30 -26.39 5.28
PB ATP R . 27.98 -29.46 3.89
O1B ATP R . 29.45 -29.23 4.08
O2B ATP R . 27.31 -28.97 2.65
O3B ATP R . 27.21 -28.89 5.17
PA ATP R . 28.65 -32.21 4.54
O1A ATP R . 29.89 -32.23 3.72
O2A ATP R . 28.77 -32.12 6.02
O3A ATP R . 27.70 -31.01 4.03
O5' ATP R . 27.75 -33.46 4.15
C5' ATP R . 27.67 -34.54 5.10
C4' ATP R . 26.42 -35.34 4.81
O4' ATP R . 26.37 -35.66 3.40
C3' ATP R . 26.39 -36.73 5.44
O3' ATP R . 25.08 -37.27 5.35
C2' ATP R . 27.37 -37.46 4.54
O2' ATP R . 27.34 -38.87 4.61
C1' ATP R . 26.81 -36.99 3.20
N9 ATP R . 27.83 -36.95 2.16
C8 ATP R . 28.32 -35.83 1.55
N7 ATP R . 29.23 -36.09 0.65
C5 ATP R . 29.36 -37.47 0.67
C6 ATP R . 30.17 -38.36 -0.05
N6 ATP R . 31.05 -37.98 -0.98
N1 ATP R . 30.04 -39.68 0.22
C2 ATP R . 29.17 -40.05 1.17
N3 ATP R . 28.35 -39.31 1.91
C4 ATP R . 28.49 -38.01 1.61
MG MG S . 29.31 -28.88 5.97
PG ATP T . 2.69 -24.95 25.27
O1G ATP T . 1.52 -24.08 25.64
O2G ATP T . 3.77 -24.95 26.31
O3G ATP T . 3.22 -24.65 23.89
PB ATP T . 2.61 -27.77 24.43
O1B ATP T . 4.10 -27.85 24.51
O2B ATP T . 1.93 -27.81 23.10
O3B ATP T . 2.12 -26.46 25.21
PA ATP T . 2.37 -29.45 26.80
O1A ATP T . 2.89 -30.85 26.68
O2A ATP T . 3.23 -28.43 27.48
O3A ATP T . 1.98 -28.92 25.34
O5' ATP T . 0.93 -29.48 27.51
C5' ATP T . 0.84 -30.11 28.81
C4' ATP T . -0.60 -30.13 29.25
O4' ATP T . -1.33 -31.12 28.50
C3' ATP T . -0.86 -30.50 30.71
O3' ATP T . -2.12 -29.98 31.11
C2' ATP T . -0.87 -32.03 30.64
O2' ATP T . -1.54 -32.65 31.71
C1' ATP T . -1.63 -32.24 29.33
N9 ATP T . -1.21 -33.43 28.59
C8 ATP T . -0.62 -33.48 27.35
N7 ATP T . -0.35 -34.69 26.95
C5 ATP T . -0.80 -35.51 27.99
C6 ATP T . -0.81 -36.89 28.18
N6 ATP T . -0.32 -37.77 27.29
N1 ATP T . -1.32 -37.36 29.34
C2 ATP T . -1.80 -36.48 30.23
N3 ATP T . -1.85 -35.15 30.16
C4 ATP T . -1.32 -34.73 29.00
MG MG U . 4.99 -27.55 25.56
PG ATP V . -5.62 1.21 35.37
O1G ATP V . -4.35 1.94 35.69
O2G ATP V . -5.47 -0.29 35.41
O3G ATP V . -6.25 1.68 34.08
PB ATP V . -7.68 0.72 37.43
O1B ATP V . -6.94 -0.46 37.97
O2B ATP V . -8.95 0.52 36.68
O3B ATP V . -6.67 1.59 36.53
PA ATP V . -7.75 1.55 40.20
O1A ATP V . -8.20 0.19 40.62
O2A ATP V . -6.36 1.97 40.54
O3A ATP V . -7.97 1.72 38.63
O5' ATP V . -8.78 2.63 40.76
C5' ATP V . -8.23 3.91 41.15
C4' ATP V . -9.33 4.91 41.38
O4' ATP V . -10.59 4.23 41.62
C3' ATP V . -9.17 5.80 42.60
O3' ATP V . -9.87 7.03 42.44
C2' ATP V . -9.79 4.94 43.69
O2' ATP V . -10.14 5.62 44.88
C1' ATP V . -11.03 4.50 42.92
N9 ATP V . -11.62 3.26 43.35
C8 ATP V . -11.90 2.23 42.48
N7 ATP V . -12.42 1.20 43.10
C5 ATP V . -12.47 1.56 44.42
C6 ATP V . -12.94 0.88 45.56
N6 ATP V . -13.43 -0.35 45.53
N1 ATP V . -12.85 1.54 46.74
C2 ATP V . -12.35 2.78 46.76
N3 ATP V . -11.89 3.52 45.75
C4 ATP V . -11.98 2.84 44.60
MG MG W . -5.48 0.59 37.13
PG ATP X . 2.51 28.81 22.27
O1G ATP X . 2.71 29.46 20.92
O2G ATP X . 3.80 28.47 22.96
O3G ATP X . 1.55 27.64 22.21
PB ATP X . 0.90 29.80 24.52
O1B ATP X . 1.48 28.75 25.39
O2B ATP X . -0.54 29.74 24.12
O3B ATP X . 1.79 29.92 23.19
PA ATP X . 2.42 31.79 26.00
O1A ATP X . 2.03 31.97 27.43
O2A ATP X . 3.61 30.95 25.69
O3A ATP X . 1.16 31.22 25.19
O5' ATP X . 2.60 33.22 25.33
C5' ATP X . 3.74 34.01 25.74
C4' ATP X . 3.71 35.35 25.05
O4' ATP X . 2.49 36.05 25.43
C3' ATP X . 4.74 36.35 25.50
O3' ATP X . 4.49 37.47 24.67
C2' ATP X . 4.18 36.76 26.85
O2' ATP X . 4.79 37.88 27.47
C1' ATP X . 2.82 37.11 26.31
N9 ATP X . 1.96 36.98 27.48
C8 ATP X . 1.17 35.91 27.82
N7 ATP X . 0.61 36.05 29.00
C5 ATP X . 1.07 37.27 29.47
C6 ATP X . 0.85 37.97 30.68
N6 ATP X . 0.06 37.55 31.65
N1 ATP X . 1.46 39.17 30.81
C2 ATP X . 2.22 39.62 29.79
N3 ATP X . 2.54 39.02 28.65
C4 ATP X . 1.91 37.84 28.54
MG MG Y . 3.19 28.21 25.58
PG ATP Z . 15.60 29.24 -5.15
O1G ATP Z . 16.73 28.55 -4.42
O2G ATP Z . 14.34 29.30 -4.33
O3G ATP Z . 15.38 28.68 -6.54
PB ATP Z . 15.97 32.06 -4.41
O1B ATP Z . 16.46 31.72 -3.05
O2B ATP Z . 14.61 32.66 -4.58
O3B ATP Z . 16.08 30.77 -5.35
PA ATP Z . 18.61 33.27 -4.82
O1A ATP Z . 18.72 34.20 -3.66
O2A ATP Z . 19.28 31.94 -4.74
O3A ATP Z . 17.04 33.02 -5.11
O5' ATP Z . 19.06 34.02 -6.16
C5' ATP Z . 18.98 33.31 -7.41
C4' ATP Z . 19.49 34.20 -8.53
O4' ATP Z . 19.21 35.59 -8.24
C3' ATP Z . 20.99 34.13 -8.83
O3' ATP Z . 21.21 34.12 -10.25
C2' ATP Z . 21.54 35.39 -8.17
O2' ATP Z . 22.73 35.88 -8.75
C1' ATP Z . 20.38 36.36 -8.38
N9 ATP Z . 20.34 37.44 -7.42
C8 ATP Z . 19.45 37.61 -6.39
N7 ATP Z . 19.67 38.71 -5.70
C5 ATP Z . 20.77 39.29 -6.32
C6 ATP Z . 21.50 40.47 -6.06
N6 ATP Z . 21.21 41.31 -5.06
N1 ATP Z . 22.54 40.74 -6.86
C2 ATP Z . 22.82 39.90 -7.86
N3 ATP Z . 22.22 38.76 -8.20
C4 ATP Z . 21.19 38.52 -7.38
MG MG AA . 16.94 29.50 -2.45
PG ATP BA . 14.94 6.38 -22.33
O1G ATP BA . 14.82 5.02 -21.70
O2G ATP BA . 15.90 7.28 -21.58
O3G ATP BA . 13.60 7.02 -22.58
PB ATP BA . 16.36 7.10 -24.80
O1B ATP BA . 17.48 7.75 -24.07
O2B ATP BA . 15.36 7.92 -25.55
O3B ATP BA . 15.58 6.13 -23.79
PA ATP BA . 18.49 5.56 -26.07
O1A ATP BA . 19.40 6.74 -26.10
O2A ATP BA . 18.80 4.45 -25.11
O3A ATP BA . 16.99 6.04 -25.82
O5' ATP BA . 18.35 4.95 -27.55
C5' ATP BA . 19.02 3.70 -27.82
C4' ATP BA . 18.86 3.33 -29.28
O4' ATP BA . 19.19 4.48 -30.10
C3' ATP BA . 19.77 2.21 -29.76
O3' ATP BA . 19.16 1.50 -30.83
C2' ATP BA . 21.01 3.00 -30.18
O2' ATP BA . 21.87 2.30 -31.05
C1' ATP BA . 20.34 4.18 -30.88
N9 ATP BA . 21.16 5.39 -30.97
C8 ATP BA . 20.91 6.60 -30.38
N7 ATP BA . 21.84 7.49 -30.65
C5 ATP BA . 22.74 6.83 -31.46
C6 ATP BA . 23.94 7.22 -32.08
N6 ATP BA . 24.46 8.44 -31.98
N1 ATP BA . 24.59 6.30 -32.83
C2 ATP BA . 24.06 5.07 -32.94
N3 ATP BA . 22.94 4.58 -32.40
C4 ATP BA . 22.33 5.52 -31.67
MG MG CA . 17.59 6.62 -22.05
PG ATP DA . -4.80 -18.71 -19.90
O1G ATP DA . -4.06 -19.19 -18.68
O2G ATP DA . -4.54 -17.25 -20.19
O3G ATP DA . -6.27 -19.03 -19.84
PB ATP DA . -3.04 -19.20 -22.19
O1B ATP DA . -1.87 -18.63 -21.45
O2B ATP DA . -3.63 -18.43 -23.33
O3B ATP DA . -4.20 -19.53 -21.14
PA ATP DA . -2.13 -21.96 -21.96
O1A ATP DA . -0.84 -22.39 -22.58
O2A ATP DA . -2.16 -21.72 -20.48
O3A ATP DA . -2.67 -20.66 -22.71
O5' ATP DA . -3.28 -23.02 -22.35
C5' ATP DA . -3.26 -24.28 -21.66
C4' ATP DA . -4.20 -25.25 -22.36
O4' ATP DA . -3.81 -25.38 -23.75
C3' ATP DA . -4.20 -26.68 -21.81
O3' ATP DA . -5.46 -27.30 -22.02
C2' ATP DA . -3.08 -27.31 -22.63
O2' ATP DA . -3.12 -28.72 -22.66
C1' ATP DA . -3.37 -26.70 -24.00
N9 ATP DA . -2.22 -26.64 -24.89
C8 ATP DA . -1.61 -25.52 -25.39
N7 ATP DA . -0.59 -25.79 -26.18
C5 ATP DA . -0.53 -27.17 -26.19
C6 ATP DA . 0.33 -28.08 -26.84
N6 ATP DA . 1.33 -27.71 -27.63
N1 ATP DA . 0.11 -29.39 -26.64
C2 ATP DA . -0.90 -29.76 -25.84
N3 ATP DA . -1.78 -29.01 -25.18
C4 ATP DA . -1.53 -27.71 -25.40
MG MG EA . -1.58 -18.83 -19.64
PG ATP FA . -27.31 -16.91 -1.75
O1G ATP FA . -27.26 -15.71 -0.83
O2G ATP FA . -26.06 -17.75 -1.69
O3G ATP FA . -27.71 -16.55 -3.15
PB ATP FA . -28.99 -19.33 -1.54
O1B ATP FA . -27.86 -20.26 -1.33
O2B ATP FA . -29.67 -19.29 -2.87
O3B ATP FA . -28.50 -17.85 -1.18
PA ATP FA . -30.03 -20.36 0.99
O1A ATP FA . -29.67 -21.78 0.74
O2A ATP FA . -29.18 -19.57 1.93
O3A ATP FA . -30.09 -19.58 -0.42
O5' ATP FA . -31.56 -20.26 1.44
C5' ATP FA . -32.55 -20.98 0.67
C4' ATP FA . -33.72 -21.36 1.55
O4' ATP FA . -34.12 -22.72 1.22
C3' ATP FA . -33.45 -21.39 3.05
O3' ATP FA . -34.63 -21.08 3.78
C2' ATP FA . -32.98 -22.83 3.28
O2' ATP FA . -33.16 -23.28 4.60
C1' ATP FA . -33.89 -23.58 2.30
N9 ATP FA . -33.26 -24.80 1.80
C8 ATP FA . -32.45 -24.94 0.70
N7 ATP FA . -32.05 -26.18 0.53
C5 ATP FA . -32.64 -26.89 1.56
C6 ATP FA . -32.61 -28.25 1.92
N6 ATP FA . -31.94 -29.18 1.26
N1 ATP FA . -33.31 -28.61 3.02
C2 ATP FA . -34.00 -27.67 3.69
N3 ATP FA . -34.10 -26.37 3.44
C4 ATP FA . -33.39 -26.04 2.35
MG MG GA . -25.16 -18.96 -0.14
#